data_8CY7
#
_entry.id   8CY7
#
_cell.length_a   1.00
_cell.length_b   1.00
_cell.length_c   1.00
_cell.angle_alpha   90.00
_cell.angle_beta   90.00
_cell.angle_gamma   90.00
#
_symmetry.space_group_name_H-M   'P 1'
#
loop_
_entity.id
_entity.type
_entity.pdbx_description
1 polymer 'Spike glycoprotein'
2 polymer 'pan-sarbecovirus nanobody 2-38'
3 branched 2-acetamido-2-deoxy-beta-D-glucopyranose-(1-4)-2-acetamido-2-deoxy-beta-D-glucopyranose
4 non-polymer 2-acetamido-2-deoxy-beta-D-glucopyranose
#
loop_
_entity_poly.entity_id
_entity_poly.type
_entity_poly.pdbx_seq_one_letter_code
_entity_poly.pdbx_strand_id
1 'polypeptide(L)'
;MFVFLVLLPLVSSQCVNLTTRTQLPPAYTNSFTRGVYYPDKVFRSSVLHSTQDLFLPFFSNVTWFHAIHVSGTNGTKRFD
NPVLPFNDGVYFASTEKSNIIRGWIFGTTLDSKTQSLLIVNNATNVVIKVCEFQFCNDPFLGVYYHKNNKSWMESEFRVY
SSANNCTFEYVSQPFLMDLEGKQGNFKNLREFVFKNIDGYFKIYSKHTPINLVRDLPQGFSALEPLVDLPIGINITRFQT
LLALHRSYLTPGDSSSGWTAGAAAYYVGYLQPRTFLLKYNENGTITDAVDCALDPLSETKCTLKSFTVEKGIYQTSNFRV
QPTESIVRFPNITNLCPFGEVFNATRFASVYAWNRKRISNCVADYSVLYNSASFSTFKCYGVSPTKLNDLCFTNVYADSF
VIRGDEVRQIAPGQTGKIADYNYKLPDDFTGCVIAWNSNNLDSKVGGNYNYLYRLFRKSNLKPFERDISTEIYQAGSTPC
NGVEGFNCYFPLQSYGFQPTNGVGYQPYRVVVLSFELLHAPATVCGPKKSTNLVKNKCVNFNFNGLTGTGVLTESNKKFL
PFQQFGRDIADTTDAVRDPQTLEILDITPCSFGGVSVITPGTNTSNQVAVLYQDVNCTEVPVAIHADQLTPTWRVYSTGS
NVFQTRAGCLIGAEHVNNSYECDIPIGAGICASYQTQTNSPRRARSVASQSIIAYTMSLGAENSVAYSNNSIAIPTNFTI
SVTTEILPVSMTKTSVDCTMYICGDSTECSNLLLQYGSFCTQLNRALTGIAVEQDKNTQEVFAQVKQIYKTPPIKDFGGF
NFSQILPDPSKPSKRSFIEDLLFNKVTLADAGFIKQYGDCLGDIAARDLICAQKFNGLTVLPPLLTDEMIAQYTSALLAG
TITSGWTFGAGAALQIPFAMQMAYRFNGIGVTQNVLYENQKLIANQFNSAIGKIQDSLSSTASALGKLQDVVNQNAQALN
TLVKQLSSNFGAISSVLNDILSRLDPPEAEVQIDRLITGRLQSLQTYVTQQLIRAAEIRASANLAATKMSECVLGQSKRV
DFCGKGYHLMSFPQSAPHGVVFLHVTYVPAQEKNFTTAPAICHDGKAHFPREGVFVSNGTHWFVTQRNFYEPQIITTDNT
FVSGNCDVVIGIVNNTVYDPLQPELDSFKEELDKYFKNHTSPDVDLGDISGINASVVNIQKEIDRLNEVAKNLNESLIDL
QELGKYEQYIKWPWYIWLGFIAGLIAIVMVTIMLCCMTSCCSCLKGCCSCGSCCKFDEDDSEPVLKGVKLHYT
;
A,B,C
2 'polypeptide(L)'
;QVQLVESGGGLVQAGGSLRLSCAAAARFSTSAMGWFRQAPGKEREFVAAISWSNTNTHYADTVKGRFTISADTAKETVDL
QMNSLKPEDTAVYYCVQGGWGIRQPIIVDYWGKGTQVTVSS
;
D,E,F
#
loop_
_chem_comp.id
_chem_comp.type
_chem_comp.name
_chem_comp.formula
NAG D-saccharide, beta linking 2-acetamido-2-deoxy-beta-D-glucopyranose 'C8 H15 N O6'
#
# COMPACT_ATOMS: atom_id res chain seq x y z
N PRO A 25 -4.86 -48.24 42.17
CA PRO A 25 -5.06 -47.51 40.92
C PRO A 25 -3.84 -46.69 40.50
N PRO A 26 -3.82 -46.20 39.27
CA PRO A 26 -2.69 -45.40 38.79
C PRO A 26 -2.73 -43.98 39.35
N ALA A 27 -1.84 -43.70 40.28
CA ALA A 27 -1.80 -42.39 40.91
C ALA A 27 -1.24 -41.35 39.94
N TYR A 28 -1.74 -40.13 40.07
CA TYR A 28 -1.29 -39.00 39.26
C TYR A 28 -0.54 -38.01 40.12
N THR A 29 0.61 -37.55 39.63
CA THR A 29 1.48 -36.63 40.34
C THR A 29 1.74 -35.41 39.47
N ASN A 30 1.92 -34.26 40.12
CA ASN A 30 2.17 -33.01 39.41
C ASN A 30 3.51 -33.08 38.70
N SER A 31 3.53 -32.59 37.45
CA SER A 31 4.75 -32.56 36.66
C SER A 31 5.62 -31.34 36.92
N PHE A 32 5.12 -30.36 37.66
CA PHE A 32 5.89 -29.15 37.99
C PHE A 32 6.27 -28.48 36.66
N THR A 33 7.50 -27.99 36.53
CA THR A 33 7.95 -27.25 35.35
C THR A 33 9.07 -27.99 34.62
N ARG A 34 8.92 -29.30 34.46
CA ARG A 34 9.91 -30.13 33.80
C ARG A 34 9.48 -30.43 32.36
N GLY A 35 10.40 -30.99 31.59
CA GLY A 35 10.13 -31.35 30.21
C GLY A 35 10.50 -30.29 29.20
N VAL A 36 11.30 -29.30 29.58
CA VAL A 36 11.70 -28.24 28.66
C VAL A 36 12.96 -28.68 27.92
N TYR A 37 12.95 -28.50 26.60
CA TYR A 37 14.07 -28.89 25.75
C TYR A 37 14.36 -27.77 24.78
N TYR A 38 15.58 -27.77 24.25
CA TYR A 38 15.97 -26.76 23.28
C TYR A 38 15.25 -27.02 21.96
N PRO A 39 14.44 -26.08 21.46
CA PRO A 39 13.76 -26.33 20.19
C PRO A 39 14.70 -26.55 19.02
N ASP A 40 15.86 -25.91 19.02
CA ASP A 40 16.81 -26.01 17.92
C ASP A 40 18.21 -25.82 18.46
N LYS A 41 19.20 -26.14 17.62
CA LYS A 41 20.61 -26.03 17.99
C LYS A 41 21.10 -24.59 17.97
N VAL A 42 20.27 -23.63 17.56
CA VAL A 42 20.70 -22.24 17.53
C VAL A 42 21.13 -21.79 18.92
N PHE A 43 22.14 -20.93 18.97
CA PHE A 43 22.69 -20.41 20.21
C PHE A 43 22.21 -18.99 20.43
N ARG A 44 21.67 -18.73 21.62
CA ARG A 44 21.22 -17.40 22.01
C ARG A 44 21.74 -17.09 23.40
N SER A 45 22.04 -15.82 23.65
CA SER A 45 22.64 -15.37 24.90
C SER A 45 21.86 -14.21 25.47
N SER A 46 21.45 -14.34 26.74
CA SER A 46 20.83 -13.25 27.49
C SER A 46 19.65 -12.65 26.72
N VAL A 47 18.82 -13.52 26.15
CA VAL A 47 17.62 -13.11 25.43
C VAL A 47 16.50 -14.09 25.72
N LEU A 48 15.28 -13.57 25.82
CA LEU A 48 14.09 -14.39 26.03
C LEU A 48 13.43 -14.62 24.66
N HIS A 49 13.32 -15.89 24.28
CA HIS A 49 12.83 -16.26 22.95
C HIS A 49 11.46 -16.91 23.08
N SER A 50 10.50 -16.44 22.28
CA SER A 50 9.17 -17.01 22.24
C SER A 50 9.10 -18.00 21.08
N THR A 51 8.81 -19.26 21.40
CA THR A 51 8.79 -20.33 20.40
C THR A 51 7.48 -21.11 20.52
N GLN A 52 6.89 -21.42 19.37
CA GLN A 52 5.66 -22.21 19.29
C GLN A 52 6.04 -23.61 18.84
N ASP A 53 6.10 -24.55 19.78
CA ASP A 53 6.49 -25.91 19.48
C ASP A 53 5.90 -26.84 20.54
N LEU A 54 5.93 -28.14 20.26
CA LEU A 54 5.42 -29.12 21.21
C LEU A 54 6.19 -29.02 22.52
N PHE A 55 5.45 -28.99 23.63
CA PHE A 55 6.06 -28.90 24.95
C PHE A 55 5.13 -29.55 25.97
N LEU A 56 5.70 -29.89 27.12
CA LEU A 56 4.93 -30.45 28.23
C LEU A 56 4.28 -29.32 28.99
N PRO A 57 2.94 -29.27 29.09
CA PRO A 57 2.30 -28.18 29.85
C PRO A 57 2.78 -28.16 31.29
N PHE A 58 2.96 -26.97 31.82
CA PHE A 58 3.43 -26.81 33.19
C PHE A 58 2.39 -27.35 34.16
N PHE A 59 2.86 -27.95 35.26
CA PHE A 59 2.00 -28.51 36.30
C PHE A 59 0.98 -29.49 35.71
N SER A 60 1.46 -30.36 34.82
CA SER A 60 0.62 -31.39 34.22
C SER A 60 0.54 -32.60 35.15
N ASN A 61 -0.02 -33.70 34.66
CA ASN A 61 -0.18 -34.91 35.43
C ASN A 61 0.65 -36.03 34.82
N VAL A 62 1.34 -36.79 35.67
CA VAL A 62 2.14 -37.92 35.25
C VAL A 62 1.75 -39.13 36.10
N THR A 63 1.98 -40.32 35.53
CA THR A 63 1.54 -41.57 36.15
C THR A 63 2.65 -42.10 37.06
N TRP A 64 2.38 -42.12 38.37
CA TRP A 64 3.31 -42.72 39.31
C TRP A 64 3.08 -44.23 39.38
N PHE A 65 4.18 -44.98 39.47
CA PHE A 65 4.14 -46.43 39.49
C PHE A 65 4.66 -46.95 40.82
N HIS A 66 3.94 -47.91 41.41
CA HIS A 66 4.32 -48.53 42.66
C HIS A 66 4.15 -50.04 42.55
N ALA A 67 4.88 -50.76 43.39
CA ALA A 67 4.85 -52.22 43.40
C ALA A 67 4.90 -52.68 44.86
N ILE A 68 3.73 -52.92 45.44
CA ILE A 68 3.61 -53.42 46.81
C ILE A 68 2.59 -54.55 46.83
N HIS A 69 2.92 -55.60 47.56
CA HIS A 69 2.05 -56.78 47.66
C HIS A 69 1.80 -57.39 46.28
N ASP A 80 -2.15 -55.58 35.79
CA ASP A 80 -2.35 -54.16 35.51
C ASP A 80 -1.07 -53.54 34.96
N ASN A 81 -0.65 -53.98 33.77
CA ASN A 81 0.54 -53.48 33.11
C ASN A 81 0.20 -53.14 31.67
N PRO A 82 -0.57 -52.08 31.45
CA PRO A 82 -0.97 -51.70 30.09
C PRO A 82 0.17 -51.03 29.34
N VAL A 83 -0.12 -50.63 28.10
CA VAL A 83 0.83 -49.96 27.24
C VAL A 83 0.35 -48.53 27.02
N LEU A 84 1.21 -47.57 27.32
CA LEU A 84 0.83 -46.17 27.23
C LEU A 84 0.92 -45.69 25.78
N PRO A 85 -0.14 -45.11 25.22
CA PRO A 85 -0.05 -44.63 23.83
C PRO A 85 1.02 -43.56 23.67
N PHE A 86 1.67 -43.58 22.50
CA PHE A 86 2.74 -42.62 22.22
C PHE A 86 2.19 -41.24 21.89
N ASN A 87 1.06 -41.17 21.19
CA ASN A 87 0.45 -39.90 20.79
C ASN A 87 1.46 -39.17 19.90
N ASP A 88 1.57 -37.84 20.00
CA ASP A 88 2.51 -37.10 19.17
C ASP A 88 3.92 -37.14 19.75
N GLY A 89 4.08 -36.62 20.96
CA GLY A 89 5.37 -36.65 21.63
C GLY A 89 5.21 -37.19 23.03
N VAL A 90 6.25 -37.87 23.50
CA VAL A 90 6.24 -38.56 24.78
C VAL A 90 7.38 -38.04 25.65
N TYR A 91 7.06 -37.74 26.90
CA TYR A 91 8.04 -37.33 27.90
C TYR A 91 8.15 -38.44 28.93
N PHE A 92 9.36 -38.97 29.10
CA PHE A 92 9.65 -40.07 30.01
C PHE A 92 10.54 -39.58 31.14
N ALA A 93 10.30 -40.09 32.34
CA ALA A 93 11.11 -39.75 33.50
C ALA A 93 11.31 -40.99 34.35
N SER A 94 12.53 -41.16 34.84
CA SER A 94 12.88 -42.31 35.67
C SER A 94 13.77 -41.84 36.82
N THR A 95 13.55 -42.43 37.99
CA THR A 95 14.37 -42.16 39.18
C THR A 95 14.72 -43.51 39.80
N GLU A 96 15.94 -43.98 39.56
CA GLU A 96 16.37 -45.28 40.03
C GLU A 96 17.87 -45.25 40.30
N LYS A 97 18.33 -46.22 41.08
CA LYS A 97 19.73 -46.32 41.46
C LYS A 97 20.36 -47.64 41.02
N SER A 98 19.64 -48.46 40.25
CA SER A 98 20.18 -49.73 39.77
C SER A 98 19.79 -49.97 38.32
N ASN A 99 19.61 -48.91 37.54
CA ASN A 99 19.37 -48.97 36.10
C ASN A 99 18.46 -50.14 35.71
N ILE A 100 17.35 -50.27 36.43
CA ILE A 100 16.39 -51.32 36.12
C ILE A 100 15.83 -51.13 34.72
N ILE A 101 15.51 -49.89 34.36
CA ILE A 101 15.00 -49.57 33.02
C ILE A 101 16.19 -49.31 32.11
N ARG A 102 16.25 -50.05 31.00
CA ARG A 102 17.40 -49.96 30.10
C ARG A 102 17.04 -49.86 28.63
N GLY A 103 15.76 -49.95 28.24
CA GLY A 103 15.40 -49.91 26.83
C GLY A 103 13.98 -49.49 26.63
N TRP A 104 13.65 -49.16 25.38
CA TRP A 104 12.32 -48.76 24.98
C TRP A 104 11.95 -49.43 23.67
N ILE A 105 10.66 -49.57 23.44
CA ILE A 105 10.12 -50.13 22.20
C ILE A 105 9.05 -49.18 21.68
N PHE A 106 9.10 -48.88 20.38
CA PHE A 106 8.15 -47.99 19.75
C PHE A 106 7.57 -48.68 18.52
N GLY A 107 6.26 -48.54 18.33
CA GLY A 107 5.62 -49.15 17.18
C GLY A 107 4.19 -48.72 17.06
N THR A 108 3.49 -49.34 16.12
CA THR A 108 2.08 -49.04 15.87
C THR A 108 1.20 -50.27 15.92
N THR A 109 1.69 -51.41 15.45
CA THR A 109 0.93 -52.65 15.46
C THR A 109 1.68 -53.81 16.11
N LEU A 110 2.99 -53.89 15.94
CA LEU A 110 3.79 -54.99 16.48
C LEU A 110 3.25 -56.34 16.01
N ASP A 111 2.77 -56.40 14.77
CA ASP A 111 2.21 -57.61 14.19
C ASP A 111 3.17 -58.32 13.25
N SER A 112 4.45 -57.96 13.27
CA SER A 112 5.48 -58.52 12.40
C SER A 112 5.31 -58.11 10.95
N LYS A 113 4.45 -57.13 10.68
CA LYS A 113 4.27 -56.61 9.32
C LYS A 113 5.01 -55.30 9.08
N THR A 114 5.23 -54.51 10.12
CA THR A 114 5.94 -53.24 10.01
C THR A 114 7.10 -53.23 11.01
N GLN A 115 8.18 -52.56 10.62
CA GLN A 115 9.38 -52.51 11.46
C GLN A 115 9.06 -51.86 12.80
N SER A 116 9.53 -52.48 13.88
CA SER A 116 9.35 -51.97 15.22
C SER A 116 10.67 -51.43 15.74
N LEU A 117 10.65 -50.20 16.25
CA LEU A 117 11.85 -49.55 16.74
C LEU A 117 12.18 -50.03 18.14
N LEU A 118 13.44 -50.36 18.39
CA LEU A 118 13.90 -50.85 19.67
C LEU A 118 15.20 -50.14 20.06
N ILE A 119 15.27 -49.68 21.32
CA ILE A 119 16.42 -48.97 21.85
C ILE A 119 16.87 -49.69 23.12
N VAL A 120 18.16 -49.93 23.23
CA VAL A 120 18.74 -50.57 24.41
C VAL A 120 19.95 -49.76 24.86
N ASN A 121 20.09 -49.58 26.17
CA ASN A 121 21.21 -48.84 26.77
C ASN A 121 21.82 -49.73 27.84
N ASN A 122 22.95 -50.37 27.53
CA ASN A 122 23.59 -51.29 28.46
C ASN A 122 25.09 -51.23 28.29
N ALA A 123 25.81 -51.25 29.41
CA ALA A 123 27.28 -51.24 29.41
C ALA A 123 27.82 -50.03 28.67
N THR A 124 27.18 -48.88 28.87
CA THR A 124 27.56 -47.63 28.22
C THR A 124 27.45 -47.71 26.70
N ASN A 125 26.68 -48.68 26.20
CA ASN A 125 26.51 -48.91 24.77
C ASN A 125 25.05 -48.74 24.41
N VAL A 126 24.79 -48.07 23.30
CA VAL A 126 23.45 -47.84 22.79
C VAL A 126 23.25 -48.71 21.56
N VAL A 127 22.12 -49.42 21.50
CA VAL A 127 21.77 -50.30 20.40
C VAL A 127 20.42 -49.86 19.86
N ILE A 128 20.34 -49.63 18.55
CA ILE A 128 19.12 -49.23 17.87
C ILE A 128 18.81 -50.28 16.81
N LYS A 129 17.57 -50.78 16.83
CA LYS A 129 17.15 -51.81 15.89
C LYS A 129 15.78 -51.47 15.34
N VAL A 130 15.53 -51.93 14.11
CA VAL A 130 14.22 -51.76 13.47
C VAL A 130 13.76 -53.11 12.92
N CYS A 131 14.29 -54.19 13.49
CA CYS A 131 13.98 -55.52 12.99
C CYS A 131 12.64 -56.00 13.55
N GLU A 132 12.17 -57.12 13.00
CA GLU A 132 10.92 -57.75 13.39
C GLU A 132 11.20 -59.11 14.00
N PHE A 133 10.65 -59.37 15.18
CA PHE A 133 10.85 -60.64 15.86
C PHE A 133 9.62 -60.98 16.68
N GLN A 134 9.45 -62.27 16.94
CA GLN A 134 8.33 -62.74 17.74
C GLN A 134 8.52 -62.35 19.20
N PHE A 135 7.39 -62.20 19.90
CA PHE A 135 7.38 -61.81 21.31
C PHE A 135 6.70 -62.90 22.13
N CYS A 136 7.22 -63.14 23.33
CA CYS A 136 6.66 -64.14 24.21
C CYS A 136 5.29 -63.68 24.73
N ASN A 137 4.62 -64.59 25.43
CA ASN A 137 3.30 -64.28 25.97
C ASN A 137 3.38 -63.14 26.98
N ASP A 138 4.38 -63.17 27.86
CA ASP A 138 4.57 -62.14 28.89
C ASP A 138 6.02 -61.70 28.88
N PRO A 139 6.43 -60.93 27.87
CA PRO A 139 7.82 -60.47 27.82
C PRO A 139 8.18 -59.60 29.01
N PHE A 140 9.40 -59.77 29.50
CA PHE A 140 9.94 -58.93 30.57
C PHE A 140 11.41 -59.28 30.77
N LEU A 141 12.19 -58.28 31.14
CA LEU A 141 13.61 -58.50 31.39
C LEU A 141 13.81 -59.28 32.69
N GLY A 142 14.83 -60.14 32.68
CA GLY A 142 15.16 -60.95 33.84
C GLY A 142 16.55 -60.62 34.34
N VAL A 143 16.70 -60.55 35.67
CA VAL A 143 17.96 -60.23 36.30
C VAL A 143 18.19 -61.19 37.46
N TYR A 144 19.45 -61.36 37.83
CA TYR A 144 19.84 -62.19 38.96
C TYR A 144 20.90 -61.47 39.77
N TYR A 145 20.98 -61.81 41.05
CA TYR A 145 21.91 -61.18 41.99
C TYR A 145 22.92 -62.20 42.46
N HIS A 146 24.20 -61.83 42.39
CA HIS A 146 25.30 -62.67 42.84
C HIS A 146 25.29 -64.01 42.12
N LYS A 147 25.39 -63.95 40.80
CA LYS A 147 25.45 -65.12 39.94
C LYS A 147 26.79 -65.14 39.23
N ASN A 148 27.53 -66.24 39.40
CA ASN A 148 28.83 -66.36 38.76
C ASN A 148 28.69 -66.37 37.24
N ASN A 149 27.71 -67.11 36.72
CA ASN A 149 27.48 -67.20 35.29
C ASN A 149 26.45 -66.19 34.80
N LYS A 150 25.89 -65.36 35.67
CA LYS A 150 24.89 -64.37 35.31
C LYS A 150 23.70 -65.03 34.62
N SER A 151 23.33 -66.21 35.11
CA SER A 151 22.16 -66.94 34.61
C SER A 151 22.27 -67.24 33.12
N TRP A 152 23.49 -67.35 32.61
CA TRP A 152 23.73 -67.65 31.18
C TRP A 152 23.01 -66.56 30.37
N MET A 153 22.44 -66.90 29.22
CA MET A 153 21.70 -66.03 28.32
C MET A 153 22.64 -65.10 27.53
N GLU A 154 23.94 -65.11 27.79
CA GLU A 154 24.85 -64.23 27.07
C GLU A 154 25.12 -64.70 25.65
N SER A 155 24.91 -65.99 25.37
CA SER A 155 25.17 -66.54 24.05
C SER A 155 23.94 -67.17 23.40
N GLU A 156 23.13 -67.91 24.16
CA GLU A 156 21.97 -68.57 23.57
C GLU A 156 20.98 -67.54 23.02
N PHE A 157 20.59 -66.58 23.83
CA PHE A 157 19.63 -65.54 23.45
C PHE A 157 18.42 -66.15 22.76
N ARG A 158 17.77 -67.07 23.46
CA ARG A 158 16.60 -67.79 22.93
C ARG A 158 15.36 -66.91 23.12
N VAL A 159 15.32 -65.82 22.37
CA VAL A 159 14.21 -64.87 22.41
C VAL A 159 13.40 -64.92 21.11
N TYR A 160 14.07 -64.97 19.97
CA TYR A 160 13.41 -65.01 18.67
C TYR A 160 14.08 -66.06 17.81
N SER A 161 13.64 -66.17 16.55
CA SER A 161 14.15 -67.18 15.64
C SER A 161 15.38 -66.66 14.87
N SER A 162 15.22 -65.57 14.14
CA SER A 162 16.31 -65.00 13.35
C SER A 162 15.87 -63.63 12.86
N ALA A 163 16.76 -62.97 12.12
CA ALA A 163 16.50 -61.66 11.55
C ALA A 163 16.05 -61.81 10.10
N ASN A 164 14.96 -61.13 9.75
CA ASN A 164 14.38 -61.25 8.42
C ASN A 164 14.15 -59.88 7.78
N ASN A 165 13.87 -58.87 8.60
CA ASN A 165 13.52 -57.54 8.11
C ASN A 165 14.28 -56.46 8.86
N CYS A 166 15.59 -56.65 9.00
CA CYS A 166 16.44 -55.62 9.58
C CYS A 166 16.79 -54.58 8.53
N THR A 167 16.50 -53.31 8.83
CA THR A 167 16.75 -52.21 7.91
C THR A 167 17.54 -51.08 8.56
N PHE A 168 18.14 -51.34 9.73
CA PHE A 168 18.94 -50.32 10.40
C PHE A 168 19.96 -51.02 11.29
N GLU A 169 21.07 -50.33 11.51
CA GLU A 169 22.14 -50.86 12.35
C GLU A 169 22.88 -49.69 12.98
N TYR A 170 23.51 -49.96 14.13
CA TYR A 170 24.26 -48.94 14.86
C TYR A 170 25.43 -49.65 15.54
N VAL A 171 26.63 -49.48 15.00
CA VAL A 171 27.84 -50.11 15.50
C VAL A 171 28.65 -49.07 16.27
N SER A 172 28.99 -49.38 17.51
CA SER A 172 29.75 -48.47 18.35
C SER A 172 31.25 -48.63 18.10
N PHE A 186 17.12 -43.75 43.90
CA PHE A 186 16.70 -42.36 43.96
C PHE A 186 17.89 -41.42 44.08
N LYS A 187 19.00 -41.81 43.43
CA LYS A 187 20.21 -41.01 43.44
C LYS A 187 20.38 -40.15 42.20
N ASN A 188 19.93 -40.64 41.04
CA ASN A 188 19.99 -39.89 39.79
C ASN A 188 18.65 -39.99 39.08
N LEU A 189 18.32 -38.94 38.32
CA LEU A 189 17.06 -38.85 37.60
C LEU A 189 17.35 -38.65 36.13
N ARG A 190 16.69 -39.44 35.28
CA ARG A 190 16.86 -39.39 33.83
C ARG A 190 15.56 -38.93 33.21
N GLU A 191 15.63 -37.90 32.37
CA GLU A 191 14.50 -37.39 31.63
C GLU A 191 14.77 -37.54 30.14
N PHE A 192 13.72 -37.92 29.39
CA PHE A 192 13.82 -38.11 27.96
C PHE A 192 12.58 -37.53 27.29
N VAL A 193 12.75 -37.12 26.04
CA VAL A 193 11.65 -36.61 25.23
C VAL A 193 11.81 -37.17 23.82
N PHE A 194 10.82 -37.93 23.37
CA PHE A 194 10.83 -38.52 22.03
C PHE A 194 9.67 -37.93 21.23
N LYS A 195 9.98 -37.43 20.03
CA LYS A 195 8.95 -36.89 19.16
C LYS A 195 9.24 -37.22 17.71
N ASN A 196 8.23 -37.72 17.00
CA ASN A 196 8.33 -38.05 15.58
C ASN A 196 7.60 -36.97 14.79
N ILE A 197 8.37 -36.10 14.15
CA ILE A 197 7.82 -34.96 13.41
C ILE A 197 8.42 -34.96 12.01
N ASP A 198 7.56 -34.85 10.99
CA ASP A 198 7.97 -34.75 9.60
C ASP A 198 9.00 -35.82 9.23
N GLY A 199 8.73 -37.05 9.66
CA GLY A 199 9.58 -38.17 9.31
C GLY A 199 10.90 -38.25 10.04
N TYR A 200 11.10 -37.39 11.04
CA TYR A 200 12.33 -37.38 11.83
C TYR A 200 11.98 -37.72 13.27
N PHE A 201 12.69 -38.68 13.84
CA PHE A 201 12.51 -39.08 15.23
C PHE A 201 13.58 -38.40 16.06
N LYS A 202 13.18 -37.42 16.87
CA LYS A 202 14.10 -36.65 17.70
C LYS A 202 14.02 -37.13 19.14
N ILE A 203 15.17 -37.46 19.71
CA ILE A 203 15.29 -37.89 21.10
C ILE A 203 16.20 -36.90 21.82
N TYR A 204 15.66 -36.27 22.86
CA TYR A 204 16.39 -35.40 23.77
C TYR A 204 16.46 -36.08 25.13
N SER A 205 17.52 -35.80 25.89
CA SER A 205 17.68 -36.46 27.18
C SER A 205 18.48 -35.56 28.13
N LYS A 206 18.38 -35.89 29.41
CA LYS A 206 19.09 -35.16 30.46
C LYS A 206 19.19 -36.04 31.69
N HIS A 207 20.40 -36.31 32.14
CA HIS A 207 20.66 -37.08 33.35
C HIS A 207 21.20 -36.15 34.41
N THR A 208 20.56 -36.13 35.58
CA THR A 208 20.93 -35.21 36.66
C THR A 208 21.10 -36.00 37.95
N PRO A 209 22.24 -35.89 38.64
CA PRO A 209 22.38 -36.54 39.95
C PRO A 209 21.80 -35.66 41.05
N ILE A 210 20.92 -36.25 41.86
CA ILE A 210 20.23 -35.53 42.92
C ILE A 210 20.44 -36.27 44.24
N ASN A 211 20.80 -35.52 45.27
CA ASN A 211 20.98 -36.06 46.62
C ASN A 211 19.71 -35.74 47.40
N LEU A 212 18.68 -36.56 47.21
CA LEU A 212 17.40 -36.37 47.88
C LEU A 212 16.57 -37.64 47.72
N VAL A 213 15.90 -38.02 48.80
CA VAL A 213 15.04 -39.21 48.80
C VAL A 213 13.61 -38.90 49.20
N ARG A 214 13.33 -37.70 49.73
CA ARG A 214 11.99 -37.39 50.21
C ARG A 214 11.00 -37.28 49.07
N ASP A 215 11.22 -36.31 48.17
CA ASP A 215 10.31 -36.05 47.07
C ASP A 215 11.13 -35.65 45.85
N LEU A 216 10.42 -35.32 44.76
CA LEU A 216 11.09 -34.89 43.55
C LEU A 216 11.66 -33.48 43.73
N PRO A 217 12.69 -33.11 42.97
CA PRO A 217 13.25 -31.77 43.11
C PRO A 217 12.42 -30.73 42.36
N GLN A 218 12.25 -29.58 43.00
CA GLN A 218 11.49 -28.47 42.41
C GLN A 218 12.45 -27.51 41.69
N GLY A 219 13.16 -28.06 40.70
CA GLY A 219 14.15 -27.29 39.96
C GLY A 219 13.87 -27.37 38.47
N PHE A 220 14.65 -26.59 37.73
CA PHE A 220 14.54 -26.50 36.28
C PHE A 220 15.81 -27.05 35.64
N SER A 221 15.64 -27.82 34.56
CA SER A 221 16.78 -28.40 33.85
C SER A 221 16.34 -28.70 32.43
N ALA A 222 16.96 -28.01 31.46
CA ALA A 222 16.64 -28.23 30.06
C ALA A 222 17.17 -29.59 29.60
N LEU A 223 16.53 -30.13 28.57
CA LEU A 223 16.88 -31.43 28.01
C LEU A 223 17.67 -31.19 26.72
N GLU A 224 18.99 -31.32 26.80
CA GLU A 224 19.82 -31.16 25.61
C GLU A 224 19.55 -32.29 24.63
N PRO A 225 19.58 -32.02 23.32
CA PRO A 225 19.28 -33.06 22.35
C PRO A 225 20.33 -34.18 22.38
N LEU A 226 19.86 -35.39 22.11
CA LEU A 226 20.75 -36.54 21.93
C LEU A 226 20.89 -36.91 20.46
N VAL A 227 19.78 -37.16 19.76
CA VAL A 227 19.84 -37.62 18.38
C VAL A 227 18.61 -37.14 17.63
N ASP A 228 18.74 -37.07 16.30
CA ASP A 228 17.64 -36.76 15.39
C ASP A 228 17.78 -37.71 14.19
N LEU A 229 17.12 -38.89 14.29
CA LEU A 229 17.29 -39.91 13.26
C LEU A 229 16.26 -39.73 12.16
N PRO A 230 16.60 -40.11 10.91
CA PRO A 230 15.63 -40.06 9.81
C PRO A 230 14.86 -41.38 9.67
N ILE A 231 14.19 -41.78 10.75
CA ILE A 231 13.48 -43.06 10.75
C ILE A 231 12.38 -43.05 9.69
N GLY A 232 11.58 -41.97 9.66
CA GLY A 232 10.52 -41.85 8.69
C GLY A 232 9.27 -42.63 9.01
N ILE A 233 9.22 -43.30 10.16
CA ILE A 233 8.06 -44.09 10.56
C ILE A 233 7.21 -43.27 11.51
N ASN A 234 5.91 -43.57 11.55
CA ASN A 234 4.97 -42.90 12.42
C ASN A 234 4.62 -43.84 13.56
N ILE A 235 4.79 -43.37 14.80
CA ILE A 235 4.60 -44.18 15.99
C ILE A 235 3.29 -43.77 16.66
N THR A 236 2.62 -44.77 17.24
CA THR A 236 1.39 -44.54 18.00
C THR A 236 1.40 -45.20 19.37
N ARG A 237 2.32 -46.11 19.65
CA ARG A 237 2.40 -46.77 20.94
C ARG A 237 3.87 -47.02 21.29
N PHE A 238 4.14 -47.06 22.59
CA PHE A 238 5.48 -47.30 23.08
C PHE A 238 5.41 -48.03 24.41
N GLN A 239 6.50 -48.70 24.77
CA GLN A 239 6.58 -49.49 25.98
C GLN A 239 8.01 -49.46 26.49
N THR A 240 8.15 -49.76 27.78
CA THR A 240 9.45 -49.80 28.45
C THR A 240 9.71 -51.22 28.97
N LEU A 241 10.81 -51.37 29.69
CA LEU A 241 11.22 -52.66 30.25
C LEU A 241 11.41 -52.52 31.75
N LEU A 242 10.95 -53.52 32.50
CA LEU A 242 11.05 -53.50 33.95
C LEU A 242 11.31 -54.92 34.44
N ALA A 243 11.96 -55.00 35.60
CA ALA A 243 12.26 -56.27 36.25
C ALA A 243 11.50 -56.36 37.55
N LEU A 244 10.69 -57.41 37.71
CA LEU A 244 9.90 -57.60 38.92
C LEU A 244 9.59 -59.08 39.05
N HIS A 245 9.90 -59.65 40.23
CA HIS A 245 9.65 -61.06 40.49
C HIS A 245 10.37 -61.93 39.46
N ALA A 263 10.82 -49.67 39.86
CA ALA A 263 9.49 -49.68 39.26
C ALA A 263 8.81 -48.33 39.48
N ALA A 264 9.57 -47.25 39.32
CA ALA A 264 9.07 -45.89 39.51
C ALA A 264 9.53 -45.03 38.33
N TYR A 265 8.67 -44.92 37.32
CA TYR A 265 8.94 -44.07 36.17
C TYR A 265 7.67 -43.32 35.80
N TYR A 266 7.84 -42.09 35.34
CA TYR A 266 6.72 -41.21 35.00
C TYR A 266 6.65 -41.02 33.49
N VAL A 267 5.43 -40.84 33.00
CA VAL A 267 5.16 -40.67 31.58
C VAL A 267 4.22 -39.47 31.40
N GLY A 268 4.46 -38.71 30.35
CA GLY A 268 3.64 -37.55 30.03
C GLY A 268 3.50 -37.40 28.53
N TYR A 269 2.67 -36.42 28.14
CA TYR A 269 2.41 -36.15 26.73
C TYR A 269 2.54 -34.65 26.48
N LEU A 270 3.01 -34.33 25.28
CA LEU A 270 3.27 -32.95 24.89
C LEU A 270 2.08 -32.38 24.13
N GLN A 271 1.98 -31.05 24.13
CA GLN A 271 0.95 -30.30 23.44
C GLN A 271 1.59 -29.16 22.67
N PRO A 272 0.93 -28.68 21.61
CA PRO A 272 1.50 -27.57 20.82
C PRO A 272 1.37 -26.23 21.53
N ARG A 273 2.07 -26.10 22.67
CA ARG A 273 2.02 -24.88 23.45
C ARG A 273 3.03 -23.86 22.94
N THR A 274 2.87 -22.62 23.37
CA THR A 274 3.78 -21.53 23.08
C THR A 274 4.55 -21.19 24.35
N PHE A 275 5.88 -21.26 24.27
CA PHE A 275 6.74 -21.11 25.44
C PHE A 275 7.64 -19.90 25.28
N LEU A 276 8.03 -19.32 26.42
CA LEU A 276 9.01 -18.25 26.48
C LEU A 276 10.22 -18.80 27.24
N LEU A 277 11.33 -18.98 26.54
CA LEU A 277 12.53 -19.58 27.09
C LEU A 277 13.56 -18.49 27.40
N LYS A 278 14.14 -18.54 28.59
CA LYS A 278 15.15 -17.59 29.03
C LYS A 278 16.53 -18.17 28.79
N TYR A 279 17.39 -17.39 28.15
CA TYR A 279 18.77 -17.80 27.88
C TYR A 279 19.73 -16.93 28.69
N ASN A 280 20.89 -17.50 28.99
CA ASN A 280 21.93 -16.82 29.76
C ASN A 280 23.18 -16.65 28.89
N GLU A 281 24.25 -16.17 29.51
CA GLU A 281 25.47 -15.90 28.76
C GLU A 281 26.02 -17.17 28.12
N ASN A 282 25.96 -18.29 28.84
CA ASN A 282 26.49 -19.56 28.35
C ASN A 282 25.56 -20.26 27.38
N GLY A 283 24.41 -19.66 27.06
CA GLY A 283 23.51 -20.25 26.08
C GLY A 283 22.73 -21.45 26.55
N THR A 284 22.55 -21.61 27.86
CA THR A 284 21.78 -22.70 28.42
C THR A 284 20.50 -22.18 29.04
N ILE A 285 19.38 -22.85 28.75
CA ILE A 285 18.09 -22.40 29.25
C ILE A 285 18.06 -22.57 30.76
N THR A 286 17.61 -21.52 31.46
CA THR A 286 17.52 -21.53 32.91
C THR A 286 16.07 -21.59 33.40
N ASP A 287 15.20 -20.74 32.87
CA ASP A 287 13.80 -20.72 33.25
C ASP A 287 12.94 -20.62 31.99
N ALA A 288 11.71 -21.12 32.10
CA ALA A 288 10.76 -21.10 31.00
C ALA A 288 9.39 -20.73 31.53
N VAL A 289 8.57 -20.14 30.65
CA VAL A 289 7.22 -19.71 30.98
C VAL A 289 6.26 -20.28 29.94
N ASP A 290 5.17 -20.86 30.42
CA ASP A 290 4.12 -21.40 29.55
C ASP A 290 3.01 -20.36 29.44
N CYS A 291 2.88 -19.78 28.24
CA CYS A 291 1.95 -18.66 28.07
C CYS A 291 0.52 -19.05 28.44
N ALA A 292 0.13 -20.30 28.20
CA ALA A 292 -1.23 -20.74 28.46
C ALA A 292 -1.44 -21.23 29.89
N LEU A 293 -0.40 -21.18 30.73
CA LEU A 293 -0.53 -21.70 32.09
C LEU A 293 -1.56 -20.90 32.88
N ASP A 294 -1.40 -19.57 32.91
CA ASP A 294 -2.26 -18.72 33.71
C ASP A 294 -2.20 -17.31 33.14
N PRO A 295 -3.11 -16.42 33.55
CA PRO A 295 -3.08 -15.06 33.01
C PRO A 295 -1.77 -14.35 33.24
N LEU A 296 -1.10 -14.59 34.38
CA LEU A 296 0.20 -13.98 34.62
C LEU A 296 1.22 -14.44 33.58
N SER A 297 1.21 -15.73 33.26
CA SER A 297 2.13 -16.25 32.25
C SER A 297 1.85 -15.63 30.89
N GLU A 298 0.57 -15.48 30.53
CA GLU A 298 0.23 -14.84 29.26
C GLU A 298 0.69 -13.39 29.23
N THR A 299 0.53 -12.68 30.35
CA THR A 299 1.02 -11.30 30.42
C THR A 299 2.54 -11.25 30.25
N LYS A 300 3.25 -12.18 30.90
CA LYS A 300 4.70 -12.23 30.75
C LYS A 300 5.09 -12.50 29.31
N CYS A 301 4.40 -13.42 28.64
CA CYS A 301 4.68 -13.71 27.25
C CYS A 301 4.43 -12.50 26.37
N THR A 302 3.31 -11.80 26.61
CA THR A 302 3.01 -10.61 25.82
C THR A 302 4.06 -9.53 26.02
N LEU A 303 4.49 -9.32 27.25
CA LEU A 303 5.56 -8.35 27.54
C LEU A 303 6.95 -8.92 27.28
N LYS A 304 7.07 -10.23 27.10
CA LYS A 304 8.36 -10.87 26.87
C LYS A 304 9.36 -10.49 27.96
N SER A 305 8.87 -10.47 29.21
CA SER A 305 9.72 -10.15 30.35
C SER A 305 9.23 -10.93 31.55
N PHE A 306 10.16 -11.53 32.30
CA PHE A 306 9.80 -12.30 33.48
C PHE A 306 9.36 -11.41 34.64
N THR A 307 9.64 -10.11 34.58
CA THR A 307 9.22 -9.16 35.60
C THR A 307 8.15 -8.25 35.01
N VAL A 308 7.00 -8.18 35.68
CA VAL A 308 5.86 -7.39 35.23
C VAL A 308 5.64 -6.27 36.24
N GLU A 309 5.67 -5.03 35.76
CA GLU A 309 5.47 -3.88 36.62
C GLU A 309 3.98 -3.68 36.90
N LYS A 310 3.69 -2.93 37.96
CA LYS A 310 2.31 -2.63 38.32
C LYS A 310 1.60 -1.94 37.16
N GLY A 311 0.40 -2.40 36.85
CA GLY A 311 -0.37 -1.81 35.78
C GLY A 311 -1.34 -2.83 35.22
N ILE A 312 -2.02 -2.42 34.15
CA ILE A 312 -2.98 -3.25 33.44
C ILE A 312 -2.47 -3.46 32.02
N TYR A 313 -2.41 -4.73 31.60
CA TYR A 313 -1.89 -5.10 30.29
C TYR A 313 -2.94 -5.91 29.54
N GLN A 314 -3.09 -5.62 28.25
CA GLN A 314 -4.01 -6.34 27.39
C GLN A 314 -3.31 -7.54 26.78
N THR A 315 -3.91 -8.72 26.93
CA THR A 315 -3.30 -9.97 26.48
C THR A 315 -3.86 -10.43 25.13
N SER A 316 -5.17 -10.61 25.02
CA SER A 316 -5.78 -11.14 23.81
C SER A 316 -7.25 -10.73 23.76
N ASN A 317 -7.99 -11.38 22.87
CA ASN A 317 -9.42 -11.12 22.71
C ASN A 317 -10.17 -12.45 22.75
N PHE A 318 -11.44 -12.36 23.13
CA PHE A 318 -12.31 -13.52 23.26
C PHE A 318 -13.48 -13.41 22.31
N ARG A 319 -13.80 -14.51 21.63
CA ARG A 319 -14.89 -14.55 20.67
C ARG A 319 -15.74 -15.79 20.90
N VAL A 320 -17.03 -15.66 20.62
CA VAL A 320 -17.99 -16.75 20.71
C VAL A 320 -18.52 -17.04 19.32
N GLN A 321 -18.48 -18.32 18.91
CA GLN A 321 -18.85 -18.71 17.56
C GLN A 321 -20.20 -19.43 17.55
N PRO A 322 -20.89 -19.45 16.42
CA PRO A 322 -22.17 -20.17 16.34
C PRO A 322 -21.98 -21.65 16.54
N THR A 323 -23.02 -22.30 17.10
CA THR A 323 -22.90 -23.70 17.44
C THR A 323 -22.65 -24.56 16.21
N GLU A 324 -23.66 -24.71 15.35
CA GLU A 324 -23.41 -25.27 14.02
C GLU A 324 -23.92 -24.35 12.92
N SER A 325 -25.20 -24.00 12.96
CA SER A 325 -25.82 -23.13 11.97
C SER A 325 -27.30 -23.02 12.30
N ILE A 326 -27.98 -22.11 11.61
CA ILE A 326 -29.43 -21.96 11.70
C ILE A 326 -29.93 -21.41 10.37
N VAL A 327 -30.97 -22.03 9.82
CA VAL A 327 -31.57 -21.62 8.55
C VAL A 327 -33.07 -21.53 8.74
N ARG A 328 -33.68 -20.46 8.21
CA ARG A 328 -35.11 -20.24 8.32
C ARG A 328 -35.71 -19.98 6.96
N PHE A 329 -36.78 -20.67 6.64
CA PHE A 329 -37.52 -20.51 5.40
C PHE A 329 -39.00 -20.72 5.68
N PRO A 330 -39.87 -20.24 4.80
CA PRO A 330 -41.31 -20.44 5.02
C PRO A 330 -41.66 -21.93 5.09
N ASN A 331 -42.58 -22.26 5.98
CA ASN A 331 -43.04 -23.63 6.15
C ASN A 331 -44.35 -23.84 5.40
N ILE A 332 -44.61 -25.10 5.08
CA ILE A 332 -45.80 -25.50 4.33
C ILE A 332 -45.67 -25.00 2.89
N THR A 333 -45.84 -23.69 2.70
CA THR A 333 -45.72 -23.02 1.41
C THR A 333 -46.91 -23.11 0.45
N ASN A 334 -46.88 -22.35 -0.63
CA ASN A 334 -47.94 -22.38 -1.63
C ASN A 334 -47.77 -23.64 -2.48
N LEU A 335 -48.52 -24.68 -2.16
CA LEU A 335 -48.43 -25.93 -2.89
C LEU A 335 -48.94 -25.76 -4.32
N CYS A 336 -48.34 -26.50 -5.25
CA CYS A 336 -48.77 -26.46 -6.63
C CYS A 336 -50.17 -27.07 -6.76
N PRO A 337 -50.94 -26.66 -7.76
CA PRO A 337 -52.29 -27.21 -7.92
C PRO A 337 -52.28 -28.64 -8.47
N PHE A 338 -51.76 -29.58 -7.69
CA PHE A 338 -51.70 -30.97 -8.09
C PHE A 338 -52.99 -31.73 -7.77
N GLY A 339 -53.91 -31.13 -7.01
CA GLY A 339 -55.15 -31.81 -6.70
C GLY A 339 -56.00 -32.06 -7.94
N GLU A 340 -56.12 -31.05 -8.81
CA GLU A 340 -56.88 -31.20 -10.03
C GLU A 340 -56.19 -32.09 -11.05
N VAL A 341 -54.91 -32.42 -10.84
CA VAL A 341 -54.16 -33.25 -11.77
C VAL A 341 -54.24 -34.70 -11.33
N PHE A 342 -53.76 -34.99 -10.11
CA PHE A 342 -53.75 -36.37 -9.63
C PHE A 342 -55.16 -36.83 -9.29
N ASN A 343 -55.94 -36.00 -8.60
CA ASN A 343 -57.30 -36.37 -8.22
C ASN A 343 -58.29 -35.78 -9.24
N ALA A 344 -58.29 -36.41 -10.42
CA ALA A 344 -59.17 -36.04 -11.51
C ALA A 344 -60.06 -37.23 -11.85
N THR A 345 -61.38 -36.98 -11.89
CA THR A 345 -62.32 -38.05 -12.20
C THR A 345 -62.12 -38.59 -13.61
N ARG A 346 -61.85 -37.69 -14.56
CA ARG A 346 -61.69 -38.05 -15.97
C ARG A 346 -60.25 -37.89 -16.38
N PHE A 347 -59.76 -38.82 -17.22
CA PHE A 347 -58.40 -38.80 -17.71
C PHE A 347 -58.41 -38.88 -19.23
N ALA A 348 -57.40 -38.27 -19.85
CA ALA A 348 -57.31 -38.24 -21.29
C ALA A 348 -56.98 -39.62 -21.85
N SER A 349 -57.30 -39.81 -23.13
CA SER A 349 -57.06 -41.07 -23.79
C SER A 349 -55.56 -41.26 -24.07
N VAL A 350 -55.20 -42.48 -24.50
CA VAL A 350 -53.81 -42.78 -24.78
C VAL A 350 -53.28 -41.90 -25.92
N TYR A 351 -54.06 -41.75 -26.99
CA TYR A 351 -53.64 -40.90 -28.10
C TYR A 351 -53.73 -39.43 -27.77
N ALA A 352 -54.54 -39.05 -26.77
CA ALA A 352 -54.70 -37.66 -26.36
C ALA A 352 -53.94 -37.37 -25.07
N TRP A 353 -52.75 -37.94 -24.92
CA TRP A 353 -51.93 -37.74 -23.73
C TRP A 353 -51.95 -36.28 -23.28
N ASN A 354 -52.34 -36.06 -22.03
CA ASN A 354 -52.58 -34.71 -21.55
C ASN A 354 -51.26 -34.07 -21.14
N ARG A 355 -50.96 -32.92 -21.73
CA ARG A 355 -49.74 -32.17 -21.46
C ARG A 355 -50.09 -30.87 -20.77
N LYS A 356 -49.43 -30.59 -19.64
CA LYS A 356 -49.69 -29.39 -18.85
C LYS A 356 -48.37 -28.75 -18.46
N ARG A 357 -48.41 -27.44 -18.24
CA ARG A 357 -47.25 -26.65 -17.84
C ARG A 357 -47.39 -26.26 -16.38
N ILE A 358 -46.34 -26.52 -15.60
CA ILE A 358 -46.30 -26.24 -14.17
C ILE A 358 -45.17 -25.26 -13.90
N SER A 359 -45.48 -24.20 -13.16
CA SER A 359 -44.49 -23.18 -12.80
C SER A 359 -45.11 -22.28 -11.74
N ASN A 360 -44.31 -21.33 -11.25
CA ASN A 360 -44.76 -20.34 -10.27
C ASN A 360 -45.35 -21.01 -9.03
N CYS A 361 -44.66 -22.04 -8.55
CA CYS A 361 -45.05 -22.72 -7.32
C CYS A 361 -43.87 -23.54 -6.82
N VAL A 362 -44.08 -24.25 -5.71
CA VAL A 362 -43.05 -25.06 -5.08
C VAL A 362 -43.47 -26.52 -5.20
N ALA A 363 -42.57 -27.35 -5.73
CA ALA A 363 -42.84 -28.78 -5.92
C ALA A 363 -42.67 -29.49 -4.59
N ASP A 364 -43.77 -29.66 -3.86
CA ASP A 364 -43.76 -30.33 -2.57
C ASP A 364 -43.86 -31.85 -2.80
N TYR A 365 -42.81 -32.38 -3.43
CA TYR A 365 -42.76 -33.81 -3.73
C TYR A 365 -42.65 -34.66 -2.47
N SER A 366 -42.24 -34.07 -1.34
CA SER A 366 -42.03 -34.85 -0.13
C SER A 366 -43.33 -35.50 0.34
N VAL A 367 -44.44 -34.77 0.31
CA VAL A 367 -45.70 -35.31 0.81
C VAL A 367 -46.14 -36.51 -0.02
N LEU A 368 -45.92 -36.46 -1.33
CA LEU A 368 -46.35 -37.53 -2.23
C LEU A 368 -45.27 -38.57 -2.48
N TYR A 369 -44.00 -38.16 -2.48
CA TYR A 369 -42.93 -39.12 -2.80
C TYR A 369 -42.85 -40.21 -1.74
N ASN A 370 -42.93 -39.85 -0.46
CA ASN A 370 -42.83 -40.83 0.61
C ASN A 370 -44.14 -41.56 0.86
N SER A 371 -45.27 -41.04 0.34
CA SER A 371 -46.55 -41.71 0.54
C SER A 371 -46.62 -43.06 -0.14
N ALA A 372 -45.78 -43.30 -1.14
CA ALA A 372 -45.78 -44.58 -1.87
C ALA A 372 -47.16 -44.88 -2.44
N SER A 373 -47.85 -43.83 -2.91
CA SER A 373 -49.18 -44.01 -3.49
C SER A 373 -49.13 -44.67 -4.87
N PHE A 374 -47.95 -44.81 -5.46
CA PHE A 374 -47.80 -45.41 -6.78
C PHE A 374 -46.68 -46.45 -6.73
N SER A 375 -46.73 -47.40 -7.67
CA SER A 375 -45.82 -48.53 -7.66
C SER A 375 -44.48 -48.24 -8.33
N THR A 376 -44.34 -47.10 -9.02
CA THR A 376 -43.10 -46.79 -9.70
C THR A 376 -42.86 -45.29 -9.65
N PHE A 377 -41.71 -44.89 -9.11
CA PHE A 377 -41.30 -43.49 -8.98
C PHE A 377 -39.94 -43.27 -9.61
N LYS A 378 -39.76 -43.77 -10.84
CA LYS A 378 -38.44 -43.75 -11.44
C LYS A 378 -38.04 -42.34 -11.82
N CYS A 379 -36.73 -42.12 -11.93
CA CYS A 379 -36.19 -40.84 -12.36
C CYS A 379 -34.95 -41.09 -13.22
N TYR A 380 -34.92 -40.48 -14.40
CA TYR A 380 -33.86 -40.69 -15.37
C TYR A 380 -33.03 -39.41 -15.47
N GLY A 381 -31.74 -39.53 -15.18
CA GLY A 381 -30.81 -38.42 -15.30
C GLY A 381 -30.72 -37.51 -14.10
N VAL A 382 -31.68 -37.59 -13.17
CA VAL A 382 -31.69 -36.77 -11.97
C VAL A 382 -31.98 -37.66 -10.78
N SER A 383 -31.15 -37.56 -9.75
CA SER A 383 -31.37 -38.34 -8.54
C SER A 383 -32.47 -37.70 -7.69
N PRO A 384 -33.20 -38.50 -6.91
CA PRO A 384 -34.24 -37.92 -6.05
C PRO A 384 -33.72 -36.88 -5.08
N THR A 385 -32.51 -37.07 -4.55
CA THR A 385 -31.95 -36.11 -3.60
C THR A 385 -31.43 -34.85 -4.27
N LYS A 386 -30.89 -34.97 -5.49
CA LYS A 386 -30.26 -33.84 -6.13
C LYS A 386 -31.26 -32.77 -6.57
N LEU A 387 -32.54 -33.13 -6.71
CA LEU A 387 -33.53 -32.14 -7.16
C LEU A 387 -33.63 -30.98 -6.19
N ASN A 388 -33.39 -31.22 -4.90
CA ASN A 388 -33.44 -30.13 -3.92
C ASN A 388 -32.38 -29.08 -4.22
N ASP A 389 -31.17 -29.51 -4.54
CA ASP A 389 -30.06 -28.60 -4.86
C ASP A 389 -29.99 -28.32 -6.36
N LEU A 390 -31.11 -27.88 -6.93
CA LEU A 390 -31.18 -27.58 -8.35
C LEU A 390 -32.46 -26.81 -8.63
N CYS A 391 -32.36 -25.78 -9.46
CA CYS A 391 -33.47 -24.91 -9.78
C CYS A 391 -33.86 -25.07 -11.26
N PHE A 392 -35.16 -24.94 -11.52
CA PHE A 392 -35.69 -25.08 -12.87
C PHE A 392 -36.73 -24.00 -13.11
N THR A 393 -36.94 -23.66 -14.38
CA THR A 393 -37.87 -22.59 -14.74
C THR A 393 -39.29 -23.10 -14.95
N ASN A 394 -39.46 -24.28 -15.55
CA ASN A 394 -40.78 -24.80 -15.83
C ASN A 394 -40.74 -26.31 -15.86
N VAL A 395 -41.91 -26.93 -15.76
CA VAL A 395 -42.07 -28.37 -15.81
C VAL A 395 -43.19 -28.71 -16.79
N TYR A 396 -42.99 -29.76 -17.56
CA TYR A 396 -44.01 -30.30 -18.45
C TYR A 396 -44.49 -31.63 -17.88
N ALA A 397 -45.78 -31.72 -17.60
CA ALA A 397 -46.39 -32.94 -17.07
C ALA A 397 -47.20 -33.59 -18.18
N ASP A 398 -46.78 -34.79 -18.59
CA ASP A 398 -47.45 -35.55 -19.63
C ASP A 398 -48.04 -36.80 -18.99
N SER A 399 -49.37 -36.84 -18.90
CA SER A 399 -50.08 -37.98 -18.32
C SER A 399 -50.70 -38.80 -19.44
N PHE A 400 -50.53 -40.11 -19.37
CA PHE A 400 -51.00 -41.01 -20.43
C PHE A 400 -51.06 -42.43 -19.87
N VAL A 401 -51.37 -43.39 -20.74
CA VAL A 401 -51.46 -44.80 -20.39
C VAL A 401 -50.65 -45.58 -21.42
N ILE A 402 -49.85 -46.53 -20.93
CA ILE A 402 -48.98 -47.33 -21.78
C ILE A 402 -49.12 -48.80 -21.39
N ARG A 403 -48.33 -49.64 -22.04
CA ARG A 403 -48.27 -51.08 -21.75
C ARG A 403 -46.85 -51.47 -21.40
N GLY A 404 -46.71 -52.36 -20.44
CA GLY A 404 -45.38 -52.74 -19.97
C GLY A 404 -44.53 -53.36 -21.06
N ASP A 405 -45.13 -54.24 -21.88
CA ASP A 405 -44.37 -54.94 -22.89
C ASP A 405 -43.70 -53.99 -23.88
N GLU A 406 -44.20 -52.76 -24.01
CA GLU A 406 -43.65 -51.80 -24.94
C GLU A 406 -42.53 -50.96 -24.34
N VAL A 407 -42.26 -51.08 -23.03
CA VAL A 407 -41.24 -50.24 -22.40
C VAL A 407 -39.90 -50.46 -23.06
N ARG A 408 -39.58 -51.71 -23.42
CA ARG A 408 -38.32 -51.99 -24.10
C ARG A 408 -38.24 -51.27 -25.44
N GLN A 409 -39.37 -51.21 -26.17
CA GLN A 409 -39.37 -50.57 -27.48
C GLN A 409 -39.01 -49.09 -27.37
N ILE A 410 -39.55 -48.40 -26.37
CA ILE A 410 -39.31 -46.97 -26.17
C ILE A 410 -38.09 -46.84 -25.29
N ALA A 411 -36.93 -46.61 -25.91
CA ALA A 411 -35.67 -46.39 -25.21
C ALA A 411 -34.93 -45.23 -25.86
N PRO A 412 -34.16 -44.47 -25.08
CA PRO A 412 -33.42 -43.35 -25.68
C PRO A 412 -32.32 -43.84 -26.62
N GLY A 413 -32.08 -43.04 -27.66
CA GLY A 413 -31.03 -43.31 -28.61
C GLY A 413 -31.30 -44.41 -29.60
N GLN A 414 -32.22 -45.33 -29.29
CA GLN A 414 -32.49 -46.43 -30.20
C GLN A 414 -33.12 -45.92 -31.50
N THR A 415 -32.68 -46.47 -32.62
CA THR A 415 -33.19 -46.12 -33.93
C THR A 415 -33.99 -47.27 -34.49
N GLY A 416 -35.22 -47.00 -34.90
CA GLY A 416 -36.08 -48.04 -35.45
C GLY A 416 -37.39 -47.44 -35.92
N LYS A 417 -38.21 -48.29 -36.53
CA LYS A 417 -39.49 -47.85 -37.04
C LYS A 417 -40.39 -47.37 -35.90
N ILE A 418 -40.44 -48.11 -34.80
CA ILE A 418 -41.30 -47.72 -33.68
C ILE A 418 -40.81 -46.42 -33.07
N ALA A 419 -39.49 -46.31 -32.85
CA ALA A 419 -38.95 -45.11 -32.21
C ALA A 419 -39.10 -43.89 -33.09
N ASP A 420 -38.90 -44.04 -34.40
CA ASP A 420 -38.83 -42.91 -35.32
C ASP A 420 -40.18 -42.57 -35.96
N TYR A 421 -41.24 -43.32 -35.65
CA TYR A 421 -42.55 -43.07 -36.25
C TYR A 421 -43.71 -43.07 -35.26
N ASN A 422 -43.51 -43.51 -34.02
CA ASN A 422 -44.58 -43.58 -33.04
C ASN A 422 -44.32 -42.69 -31.83
N TYR A 423 -43.13 -42.76 -31.24
CA TYR A 423 -42.81 -41.97 -30.06
C TYR A 423 -41.32 -41.65 -30.07
N LYS A 424 -41.00 -40.38 -29.84
CA LYS A 424 -39.62 -39.92 -29.80
C LYS A 424 -39.40 -39.05 -28.57
N LEU A 425 -38.19 -39.09 -28.04
CA LEU A 425 -37.82 -38.33 -26.86
C LEU A 425 -36.55 -37.54 -27.13
N PRO A 426 -36.36 -36.42 -26.44
CA PRO A 426 -35.15 -35.62 -26.65
C PRO A 426 -33.91 -36.34 -26.16
N ASP A 427 -32.77 -36.01 -26.78
CA ASP A 427 -31.51 -36.63 -26.39
C ASP A 427 -31.15 -36.31 -24.94
N ASP A 428 -31.54 -35.13 -24.46
CA ASP A 428 -31.27 -34.71 -23.08
C ASP A 428 -32.57 -34.83 -22.29
N PHE A 429 -32.64 -35.83 -21.41
CA PHE A 429 -33.81 -36.08 -20.59
C PHE A 429 -33.43 -35.96 -19.12
N THR A 430 -34.17 -35.14 -18.38
CA THR A 430 -33.95 -34.94 -16.96
C THR A 430 -35.26 -34.96 -16.20
N GLY A 431 -36.19 -35.81 -16.63
CA GLY A 431 -37.49 -35.90 -16.02
C GLY A 431 -37.65 -37.12 -15.13
N CYS A 432 -38.78 -37.17 -14.44
CA CYS A 432 -39.13 -38.27 -13.54
C CYS A 432 -40.44 -38.89 -14.00
N VAL A 433 -40.48 -40.22 -14.04
CA VAL A 433 -41.63 -40.98 -14.54
C VAL A 433 -42.28 -41.68 -13.36
N ILE A 434 -43.54 -41.35 -13.09
CA ILE A 434 -44.33 -41.98 -12.04
C ILE A 434 -45.38 -42.85 -12.71
N ALA A 435 -45.29 -44.15 -12.49
CA ALA A 435 -46.16 -45.11 -13.15
C ALA A 435 -46.82 -46.02 -12.13
N TRP A 436 -48.07 -46.39 -12.41
CA TRP A 436 -48.82 -47.26 -11.52
C TRP A 436 -49.84 -48.06 -12.33
N ASN A 437 -50.10 -49.28 -11.89
CA ASN A 437 -51.09 -50.12 -12.55
C ASN A 437 -52.47 -49.47 -12.47
N SER A 438 -53.23 -49.58 -13.56
CA SER A 438 -54.57 -49.00 -13.67
C SER A 438 -55.60 -50.09 -13.94
N ASN A 439 -55.40 -51.27 -13.35
CA ASN A 439 -56.35 -52.36 -13.56
C ASN A 439 -57.71 -52.06 -12.95
N ASN A 440 -57.74 -51.31 -11.84
CA ASN A 440 -59.00 -51.04 -11.18
C ASN A 440 -59.97 -50.28 -12.08
N LEU A 441 -59.47 -49.30 -12.83
CA LEU A 441 -60.31 -48.47 -13.68
C LEU A 441 -60.38 -48.98 -15.11
N ASP A 442 -59.22 -49.23 -15.73
CA ASP A 442 -59.18 -49.62 -17.14
C ASP A 442 -59.76 -51.01 -17.39
N SER A 443 -59.93 -51.83 -16.36
CA SER A 443 -60.47 -53.17 -16.50
C SER A 443 -61.91 -53.20 -16.01
N LYS A 444 -62.81 -53.73 -16.84
CA LYS A 444 -64.22 -53.81 -16.49
C LYS A 444 -64.85 -54.94 -17.28
N VAL A 445 -66.04 -55.36 -16.83
CA VAL A 445 -66.74 -56.45 -17.50
C VAL A 445 -67.09 -56.02 -18.93
N GLY A 446 -66.86 -56.93 -19.88
CA GLY A 446 -67.12 -56.67 -21.27
C GLY A 446 -65.95 -56.10 -22.04
N GLY A 447 -64.85 -55.77 -21.38
CA GLY A 447 -63.68 -55.24 -22.05
C GLY A 447 -63.82 -53.77 -22.37
N ASN A 448 -62.78 -53.24 -23.00
CA ASN A 448 -62.71 -51.84 -23.41
C ASN A 448 -62.42 -51.77 -24.90
N TYR A 449 -63.21 -50.95 -25.62
CA TYR A 449 -63.02 -50.79 -27.05
C TYR A 449 -63.17 -49.33 -27.48
N ASN A 450 -63.04 -48.38 -26.56
CA ASN A 450 -63.18 -46.96 -26.86
C ASN A 450 -61.84 -46.26 -27.04
N TYR A 451 -60.74 -47.02 -27.14
CA TYR A 451 -59.41 -46.44 -27.26
C TYR A 451 -58.94 -46.58 -28.70
N LEU A 452 -58.51 -45.46 -29.29
CA LEU A 452 -57.99 -45.42 -30.64
C LEU A 452 -56.61 -44.79 -30.62
N TYR A 453 -55.68 -45.36 -31.39
CA TYR A 453 -54.31 -44.87 -31.47
C TYR A 453 -53.95 -44.60 -32.92
N ARG A 454 -53.04 -43.64 -33.12
CA ARG A 454 -52.63 -43.21 -34.44
C ARG A 454 -51.33 -43.93 -34.82
N LEU A 455 -51.38 -44.67 -35.93
CA LEU A 455 -50.19 -45.36 -36.43
C LEU A 455 -49.37 -44.47 -37.35
N PHE A 456 -49.99 -43.49 -37.99
CA PHE A 456 -49.30 -42.57 -38.89
C PHE A 456 -49.62 -41.14 -38.49
N ARG A 457 -48.66 -40.25 -38.72
CA ARG A 457 -48.79 -38.84 -38.39
C ARG A 457 -48.38 -38.00 -39.59
N LYS A 458 -48.66 -36.69 -39.51
CA LYS A 458 -48.32 -35.80 -40.61
C LYS A 458 -46.81 -35.78 -40.84
N SER A 459 -46.02 -35.74 -39.77
CA SER A 459 -44.57 -35.73 -39.88
C SER A 459 -44.01 -35.96 -38.47
N ASN A 460 -42.68 -35.94 -38.37
CA ASN A 460 -42.04 -36.12 -37.08
C ASN A 460 -42.40 -34.97 -36.14
N LEU A 461 -42.58 -35.31 -34.87
CA LEU A 461 -42.96 -34.30 -33.88
C LEU A 461 -41.88 -33.23 -33.77
N LYS A 462 -42.30 -31.98 -33.86
CA LYS A 462 -41.36 -30.87 -33.71
C LYS A 462 -41.00 -30.69 -32.24
N PRO A 463 -39.72 -30.56 -31.90
CA PRO A 463 -39.34 -30.45 -30.48
C PRO A 463 -40.00 -29.25 -29.82
N PHE A 464 -40.44 -29.45 -28.57
CA PHE A 464 -41.04 -28.39 -27.78
C PHE A 464 -42.18 -27.71 -28.52
N GLU A 465 -43.00 -28.52 -29.20
CA GLU A 465 -44.13 -28.00 -29.94
C GLU A 465 -45.13 -29.13 -30.19
N ARG A 466 -46.42 -28.78 -30.16
CA ARG A 466 -47.49 -29.72 -30.43
C ARG A 466 -48.49 -29.07 -31.38
N ASP A 467 -49.07 -29.89 -32.26
CA ASP A 467 -50.04 -29.41 -33.25
C ASP A 467 -51.22 -30.37 -33.27
N ILE A 468 -52.43 -29.80 -33.21
CA ILE A 468 -53.67 -30.57 -33.29
C ILE A 468 -54.51 -29.98 -34.41
N SER A 469 -54.92 -30.83 -35.35
CA SER A 469 -55.71 -30.38 -36.49
C SER A 469 -56.48 -31.56 -37.04
N THR A 470 -57.48 -31.26 -37.87
CA THR A 470 -58.33 -32.27 -38.50
C THR A 470 -57.79 -32.74 -39.84
N GLU A 471 -56.63 -32.23 -40.27
CA GLU A 471 -56.06 -32.65 -41.54
C GLU A 471 -55.82 -34.15 -41.54
N ILE A 472 -56.16 -34.80 -42.66
CA ILE A 472 -56.04 -36.24 -42.81
C ILE A 472 -54.81 -36.54 -43.64
N TYR A 473 -53.92 -37.38 -43.11
CA TYR A 473 -52.72 -37.78 -43.82
C TYR A 473 -53.07 -38.82 -44.88
N GLN A 474 -52.78 -38.50 -46.14
CA GLN A 474 -53.08 -39.38 -47.26
C GLN A 474 -51.79 -39.77 -47.96
N ALA A 475 -51.62 -41.07 -48.21
CA ALA A 475 -50.44 -41.55 -48.90
C ALA A 475 -50.41 -41.02 -50.34
N GLY A 476 -49.22 -40.65 -50.80
CA GLY A 476 -49.05 -40.12 -52.14
C GLY A 476 -48.87 -41.16 -53.22
N SER A 477 -48.90 -42.44 -52.88
CA SER A 477 -48.71 -43.49 -53.88
C SER A 477 -49.99 -43.75 -54.66
N THR A 478 -51.05 -44.18 -53.96
CA THR A 478 -52.34 -44.48 -54.60
C THR A 478 -53.44 -44.24 -53.58
N PRO A 479 -53.65 -42.99 -53.18
CA PRO A 479 -54.71 -42.70 -52.20
C PRO A 479 -56.08 -43.00 -52.77
N CYS A 480 -56.99 -43.42 -51.87
CA CYS A 480 -58.36 -43.72 -52.26
C CYS A 480 -59.27 -42.49 -52.07
N ASN A 481 -59.37 -42.02 -50.83
CA ASN A 481 -60.14 -40.83 -50.44
C ASN A 481 -61.64 -41.07 -50.45
N GLY A 482 -62.11 -42.26 -50.86
CA GLY A 482 -63.52 -42.55 -50.89
C GLY A 482 -63.88 -43.91 -50.35
N VAL A 483 -62.88 -44.76 -50.13
CA VAL A 483 -63.09 -46.11 -49.63
C VAL A 483 -61.87 -46.52 -48.82
N GLU A 484 -62.10 -47.25 -47.74
CA GLU A 484 -61.03 -47.75 -46.88
C GLU A 484 -60.63 -49.17 -47.32
N GLY A 485 -60.21 -49.26 -48.57
CA GLY A 485 -59.82 -50.52 -49.17
C GLY A 485 -58.33 -50.77 -49.09
N PHE A 486 -57.83 -51.58 -50.02
CA PHE A 486 -56.41 -51.90 -50.05
C PHE A 486 -55.58 -50.66 -50.34
N ASN A 487 -54.39 -50.61 -49.74
CA ASN A 487 -53.47 -49.49 -49.88
C ASN A 487 -54.02 -48.20 -49.30
N CYS A 488 -55.04 -48.30 -48.44
CA CYS A 488 -55.64 -47.12 -47.81
C CYS A 488 -56.11 -47.53 -46.43
N TYR A 489 -55.28 -47.26 -45.42
CA TYR A 489 -55.57 -47.61 -44.04
C TYR A 489 -55.82 -46.33 -43.24
N PHE A 490 -56.88 -46.34 -42.43
CA PHE A 490 -57.21 -45.17 -41.65
C PHE A 490 -56.11 -44.88 -40.62
N PRO A 491 -55.79 -43.62 -40.36
CA PRO A 491 -54.74 -43.34 -39.35
C PRO A 491 -55.06 -43.88 -37.98
N LEU A 492 -56.34 -43.91 -37.59
CA LEU A 492 -56.74 -44.34 -36.27
C LEU A 492 -57.10 -45.82 -36.28
N GLN A 493 -56.56 -46.58 -35.33
CA GLN A 493 -56.85 -48.00 -35.18
C GLN A 493 -57.22 -48.28 -33.73
N SER A 494 -58.19 -49.18 -33.54
CA SER A 494 -58.65 -49.51 -32.21
C SER A 494 -57.60 -50.31 -31.45
N TYR A 495 -57.42 -49.97 -30.17
CA TYR A 495 -56.51 -50.68 -29.27
C TYR A 495 -57.31 -50.98 -28.00
N GLY A 496 -58.01 -52.12 -28.00
CA GLY A 496 -58.89 -52.46 -26.90
C GLY A 496 -58.23 -53.36 -25.87
N PHE A 497 -58.95 -53.58 -24.77
CA PHE A 497 -58.51 -54.45 -23.69
C PHE A 497 -59.66 -55.39 -23.32
N GLN A 498 -59.33 -56.65 -23.10
CA GLN A 498 -60.30 -57.69 -22.79
C GLN A 498 -59.84 -58.47 -21.57
N PRO A 499 -60.75 -59.09 -20.84
CA PRO A 499 -60.34 -59.88 -19.66
C PRO A 499 -59.38 -61.00 -20.00
N THR A 500 -59.47 -61.55 -21.21
CA THR A 500 -58.58 -62.67 -21.58
C THR A 500 -57.12 -62.25 -21.52
N ASN A 501 -56.83 -60.96 -21.69
CA ASN A 501 -55.44 -60.50 -21.63
C ASN A 501 -54.87 -60.75 -20.24
N GLY A 502 -53.57 -61.06 -20.20
CA GLY A 502 -52.92 -61.35 -18.95
C GLY A 502 -52.74 -60.12 -18.08
N VAL A 503 -52.39 -60.37 -16.82
CA VAL A 503 -52.19 -59.27 -15.87
C VAL A 503 -51.06 -58.36 -16.33
N GLY A 504 -49.96 -58.95 -16.80
CA GLY A 504 -48.84 -58.15 -17.27
C GLY A 504 -49.16 -57.32 -18.48
N TYR A 505 -50.17 -57.71 -19.26
CA TYR A 505 -50.59 -56.95 -20.43
C TYR A 505 -51.55 -55.81 -20.09
N GLN A 506 -51.94 -55.67 -18.82
CA GLN A 506 -52.88 -54.64 -18.45
C GLN A 506 -52.25 -53.25 -18.60
N PRO A 507 -53.06 -52.23 -18.84
CA PRO A 507 -52.49 -50.89 -19.02
C PRO A 507 -51.95 -50.31 -17.71
N TYR A 508 -51.01 -49.38 -17.87
CA TYR A 508 -50.38 -48.71 -16.73
C TYR A 508 -50.46 -47.20 -16.96
N ARG A 509 -50.94 -46.47 -15.95
CA ARG A 509 -51.01 -45.02 -16.02
C ARG A 509 -49.66 -44.43 -15.66
N VAL A 510 -49.12 -43.59 -16.54
CA VAL A 510 -47.79 -43.04 -16.39
C VAL A 510 -47.85 -41.53 -16.57
N VAL A 511 -47.24 -40.81 -15.64
CA VAL A 511 -47.10 -39.35 -15.70
C VAL A 511 -45.62 -39.03 -15.72
N VAL A 512 -45.18 -38.31 -16.74
CA VAL A 512 -43.78 -37.90 -16.89
C VAL A 512 -43.70 -36.41 -16.59
N LEU A 513 -42.96 -36.07 -15.54
CA LEU A 513 -42.71 -34.68 -15.17
C LEU A 513 -41.29 -34.35 -15.60
N SER A 514 -41.16 -33.57 -16.68
CA SER A 514 -39.88 -33.22 -17.26
C SER A 514 -39.59 -31.75 -16.96
N PHE A 515 -38.54 -31.50 -16.20
CA PHE A 515 -38.10 -30.14 -15.94
C PHE A 515 -37.36 -29.58 -17.15
N GLU A 516 -37.42 -28.25 -17.31
CA GLU A 516 -36.73 -27.59 -18.41
C GLU A 516 -35.87 -26.47 -17.87
N LEU A 517 -34.78 -26.20 -18.60
CA LEU A 517 -33.85 -25.12 -18.27
C LEU A 517 -33.78 -24.15 -19.44
N LEU A 518 -33.84 -22.86 -19.14
CA LEU A 518 -33.80 -21.82 -20.16
C LEU A 518 -32.85 -20.72 -19.72
N HIS A 519 -32.47 -19.88 -20.68
CA HIS A 519 -31.57 -18.78 -20.37
C HIS A 519 -32.17 -17.83 -19.34
N ALA A 520 -33.50 -17.76 -19.27
CA ALA A 520 -34.15 -16.91 -18.29
C ALA A 520 -33.89 -17.45 -16.88
N PRO A 521 -33.91 -16.58 -15.87
CA PRO A 521 -33.65 -17.04 -14.50
C PRO A 521 -34.68 -18.07 -14.06
N ALA A 522 -34.22 -19.05 -13.29
CA ALA A 522 -35.10 -20.10 -12.80
C ALA A 522 -36.12 -19.53 -11.83
N THR A 523 -37.32 -20.12 -11.85
CA THR A 523 -38.41 -19.70 -11.00
C THR A 523 -38.92 -20.78 -10.06
N VAL A 524 -38.57 -22.05 -10.30
CA VAL A 524 -39.00 -23.17 -9.45
C VAL A 524 -37.76 -23.82 -8.87
N CYS A 525 -37.74 -23.96 -7.54
CA CYS A 525 -36.62 -24.57 -6.83
C CYS A 525 -37.16 -25.50 -5.76
N GLY A 526 -36.36 -26.51 -5.42
CA GLY A 526 -36.73 -27.47 -4.41
C GLY A 526 -36.83 -26.84 -3.04
N PRO A 527 -37.78 -27.31 -2.23
CA PRO A 527 -37.94 -26.75 -0.88
C PRO A 527 -36.71 -27.02 -0.03
N LYS A 528 -36.42 -26.07 0.87
CA LYS A 528 -35.29 -26.15 1.76
C LYS A 528 -35.78 -26.31 3.19
N LYS A 529 -35.20 -27.27 3.92
CA LYS A 529 -35.61 -27.51 5.29
C LYS A 529 -35.31 -26.29 6.16
N SER A 530 -36.21 -26.01 7.10
CA SER A 530 -36.06 -24.92 8.04
C SER A 530 -35.84 -25.49 9.44
N THR A 531 -34.76 -25.07 10.08
CA THR A 531 -34.42 -25.58 11.40
C THR A 531 -35.28 -24.91 12.47
N ASN A 532 -35.21 -25.47 13.68
CA ASN A 532 -35.99 -24.94 14.79
C ASN A 532 -35.45 -23.56 15.20
N LEU A 533 -36.33 -22.76 15.79
CA LEU A 533 -36.00 -21.40 16.18
C LEU A 533 -35.26 -21.41 17.52
N VAL A 534 -34.21 -20.58 17.60
CA VAL A 534 -33.42 -20.42 18.81
C VAL A 534 -33.30 -18.93 19.10
N LYS A 535 -33.37 -18.57 20.38
CA LYS A 535 -33.37 -17.18 20.80
C LYS A 535 -32.29 -16.95 21.85
N ASN A 536 -31.80 -15.71 21.89
CA ASN A 536 -30.87 -15.25 22.92
C ASN A 536 -29.58 -16.07 22.96
N LYS A 537 -29.16 -16.62 21.82
CA LYS A 537 -27.95 -17.42 21.74
C LYS A 537 -27.16 -17.02 20.52
N CYS A 538 -25.84 -16.82 20.70
CA CYS A 538 -24.95 -16.55 19.58
C CYS A 538 -25.06 -17.66 18.54
N VAL A 539 -25.50 -17.33 17.33
CA VAL A 539 -25.70 -18.32 16.28
C VAL A 539 -25.61 -17.64 14.93
N ASN A 540 -25.38 -18.46 13.90
CA ASN A 540 -25.39 -17.99 12.52
C ASN A 540 -26.77 -18.22 11.92
N PHE A 541 -27.35 -17.18 11.34
CA PHE A 541 -28.71 -17.19 10.85
C PHE A 541 -28.73 -16.95 9.35
N ASN A 542 -29.45 -17.81 8.63
CA ASN A 542 -29.70 -17.67 7.20
C ASN A 542 -31.20 -17.46 7.02
N PHE A 543 -31.60 -16.19 6.87
CA PHE A 543 -33.01 -15.82 6.72
C PHE A 543 -33.25 -15.45 5.26
N ASN A 544 -33.94 -16.33 4.53
CA ASN A 544 -34.33 -16.08 3.14
C ASN A 544 -33.12 -15.71 2.30
N GLY A 545 -31.99 -16.39 2.54
CA GLY A 545 -30.78 -16.16 1.80
C GLY A 545 -29.84 -15.14 2.42
N LEU A 546 -30.33 -14.32 3.34
CA LEU A 546 -29.48 -13.34 4.03
C LEU A 546 -28.73 -14.04 5.16
N THR A 547 -27.41 -14.07 5.05
CA THR A 547 -26.56 -14.79 6.01
C THR A 547 -25.91 -13.79 6.96
N GLY A 548 -25.98 -14.09 8.25
CA GLY A 548 -25.34 -13.25 9.25
C GLY A 548 -25.05 -14.07 10.49
N THR A 549 -24.43 -13.42 11.46
CA THR A 549 -24.10 -14.06 12.74
C THR A 549 -24.38 -13.09 13.87
N GLY A 550 -24.95 -13.60 14.95
CA GLY A 550 -25.25 -12.76 16.10
C GLY A 550 -26.31 -13.42 16.98
N VAL A 551 -26.95 -12.57 17.78
CA VAL A 551 -27.98 -12.99 18.72
C VAL A 551 -29.32 -12.41 18.25
N LEU A 552 -30.31 -13.28 18.09
CA LEU A 552 -31.64 -12.86 17.68
C LEU A 552 -32.52 -12.67 18.90
N THR A 553 -33.10 -11.47 19.03
CA THR A 553 -33.94 -11.14 20.17
C THR A 553 -35.18 -10.38 19.69
N GLU A 554 -36.25 -10.48 20.46
CA GLU A 554 -37.46 -9.76 20.14
C GLU A 554 -37.18 -8.26 20.10
N SER A 555 -37.75 -7.59 19.10
CA SER A 555 -37.51 -6.16 18.89
C SER A 555 -38.85 -5.43 18.78
N ASN A 556 -38.88 -4.20 19.28
CA ASN A 556 -40.06 -3.36 19.22
C ASN A 556 -40.12 -2.53 17.94
N LYS A 557 -39.12 -2.64 17.07
CA LYS A 557 -39.12 -1.89 15.83
C LYS A 557 -40.31 -2.28 14.97
N LYS A 558 -40.87 -1.31 14.26
CA LYS A 558 -42.04 -1.52 13.41
C LYS A 558 -41.60 -1.60 11.96
N PHE A 559 -42.00 -2.67 11.28
CA PHE A 559 -41.67 -2.90 9.88
C PHE A 559 -42.91 -2.72 9.01
N LEU A 560 -42.70 -2.17 7.81
CA LEU A 560 -43.78 -2.04 6.87
C LEU A 560 -44.16 -3.42 6.32
N PRO A 561 -45.40 -3.59 5.83
CA PRO A 561 -45.81 -4.91 5.36
C PRO A 561 -44.90 -5.48 4.28
N PHE A 562 -44.43 -4.65 3.36
CA PHE A 562 -43.56 -5.13 2.28
C PHE A 562 -42.10 -5.24 2.69
N GLN A 563 -41.72 -4.63 3.81
CA GLN A 563 -40.33 -4.67 4.25
C GLN A 563 -40.00 -6.02 4.87
N GLN A 564 -38.80 -6.51 4.56
CA GLN A 564 -38.33 -7.80 5.06
C GLN A 564 -37.03 -7.71 5.85
N PHE A 565 -36.08 -6.89 5.39
CA PHE A 565 -34.77 -6.77 6.02
C PHE A 565 -34.67 -5.42 6.74
N GLY A 566 -33.55 -5.23 7.43
CA GLY A 566 -33.29 -3.99 8.12
C GLY A 566 -31.84 -3.60 7.99
N ARG A 567 -31.57 -2.32 8.20
CA ARG A 567 -30.22 -1.78 8.08
C ARG A 567 -30.08 -0.56 8.97
N ASP A 568 -28.84 -0.16 9.20
CA ASP A 568 -28.49 0.97 10.04
C ASP A 568 -27.76 2.02 9.20
N ILE A 569 -27.23 3.04 9.87
CA ILE A 569 -26.52 4.10 9.16
C ILE A 569 -25.31 3.55 8.43
N ALA A 570 -24.70 2.49 8.96
CA ALA A 570 -23.51 1.88 8.36
C ALA A 570 -23.88 0.70 7.46
N ASP A 571 -25.05 0.75 6.82
CA ASP A 571 -25.53 -0.25 5.88
C ASP A 571 -25.13 -1.67 6.30
N THR A 572 -25.37 -1.97 7.58
CA THR A 572 -25.15 -3.30 8.13
C THR A 572 -26.47 -3.84 8.65
N THR A 573 -26.69 -5.14 8.45
CA THR A 573 -27.95 -5.76 8.87
C THR A 573 -28.15 -5.56 10.36
N ASP A 574 -29.37 -5.11 10.72
CA ASP A 574 -29.72 -4.86 12.11
C ASP A 574 -31.04 -5.49 12.54
N ALA A 575 -31.97 -5.72 11.62
CA ALA A 575 -33.25 -6.32 11.96
C ALA A 575 -33.72 -7.18 10.80
N VAL A 576 -34.39 -8.28 11.14
CA VAL A 576 -34.89 -9.22 10.14
C VAL A 576 -36.32 -9.60 10.48
N ARG A 577 -37.07 -9.99 9.46
CA ARG A 577 -38.44 -10.45 9.60
C ARG A 577 -38.48 -11.96 9.34
N ASP A 578 -39.02 -12.71 10.29
CA ASP A 578 -39.07 -14.16 10.16
C ASP A 578 -40.12 -14.55 9.13
N PRO A 579 -39.77 -15.26 8.04
CA PRO A 579 -40.79 -15.60 7.05
C PRO A 579 -41.92 -16.47 7.62
N GLN A 580 -41.60 -17.38 8.53
CA GLN A 580 -42.63 -18.26 9.08
C GLN A 580 -43.70 -17.48 9.81
N THR A 581 -43.31 -16.79 10.89
CA THR A 581 -44.22 -15.98 11.68
C THR A 581 -43.78 -14.52 11.63
N LEU A 582 -44.77 -13.62 11.70
CA LEU A 582 -44.53 -12.20 11.45
C LEU A 582 -44.04 -11.53 12.73
N GLU A 583 -42.75 -11.16 12.74
CA GLU A 583 -42.19 -10.38 13.83
C GLU A 583 -40.86 -9.81 13.35
N ILE A 584 -40.27 -8.96 14.19
CA ILE A 584 -39.00 -8.30 13.90
C ILE A 584 -37.99 -8.73 14.96
N LEU A 585 -36.86 -9.26 14.51
CA LEU A 585 -35.80 -9.74 15.38
C LEU A 585 -34.53 -8.93 15.14
N ASP A 586 -33.93 -8.46 16.23
CA ASP A 586 -32.72 -7.64 16.13
C ASP A 586 -31.48 -8.53 15.99
N ILE A 587 -30.36 -7.88 15.66
CA ILE A 587 -29.08 -8.56 15.49
C ILE A 587 -28.01 -7.76 16.22
N THR A 588 -27.13 -8.45 16.93
CA THR A 588 -26.11 -7.82 17.75
C THR A 588 -24.78 -8.56 17.59
N PRO A 589 -23.66 -7.85 17.74
CA PRO A 589 -22.37 -8.55 17.84
C PRO A 589 -22.38 -9.51 19.02
N CYS A 590 -21.74 -10.67 18.81
CA CYS A 590 -21.96 -11.79 19.71
C CYS A 590 -21.50 -11.50 21.14
N SER A 591 -20.18 -11.44 21.37
CA SER A 591 -19.66 -11.09 22.69
C SER A 591 -18.41 -10.23 22.61
N PHE A 592 -17.81 -10.13 21.43
CA PHE A 592 -16.41 -9.75 21.28
C PHE A 592 -15.97 -8.62 22.20
N GLY A 593 -14.79 -8.77 22.80
CA GLY A 593 -14.20 -7.76 23.64
C GLY A 593 -12.70 -7.90 23.73
N GLY A 594 -12.14 -7.70 24.90
CA GLY A 594 -10.72 -7.89 25.12
C GLY A 594 -10.44 -8.28 26.55
N VAL A 595 -9.33 -8.99 26.75
CA VAL A 595 -8.94 -9.49 28.06
C VAL A 595 -7.71 -8.74 28.52
N SER A 596 -7.80 -8.14 29.71
CA SER A 596 -6.69 -7.43 30.33
C SER A 596 -6.36 -8.06 31.67
N VAL A 597 -5.07 -8.03 32.02
CA VAL A 597 -4.58 -8.61 33.26
C VAL A 597 -4.13 -7.47 34.17
N ILE A 598 -4.74 -7.37 35.34
CA ILE A 598 -4.40 -6.37 36.34
C ILE A 598 -3.57 -7.06 37.42
N THR A 599 -2.36 -6.55 37.64
CA THR A 599 -1.47 -7.17 38.61
C THR A 599 -0.47 -6.14 39.12
N PRO A 600 -0.13 -6.16 40.40
CA PRO A 600 0.95 -5.28 40.88
C PRO A 600 2.31 -5.80 40.46
N GLY A 601 3.38 -5.15 40.90
CA GLY A 601 4.71 -5.64 40.57
C GLY A 601 4.88 -7.08 41.03
N THR A 602 5.57 -7.87 40.21
CA THR A 602 5.80 -9.27 40.55
C THR A 602 6.56 -9.41 41.87
N ASN A 603 7.28 -8.38 42.29
CA ASN A 603 7.94 -8.43 43.59
C ASN A 603 6.92 -8.51 44.72
N THR A 604 5.84 -7.74 44.62
CA THR A 604 4.85 -7.70 45.69
C THR A 604 4.12 -9.03 45.82
N SER A 605 3.62 -9.57 44.70
CA SER A 605 2.88 -10.81 44.74
C SER A 605 2.59 -11.26 43.31
N ASN A 606 2.27 -12.54 43.17
CA ASN A 606 1.92 -13.12 41.87
C ASN A 606 0.42 -13.12 41.61
N GLN A 607 -0.40 -12.66 42.56
CA GLN A 607 -1.84 -12.64 42.36
C GLN A 607 -2.21 -11.66 41.25
N VAL A 608 -3.18 -12.04 40.43
CA VAL A 608 -3.62 -11.23 39.30
C VAL A 608 -5.14 -11.27 39.22
N ALA A 609 -5.68 -10.38 38.41
CA ALA A 609 -7.12 -10.32 38.14
C ALA A 609 -7.33 -10.14 36.64
N VAL A 610 -8.49 -10.58 36.17
CA VAL A 610 -8.82 -10.54 34.76
C VAL A 610 -9.95 -9.53 34.55
N LEU A 611 -9.92 -8.88 33.39
CA LEU A 611 -10.95 -7.90 33.03
C LEU A 611 -11.36 -8.16 31.58
N TYR A 612 -12.63 -8.51 31.39
CA TYR A 612 -13.20 -8.70 30.06
C TYR A 612 -14.00 -7.46 29.68
N GLN A 613 -13.67 -6.86 28.54
CA GLN A 613 -14.26 -5.59 28.16
C GLN A 613 -15.74 -5.75 27.81
N ASP A 614 -16.55 -4.82 28.30
CA ASP A 614 -17.96 -4.65 27.91
C ASP A 614 -18.67 -6.00 27.70
N VAL A 615 -18.68 -6.79 28.77
CA VAL A 615 -19.42 -8.05 28.78
C VAL A 615 -19.96 -8.29 30.18
N ASN A 616 -21.19 -8.77 30.26
CA ASN A 616 -21.78 -9.10 31.54
C ASN A 616 -21.06 -10.30 32.16
N CYS A 617 -21.11 -10.39 33.48
CA CYS A 617 -20.46 -11.47 34.19
C CYS A 617 -21.32 -12.72 34.19
N THR A 618 -21.71 -13.18 33.00
CA THR A 618 -22.45 -14.43 32.86
C THR A 618 -21.93 -15.21 31.65
N GLU A 619 -21.49 -14.48 30.62
CA GLU A 619 -20.97 -15.11 29.40
C GLU A 619 -19.47 -15.35 29.44
N VAL A 620 -18.76 -14.83 30.44
CA VAL A 620 -17.31 -15.04 30.50
C VAL A 620 -16.97 -16.52 30.59
N PRO A 621 -17.65 -17.36 31.37
CA PRO A 621 -17.24 -18.77 31.45
C PRO A 621 -17.40 -19.52 30.14
N VAL A 622 -18.25 -19.04 29.22
CA VAL A 622 -18.53 -19.72 27.97
C VAL A 622 -17.76 -19.12 26.80
N ALA A 623 -17.06 -18.00 26.99
CA ALA A 623 -16.28 -17.40 25.93
C ALA A 623 -15.03 -18.22 25.67
N ILE A 624 -15.20 -19.32 24.93
CA ILE A 624 -14.14 -20.30 24.63
C ILE A 624 -13.18 -20.58 25.80
N HIS A 625 -13.71 -20.56 27.01
CA HIS A 625 -12.96 -20.89 28.21
C HIS A 625 -13.22 -22.34 28.59
N ALA A 626 -12.76 -22.74 29.77
CA ALA A 626 -12.92 -24.09 30.29
C ALA A 626 -12.14 -25.12 29.48
N ASP A 627 -11.17 -24.67 28.67
CA ASP A 627 -10.32 -25.57 27.90
C ASP A 627 -8.85 -25.29 28.15
N GLN A 628 -8.53 -24.50 29.17
CA GLN A 628 -7.17 -24.15 29.54
C GLN A 628 -6.81 -24.85 30.85
N LEU A 629 -5.63 -24.53 31.38
CA LEU A 629 -5.19 -25.09 32.65
C LEU A 629 -6.25 -24.89 33.72
N THR A 630 -6.76 -26.00 34.25
CA THR A 630 -7.85 -25.92 35.21
C THR A 630 -7.51 -25.14 36.46
N PRO A 631 -6.36 -25.35 37.12
CA PRO A 631 -6.14 -24.68 38.41
C PRO A 631 -6.05 -23.16 38.33
N THR A 632 -5.75 -22.60 37.16
CA THR A 632 -5.53 -21.17 37.03
C THR A 632 -6.58 -20.49 36.16
N TRP A 633 -6.76 -20.93 34.91
CA TRP A 633 -7.69 -20.24 34.02
C TRP A 633 -9.14 -20.54 34.38
N ARG A 634 -9.44 -21.81 34.68
CA ARG A 634 -10.82 -22.18 34.98
C ARG A 634 -11.29 -21.60 36.30
N VAL A 635 -10.37 -21.17 37.17
CA VAL A 635 -10.76 -20.51 38.41
C VAL A 635 -10.83 -19.00 38.24
N TYR A 636 -10.02 -18.43 37.34
CA TYR A 636 -10.08 -17.01 37.05
C TYR A 636 -11.20 -16.64 36.09
N SER A 637 -11.80 -17.62 35.41
CA SER A 637 -12.91 -17.37 34.49
C SER A 637 -14.27 -17.43 35.17
N THR A 638 -14.32 -17.72 36.47
CA THR A 638 -15.57 -17.81 37.21
C THR A 638 -15.23 -17.78 38.69
N GLY A 639 -16.21 -18.04 39.53
CA GLY A 639 -16.03 -18.07 40.97
C GLY A 639 -16.52 -16.81 41.64
N SER A 640 -16.05 -16.61 42.87
CA SER A 640 -16.44 -15.46 43.67
C SER A 640 -15.60 -14.25 43.24
N ASN A 641 -15.73 -13.15 43.98
CA ASN A 641 -15.00 -11.92 43.68
C ASN A 641 -15.26 -11.46 42.25
N VAL A 642 -16.53 -11.53 41.83
CA VAL A 642 -16.95 -11.14 40.49
C VAL A 642 -17.62 -9.78 40.57
N PHE A 643 -17.18 -8.84 39.74
CA PHE A 643 -17.70 -7.48 39.73
C PHE A 643 -18.09 -7.09 38.31
N GLN A 644 -19.15 -6.30 38.20
CA GLN A 644 -19.66 -5.83 36.92
C GLN A 644 -19.57 -4.30 36.88
N THR A 645 -18.54 -3.78 36.23
CA THR A 645 -18.33 -2.35 36.10
C THR A 645 -18.67 -1.92 34.68
N ARG A 646 -18.77 -0.60 34.49
CA ARG A 646 -19.08 -0.07 33.17
C ARG A 646 -18.05 -0.50 32.14
N ALA A 647 -16.79 -0.67 32.55
CA ALA A 647 -15.78 -1.17 31.64
C ALA A 647 -16.09 -2.59 31.18
N GLY A 648 -16.58 -3.42 32.09
CA GLY A 648 -16.92 -4.79 31.75
C GLY A 648 -17.06 -5.70 32.95
N CYS A 649 -16.42 -6.87 32.90
CA CYS A 649 -16.49 -7.86 33.96
C CYS A 649 -15.10 -8.03 34.56
N LEU A 650 -14.98 -7.83 35.87
CA LEU A 650 -13.71 -7.94 36.57
C LEU A 650 -13.79 -9.14 37.51
N ILE A 651 -12.85 -10.07 37.34
CA ILE A 651 -12.79 -11.29 38.13
C ILE A 651 -11.46 -11.32 38.88
N GLY A 652 -11.53 -11.68 40.17
CA GLY A 652 -10.36 -11.73 41.02
C GLY A 652 -10.17 -10.52 41.91
N ALA A 653 -11.11 -9.57 41.91
CA ALA A 653 -11.03 -8.38 42.74
C ALA A 653 -12.29 -8.27 43.58
N GLU A 654 -12.14 -7.69 44.77
CA GLU A 654 -13.24 -7.53 45.72
C GLU A 654 -13.64 -6.06 45.73
N HIS A 655 -14.92 -5.80 45.47
CA HIS A 655 -15.43 -4.43 45.51
C HIS A 655 -15.41 -3.90 46.94
N VAL A 656 -15.00 -2.65 47.10
CA VAL A 656 -14.91 -2.01 48.41
C VAL A 656 -15.69 -0.70 48.36
N ASN A 657 -16.52 -0.47 49.38
CA ASN A 657 -17.26 0.78 49.46
C ASN A 657 -16.32 1.96 49.62
N ASN A 658 -15.26 1.80 50.41
CA ASN A 658 -14.33 2.88 50.64
C ASN A 658 -13.60 3.25 49.35
N SER A 659 -13.20 4.52 49.26
CA SER A 659 -12.51 5.05 48.10
C SER A 659 -11.13 5.54 48.50
N TYR A 660 -10.13 5.22 47.68
CA TYR A 660 -8.74 5.62 47.91
C TYR A 660 -8.19 6.24 46.63
N GLU A 661 -6.92 6.62 46.68
CA GLU A 661 -6.26 7.15 45.50
C GLU A 661 -6.09 6.05 44.46
N CYS A 662 -6.32 6.40 43.20
CA CYS A 662 -6.24 5.42 42.12
C CYS A 662 -4.82 4.88 42.01
N ASP A 663 -4.70 3.56 41.87
CA ASP A 663 -3.42 2.89 41.70
C ASP A 663 -3.25 2.28 40.32
N ILE A 664 -4.19 1.43 39.91
CA ILE A 664 -4.20 0.84 38.58
C ILE A 664 -5.51 1.25 37.92
N PRO A 665 -5.49 2.05 36.84
CA PRO A 665 -6.74 2.55 36.28
C PRO A 665 -7.46 1.51 35.44
N ILE A 666 -8.54 0.94 36.01
CA ILE A 666 -9.39 0.04 35.24
C ILE A 666 -10.23 0.83 34.25
N GLY A 667 -10.83 1.93 34.69
CA GLY A 667 -11.65 2.77 33.86
C GLY A 667 -13.03 3.01 34.46
N ALA A 668 -13.72 3.97 33.85
CA ALA A 668 -15.06 4.37 34.30
C ALA A 668 -15.07 4.76 35.77
N GLY A 669 -14.00 5.39 36.22
CA GLY A 669 -13.88 5.78 37.62
C GLY A 669 -13.55 4.66 38.57
N ILE A 670 -13.15 3.50 38.06
CA ILE A 670 -12.82 2.34 38.89
C ILE A 670 -11.32 2.06 38.73
N CYS A 671 -10.65 1.85 39.87
CA CYS A 671 -9.22 1.56 39.91
C CYS A 671 -8.98 0.39 40.86
N ALA A 672 -7.95 -0.39 40.55
CA ALA A 672 -7.59 -1.56 41.33
C ALA A 672 -6.30 -1.32 42.09
N SER A 673 -6.25 -1.83 43.33
CA SER A 673 -5.07 -1.71 44.16
C SER A 673 -4.87 -3.01 44.92
N TYR A 674 -3.61 -3.27 45.29
CA TYR A 674 -3.27 -4.50 46.00
C TYR A 674 -3.38 -4.35 47.51
N GLN A 675 -3.08 -3.17 48.05
CA GLN A 675 -3.13 -2.97 49.49
C GLN A 675 -4.57 -2.98 49.98
N THR A 676 -4.74 -3.33 51.24
CA THR A 676 -6.06 -3.38 51.87
C THR A 676 -6.11 -2.47 53.09
N SER A 689 -5.02 -11.14 54.83
CA SER A 689 -6.04 -11.32 53.80
C SER A 689 -5.82 -10.35 52.64
N GLN A 690 -4.56 -9.99 52.40
CA GLN A 690 -4.24 -9.06 51.33
C GLN A 690 -4.63 -9.66 49.98
N SER A 691 -5.23 -8.83 49.14
CA SER A 691 -5.68 -9.26 47.82
C SER A 691 -5.92 -8.01 46.96
N ILE A 692 -6.38 -8.22 45.74
CA ILE A 692 -6.66 -7.14 44.81
C ILE A 692 -8.09 -6.64 45.05
N ILE A 693 -8.23 -5.33 45.19
CA ILE A 693 -9.53 -4.71 45.46
C ILE A 693 -9.76 -3.61 44.42
N ALA A 694 -10.96 -3.60 43.83
CA ALA A 694 -11.37 -2.57 42.89
C ALA A 694 -12.32 -1.60 43.59
N TYR A 695 -12.11 -0.31 43.38
CA TYR A 695 -12.85 0.70 44.10
C TYR A 695 -12.96 1.96 43.24
N THR A 696 -13.93 2.80 43.58
CA THR A 696 -14.07 4.08 42.91
C THR A 696 -12.96 5.02 43.38
N MET A 697 -12.24 5.59 42.42
CA MET A 697 -11.11 6.45 42.76
C MET A 697 -11.58 7.69 43.52
N SER A 698 -10.79 8.08 44.53
CA SER A 698 -11.07 9.27 45.33
C SER A 698 -10.27 10.42 44.74
N LEU A 699 -10.96 11.39 44.16
CA LEU A 699 -10.31 12.55 43.53
C LEU A 699 -9.89 13.54 44.61
N GLY A 700 -8.87 13.15 45.36
CA GLY A 700 -8.34 13.98 46.42
C GLY A 700 -9.12 13.85 47.71
N ALA A 701 -8.69 14.62 48.69
CA ALA A 701 -9.30 14.63 50.02
C ALA A 701 -10.16 15.87 50.17
N GLU A 702 -11.39 15.69 50.65
CA GLU A 702 -12.31 16.81 50.82
C GLU A 702 -11.72 17.83 51.78
N ASN A 703 -11.82 19.10 51.41
CA ASN A 703 -11.32 20.20 52.22
C ASN A 703 -12.37 21.30 52.28
N SER A 704 -12.51 21.91 53.46
CA SER A 704 -13.46 22.99 53.69
C SER A 704 -12.70 24.20 54.20
N VAL A 705 -12.51 25.19 53.34
CA VAL A 705 -11.80 26.41 53.73
C VAL A 705 -12.73 27.29 54.55
N ALA A 706 -12.26 27.71 55.72
CA ALA A 706 -13.04 28.59 56.58
C ALA A 706 -13.07 30.00 56.01
N TYR A 707 -14.05 30.26 55.13
CA TYR A 707 -14.14 31.53 54.43
C TYR A 707 -15.17 32.43 55.10
N SER A 708 -14.79 33.68 55.33
CA SER A 708 -15.71 34.69 55.82
C SER A 708 -15.25 36.04 55.30
N ASN A 709 -16.16 37.01 55.30
CA ASN A 709 -15.89 38.31 54.69
C ASN A 709 -14.87 39.13 55.47
N ASN A 710 -14.50 38.71 56.68
CA ASN A 710 -13.55 39.44 57.50
C ASN A 710 -12.54 38.50 58.14
N SER A 711 -12.11 37.48 57.39
CA SER A 711 -11.11 36.53 57.86
C SER A 711 -10.08 36.30 56.76
N ILE A 712 -8.80 36.27 57.14
CA ILE A 712 -7.71 36.04 56.21
C ILE A 712 -6.71 35.10 56.86
N ALA A 713 -5.84 34.53 56.02
CA ALA A 713 -4.77 33.65 56.46
C ALA A 713 -3.46 34.16 55.89
N ILE A 714 -2.63 34.76 56.73
CA ILE A 714 -1.33 35.28 56.33
C ILE A 714 -0.27 34.30 56.79
N PRO A 715 0.49 33.66 55.88
CA PRO A 715 1.47 32.67 56.32
C PRO A 715 2.55 33.30 57.19
N THR A 716 3.04 32.50 58.14
CA THR A 716 4.10 32.93 59.06
C THR A 716 5.39 32.18 58.85
N ASN A 717 5.39 31.09 58.07
CA ASN A 717 6.58 30.31 57.81
C ASN A 717 6.56 29.88 56.34
N PHE A 718 7.75 29.59 55.82
CA PHE A 718 7.90 29.24 54.41
C PHE A 718 8.86 28.08 54.28
N THR A 719 8.90 27.51 53.08
CA THR A 719 9.80 26.41 52.75
C THR A 719 10.29 26.57 51.33
N ILE A 720 11.46 26.00 51.05
CA ILE A 720 12.05 25.99 49.72
C ILE A 720 12.02 24.55 49.23
N SER A 721 11.30 24.32 48.13
CA SER A 721 11.13 22.98 47.58
C SER A 721 11.77 22.92 46.21
N VAL A 722 12.57 21.88 45.96
CA VAL A 722 13.22 21.66 44.68
C VAL A 722 12.49 20.51 44.00
N THR A 723 11.85 20.81 42.87
CA THR A 723 11.07 19.84 42.11
C THR A 723 11.79 19.49 40.82
N THR A 724 11.84 18.19 40.51
CA THR A 724 12.52 17.70 39.33
C THR A 724 11.54 17.53 38.18
N GLU A 725 11.90 18.08 37.02
CA GLU A 725 11.07 17.98 35.82
C GLU A 725 11.93 17.42 34.69
N ILE A 726 11.48 16.33 34.09
CA ILE A 726 12.21 15.66 33.01
C ILE A 726 11.56 16.05 31.68
N LEU A 727 12.39 16.37 30.69
CA LEU A 727 11.88 16.76 29.38
C LEU A 727 12.75 16.16 28.27
N PRO A 728 12.20 15.30 27.42
CA PRO A 728 12.98 14.84 26.26
C PRO A 728 13.36 16.02 25.37
N VAL A 729 14.57 15.95 24.81
CA VAL A 729 15.10 17.05 24.01
C VAL A 729 15.38 16.55 22.60
N SER A 730 15.65 15.26 22.45
CA SER A 730 15.98 14.69 21.16
C SER A 730 15.69 13.20 21.20
N MET A 731 15.70 12.59 20.01
CA MET A 731 15.52 11.16 19.86
C MET A 731 16.66 10.60 19.03
N THR A 732 16.82 9.27 19.09
CA THR A 732 17.88 8.63 18.31
C THR A 732 17.70 8.96 16.84
N LYS A 733 18.79 9.37 16.20
CA LYS A 733 18.77 9.82 14.80
C LYS A 733 19.36 8.69 13.95
N THR A 734 18.48 7.83 13.45
CA THR A 734 18.88 6.69 12.64
C THR A 734 18.56 6.95 11.16
N SER A 735 19.35 6.30 10.30
CA SER A 735 19.16 6.37 8.87
C SER A 735 19.04 4.96 8.32
N VAL A 736 18.18 4.78 7.32
CA VAL A 736 17.91 3.50 6.71
C VAL A 736 18.19 3.61 5.21
N ASP A 737 19.01 2.71 4.69
CA ASP A 737 19.26 2.65 3.26
C ASP A 737 18.11 1.91 2.60
N CYS A 738 17.29 2.65 1.85
CA CYS A 738 16.08 2.06 1.28
C CYS A 738 16.41 0.90 0.35
N THR A 739 17.43 1.07 -0.49
CA THR A 739 17.78 0.01 -1.44
C THR A 739 18.21 -1.26 -0.70
N MET A 740 19.05 -1.11 0.33
CA MET A 740 19.52 -2.28 1.07
C MET A 740 18.38 -2.99 1.78
N TYR A 741 17.51 -2.22 2.45
CA TYR A 741 16.43 -2.83 3.22
C TYR A 741 15.47 -3.59 2.31
N ILE A 742 15.00 -2.94 1.24
CA ILE A 742 14.06 -3.59 0.33
C ILE A 742 14.73 -4.75 -0.39
N CYS A 743 15.94 -4.54 -0.88
CA CYS A 743 16.67 -5.54 -1.64
C CYS A 743 18.05 -5.73 -1.04
N GLY A 744 18.43 -6.99 -0.81
CA GLY A 744 19.75 -7.30 -0.30
C GLY A 744 20.72 -7.71 -1.38
N ASP A 745 21.56 -6.77 -1.81
CA ASP A 745 22.58 -7.00 -2.84
C ASP A 745 22.03 -7.87 -3.97
N SER A 746 20.88 -7.48 -4.50
CA SER A 746 20.21 -8.18 -5.59
C SER A 746 20.01 -7.21 -6.74
N THR A 747 20.71 -7.45 -7.86
CA THR A 747 20.59 -6.56 -9.01
C THR A 747 19.18 -6.55 -9.57
N GLU A 748 18.57 -7.74 -9.70
CA GLU A 748 17.21 -7.81 -10.23
C GLU A 748 16.23 -7.08 -9.32
N CYS A 749 16.33 -7.34 -8.01
CA CYS A 749 15.46 -6.65 -7.07
C CYS A 749 15.72 -5.15 -7.08
N SER A 750 16.99 -4.77 -7.20
CA SER A 750 17.32 -3.34 -7.25
C SER A 750 16.67 -2.68 -8.46
N ASN A 751 16.74 -3.32 -9.62
CA ASN A 751 16.10 -2.76 -10.81
C ASN A 751 14.59 -2.70 -10.65
N LEU A 752 13.99 -3.75 -10.10
CA LEU A 752 12.54 -3.76 -9.90
C LEU A 752 12.11 -2.63 -8.97
N LEU A 753 12.87 -2.41 -7.89
CA LEU A 753 12.58 -1.30 -6.99
C LEU A 753 12.77 0.03 -7.70
N LEU A 754 13.80 0.14 -8.55
CA LEU A 754 14.01 1.38 -9.30
C LEU A 754 12.81 1.68 -10.19
N GLN A 755 12.20 0.65 -10.78
CA GLN A 755 11.03 0.87 -11.62
C GLN A 755 9.88 1.49 -10.86
N TYR A 756 9.80 1.25 -9.54
CA TYR A 756 8.68 1.78 -8.76
C TYR A 756 8.67 3.31 -8.77
N GLY A 757 9.83 3.94 -8.60
CA GLY A 757 9.91 5.38 -8.60
C GLY A 757 10.92 5.93 -7.62
N SER A 758 10.64 7.11 -7.06
CA SER A 758 11.55 7.81 -6.17
C SER A 758 11.14 7.68 -4.70
N PHE A 759 10.55 6.55 -4.31
CA PHE A 759 10.17 6.36 -2.91
C PHE A 759 11.39 6.36 -2.01
N CYS A 760 12.47 5.71 -2.44
CA CYS A 760 13.67 5.64 -1.62
C CYS A 760 14.24 7.02 -1.35
N THR A 761 14.27 7.88 -2.37
CA THR A 761 14.80 9.22 -2.18
C THR A 761 13.95 10.00 -1.19
N GLN A 762 12.62 9.88 -1.30
CA GLN A 762 11.75 10.59 -0.36
C GLN A 762 11.96 10.10 1.07
N LEU A 763 12.07 8.79 1.25
CA LEU A 763 12.28 8.24 2.58
C LEU A 763 13.61 8.70 3.17
N ASN A 764 14.67 8.68 2.35
CA ASN A 764 15.97 9.14 2.82
C ASN A 764 15.94 10.61 3.18
N ARG A 765 15.27 11.43 2.36
CA ARG A 765 15.16 12.84 2.66
C ARG A 765 14.41 13.07 3.96
N ALA A 766 13.33 12.32 4.18
CA ALA A 766 12.57 12.46 5.43
C ALA A 766 13.43 12.09 6.63
N LEU A 767 14.17 10.99 6.52
CA LEU A 767 15.02 10.58 7.64
C LEU A 767 16.12 11.60 7.92
N THR A 768 16.73 12.14 6.87
CA THR A 768 17.74 13.18 7.05
C THR A 768 17.15 14.42 7.68
N GLY A 769 15.95 14.81 7.26
CA GLY A 769 15.28 15.95 7.87
C GLY A 769 14.99 15.72 9.34
N ILE A 770 14.56 14.50 9.70
CA ILE A 770 14.31 14.18 11.10
C ILE A 770 15.60 14.27 11.91
N ALA A 771 16.69 13.74 11.38
CA ALA A 771 17.97 13.82 12.08
C ALA A 771 18.41 15.27 12.27
N VAL A 772 18.28 16.08 11.23
CA VAL A 772 18.63 17.50 11.34
C VAL A 772 17.72 18.19 12.34
N GLU A 773 16.46 17.76 12.42
CA GLU A 773 15.53 18.34 13.38
C GLU A 773 15.98 18.03 14.80
N GLN A 774 16.42 16.80 15.06
CA GLN A 774 16.95 16.49 16.39
C GLN A 774 18.19 17.33 16.68
N ASP A 775 19.07 17.48 15.69
CA ASP A 775 20.26 18.30 15.87
C ASP A 775 19.88 19.73 16.25
N LYS A 776 18.94 20.32 15.52
CA LYS A 776 18.50 21.68 15.79
C LYS A 776 17.82 21.78 17.15
N ASN A 777 17.04 20.78 17.54
CA ASN A 777 16.41 20.78 18.85
C ASN A 777 17.45 20.82 19.96
N THR A 778 18.48 19.97 19.85
CA THR A 778 19.53 19.96 20.84
C THR A 778 20.25 21.31 20.88
N GLN A 779 20.58 21.86 19.70
CA GLN A 779 21.27 23.14 19.65
C GLN A 779 20.44 24.23 20.31
N GLU A 780 19.15 24.30 19.98
CA GLU A 780 18.29 25.35 20.54
C GLU A 780 18.15 25.18 22.05
N VAL A 781 18.00 23.95 22.53
CA VAL A 781 17.79 23.73 23.96
C VAL A 781 19.05 24.10 24.74
N PHE A 782 20.22 23.67 24.27
CA PHE A 782 21.44 23.83 25.05
C PHE A 782 22.29 25.01 24.61
N ALA A 783 22.42 25.27 23.31
CA ALA A 783 23.26 26.37 22.82
C ALA A 783 22.47 27.68 22.91
N GLN A 784 22.33 28.16 24.15
CA GLN A 784 21.62 29.40 24.43
C GLN A 784 22.51 30.46 25.04
N VAL A 785 23.76 30.14 25.35
CA VAL A 785 24.71 31.09 25.95
C VAL A 785 25.89 31.24 25.00
N LYS A 786 26.21 32.48 24.65
CA LYS A 786 27.31 32.73 23.72
C LYS A 786 28.66 32.43 24.36
N GLN A 787 28.83 32.82 25.64
CA GLN A 787 30.09 32.63 26.33
C GLN A 787 30.02 31.38 27.22
N ILE A 788 31.14 31.06 27.86
CA ILE A 788 31.24 29.94 28.79
C ILE A 788 31.70 30.51 30.13
N TYR A 789 30.93 30.25 31.18
CA TYR A 789 31.22 30.75 32.52
C TYR A 789 31.61 29.59 33.43
N LYS A 790 32.52 29.87 34.36
CA LYS A 790 32.96 28.90 35.35
C LYS A 790 32.99 29.55 36.72
N THR A 791 32.56 28.80 37.73
CA THR A 791 32.55 29.31 39.08
C THR A 791 33.97 29.48 39.60
N PRO A 792 34.18 30.40 40.56
CA PRO A 792 35.52 30.61 41.10
C PRO A 792 36.00 29.40 41.86
N PRO A 793 37.32 29.22 42.01
CA PRO A 793 37.82 28.03 42.71
C PRO A 793 37.25 27.89 44.12
N ILE A 794 37.08 29.01 44.83
CA ILE A 794 36.54 28.99 46.19
C ILE A 794 35.02 29.16 46.09
N LYS A 795 34.30 28.26 46.76
CA LYS A 795 32.83 28.27 46.75
C LYS A 795 32.34 28.88 48.05
N ASP A 796 32.03 30.19 48.00
CA ASP A 796 31.49 30.93 49.15
C ASP A 796 30.24 31.66 48.68
N PHE A 797 29.11 30.97 48.74
CA PHE A 797 27.83 31.51 48.30
C PHE A 797 26.90 31.78 49.48
N GLY A 798 27.46 32.23 50.60
CA GLY A 798 26.66 32.52 51.78
C GLY A 798 25.96 31.30 52.35
N GLY A 799 26.65 30.17 52.40
CA GLY A 799 26.09 28.95 52.96
C GLY A 799 25.38 28.06 51.97
N PHE A 800 25.19 28.51 50.73
CA PHE A 800 24.54 27.68 49.72
C PHE A 800 25.52 26.64 49.19
N ASN A 801 25.01 25.43 48.96
CA ASN A 801 25.81 24.29 48.53
C ASN A 801 25.33 23.87 47.14
N PHE A 802 26.25 23.89 46.17
CA PHE A 802 25.95 23.46 44.81
C PHE A 802 26.83 22.31 44.35
N SER A 803 27.52 21.65 45.28
CA SER A 803 28.40 20.55 44.90
C SER A 803 27.62 19.43 44.21
N GLN A 804 26.37 19.22 44.60
CA GLN A 804 25.57 18.16 44.01
C GLN A 804 25.13 18.48 42.58
N ILE A 805 25.26 19.72 42.15
CA ILE A 805 24.86 20.12 40.80
C ILE A 805 26.02 20.59 39.93
N LEU A 806 27.19 20.84 40.51
CA LEU A 806 28.35 21.27 39.75
C LEU A 806 29.20 20.07 39.34
N PRO A 807 30.00 20.20 38.29
CA PRO A 807 30.84 19.07 37.86
C PRO A 807 31.85 18.68 38.92
N ASP A 808 32.19 17.39 38.92
CA ASP A 808 33.17 16.86 39.86
C ASP A 808 34.51 16.71 39.15
N PRO A 809 35.52 17.54 39.45
CA PRO A 809 36.81 17.38 38.76
C PRO A 809 37.47 16.04 38.99
N SER A 810 37.25 15.42 40.15
CA SER A 810 37.97 14.19 40.49
C SER A 810 37.72 13.10 39.45
N LYS A 811 36.46 12.86 39.12
CA LYS A 811 36.15 11.81 38.16
C LYS A 811 36.58 12.21 36.76
N PRO A 812 36.96 11.24 35.92
CA PRO A 812 37.38 11.59 34.55
C PRO A 812 36.30 12.31 33.76
N SER A 813 35.05 11.95 33.96
CA SER A 813 33.94 12.60 33.27
C SER A 813 33.54 13.86 34.05
N LYS A 814 33.58 15.01 33.37
CA LYS A 814 33.28 16.29 34.01
C LYS A 814 31.76 16.52 34.00
N ARG A 815 31.08 15.73 34.82
CA ARG A 815 29.63 15.82 34.97
C ARG A 815 29.28 15.80 36.45
N SER A 816 28.14 16.41 36.79
CA SER A 816 27.72 16.52 38.17
C SER A 816 27.27 15.15 38.69
N PHE A 817 27.12 15.08 40.01
CA PHE A 817 26.67 13.84 40.64
C PHE A 817 25.27 13.45 40.15
N ILE A 818 24.37 14.44 40.06
CA ILE A 818 23.03 14.16 39.55
C ILE A 818 23.10 13.74 38.09
N GLU A 819 23.95 14.40 37.31
CA GLU A 819 24.12 14.00 35.91
C GLU A 819 24.67 12.59 35.81
N ASP A 820 25.64 12.24 36.67
CA ASP A 820 26.19 10.90 36.66
C ASP A 820 25.11 9.87 37.01
N LEU A 821 24.27 10.17 38.00
CA LEU A 821 23.18 9.27 38.36
C LEU A 821 22.22 9.10 37.20
N LEU A 822 21.87 10.20 36.52
CA LEU A 822 20.97 10.11 35.38
C LEU A 822 21.57 9.26 34.27
N PHE A 823 22.86 9.45 33.99
CA PHE A 823 23.51 8.67 32.95
C PHE A 823 23.54 7.18 33.31
N ASN A 824 23.84 6.88 34.57
CA ASN A 824 23.92 5.48 34.98
C ASN A 824 22.54 4.82 34.99
N LYS A 825 21.50 5.59 35.29
CA LYS A 825 20.16 5.01 35.40
C LYS A 825 19.72 4.40 34.07
N VAL A 826 19.95 5.10 32.96
CA VAL A 826 19.52 4.62 31.66
C VAL A 826 20.36 3.41 31.26
N THR A 827 19.68 2.35 30.83
CA THR A 827 20.36 1.13 30.42
C THR A 827 19.98 0.75 28.98
N LEU A 849 19.77 -3.37 23.21
CA LEU A 849 19.21 -2.97 21.93
C LEU A 849 19.87 -1.69 21.42
N ILE A 850 21.05 -1.39 21.95
CA ILE A 850 21.76 -0.15 21.60
C ILE A 850 22.87 -0.46 20.60
N CYS A 851 23.75 -1.39 20.97
CA CYS A 851 24.92 -1.68 20.13
C CYS A 851 24.59 -2.66 19.01
N ALA A 852 23.37 -3.19 18.96
CA ALA A 852 23.04 -4.20 17.96
C ALA A 852 22.41 -3.58 16.72
N GLN A 853 22.35 -2.25 16.67
CA GLN A 853 21.66 -1.56 15.59
C GLN A 853 22.55 -1.37 14.36
N LYS A 854 23.18 -2.44 13.89
CA LYS A 854 23.93 -2.42 12.65
C LYS A 854 23.89 -3.80 12.01
N PHE A 855 22.87 -4.08 11.20
CA PHE A 855 22.78 -5.40 10.58
C PHE A 855 22.41 -5.38 9.09
N ASN A 856 21.45 -4.54 8.72
CA ASN A 856 20.82 -4.66 7.40
C ASN A 856 20.50 -3.29 6.81
N GLY A 857 21.46 -2.38 6.84
CA GLY A 857 21.30 -1.04 6.30
C GLY A 857 21.01 0.02 7.34
N LEU A 858 20.56 -0.37 8.52
CA LEU A 858 20.34 0.58 9.59
C LEU A 858 21.67 1.15 10.07
N THR A 859 21.70 2.46 10.27
CA THR A 859 22.88 3.11 10.82
C THR A 859 22.41 4.16 11.83
N VAL A 860 23.22 4.37 12.86
CA VAL A 860 22.94 5.36 13.89
C VAL A 860 23.94 6.49 13.73
N LEU A 861 23.52 7.58 13.09
CA LEU A 861 24.41 8.71 12.91
C LEU A 861 24.83 9.27 14.27
N PRO A 862 26.10 9.64 14.42
CA PRO A 862 26.59 10.08 15.73
C PRO A 862 25.93 11.38 16.13
N PRO A 863 25.75 11.61 17.44
CA PRO A 863 25.19 12.90 17.88
C PRO A 863 26.20 14.02 17.66
N LEU A 864 25.71 15.12 17.09
CA LEU A 864 26.60 16.24 16.78
C LEU A 864 27.26 16.77 18.04
N LEU A 865 26.48 16.96 19.11
CA LEU A 865 27.00 17.47 20.37
C LEU A 865 27.26 16.28 21.29
N THR A 866 28.53 16.01 21.55
CA THR A 866 28.89 14.93 22.47
C THR A 866 28.41 15.26 23.88
N ASP A 867 28.21 14.22 24.69
CA ASP A 867 27.73 14.42 26.05
C ASP A 867 28.66 15.38 26.81
N GLU A 868 29.95 15.38 26.49
CA GLU A 868 30.87 16.31 27.15
C GLU A 868 30.50 17.75 26.82
N MET A 869 30.17 18.03 25.56
CA MET A 869 29.81 19.39 25.18
C MET A 869 28.51 19.83 25.85
N ILE A 870 27.52 18.94 25.93
CA ILE A 870 26.27 19.28 26.60
C ILE A 870 26.52 19.52 28.09
N ALA A 871 27.36 18.70 28.71
CA ALA A 871 27.71 18.91 30.11
C ALA A 871 28.40 20.25 30.30
N GLN A 872 29.29 20.61 29.37
CA GLN A 872 29.96 21.91 29.46
C GLN A 872 28.96 23.05 29.34
N TYR A 873 28.00 22.92 28.42
CA TYR A 873 26.97 23.96 28.27
C TYR A 873 26.16 24.10 29.55
N THR A 874 25.76 22.98 30.14
CA THR A 874 24.99 23.04 31.39
C THR A 874 25.81 23.65 32.50
N SER A 875 27.10 23.30 32.59
CA SER A 875 27.96 23.87 33.62
C SER A 875 28.11 25.37 33.43
N ALA A 876 28.25 25.82 32.18
CA ALA A 876 28.36 27.25 31.91
C ALA A 876 27.07 27.96 32.31
N LEU A 877 25.92 27.39 31.99
CA LEU A 877 24.65 27.99 32.40
C LEU A 877 24.55 28.07 33.92
N LEU A 878 24.95 27.00 34.61
CA LEU A 878 24.89 27.00 36.07
C LEU A 878 25.81 28.07 36.65
N ALA A 879 27.04 28.17 36.13
CA ALA A 879 27.97 29.17 36.63
C ALA A 879 27.45 30.58 36.39
N GLY A 880 26.90 30.83 35.20
CA GLY A 880 26.34 32.14 34.93
C GLY A 880 25.19 32.48 35.86
N THR A 881 24.28 31.52 36.08
CA THR A 881 23.17 31.77 36.97
C THR A 881 23.65 32.02 38.40
N ILE A 882 24.64 31.27 38.85
CA ILE A 882 25.10 31.39 40.23
C ILE A 882 25.82 32.72 40.44
N THR A 883 26.70 33.09 39.51
CA THR A 883 27.56 34.26 39.70
C THR A 883 26.88 35.56 39.32
N SER A 884 25.93 35.53 38.39
CA SER A 884 25.32 36.75 37.87
C SER A 884 23.80 36.77 37.97
N GLY A 885 23.14 35.63 37.83
CA GLY A 885 21.68 35.58 37.86
C GLY A 885 21.09 35.60 36.46
N TRP A 886 20.12 36.48 36.23
CA TRP A 886 19.47 36.60 34.94
C TRP A 886 20.16 37.60 34.02
N THR A 887 21.15 38.35 34.53
CA THR A 887 21.78 39.38 33.70
C THR A 887 22.50 38.77 32.51
N PHE A 888 23.22 37.66 32.72
CA PHE A 888 23.98 37.06 31.64
C PHE A 888 23.08 36.57 30.50
N GLY A 889 21.82 36.28 30.78
CA GLY A 889 20.89 35.86 29.76
C GLY A 889 20.26 36.97 28.95
N ALA A 890 20.52 38.22 29.31
CA ALA A 890 19.95 39.38 28.62
C ALA A 890 21.02 40.44 28.39
N GLY A 891 22.21 40.01 27.97
CA GLY A 891 23.28 40.94 27.69
C GLY A 891 24.57 40.58 28.42
N ALA A 892 25.37 41.59 28.74
CA ALA A 892 26.63 41.35 29.44
C ALA A 892 26.38 40.77 30.83
N ALA A 893 27.17 39.78 31.20
CA ALA A 893 27.03 39.15 32.50
C ALA A 893 27.54 40.10 33.59
N LEU A 894 26.74 40.27 34.63
CA LEU A 894 27.08 41.15 35.75
C LEU A 894 27.13 40.33 37.03
N GLN A 895 28.27 40.40 37.72
CA GLN A 895 28.43 39.65 38.95
C GLN A 895 27.57 40.22 40.07
N ILE A 896 27.21 39.36 41.02
CA ILE A 896 26.40 39.76 42.16
C ILE A 896 26.44 38.65 43.21
N PRO A 897 26.53 38.98 44.50
CA PRO A 897 26.52 37.91 45.51
C PRO A 897 25.24 37.10 45.43
N PHE A 898 25.37 35.79 45.70
CA PHE A 898 24.20 34.91 45.62
C PHE A 898 23.13 35.31 46.63
N ALA A 899 23.53 35.83 47.79
CA ALA A 899 22.54 36.30 48.75
C ALA A 899 21.71 37.43 48.16
N MET A 900 22.36 38.38 47.48
CA MET A 900 21.63 39.47 46.84
C MET A 900 20.78 38.97 45.68
N GLN A 901 21.25 37.96 44.95
CA GLN A 901 20.44 37.38 43.89
C GLN A 901 19.17 36.76 44.46
N MET A 902 19.30 36.01 45.55
CA MET A 902 18.12 35.43 46.20
C MET A 902 17.21 36.52 46.74
N ALA A 903 17.77 37.61 47.25
CA ALA A 903 16.96 38.73 47.71
C ALA A 903 16.17 39.33 46.54
N TYR A 904 16.82 39.48 45.39
CA TYR A 904 16.12 39.97 44.20
C TYR A 904 14.98 39.04 43.82
N ARG A 905 15.23 37.72 43.86
CA ARG A 905 14.18 36.77 43.55
C ARG A 905 13.02 36.88 44.53
N PHE A 906 13.33 37.02 45.82
CA PHE A 906 12.28 37.16 46.83
C PHE A 906 11.45 38.40 46.57
N ASN A 907 12.10 39.52 46.23
CA ASN A 907 11.36 40.71 45.84
C ASN A 907 10.50 40.45 44.61
N GLY A 908 11.02 39.65 43.67
CA GLY A 908 10.27 39.36 42.47
C GLY A 908 9.01 38.57 42.75
N ILE A 909 9.05 37.68 43.74
CA ILE A 909 7.88 36.85 44.07
C ILE A 909 7.02 37.57 45.10
N GLY A 910 7.29 38.86 45.31
CA GLY A 910 6.47 39.69 46.17
C GLY A 910 6.84 39.68 47.64
N VAL A 911 7.81 38.86 48.04
CA VAL A 911 8.24 38.81 49.43
C VAL A 911 9.27 39.90 49.68
N THR A 912 9.19 40.53 50.85
CA THR A 912 10.09 41.63 51.17
C THR A 912 11.52 41.14 51.25
N GLN A 913 12.45 42.04 50.92
CA GLN A 913 13.86 41.68 50.88
C GLN A 913 14.36 41.24 52.25
N ASN A 914 14.09 42.05 53.28
CA ASN A 914 14.75 41.88 54.57
C ASN A 914 14.63 40.46 55.10
N VAL A 915 13.49 39.79 54.83
CA VAL A 915 13.27 38.47 55.41
C VAL A 915 14.41 37.54 55.05
N LEU A 916 14.87 37.58 53.80
CA LEU A 916 15.95 36.68 53.39
C LEU A 916 17.20 36.94 54.23
N TYR A 917 17.53 38.21 54.45
CA TYR A 917 18.70 38.54 55.26
C TYR A 917 18.46 38.26 56.74
N GLU A 918 17.20 38.11 57.16
CA GLU A 918 16.93 37.84 58.57
C GLU A 918 17.27 36.41 58.95
N ASN A 919 17.06 35.46 58.03
CA ASN A 919 17.29 34.04 58.30
C ASN A 919 17.98 33.38 57.11
N GLN A 920 18.99 34.05 56.54
CA GLN A 920 19.68 33.51 55.38
C GLN A 920 20.18 32.10 55.64
N LYS A 921 20.63 31.82 56.86
CA LYS A 921 21.11 30.49 57.20
C LYS A 921 19.99 29.46 57.05
N LEU A 922 18.77 29.82 57.47
CA LEU A 922 17.65 28.89 57.35
C LEU A 922 17.36 28.55 55.88
N ILE A 923 17.36 29.57 55.01
CA ILE A 923 17.10 29.32 53.59
C ILE A 923 18.22 28.47 52.99
N ALA A 924 19.47 28.75 53.36
CA ALA A 924 20.57 27.96 52.82
C ALA A 924 20.45 26.50 53.26
N ASN A 925 20.13 26.27 54.54
CA ASN A 925 19.98 24.91 55.02
C ASN A 925 18.81 24.21 54.33
N GLN A 926 17.70 24.92 54.14
CA GLN A 926 16.56 24.32 53.46
C GLN A 926 16.90 23.96 52.02
N PHE A 927 17.64 24.83 51.32
CA PHE A 927 18.03 24.53 49.95
C PHE A 927 18.94 23.30 49.90
N ASN A 928 19.91 23.23 50.81
CA ASN A 928 20.80 22.06 50.84
C ASN A 928 20.00 20.79 51.14
N SER A 929 19.07 20.86 52.09
CA SER A 929 18.25 19.70 52.41
C SER A 929 17.40 19.28 51.23
N ALA A 930 16.84 20.24 50.50
CA ALA A 930 16.05 19.91 49.32
C ALA A 930 16.91 19.24 48.25
N ILE A 931 18.13 19.75 48.05
CA ILE A 931 19.04 19.13 47.08
C ILE A 931 19.33 17.69 47.48
N GLY A 932 19.64 17.46 48.75
CA GLY A 932 19.88 16.11 49.21
C GLY A 932 18.66 15.23 49.05
N LYS A 933 17.46 15.78 49.32
CA LYS A 933 16.24 15.01 49.21
C LYS A 933 15.99 14.59 47.76
N ILE A 934 16.19 15.50 46.81
CA ILE A 934 15.99 15.14 45.41
C ILE A 934 17.03 14.11 44.97
N GLN A 935 18.27 14.25 45.45
CA GLN A 935 19.29 13.25 45.14
C GLN A 935 18.87 11.87 45.64
N ASP A 936 18.40 11.81 46.89
CA ASP A 936 17.98 10.53 47.45
C ASP A 936 16.78 9.96 46.70
N SER A 937 15.82 10.83 46.34
CA SER A 937 14.64 10.36 45.61
C SER A 937 15.03 9.79 44.26
N LEU A 938 15.93 10.48 43.54
CA LEU A 938 16.39 9.96 42.25
C LEU A 938 17.12 8.63 42.43
N SER A 939 17.96 8.53 43.47
CA SER A 939 18.71 7.30 43.68
C SER A 939 17.77 6.13 43.99
N SER A 940 16.77 6.36 44.83
CA SER A 940 15.91 5.29 45.33
C SER A 940 14.65 5.09 44.49
N THR A 941 14.40 5.93 43.49
CA THR A 941 13.21 5.84 42.65
C THR A 941 13.63 5.50 41.23
N ALA A 942 12.94 4.53 40.62
CA ALA A 942 13.26 4.08 39.28
C ALA A 942 12.34 4.68 38.21
N SER A 943 11.21 5.25 38.60
CA SER A 943 10.26 5.82 37.66
C SER A 943 10.47 7.31 37.41
N ALA A 944 11.51 7.91 38.02
CA ALA A 944 11.73 9.34 37.85
C ALA A 944 12.02 9.69 36.39
N LEU A 945 12.82 8.87 35.72
CA LEU A 945 13.24 9.12 34.33
C LEU A 945 12.40 8.33 33.33
N GLY A 946 11.10 8.18 33.61
CA GLY A 946 10.26 7.37 32.75
C GLY A 946 10.16 7.87 31.33
N LYS A 947 10.18 9.20 31.14
CA LYS A 947 9.97 9.75 29.81
C LYS A 947 11.07 9.34 28.84
N LEU A 948 12.33 9.56 29.22
CA LEU A 948 13.44 9.25 28.33
C LEU A 948 13.54 7.76 28.06
N GLN A 949 13.39 6.94 29.10
CA GLN A 949 13.45 5.50 28.91
C GLN A 949 12.32 5.02 28.01
N ASP A 950 11.12 5.58 28.18
CA ASP A 950 10.00 5.21 27.33
C ASP A 950 10.26 5.59 25.87
N VAL A 951 10.83 6.78 25.64
CA VAL A 951 11.13 7.19 24.28
C VAL A 951 12.16 6.25 23.65
N VAL A 952 13.21 5.93 24.41
CA VAL A 952 14.24 5.05 23.90
C VAL A 952 13.67 3.67 23.58
N ASN A 953 12.83 3.14 24.48
CA ASN A 953 12.22 1.84 24.26
C ASN A 953 11.31 1.86 23.04
N GLN A 954 10.55 2.94 22.85
CA GLN A 954 9.68 3.04 21.69
C GLN A 954 10.49 3.04 20.40
N ASN A 955 11.59 3.80 20.37
CA ASN A 955 12.43 3.80 19.18
C ASN A 955 13.03 2.42 18.94
N ALA A 956 13.51 1.77 20.01
CA ALA A 956 14.13 0.46 19.85
C ALA A 956 13.12 -0.57 19.34
N GLN A 957 11.91 -0.57 19.89
CA GLN A 957 10.91 -1.54 19.45
C GLN A 957 10.43 -1.24 18.04
N ALA A 958 10.35 0.03 17.65
CA ALA A 958 10.02 0.36 16.27
C ALA A 958 11.08 -0.19 15.33
N LEU A 959 12.36 0.01 15.68
CA LEU A 959 13.44 -0.54 14.84
C LEU A 959 13.38 -2.06 14.79
N ASN A 960 13.12 -2.70 15.93
CA ASN A 960 13.05 -4.15 15.96
C ASN A 960 11.90 -4.67 15.09
N THR A 961 10.74 -4.01 15.17
CA THR A 961 9.61 -4.41 14.33
C THR A 961 9.94 -4.23 12.85
N LEU A 962 10.59 -3.11 12.51
CA LEU A 962 10.97 -2.90 11.11
C LEU A 962 11.91 -4.00 10.63
N VAL A 963 12.89 -4.37 11.46
CA VAL A 963 13.82 -5.43 11.09
C VAL A 963 13.09 -6.76 10.93
N LYS A 964 12.20 -7.08 11.87
CA LYS A 964 11.52 -8.36 11.86
C LYS A 964 10.51 -8.46 10.73
N GLN A 965 10.00 -7.33 10.23
CA GLN A 965 9.05 -7.38 9.11
C GLN A 965 9.63 -8.09 7.91
N LEU A 966 10.96 -8.10 7.76
CA LEU A 966 11.58 -8.78 6.62
C LEU A 966 11.33 -10.28 6.65
N SER A 967 11.14 -10.85 7.84
CA SER A 967 10.95 -12.29 7.96
C SER A 967 9.70 -12.74 7.20
N SER A 968 8.69 -11.88 7.11
CA SER A 968 7.47 -12.23 6.41
C SER A 968 7.77 -12.57 4.96
N ASN A 969 7.21 -13.69 4.49
CA ASN A 969 7.42 -14.14 3.12
C ASN A 969 6.42 -13.57 2.14
N PHE A 970 5.24 -13.16 2.60
CA PHE A 970 4.20 -12.61 1.74
C PHE A 970 3.81 -13.57 0.62
N GLY A 971 3.77 -14.86 0.91
CA GLY A 971 3.40 -15.86 -0.07
C GLY A 971 4.58 -16.51 -0.77
N ALA A 972 5.78 -15.96 -0.62
CA ALA A 972 6.96 -16.55 -1.26
C ALA A 972 7.42 -17.79 -0.50
N ILE A 973 8.24 -18.60 -1.18
CA ILE A 973 8.77 -19.80 -0.54
C ILE A 973 9.62 -19.42 0.67
N SER A 974 10.46 -18.41 0.52
CA SER A 974 11.30 -17.94 1.62
C SER A 974 11.49 -16.44 1.48
N SER A 975 11.79 -15.80 2.61
CA SER A 975 12.01 -14.35 2.62
C SER A 975 13.36 -13.96 2.03
N VAL A 976 14.25 -14.92 1.77
CA VAL A 976 15.56 -14.61 1.22
C VAL A 976 15.42 -14.43 -0.29
N LEU A 977 15.82 -13.26 -0.79
CA LEU A 977 15.68 -12.97 -2.21
C LEU A 977 16.53 -13.91 -3.05
N ASN A 978 17.77 -14.18 -2.62
CA ASN A 978 18.65 -15.03 -3.41
C ASN A 978 18.09 -16.44 -3.54
N ASP A 979 17.59 -17.00 -2.43
CA ASP A 979 17.10 -18.37 -2.46
C ASP A 979 15.89 -18.49 -3.38
N ILE A 980 14.92 -17.58 -3.25
CA ILE A 980 13.72 -17.65 -4.07
C ILE A 980 14.06 -17.41 -5.53
N LEU A 981 14.99 -16.49 -5.80
CA LEU A 981 15.38 -16.24 -7.18
C LEU A 981 16.04 -17.46 -7.80
N SER A 982 16.92 -18.13 -7.04
CA SER A 982 17.65 -19.27 -7.58
C SER A 982 16.74 -20.49 -7.76
N ARG A 983 15.83 -20.71 -6.82
CA ARG A 983 15.01 -21.91 -6.82
C ARG A 983 13.76 -21.80 -7.68
N LEU A 984 13.50 -20.64 -8.29
CA LEU A 984 12.30 -20.44 -9.10
C LEU A 984 12.68 -19.74 -10.40
N ASP A 985 11.89 -19.98 -11.42
CA ASP A 985 12.12 -19.41 -12.74
C ASP A 985 11.75 -17.93 -12.76
N PRO A 986 12.25 -17.16 -13.72
CA PRO A 986 12.01 -15.71 -13.74
C PRO A 986 10.52 -15.37 -13.75
N PRO A 987 9.69 -16.13 -14.49
CA PRO A 987 8.25 -15.79 -14.50
C PRO A 987 7.63 -15.72 -13.12
N GLU A 988 8.00 -16.62 -12.21
CA GLU A 988 7.49 -16.59 -10.85
C GLU A 988 8.34 -15.73 -9.93
N ALA A 989 9.65 -15.67 -10.18
CA ALA A 989 10.53 -14.86 -9.36
C ALA A 989 10.13 -13.39 -9.46
N GLU A 990 9.73 -12.93 -10.64
CA GLU A 990 9.35 -11.54 -10.81
C GLU A 990 8.17 -11.18 -9.92
N VAL A 991 7.11 -12.00 -9.95
CA VAL A 991 5.93 -11.69 -9.15
C VAL A 991 6.23 -11.82 -7.67
N GLN A 992 7.01 -12.84 -7.28
CA GLN A 992 7.35 -12.98 -5.87
C GLN A 992 8.16 -11.79 -5.37
N ILE A 993 9.12 -11.34 -6.17
CA ILE A 993 9.93 -10.19 -5.78
C ILE A 993 9.08 -8.93 -5.74
N ASP A 994 8.12 -8.80 -6.66
CA ASP A 994 7.21 -7.65 -6.60
C ASP A 994 6.41 -7.65 -5.31
N ARG A 995 5.88 -8.81 -4.92
CA ARG A 995 5.12 -8.89 -3.68
C ARG A 995 5.99 -8.56 -2.47
N LEU A 996 7.20 -9.11 -2.43
CA LEU A 996 8.10 -8.82 -1.32
C LEU A 996 8.46 -7.35 -1.27
N ILE A 997 8.74 -6.74 -2.42
CA ILE A 997 9.07 -5.33 -2.47
C ILE A 997 7.90 -4.48 -1.98
N THR A 998 6.68 -4.83 -2.42
CA THR A 998 5.51 -4.08 -1.97
C THR A 998 5.35 -4.16 -0.46
N GLY A 999 5.49 -5.37 0.09
CA GLY A 999 5.35 -5.52 1.53
C GLY A 999 6.41 -4.74 2.30
N ARG A 1000 7.67 -4.87 1.88
CA ARG A 1000 8.75 -4.18 2.58
C ARG A 1000 8.62 -2.67 2.44
N LEU A 1001 8.20 -2.19 1.27
CA LEU A 1001 7.98 -0.76 1.09
C LEU A 1001 6.86 -0.25 1.98
N GLN A 1002 5.78 -1.02 2.10
CA GLN A 1002 4.70 -0.63 3.01
C GLN A 1002 5.19 -0.57 4.44
N SER A 1003 5.97 -1.56 4.86
CA SER A 1003 6.50 -1.55 6.22
C SER A 1003 7.41 -0.35 6.44
N LEU A 1004 8.27 -0.05 5.47
CA LEU A 1004 9.17 1.09 5.62
C LEU A 1004 8.40 2.40 5.64
N GLN A 1005 7.36 2.53 4.82
CA GLN A 1005 6.54 3.73 4.83
C GLN A 1005 5.85 3.91 6.17
N THR A 1006 5.30 2.83 6.74
CA THR A 1006 4.69 2.92 8.06
C THR A 1006 5.71 3.34 9.11
N TYR A 1007 6.91 2.75 9.06
CA TYR A 1007 7.95 3.12 10.01
C TYR A 1007 8.32 4.58 9.86
N VAL A 1008 8.43 5.07 8.64
CA VAL A 1008 8.82 6.46 8.40
C VAL A 1008 7.73 7.40 8.90
N THR A 1009 6.46 7.05 8.67
CA THR A 1009 5.37 7.90 9.17
C THR A 1009 5.38 7.94 10.69
N GLN A 1010 5.57 6.78 11.34
CA GLN A 1010 5.65 6.75 12.79
C GLN A 1010 6.82 7.58 13.29
N GLN A 1011 7.96 7.49 12.62
CA GLN A 1011 9.13 8.27 13.00
C GLN A 1011 8.86 9.76 12.83
N LEU A 1012 8.16 10.15 11.76
CA LEU A 1012 7.83 11.56 11.56
C LEU A 1012 6.93 12.07 12.67
N ILE A 1013 5.92 11.29 13.05
CA ILE A 1013 5.03 11.72 14.13
C ILE A 1013 5.80 11.83 15.44
N ARG A 1014 6.64 10.84 15.74
CA ARG A 1014 7.43 10.88 16.97
C ARG A 1014 8.39 12.06 16.95
N ALA A 1015 8.94 12.39 15.78
CA ALA A 1015 9.84 13.53 15.66
C ALA A 1015 9.10 14.85 15.87
N ALA A 1016 7.86 14.94 15.38
CA ALA A 1016 7.06 16.13 15.66
C ALA A 1016 6.79 16.27 17.15
N GLU A 1017 6.45 15.16 17.81
CA GLU A 1017 6.23 15.21 19.25
C GLU A 1017 7.51 15.61 19.99
N ILE A 1018 8.65 15.06 19.57
CA ILE A 1018 9.92 15.40 20.21
C ILE A 1018 10.28 16.86 19.94
N ARG A 1019 9.95 17.38 18.77
CA ARG A 1019 10.19 18.80 18.49
C ARG A 1019 9.35 19.68 19.39
N ALA A 1020 8.08 19.31 19.60
CA ALA A 1020 7.25 20.06 20.54
C ALA A 1020 7.84 20.02 21.94
N SER A 1021 8.27 18.84 22.39
CA SER A 1021 8.88 18.73 23.71
C SER A 1021 10.14 19.56 23.81
N ALA A 1022 10.96 19.55 22.76
CA ALA A 1022 12.20 20.32 22.77
C ALA A 1022 11.93 21.81 22.77
N ASN A 1023 10.89 22.25 22.06
CA ASN A 1023 10.51 23.66 22.11
C ASN A 1023 10.06 24.05 23.51
N LEU A 1024 9.28 23.20 24.16
CA LEU A 1024 8.89 23.46 25.55
C LEU A 1024 10.10 23.52 26.46
N ALA A 1025 11.05 22.60 26.27
CA ALA A 1025 12.26 22.61 27.08
C ALA A 1025 13.09 23.87 26.86
N ALA A 1026 13.19 24.31 25.60
CA ALA A 1026 13.92 25.53 25.30
C ALA A 1026 13.24 26.74 25.93
N THR A 1027 11.91 26.80 25.90
CA THR A 1027 11.19 27.88 26.56
C THR A 1027 11.46 27.86 28.06
N LYS A 1028 11.44 26.68 28.67
CA LYS A 1028 11.73 26.57 30.09
C LYS A 1028 13.14 27.02 30.41
N MET A 1029 14.11 26.63 29.56
CA MET A 1029 15.48 27.07 29.76
C MET A 1029 15.59 28.58 29.67
N SER A 1030 14.92 29.18 28.69
CA SER A 1030 14.99 30.63 28.51
C SER A 1030 14.37 31.36 29.68
N GLU A 1031 13.24 30.86 30.19
CA GLU A 1031 12.48 31.61 31.20
C GLU A 1031 12.91 31.27 32.62
N CYS A 1032 12.78 30.01 33.02
CA CYS A 1032 13.07 29.63 34.40
C CYS A 1032 14.54 29.82 34.74
N VAL A 1033 15.44 29.44 33.84
CA VAL A 1033 16.87 29.47 34.14
C VAL A 1033 17.42 30.89 34.01
N LEU A 1034 17.29 31.46 32.81
CA LEU A 1034 17.84 32.78 32.52
C LEU A 1034 17.01 33.91 33.12
N GLY A 1035 15.97 33.61 33.89
CA GLY A 1035 15.16 34.63 34.50
C GLY A 1035 14.20 34.04 35.50
N GLN A 1036 13.39 34.90 36.09
CA GLN A 1036 12.37 34.51 37.05
C GLN A 1036 11.01 34.51 36.35
N SER A 1037 10.42 33.32 36.24
CA SER A 1037 9.14 33.18 35.54
C SER A 1037 7.99 33.54 36.47
N LYS A 1038 7.14 34.46 36.03
CA LYS A 1038 5.95 34.85 36.78
C LYS A 1038 4.77 33.93 36.50
N ARG A 1039 4.89 33.02 35.54
CA ARG A 1039 3.80 32.10 35.24
C ARG A 1039 3.59 31.12 36.38
N VAL A 1040 2.35 30.65 36.52
CA VAL A 1040 1.98 29.78 37.63
C VAL A 1040 2.08 28.32 37.18
N ASP A 1041 2.75 27.51 38.00
CA ASP A 1041 2.91 26.08 37.74
C ASP A 1041 3.64 25.82 36.43
N PHE A 1042 4.48 26.77 36.00
CA PHE A 1042 5.31 26.58 34.81
C PHE A 1042 6.68 26.02 35.19
N CYS A 1043 7.42 26.74 36.03
CA CYS A 1043 8.70 26.27 36.54
C CYS A 1043 8.52 25.66 37.93
N GLY A 1044 7.74 24.58 37.98
CA GLY A 1044 7.46 23.91 39.23
C GLY A 1044 6.38 24.61 40.03
N LYS A 1045 5.59 23.84 40.78
CA LYS A 1045 4.52 24.42 41.58
C LYS A 1045 5.11 25.24 42.72
N GLY A 1046 4.43 26.34 43.05
CA GLY A 1046 4.91 27.28 44.03
C GLY A 1046 5.51 28.52 43.39
N TYR A 1047 5.88 29.48 44.24
CA TYR A 1047 6.47 30.73 43.77
C TYR A 1047 7.88 30.44 43.27
N HIS A 1048 8.04 30.35 41.95
CA HIS A 1048 9.33 29.97 41.39
C HIS A 1048 10.39 31.02 41.72
N LEU A 1049 11.61 30.56 41.98
CA LEU A 1049 12.76 31.41 42.22
C LEU A 1049 13.84 31.25 41.17
N MET A 1050 14.29 30.03 40.92
CA MET A 1050 15.32 29.77 39.92
C MET A 1050 15.36 28.27 39.66
N SER A 1051 16.03 27.90 38.56
CA SER A 1051 16.15 26.51 38.16
C SER A 1051 17.60 26.23 37.75
N PHE A 1052 17.98 24.96 37.87
CA PHE A 1052 19.33 24.52 37.54
C PHE A 1052 19.25 23.42 36.49
N PRO A 1053 19.61 23.69 35.23
CA PRO A 1053 19.51 22.64 34.21
C PRO A 1053 20.54 21.55 34.42
N GLN A 1054 20.20 20.35 33.95
CA GLN A 1054 21.09 19.20 34.00
C GLN A 1054 20.86 18.36 32.75
N SER A 1055 21.94 17.80 32.21
CA SER A 1055 21.84 16.97 31.03
C SER A 1055 21.38 15.56 31.39
N ALA A 1056 20.93 14.84 30.38
CA ALA A 1056 20.59 13.43 30.51
C ALA A 1056 20.53 12.83 29.11
N PRO A 1057 20.69 11.51 28.99
CA PRO A 1057 20.67 10.92 27.64
C PRO A 1057 19.43 11.32 26.87
N HIS A 1058 19.63 12.12 25.82
CA HIS A 1058 18.54 12.59 24.97
C HIS A 1058 17.44 13.25 25.80
N GLY A 1059 17.83 14.10 26.74
CA GLY A 1059 16.87 14.80 27.55
C GLY A 1059 17.53 15.77 28.51
N VAL A 1060 16.68 16.58 29.14
CA VAL A 1060 17.12 17.58 30.11
C VAL A 1060 16.30 17.43 31.38
N VAL A 1061 16.87 17.89 32.49
CA VAL A 1061 16.23 17.84 33.80
C VAL A 1061 16.33 19.22 34.42
N PHE A 1062 15.22 19.72 34.94
CA PHE A 1062 15.15 21.02 35.58
C PHE A 1062 14.85 20.84 37.06
N LEU A 1063 15.67 21.46 37.90
CA LEU A 1063 15.49 21.45 39.36
C LEU A 1063 14.91 22.80 39.74
N HIS A 1064 13.59 22.92 39.64
CA HIS A 1064 12.91 24.18 39.92
C HIS A 1064 12.86 24.41 41.42
N VAL A 1065 13.40 25.55 41.86
CA VAL A 1065 13.34 25.96 43.26
C VAL A 1065 12.10 26.83 43.44
N THR A 1066 11.31 26.52 44.46
CA THR A 1066 10.03 27.20 44.67
C THR A 1066 9.86 27.54 46.14
N TYR A 1067 9.54 28.81 46.40
CA TYR A 1067 9.08 29.25 47.71
C TYR A 1067 7.63 28.85 47.89
N VAL A 1068 7.32 28.23 49.04
CA VAL A 1068 5.98 27.75 49.33
C VAL A 1068 5.63 28.14 50.77
N PRO A 1069 4.52 28.83 51.00
CA PRO A 1069 4.10 29.09 52.39
C PRO A 1069 3.87 27.80 53.15
N ALA A 1070 4.23 27.80 54.43
CA ALA A 1070 4.19 26.60 55.26
C ALA A 1070 3.16 26.70 56.38
N GLN A 1071 3.25 27.72 57.23
CA GLN A 1071 2.42 27.83 58.43
C GLN A 1071 1.47 29.00 58.26
N GLU A 1072 0.18 28.75 58.52
CA GLU A 1072 -0.87 29.75 58.39
C GLU A 1072 -1.47 30.07 59.75
N LYS A 1073 -2.29 31.11 59.78
CA LYS A 1073 -2.94 31.53 61.02
C LYS A 1073 -4.17 32.36 60.69
N ASN A 1074 -5.17 32.27 61.56
CA ASN A 1074 -6.34 33.14 61.46
C ASN A 1074 -5.93 34.60 61.65
N PHE A 1075 -6.62 35.49 60.93
CA PHE A 1075 -6.43 36.91 61.15
C PHE A 1075 -7.72 37.64 60.78
N THR A 1076 -8.06 38.65 61.58
CA THR A 1076 -9.21 39.51 61.29
C THR A 1076 -8.73 40.69 60.47
N THR A 1077 -9.24 40.80 59.24
CA THR A 1077 -8.79 41.80 58.29
C THR A 1077 -9.95 42.69 57.87
N ALA A 1078 -9.63 43.94 57.55
CA ALA A 1078 -10.59 44.90 57.05
C ALA A 1078 -10.04 45.53 55.77
N PRO A 1079 -10.93 45.92 54.84
CA PRO A 1079 -10.46 46.48 53.57
C PRO A 1079 -9.93 47.90 53.68
N ALA A 1080 -10.20 48.61 54.77
CA ALA A 1080 -9.79 49.99 54.91
C ALA A 1080 -9.78 50.37 56.38
N ILE A 1081 -9.13 51.49 56.69
CA ILE A 1081 -9.06 52.03 58.04
C ILE A 1081 -9.37 53.51 57.98
N CYS A 1082 -10.25 53.97 58.87
CA CYS A 1082 -10.64 55.36 58.94
C CYS A 1082 -10.02 55.99 60.19
N HIS A 1083 -9.33 57.12 60.00
CA HIS A 1083 -8.70 57.83 61.10
C HIS A 1083 -9.36 59.18 61.39
N ASP A 1084 -9.54 60.01 60.36
CA ASP A 1084 -10.16 61.32 60.49
C ASP A 1084 -11.17 61.56 59.38
N GLY A 1085 -12.01 60.55 59.13
CA GLY A 1085 -13.04 60.66 58.11
C GLY A 1085 -12.58 60.38 56.70
N LYS A 1086 -11.31 60.07 56.49
CA LYS A 1086 -10.77 59.78 55.17
C LYS A 1086 -10.23 58.35 55.16
N ALA A 1087 -10.64 57.57 54.16
CA ALA A 1087 -10.26 56.17 54.11
C ALA A 1087 -8.77 56.02 53.88
N HIS A 1088 -8.19 54.97 54.45
CA HIS A 1088 -6.78 54.64 54.28
C HIS A 1088 -6.67 53.24 53.71
N PHE A 1089 -5.78 53.08 52.73
CA PHE A 1089 -5.56 51.78 52.12
C PHE A 1089 -4.07 51.47 52.10
N PRO A 1090 -3.70 50.18 52.24
CA PRO A 1090 -2.28 49.84 52.33
C PRO A 1090 -1.58 50.03 50.99
N ARG A 1091 -0.41 50.68 51.03
CA ARG A 1091 0.37 50.87 49.81
C ARG A 1091 0.80 49.52 49.23
N GLU A 1092 1.27 48.62 50.10
CA GLU A 1092 1.66 47.28 49.66
C GLU A 1092 1.55 46.37 50.87
N GLY A 1093 0.47 45.60 50.93
CA GLY A 1093 0.21 44.70 52.03
C GLY A 1093 -1.28 44.60 52.29
N VAL A 1094 -1.62 44.19 53.51
CA VAL A 1094 -3.01 44.04 53.91
C VAL A 1094 -3.11 44.29 55.41
N PHE A 1095 -4.25 44.83 55.83
CA PHE A 1095 -4.50 45.07 57.25
C PHE A 1095 -4.95 43.79 57.93
N VAL A 1096 -4.41 43.54 59.13
CA VAL A 1096 -4.74 42.39 59.95
C VAL A 1096 -4.82 42.84 61.41
N SER A 1097 -5.31 41.94 62.25
CA SER A 1097 -5.41 42.23 63.68
C SER A 1097 -5.42 40.92 64.45
N ASN A 1098 -4.60 40.85 65.49
CA ASN A 1098 -4.58 39.68 66.37
C ASN A 1098 -5.55 39.85 67.54
N GLY A 1099 -6.79 40.15 67.21
CA GLY A 1099 -7.84 40.32 68.22
C GLY A 1099 -8.05 41.74 68.70
N THR A 1100 -6.97 42.42 69.08
CA THR A 1100 -7.06 43.75 69.69
C THR A 1100 -6.47 44.83 68.81
N HIS A 1101 -5.20 44.70 68.42
CA HIS A 1101 -4.49 45.74 67.69
C HIS A 1101 -4.57 45.48 66.19
N TRP A 1102 -4.31 46.53 65.42
CA TRP A 1102 -4.34 46.50 63.96
C TRP A 1102 -2.95 46.80 63.42
N PHE A 1103 -2.51 45.99 62.47
CA PHE A 1103 -1.22 46.16 61.81
C PHE A 1103 -1.38 45.97 60.31
N VAL A 1104 -0.32 46.28 59.58
CA VAL A 1104 -0.25 46.07 58.14
C VAL A 1104 0.89 45.10 57.86
N THR A 1105 0.60 44.04 57.09
CA THR A 1105 1.54 42.96 56.90
C THR A 1105 1.61 42.58 55.42
N GLN A 1106 2.72 41.94 55.06
CA GLN A 1106 2.91 41.49 53.69
C GLN A 1106 1.93 40.37 53.35
N ARG A 1107 1.60 40.28 52.06
CA ARG A 1107 0.65 39.27 51.61
C ARG A 1107 1.17 37.86 51.83
N ASN A 1108 2.45 37.62 51.51
CA ASN A 1108 3.02 36.28 51.52
C ASN A 1108 3.85 36.00 52.77
N PHE A 1109 3.86 36.91 53.75
CA PHE A 1109 4.61 36.69 54.96
C PHE A 1109 4.01 37.54 56.08
N TYR A 1110 4.00 37.01 57.29
CA TYR A 1110 3.43 37.72 58.44
C TYR A 1110 4.54 38.56 59.09
N GLU A 1111 4.58 39.84 58.73
CA GLU A 1111 5.52 40.80 59.32
C GLU A 1111 4.74 42.03 59.76
N PRO A 1112 3.99 41.91 60.86
CA PRO A 1112 3.13 43.03 61.27
C PRO A 1112 3.95 44.28 61.56
N GLN A 1113 3.39 45.44 61.18
CA GLN A 1113 4.03 46.72 61.40
C GLN A 1113 2.97 47.73 61.85
N ILE A 1114 3.40 48.70 62.66
CA ILE A 1114 2.47 49.72 63.14
C ILE A 1114 1.95 50.53 61.95
N ILE A 1115 0.66 50.82 61.97
CA ILE A 1115 0.05 51.59 60.89
C ILE A 1115 0.62 53.01 60.92
N THR A 1116 1.09 53.47 59.76
CA THR A 1116 1.69 54.79 59.63
C THR A 1116 1.32 55.38 58.27
N THR A 1117 1.45 56.70 58.17
CA THR A 1117 1.15 57.36 56.90
C THR A 1117 2.02 56.83 55.77
N ASP A 1118 3.24 56.40 56.08
CA ASP A 1118 4.10 55.82 55.04
C ASP A 1118 3.51 54.51 54.52
N ASN A 1119 2.94 53.69 55.41
CA ASN A 1119 2.46 52.37 55.00
C ASN A 1119 1.17 52.46 54.20
N THR A 1120 0.34 53.48 54.46
CA THR A 1120 -0.98 53.58 53.86
C THR A 1120 -1.14 54.93 53.17
N PHE A 1121 -2.00 54.96 52.16
CA PHE A 1121 -2.33 56.17 51.42
C PHE A 1121 -3.80 56.49 51.61
N VAL A 1122 -4.10 57.80 51.58
CA VAL A 1122 -5.42 58.30 51.88
C VAL A 1122 -6.27 58.35 50.61
N SER A 1123 -7.58 58.31 50.79
CA SER A 1123 -8.52 58.39 49.67
C SER A 1123 -9.93 58.55 50.23
N GLY A 1124 -10.76 59.28 49.47
CA GLY A 1124 -12.17 59.43 49.75
C GLY A 1124 -12.52 59.61 51.21
N ASN A 1125 -13.62 59.00 51.63
CA ASN A 1125 -14.09 59.08 53.00
C ASN A 1125 -14.67 57.74 53.41
N CYS A 1126 -14.73 57.51 54.72
CA CYS A 1126 -15.14 56.22 55.27
C CYS A 1126 -16.63 56.16 55.58
N ASP A 1127 -17.42 57.09 55.06
CA ASP A 1127 -18.86 57.08 55.26
C ASP A 1127 -19.59 56.25 54.21
N VAL A 1128 -18.87 55.65 53.28
CA VAL A 1128 -19.50 54.85 52.22
C VAL A 1128 -19.61 53.38 52.61
N VAL A 1129 -18.58 52.85 53.28
CA VAL A 1129 -18.56 51.45 53.71
C VAL A 1129 -19.01 51.38 55.16
N ILE A 1130 -19.97 50.49 55.44
CA ILE A 1130 -20.46 50.26 56.79
C ILE A 1130 -19.60 49.20 57.45
N GLY A 1131 -19.34 49.38 58.74
CA GLY A 1131 -18.51 48.45 59.49
C GLY A 1131 -17.02 48.72 59.42
N ILE A 1132 -16.60 49.77 58.72
CA ILE A 1132 -15.18 50.10 58.66
C ILE A 1132 -14.66 50.33 60.08
N VAL A 1133 -13.37 50.07 60.27
CA VAL A 1133 -12.75 50.04 61.59
C VAL A 1133 -12.05 51.37 61.85
N ASN A 1134 -12.35 51.98 62.99
CA ASN A 1134 -11.62 53.16 63.43
C ASN A 1134 -10.20 52.79 63.84
N ASN A 1135 -9.30 53.77 63.76
CA ASN A 1135 -7.91 53.56 64.18
C ASN A 1135 -7.25 54.94 64.26
N THR A 1136 -5.96 54.94 64.59
CA THR A 1136 -5.19 56.16 64.74
C THR A 1136 -3.83 56.00 64.09
N VAL A 1137 -3.23 57.13 63.73
CA VAL A 1137 -1.90 57.16 63.13
C VAL A 1137 -1.05 58.17 63.90
N TYR A 1138 0.26 57.95 63.89
CA TYR A 1138 1.18 58.79 64.63
C TYR A 1138 1.58 60.01 63.82
N ASP A 1139 1.71 61.15 64.50
CA ASP A 1139 2.06 62.42 63.88
C ASP A 1139 3.40 62.90 64.42
N PRO A 1140 4.50 62.73 63.67
CA PRO A 1140 5.81 63.18 64.18
C PRO A 1140 5.91 64.68 64.39
N LEU A 1141 5.03 65.46 63.76
CA LEU A 1141 5.18 66.93 63.81
C LEU A 1141 4.99 67.48 65.22
N GLN A 1142 4.22 66.78 66.06
CA GLN A 1142 3.96 67.30 67.41
C GLN A 1142 5.24 67.45 68.23
N PRO A 1143 6.06 66.41 68.40
CA PRO A 1143 7.31 66.60 69.14
C PRO A 1143 8.24 67.62 68.49
N GLU A 1144 8.26 67.68 67.15
CA GLU A 1144 9.12 68.66 66.48
C GLU A 1144 8.70 70.09 66.82
N LEU A 1145 7.40 70.36 66.82
CA LEU A 1145 6.91 71.68 67.17
C LEU A 1145 6.86 71.92 68.68
N ASP A 1146 7.05 70.88 69.49
CA ASP A 1146 7.05 71.06 70.93
C ASP A 1146 8.15 72.04 71.37
N SER A 1147 9.25 72.10 70.62
CA SER A 1147 10.35 73.01 70.95
C SER A 1147 10.84 73.73 69.70
N PRO B 25 55.68 7.50 -30.91
CA PRO B 25 54.64 6.75 -30.20
C PRO B 25 53.34 7.54 -30.07
N PRO B 26 52.23 6.84 -29.81
CA PRO B 26 50.94 7.54 -29.67
C PRO B 26 50.96 8.50 -28.49
N ALA B 27 50.27 9.63 -28.65
CA ALA B 27 50.18 10.66 -27.62
C ALA B 27 48.73 10.80 -27.18
N TYR B 28 48.49 10.68 -25.88
CA TYR B 28 47.15 10.82 -25.32
C TYR B 28 47.05 12.20 -24.67
N THR B 29 46.14 13.02 -25.19
CA THR B 29 45.91 14.38 -24.70
C THR B 29 44.56 14.44 -23.99
N ASN B 30 44.28 15.59 -23.39
CA ASN B 30 43.09 15.80 -22.58
C ASN B 30 42.00 16.43 -23.44
N SER B 31 40.81 15.84 -23.40
CA SER B 31 39.66 16.35 -24.16
C SER B 31 38.96 17.51 -23.47
N PHE B 32 39.32 17.81 -22.22
CA PHE B 32 38.70 18.91 -21.46
C PHE B 32 37.20 18.61 -21.36
N THR B 33 36.32 19.51 -21.79
CA THR B 33 34.88 19.35 -21.66
C THR B 33 34.22 19.27 -23.03
N ARG B 34 34.83 18.55 -23.95
CA ARG B 34 34.29 18.39 -25.29
C ARG B 34 33.42 17.13 -25.38
N GLY B 35 32.70 17.01 -26.49
CA GLY B 35 31.85 15.86 -26.72
C GLY B 35 30.45 15.98 -26.17
N VAL B 36 30.00 17.19 -25.87
CA VAL B 36 28.64 17.41 -25.36
C VAL B 36 27.69 17.62 -26.53
N TYR B 37 26.62 16.85 -26.56
CA TYR B 37 25.63 16.91 -27.63
C TYR B 37 24.24 16.86 -27.04
N TYR B 38 23.25 17.21 -27.86
CA TYR B 38 21.86 17.19 -27.42
C TYR B 38 21.36 15.76 -27.40
N PRO B 39 20.93 15.23 -26.24
CA PRO B 39 20.49 13.82 -26.21
C PRO B 39 19.29 13.55 -27.10
N ASP B 40 18.39 14.51 -27.26
CA ASP B 40 17.18 14.30 -28.05
C ASP B 40 16.76 15.62 -28.66
N LYS B 41 15.63 15.60 -29.36
CA LYS B 41 15.11 16.79 -30.04
C LYS B 41 14.26 17.66 -29.14
N VAL B 42 14.07 17.28 -27.87
CA VAL B 42 13.22 18.06 -26.98
C VAL B 42 13.84 19.43 -26.73
N PHE B 43 12.98 20.43 -26.53
CA PHE B 43 13.39 21.80 -26.26
C PHE B 43 13.10 22.14 -24.81
N ARG B 44 14.09 22.70 -24.12
CA ARG B 44 13.94 23.12 -22.73
C ARG B 44 14.53 24.52 -22.58
N SER B 45 13.98 25.27 -21.62
CA SER B 45 14.37 26.66 -21.41
C SER B 45 14.77 26.87 -19.96
N SER B 46 16.01 27.31 -19.74
CA SER B 46 16.48 27.71 -18.42
C SER B 46 16.21 26.64 -17.37
N VAL B 47 16.50 25.39 -17.72
CA VAL B 47 16.35 24.27 -16.80
C VAL B 47 17.57 23.38 -16.91
N LEU B 48 17.86 22.67 -15.83
CA LEU B 48 18.96 21.71 -15.78
C LEU B 48 18.37 20.31 -15.82
N HIS B 49 18.79 19.52 -16.80
CA HIS B 49 18.24 18.19 -17.04
C HIS B 49 19.30 17.13 -16.77
N SER B 50 18.94 16.14 -15.96
CA SER B 50 19.83 15.01 -15.67
C SER B 50 19.46 13.87 -16.61
N THR B 51 20.38 13.52 -17.51
CA THR B 51 20.16 12.50 -18.52
C THR B 51 21.23 11.43 -18.44
N GLN B 52 20.80 10.16 -18.48
CA GLN B 52 21.70 9.02 -18.47
C GLN B 52 21.81 8.49 -19.88
N ASP B 53 22.94 8.76 -20.53
CA ASP B 53 23.17 8.33 -21.91
C ASP B 53 24.67 8.32 -22.16
N LEU B 54 25.06 7.76 -23.31
CA LEU B 54 26.46 7.73 -23.67
C LEU B 54 27.01 9.14 -23.78
N PHE B 55 28.15 9.38 -23.14
CA PHE B 55 28.79 10.69 -23.16
C PHE B 55 30.29 10.52 -23.00
N LEU B 56 31.03 11.52 -23.46
CA LEU B 56 32.48 11.52 -23.36
C LEU B 56 32.87 12.00 -21.97
N PRO B 57 33.56 11.20 -21.16
CA PRO B 57 33.93 11.67 -19.82
C PRO B 57 34.78 12.94 -19.89
N PHE B 58 34.54 13.84 -18.95
CA PHE B 58 35.28 15.09 -18.91
C PHE B 58 36.75 14.82 -18.60
N PHE B 59 37.64 15.56 -19.25
CA PHE B 59 39.08 15.42 -19.07
C PHE B 59 39.52 13.97 -19.34
N SER B 60 38.96 13.38 -20.40
CA SER B 60 39.29 12.02 -20.77
C SER B 60 40.58 12.00 -21.61
N ASN B 61 40.90 10.85 -22.18
CA ASN B 61 42.10 10.67 -22.99
C ASN B 61 41.70 10.53 -24.44
N VAL B 62 42.35 11.31 -25.32
CA VAL B 62 42.11 11.25 -26.76
C VAL B 62 43.46 11.06 -27.44
N THR B 63 43.50 10.11 -28.38
CA THR B 63 44.74 9.79 -29.08
C THR B 63 44.99 10.78 -30.20
N TRP B 64 46.27 11.07 -30.43
CA TRP B 64 46.71 11.96 -31.51
C TRP B 64 47.55 11.16 -32.49
N PHE B 65 47.24 11.27 -33.78
CA PHE B 65 47.88 10.47 -34.82
C PHE B 65 48.82 11.33 -35.64
N HIS B 66 50.01 10.80 -35.89
CA HIS B 66 51.03 11.46 -36.71
C HIS B 66 51.39 10.67 -37.96
N ALA B 67 51.43 11.37 -39.10
CA ALA B 67 51.73 10.77 -40.39
C ALA B 67 53.15 11.17 -40.79
N ILE B 68 54.07 10.22 -40.72
CA ILE B 68 55.46 10.45 -41.11
C ILE B 68 56.03 9.16 -41.66
N HIS B 69 56.89 9.28 -42.68
CA HIS B 69 57.50 8.12 -43.31
C HIS B 69 56.43 7.18 -43.87
N ASP B 80 52.51 2.34 -41.23
CA ASP B 80 51.81 2.37 -39.94
C ASP B 80 50.48 3.10 -40.07
N ASN B 81 49.44 2.34 -40.41
CA ASN B 81 48.08 2.88 -40.59
C ASN B 81 47.10 2.01 -39.80
N PRO B 82 47.14 2.11 -38.47
CA PRO B 82 46.26 1.28 -37.65
C PRO B 82 44.79 1.62 -37.86
N VAL B 83 43.95 0.61 -37.68
CA VAL B 83 42.49 0.75 -37.78
C VAL B 83 41.93 0.64 -36.38
N LEU B 84 41.16 1.65 -35.95
CA LEU B 84 40.67 1.69 -34.58
C LEU B 84 39.28 1.07 -34.48
N PRO B 85 38.94 0.49 -33.33
CA PRO B 85 37.59 -0.07 -33.16
C PRO B 85 36.55 1.01 -32.92
N PHE B 86 35.34 0.77 -33.43
CA PHE B 86 34.26 1.72 -33.26
C PHE B 86 33.71 1.68 -31.84
N ASN B 87 33.59 0.49 -31.26
CA ASN B 87 33.05 0.34 -29.90
C ASN B 87 31.60 0.81 -29.92
N ASP B 88 31.13 1.43 -28.83
CA ASP B 88 29.76 1.91 -28.77
C ASP B 88 29.61 3.21 -29.53
N GLY B 89 30.36 4.24 -29.14
CA GLY B 89 30.32 5.52 -29.81
C GLY B 89 31.73 6.07 -29.98
N VAL B 90 31.89 6.88 -31.02
CA VAL B 90 33.19 7.43 -31.39
C VAL B 90 33.09 8.94 -31.49
N TYR B 91 34.04 9.63 -30.86
CA TYR B 91 34.16 11.08 -30.95
C TYR B 91 35.35 11.42 -31.86
N PHE B 92 35.10 12.21 -32.88
CA PHE B 92 36.08 12.56 -33.89
C PHE B 92 36.32 14.06 -33.89
N ALA B 93 37.56 14.46 -34.15
CA ALA B 93 37.91 15.87 -34.22
C ALA B 93 38.90 16.08 -35.37
N SER B 94 38.81 17.26 -35.98
CA SER B 94 39.72 17.61 -37.06
C SER B 94 39.93 19.12 -37.06
N THR B 95 41.12 19.54 -37.48
CA THR B 95 41.46 20.95 -37.56
C THR B 95 42.22 21.31 -38.84
N GLU B 96 42.54 20.35 -39.69
CA GLU B 96 43.30 20.63 -40.90
C GLU B 96 42.51 21.56 -41.80
N LYS B 97 43.19 22.58 -42.34
CA LYS B 97 42.57 23.55 -43.23
C LYS B 97 42.55 23.18 -44.71
N SER B 98 43.25 22.11 -45.11
CA SER B 98 43.30 21.69 -46.50
C SER B 98 42.33 20.59 -46.89
N ASN B 99 41.47 20.15 -45.98
CA ASN B 99 40.47 19.11 -46.28
C ASN B 99 41.14 17.84 -46.79
N ILE B 100 42.26 17.47 -46.18
CA ILE B 100 42.95 16.24 -46.57
C ILE B 100 42.06 15.04 -46.35
N ILE B 101 41.15 15.11 -45.37
CA ILE B 101 40.25 14.00 -45.10
C ILE B 101 39.25 13.90 -46.25
N ARG B 102 39.18 12.72 -46.88
CA ARG B 102 38.27 12.49 -47.99
C ARG B 102 37.09 11.56 -47.72
N GLY B 103 37.16 10.71 -46.71
CA GLY B 103 36.07 9.81 -46.40
C GLY B 103 36.47 8.82 -45.33
N TRP B 104 35.49 8.04 -44.90
CA TRP B 104 35.68 7.03 -43.88
C TRP B 104 34.93 5.76 -44.28
N ILE B 105 35.48 4.62 -43.86
CA ILE B 105 34.87 3.31 -44.11
C ILE B 105 34.54 2.70 -42.76
N PHE B 106 33.25 2.51 -42.51
CA PHE B 106 32.75 1.89 -41.28
C PHE B 106 32.32 0.47 -41.59
N GLY B 107 32.79 -0.48 -40.79
CA GLY B 107 32.43 -1.87 -41.00
C GLY B 107 33.01 -2.74 -39.91
N THR B 108 32.63 -4.02 -39.95
CA THR B 108 33.07 -5.00 -38.97
C THR B 108 34.22 -5.87 -39.51
N THR B 109 34.00 -6.52 -40.64
CA THR B 109 34.98 -7.42 -41.24
C THR B 109 35.58 -6.91 -42.53
N LEU B 110 34.80 -6.19 -43.35
CA LEU B 110 35.26 -5.68 -44.64
C LEU B 110 35.74 -6.81 -45.53
N ASP B 111 35.16 -8.00 -45.38
CA ASP B 111 35.53 -9.17 -46.16
C ASP B 111 34.64 -9.38 -47.38
N SER B 112 33.75 -8.44 -47.68
CA SER B 112 32.80 -8.49 -48.78
C SER B 112 31.60 -9.37 -48.43
N LYS B 113 31.57 -9.99 -47.26
CA LYS B 113 30.41 -10.79 -46.85
C LYS B 113 29.32 -9.94 -46.20
N THR B 114 29.61 -8.67 -45.88
CA THR B 114 28.64 -7.78 -45.28
C THR B 114 28.82 -6.39 -45.86
N GLN B 115 27.76 -5.59 -45.77
CA GLN B 115 27.80 -4.23 -46.29
C GLN B 115 28.89 -3.43 -45.59
N SER B 116 29.69 -2.72 -46.38
CA SER B 116 30.76 -1.87 -45.88
C SER B 116 30.33 -0.42 -46.08
N LEU B 117 29.98 0.25 -44.98
CA LEU B 117 29.52 1.63 -45.08
C LEU B 117 30.67 2.54 -45.48
N LEU B 118 30.39 3.47 -46.40
CA LEU B 118 31.37 4.44 -46.87
C LEU B 118 30.73 5.81 -46.84
N ILE B 119 31.40 6.76 -46.18
CA ILE B 119 30.92 8.13 -46.05
C ILE B 119 31.97 9.05 -46.65
N VAL B 120 31.56 9.88 -47.60
CA VAL B 120 32.47 10.79 -48.31
C VAL B 120 31.94 12.21 -48.13
N ASN B 121 32.83 13.12 -47.73
CA ASN B 121 32.52 14.54 -47.56
C ASN B 121 33.34 15.32 -48.58
N ASN B 122 32.66 15.86 -49.59
CA ASN B 122 33.32 16.62 -50.66
C ASN B 122 32.56 17.93 -50.85
N ALA B 123 33.22 19.04 -50.53
CA ALA B 123 32.66 20.39 -50.64
C ALA B 123 31.22 20.52 -50.15
N THR B 124 31.03 20.21 -48.87
CA THR B 124 29.74 20.29 -48.18
C THR B 124 28.73 19.27 -48.70
N ASN B 125 29.17 18.32 -49.51
CA ASN B 125 28.30 17.28 -50.05
C ASN B 125 28.61 15.95 -49.37
N VAL B 126 27.59 15.29 -48.87
CA VAL B 126 27.72 14.02 -48.16
C VAL B 126 27.24 12.90 -49.08
N VAL B 127 28.07 11.87 -49.23
CA VAL B 127 27.75 10.70 -50.04
C VAL B 127 27.84 9.47 -49.14
N ILE B 128 26.76 8.69 -49.10
CA ILE B 128 26.67 7.49 -48.28
C ILE B 128 26.50 6.30 -49.22
N LYS B 129 27.33 5.28 -49.04
CA LYS B 129 27.26 4.08 -49.87
C LYS B 129 27.45 2.85 -48.99
N VAL B 130 26.98 1.71 -49.50
CA VAL B 130 27.15 0.43 -48.81
C VAL B 130 27.69 -0.60 -49.79
N CYS B 131 28.20 -0.13 -50.93
CA CYS B 131 28.73 -1.04 -51.93
C CYS B 131 30.01 -1.70 -51.44
N GLU B 132 30.30 -2.88 -51.98
CA GLU B 132 31.47 -3.67 -51.62
C GLU B 132 32.47 -3.62 -52.77
N PHE B 133 33.69 -3.19 -52.47
CA PHE B 133 34.76 -3.11 -53.46
C PHE B 133 36.05 -3.67 -52.88
N GLN B 134 36.91 -4.18 -53.75
CA GLN B 134 38.18 -4.73 -53.32
C GLN B 134 39.12 -3.62 -52.84
N PHE B 135 40.07 -4.00 -52.00
CA PHE B 135 41.06 -3.08 -51.45
C PHE B 135 42.46 -3.57 -51.82
N CYS B 136 43.32 -2.63 -52.20
CA CYS B 136 44.68 -2.98 -52.58
C CYS B 136 45.49 -3.44 -51.37
N ASN B 137 46.52 -4.23 -51.64
CA ASN B 137 47.38 -4.71 -50.55
C ASN B 137 48.08 -3.54 -49.85
N ASP B 138 48.58 -2.58 -50.62
CA ASP B 138 49.24 -1.39 -50.08
C ASP B 138 48.63 -0.17 -50.75
N PRO B 139 47.41 0.21 -50.36
CA PRO B 139 46.75 1.34 -51.02
C PRO B 139 47.56 2.63 -50.87
N PHE B 140 47.55 3.44 -51.93
CA PHE B 140 48.20 4.73 -51.91
C PHE B 140 47.51 5.64 -52.92
N LEU B 141 47.27 6.89 -52.52
CA LEU B 141 46.55 7.86 -53.34
C LEU B 141 47.51 8.97 -53.75
N GLY B 142 47.63 9.18 -55.06
CA GLY B 142 48.48 10.23 -55.56
C GLY B 142 47.86 11.60 -55.42
N VAL B 143 48.73 12.62 -55.39
CA VAL B 143 48.31 14.01 -55.27
C VAL B 143 49.20 14.86 -56.16
N TYR B 144 48.59 15.85 -56.82
CA TYR B 144 49.30 16.77 -57.69
C TYR B 144 49.23 18.18 -57.12
N TYR B 145 50.13 19.04 -57.60
CA TYR B 145 50.23 20.41 -57.11
C TYR B 145 49.29 21.30 -57.92
N HIS B 146 48.06 21.42 -57.43
CA HIS B 146 47.04 22.31 -57.98
C HIS B 146 47.04 22.43 -59.51
N LYS B 147 46.84 21.28 -60.15
CA LYS B 147 46.77 21.22 -61.60
C LYS B 147 45.48 21.80 -62.17
N ASN B 148 45.33 21.74 -63.50
CA ASN B 148 44.12 22.26 -64.12
C ASN B 148 42.84 21.56 -63.65
N ASN B 149 42.95 20.31 -63.23
CA ASN B 149 41.82 19.54 -62.74
C ASN B 149 41.86 19.48 -61.21
N LYS B 150 40.72 19.09 -60.63
CA LYS B 150 40.57 19.04 -59.18
C LYS B 150 41.21 17.75 -58.65
N SER B 151 42.55 17.72 -58.72
CA SER B 151 43.39 16.63 -58.25
C SER B 151 43.22 15.34 -59.04
N TRP B 152 42.40 15.34 -60.08
CA TRP B 152 42.17 14.14 -60.88
C TRP B 152 41.65 13.00 -60.01
N MET B 153 41.50 11.81 -60.60
CA MET B 153 41.01 10.64 -59.87
C MET B 153 39.69 10.94 -59.18
N GLU B 154 38.82 11.69 -59.86
CA GLU B 154 37.54 12.06 -59.28
C GLU B 154 36.68 10.83 -58.99
N SER B 155 36.60 9.92 -59.96
CA SER B 155 35.77 8.72 -59.81
C SER B 155 36.42 7.49 -60.43
N GLU B 156 37.66 7.56 -60.91
CA GLU B 156 38.29 6.42 -61.54
C GLU B 156 38.35 5.23 -60.60
N PHE B 157 39.11 5.36 -59.51
CA PHE B 157 39.26 4.32 -58.50
C PHE B 157 39.36 2.94 -59.14
N ARG B 158 40.40 2.78 -59.96
CA ARG B 158 40.58 1.56 -60.77
C ARG B 158 41.10 0.43 -59.88
N VAL B 159 40.26 0.04 -58.91
CA VAL B 159 40.58 -1.06 -58.01
C VAL B 159 39.43 -2.06 -58.04
N TYR B 160 38.21 -1.56 -57.85
CA TYR B 160 37.05 -2.43 -57.81
C TYR B 160 36.84 -3.11 -59.17
N SER B 161 36.39 -4.36 -59.13
CA SER B 161 36.08 -5.13 -60.33
C SER B 161 34.59 -5.13 -60.64
N SER B 162 33.73 -5.22 -59.62
CA SER B 162 32.29 -5.23 -59.82
C SER B 162 31.41 -5.00 -58.59
N ALA B 163 30.44 -4.10 -58.71
CA ALA B 163 29.55 -3.81 -57.60
C ALA B 163 28.73 -5.05 -57.24
N ASN B 164 28.51 -5.23 -55.94
CA ASN B 164 27.78 -6.39 -55.42
C ASN B 164 26.44 -6.02 -54.82
N ASN B 165 26.41 -5.08 -53.88
CA ASN B 165 25.16 -4.71 -53.21
C ASN B 165 25.23 -3.22 -52.86
N CYS B 166 24.57 -2.39 -53.67
CA CYS B 166 24.47 -0.96 -53.45
C CYS B 166 23.03 -0.66 -53.07
N THR B 167 22.73 -0.75 -51.78
CA THR B 167 21.38 -0.57 -51.26
C THR B 167 21.11 0.86 -50.79
N PHE B 168 22.08 1.77 -50.95
CA PHE B 168 21.88 3.15 -50.53
C PHE B 168 22.64 4.07 -51.48
N GLU B 169 22.14 5.29 -51.59
CA GLU B 169 22.76 6.30 -52.43
C GLU B 169 22.19 7.67 -52.06
N TYR B 170 23.06 8.68 -52.08
CA TYR B 170 22.65 10.03 -51.73
C TYR B 170 23.67 11.01 -52.30
N VAL B 171 23.22 11.87 -53.21
CA VAL B 171 24.07 12.86 -53.86
C VAL B 171 23.50 14.25 -53.57
N SER B 172 24.35 15.15 -53.09
CA SER B 172 23.94 16.51 -52.78
C SER B 172 24.33 17.46 -53.91
N PHE B 186 46.10 27.13 -37.56
CA PHE B 186 44.80 26.51 -37.76
C PHE B 186 43.69 27.54 -37.64
N LYS B 187 42.73 27.49 -38.56
CA LYS B 187 41.61 28.43 -38.58
C LYS B 187 40.22 27.86 -38.34
N ASN B 188 40.05 26.55 -38.45
CA ASN B 188 38.74 25.92 -38.28
C ASN B 188 38.90 24.64 -37.48
N LEU B 189 37.78 24.14 -36.97
CA LEU B 189 37.77 22.91 -36.20
C LEU B 189 36.39 22.27 -36.30
N ARG B 190 36.36 21.00 -36.69
CA ARG B 190 35.14 20.23 -36.84
C ARG B 190 35.14 19.09 -35.83
N GLU B 191 34.07 18.99 -35.05
CA GLU B 191 33.88 17.91 -34.09
C GLU B 191 32.67 17.09 -34.51
N PHE B 192 32.77 15.77 -34.36
CA PHE B 192 31.71 14.86 -34.74
C PHE B 192 31.55 13.79 -33.66
N VAL B 193 30.33 13.27 -33.55
CA VAL B 193 30.02 12.15 -32.67
C VAL B 193 29.17 11.17 -33.46
N PHE B 194 29.62 9.91 -33.52
CA PHE B 194 28.89 8.86 -34.23
C PHE B 194 28.56 7.75 -33.25
N LYS B 195 27.31 7.26 -33.31
CA LYS B 195 26.94 6.17 -32.43
C LYS B 195 25.76 5.40 -33.01
N ASN B 196 25.83 4.07 -32.92
CA ASN B 196 24.76 3.18 -33.36
C ASN B 196 24.02 2.68 -32.12
N ILE B 197 22.79 3.17 -31.93
CA ILE B 197 21.98 2.81 -30.77
C ILE B 197 20.61 2.38 -31.26
N ASP B 198 20.15 1.22 -30.77
CA ASP B 198 18.81 0.70 -31.06
C ASP B 198 18.52 0.72 -32.56
N GLY B 199 19.51 0.31 -33.35
CA GLY B 199 19.34 0.19 -34.78
C GLY B 199 19.42 1.49 -35.56
N TYR B 200 19.68 2.61 -34.90
CA TYR B 200 19.78 3.91 -35.54
C TYR B 200 21.22 4.40 -35.45
N PHE B 201 21.78 4.81 -36.58
CA PHE B 201 23.12 5.36 -36.66
C PHE B 201 23.01 6.88 -36.63
N LYS B 202 23.36 7.48 -35.49
CA LYS B 202 23.21 8.91 -35.29
C LYS B 202 24.58 9.59 -35.41
N ILE B 203 24.62 10.65 -36.21
CA ILE B 203 25.83 11.45 -36.43
C ILE B 203 25.52 12.89 -36.09
N TYR B 204 26.28 13.45 -35.15
CA TYR B 204 26.15 14.83 -34.71
C TYR B 204 27.45 15.56 -35.04
N SER B 205 27.35 16.86 -35.31
CA SER B 205 28.53 17.61 -35.72
C SER B 205 28.47 19.04 -35.21
N LYS B 206 29.63 19.69 -35.20
CA LYS B 206 29.74 21.09 -34.82
C LYS B 206 31.02 21.65 -35.43
N HIS B 207 30.89 22.70 -36.22
CA HIS B 207 32.02 23.34 -36.90
C HIS B 207 32.19 24.76 -36.37
N THR B 208 33.40 25.08 -35.89
CA THR B 208 33.64 26.39 -35.29
C THR B 208 35.06 26.85 -35.62
N PRO B 209 35.28 28.16 -35.73
CA PRO B 209 36.64 28.66 -35.95
C PRO B 209 37.38 28.88 -34.65
N ILE B 210 38.67 28.55 -34.67
CA ILE B 210 39.53 28.67 -33.50
C ILE B 210 40.86 29.31 -33.91
N ASN B 211 41.53 29.91 -32.92
CA ASN B 211 42.85 30.51 -33.10
C ASN B 211 43.72 30.08 -31.93
N LEU B 212 44.38 28.93 -32.07
CA LEU B 212 45.26 28.40 -31.04
C LEU B 212 46.06 27.25 -31.62
N VAL B 213 47.31 27.13 -31.19
CA VAL B 213 48.22 26.13 -31.73
C VAL B 213 48.78 25.25 -30.63
N ARG B 214 48.84 25.78 -29.40
CA ARG B 214 49.49 25.04 -28.32
C ARG B 214 48.70 23.81 -27.94
N ASP B 215 47.39 23.95 -27.73
CA ASP B 215 46.51 22.84 -27.39
C ASP B 215 45.08 23.23 -27.80
N LEU B 216 44.12 22.42 -27.35
CA LEU B 216 42.73 22.74 -27.62
C LEU B 216 42.30 23.98 -26.83
N PRO B 217 41.40 24.79 -27.37
CA PRO B 217 40.93 25.96 -26.62
C PRO B 217 40.06 25.55 -25.44
N GLN B 218 40.11 26.36 -24.38
CA GLN B 218 39.34 26.10 -23.17
C GLN B 218 37.95 26.73 -23.34
N GLY B 219 37.11 26.04 -24.10
CA GLY B 219 35.77 26.52 -24.37
C GLY B 219 34.78 25.37 -24.41
N PHE B 220 33.50 25.73 -24.37
CA PHE B 220 32.40 24.79 -24.40
C PHE B 220 31.51 25.07 -25.60
N SER B 221 31.04 24.02 -26.25
CA SER B 221 30.18 24.16 -27.42
C SER B 221 29.43 22.85 -27.64
N ALA B 222 28.10 22.93 -27.67
CA ALA B 222 27.30 21.74 -27.89
C ALA B 222 27.39 21.30 -29.35
N LEU B 223 27.00 20.05 -29.59
CA LEU B 223 27.05 19.45 -30.93
C LEU B 223 25.62 19.24 -31.40
N GLU B 224 25.13 20.16 -32.22
CA GLU B 224 23.79 20.02 -32.76
C GLU B 224 23.74 18.81 -33.69
N PRO B 225 22.68 17.99 -33.63
CA PRO B 225 22.65 16.77 -34.44
C PRO B 225 22.61 17.08 -35.92
N LEU B 226 23.25 16.20 -36.71
CA LEU B 226 23.23 16.31 -38.16
C LEU B 226 22.25 15.34 -38.79
N VAL B 227 22.40 14.03 -38.56
CA VAL B 227 21.58 13.03 -39.22
C VAL B 227 21.37 11.84 -38.30
N ASP B 228 20.32 11.08 -38.57
CA ASP B 228 19.98 9.87 -37.82
C ASP B 228 19.46 8.85 -38.84
N LEU B 229 20.36 8.02 -39.35
CA LEU B 229 20.00 7.08 -40.41
C LEU B 229 19.45 5.78 -39.82
N PRO B 230 18.38 5.21 -40.41
CA PRO B 230 17.88 3.91 -39.95
C PRO B 230 18.54 2.73 -40.66
N ILE B 231 19.84 2.55 -40.40
CA ILE B 231 20.60 1.48 -41.05
C ILE B 231 20.48 0.18 -40.27
N GLY B 232 20.72 0.21 -38.97
CA GLY B 232 20.64 -0.99 -38.16
C GLY B 232 21.79 -1.95 -38.36
N ILE B 233 22.93 -1.49 -38.87
CA ILE B 233 24.09 -2.34 -39.09
C ILE B 233 24.85 -2.50 -37.78
N ASN B 234 25.79 -3.44 -37.74
CA ASN B 234 26.53 -3.80 -36.54
C ASN B 234 27.98 -3.32 -36.61
N ILE B 235 28.17 -2.10 -37.10
CA ILE B 235 29.52 -1.56 -37.25
C ILE B 235 30.29 -1.73 -35.95
N THR B 236 31.54 -2.19 -36.08
CA THR B 236 32.43 -2.34 -34.94
C THR B 236 33.82 -1.75 -35.16
N ARG B 237 34.14 -1.28 -36.36
CA ARG B 237 35.43 -0.68 -36.64
C ARG B 237 35.26 0.41 -37.69
N PHE B 238 36.20 1.34 -37.70
CA PHE B 238 36.18 2.45 -38.64
C PHE B 238 37.60 2.75 -39.08
N GLN B 239 37.76 3.07 -40.36
CA GLN B 239 39.07 3.32 -40.95
C GLN B 239 39.01 4.56 -41.84
N THR B 240 40.16 5.22 -41.97
CA THR B 240 40.30 6.35 -42.87
C THR B 240 41.66 6.27 -43.55
N LEU B 241 41.74 6.81 -44.77
CA LEU B 241 42.98 6.74 -45.54
C LEU B 241 44.06 7.56 -44.87
N LEU B 242 45.27 7.02 -44.86
CA LEU B 242 46.45 7.69 -44.31
C LEU B 242 47.40 8.23 -45.37
N ALA B 243 47.77 9.51 -45.24
CA ALA B 243 48.64 10.17 -46.22
C ALA B 243 50.09 9.96 -45.80
N LEU B 244 50.56 8.74 -46.01
CA LEU B 244 51.95 8.40 -45.71
C LEU B 244 52.97 8.86 -46.76
N HIS B 245 54.12 9.33 -46.29
CA HIS B 245 55.18 9.78 -47.18
C HIS B 245 55.83 8.60 -47.89
N ALA B 263 47.12 15.57 -40.95
CA ALA B 263 46.60 14.46 -40.14
C ALA B 263 46.38 14.61 -38.63
N ALA B 264 45.78 15.73 -38.24
CA ALA B 264 45.53 16.02 -36.83
C ALA B 264 44.07 15.70 -36.52
N TYR B 265 43.82 14.41 -36.27
CA TYR B 265 42.48 13.93 -35.91
C TYR B 265 42.47 13.15 -34.60
N TYR B 266 41.53 13.49 -33.72
CA TYR B 266 41.41 12.88 -32.42
C TYR B 266 40.30 11.83 -32.41
N VAL B 267 40.47 10.82 -31.58
CA VAL B 267 39.50 9.73 -31.45
C VAL B 267 39.18 9.54 -29.97
N GLY B 268 37.88 9.46 -29.67
CA GLY B 268 37.42 9.22 -28.31
C GLY B 268 36.37 8.13 -28.30
N TYR B 269 36.14 7.59 -27.10
CA TYR B 269 35.18 6.51 -26.90
C TYR B 269 34.16 6.91 -25.85
N LEU B 270 32.90 6.60 -26.11
CA LEU B 270 31.82 6.95 -25.21
C LEU B 270 31.59 5.95 -24.07
N GLN B 271 31.09 6.47 -22.95
CA GLN B 271 30.79 5.66 -21.78
C GLN B 271 29.37 5.94 -21.31
N PRO B 272 28.73 4.98 -20.64
CA PRO B 272 27.34 5.17 -20.18
C PRO B 272 27.26 6.05 -18.93
N ARG B 273 27.79 7.27 -19.05
CA ARG B 273 27.80 8.21 -17.94
C ARG B 273 26.44 8.91 -17.82
N THR B 274 26.24 9.55 -16.68
CA THR B 274 25.06 10.37 -16.42
C THR B 274 25.50 11.82 -16.32
N PHE B 275 24.88 12.68 -17.12
CA PHE B 275 25.28 14.07 -17.24
C PHE B 275 24.15 14.99 -16.79
N LEU B 276 24.56 16.19 -16.37
CA LEU B 276 23.63 17.27 -16.03
C LEU B 276 23.85 18.38 -17.04
N LEU B 277 22.88 18.60 -17.91
CA LEU B 277 22.98 19.58 -18.98
C LEU B 277 22.20 20.84 -18.60
N LYS B 278 22.83 21.99 -18.81
CA LYS B 278 22.23 23.29 -18.50
C LYS B 278 21.71 23.92 -19.78
N TYR B 279 20.43 24.25 -19.79
CA TYR B 279 19.80 24.90 -20.94
C TYR B 279 19.60 26.38 -20.67
N ASN B 280 19.69 27.18 -21.72
CA ASN B 280 19.53 28.62 -21.65
C ASN B 280 18.12 29.00 -22.11
N GLU B 281 17.89 30.31 -22.25
CA GLU B 281 16.56 30.79 -22.60
C GLU B 281 16.13 30.26 -23.96
N ASN B 282 17.04 30.28 -24.94
CA ASN B 282 16.73 29.85 -26.30
C ASN B 282 16.98 28.37 -26.60
N GLY B 283 17.09 27.54 -25.56
CA GLY B 283 17.20 26.10 -25.76
C GLY B 283 18.55 25.62 -26.25
N THR B 284 19.60 26.39 -26.05
CA THR B 284 20.96 26.00 -26.42
C THR B 284 21.76 25.65 -25.18
N ILE B 285 22.39 24.47 -25.21
CA ILE B 285 23.17 24.02 -24.06
C ILE B 285 24.39 24.93 -23.90
N THR B 286 24.61 25.40 -22.67
CA THR B 286 25.72 26.28 -22.36
C THR B 286 26.81 25.61 -21.54
N ASP B 287 26.45 24.72 -20.61
CA ASP B 287 27.43 24.03 -19.80
C ASP B 287 26.88 22.65 -19.43
N ALA B 288 27.80 21.74 -19.10
CA ALA B 288 27.45 20.38 -18.72
C ALA B 288 28.33 19.94 -17.57
N VAL B 289 27.80 19.03 -16.76
CA VAL B 289 28.52 18.49 -15.61
C VAL B 289 28.48 16.97 -15.68
N ASP B 290 29.63 16.33 -15.50
CA ASP B 290 29.75 14.88 -15.48
C ASP B 290 29.73 14.43 -14.03
N CYS B 291 28.64 13.75 -13.63
CA CYS B 291 28.46 13.40 -12.22
C CYS B 291 29.60 12.54 -11.71
N ALA B 292 30.20 11.72 -12.56
CA ALA B 292 31.27 10.81 -12.15
C ALA B 292 32.65 11.42 -12.24
N LEU B 293 32.76 12.70 -12.64
CA LEU B 293 34.07 13.31 -12.80
C LEU B 293 34.78 13.43 -11.45
N ASP B 294 34.11 13.99 -10.46
CA ASP B 294 34.74 14.24 -9.16
C ASP B 294 33.62 14.38 -8.13
N PRO B 295 33.96 14.34 -6.83
CA PRO B 295 32.91 14.47 -5.81
C PRO B 295 32.10 15.75 -5.94
N LEU B 296 32.73 16.85 -6.35
CA LEU B 296 32.00 18.10 -6.52
C LEU B 296 30.95 17.96 -7.61
N SER B 297 31.28 17.30 -8.72
CA SER B 297 30.31 17.09 -9.79
C SER B 297 29.15 16.21 -9.32
N GLU B 298 29.46 15.17 -8.54
CA GLU B 298 28.40 14.31 -8.01
C GLU B 298 27.49 15.10 -7.08
N THR B 299 28.06 15.96 -6.24
CA THR B 299 27.25 16.80 -5.36
C THR B 299 26.36 17.73 -6.19
N LYS B 300 26.92 18.33 -7.24
CA LYS B 300 26.13 19.20 -8.10
C LYS B 300 24.97 18.44 -8.74
N CYS B 301 25.24 17.22 -9.22
CA CYS B 301 24.18 16.40 -9.81
C CYS B 301 23.11 16.07 -8.78
N THR B 302 23.52 15.71 -7.56
CA THR B 302 22.55 15.38 -6.53
C THR B 302 21.69 16.58 -6.18
N LEU B 303 22.28 17.77 -6.09
CA LEU B 303 21.54 18.98 -5.81
C LEU B 303 20.88 19.58 -7.05
N LYS B 304 21.19 19.07 -8.24
CA LYS B 304 20.61 19.57 -9.48
C LYS B 304 20.83 21.07 -9.63
N SER B 305 22.02 21.53 -9.23
CA SER B 305 22.37 22.94 -9.33
C SER B 305 23.86 23.06 -9.59
N PHE B 306 24.23 24.05 -10.40
CA PHE B 306 25.64 24.31 -10.70
C PHE B 306 26.34 25.07 -9.60
N THR B 307 25.61 25.66 -8.66
CA THR B 307 26.18 26.38 -7.53
C THR B 307 25.82 25.62 -6.25
N VAL B 308 26.84 25.28 -5.46
CA VAL B 308 26.67 24.54 -4.23
C VAL B 308 27.06 25.46 -3.08
N GLU B 309 26.14 25.66 -2.14
CA GLU B 309 26.39 26.53 -1.00
C GLU B 309 27.16 25.77 0.09
N LYS B 310 27.61 26.52 1.09
CA LYS B 310 28.35 25.91 2.19
C LYS B 310 27.48 24.89 2.91
N GLY B 311 28.06 23.74 3.20
CA GLY B 311 27.35 22.69 3.90
C GLY B 311 27.91 21.32 3.54
N ILE B 312 27.25 20.30 4.09
CA ILE B 312 27.61 18.90 3.85
C ILE B 312 26.41 18.21 3.22
N TYR B 313 26.65 17.51 2.12
CA TYR B 313 25.60 16.84 1.37
C TYR B 313 25.96 15.37 1.16
N GLN B 314 24.98 14.50 1.34
CA GLN B 314 25.15 13.08 1.11
C GLN B 314 24.89 12.77 -0.36
N THR B 315 25.83 12.08 -1.01
CA THR B 315 25.77 11.81 -2.44
C THR B 315 25.32 10.39 -2.75
N SER B 316 25.99 9.39 -2.18
CA SER B 316 25.69 8.00 -2.50
C SER B 316 26.16 7.11 -1.35
N ASN B 317 26.22 5.81 -1.61
CA ASN B 317 26.64 4.83 -0.62
C ASN B 317 27.70 3.91 -1.22
N PHE B 318 28.54 3.36 -0.36
CA PHE B 318 29.62 2.48 -0.77
C PHE B 318 29.41 1.09 -0.17
N ARG B 319 29.81 0.08 -0.93
CA ARG B 319 29.63 -1.31 -0.53
C ARG B 319 30.89 -2.10 -0.85
N VAL B 320 31.11 -3.16 -0.09
CA VAL B 320 32.21 -4.09 -0.30
C VAL B 320 31.63 -5.47 -0.54
N GLN B 321 32.06 -6.13 -1.60
CA GLN B 321 31.52 -7.40 -2.04
C GLN B 321 32.47 -8.56 -1.71
N PRO B 322 31.94 -9.78 -1.60
CA PRO B 322 32.81 -10.93 -1.34
C PRO B 322 33.77 -11.17 -2.49
N THR B 323 34.94 -11.74 -2.17
CA THR B 323 35.98 -11.90 -3.17
C THR B 323 35.50 -12.79 -4.31
N GLU B 324 35.33 -14.09 -4.06
CA GLU B 324 34.60 -14.93 -5.02
C GLU B 324 33.54 -15.78 -4.33
N SER B 325 33.88 -16.40 -3.21
CA SER B 325 32.95 -17.23 -2.45
C SER B 325 33.70 -17.84 -1.27
N ILE B 326 32.95 -18.48 -0.38
CA ILE B 326 33.49 -19.28 0.71
C ILE B 326 32.48 -20.37 1.03
N VAL B 327 32.95 -21.62 1.11
CA VAL B 327 32.09 -22.76 1.38
C VAL B 327 32.78 -23.67 2.38
N ARG B 328 31.99 -24.23 3.30
CA ARG B 328 32.52 -25.13 4.32
C ARG B 328 31.58 -26.32 4.47
N PHE B 329 32.13 -27.44 4.93
CA PHE B 329 31.38 -28.68 5.09
C PHE B 329 32.14 -29.57 6.06
N PRO B 330 31.51 -30.65 6.54
CA PRO B 330 32.20 -31.53 7.48
C PRO B 330 33.49 -32.11 6.88
N ASN B 331 34.49 -32.29 7.74
CA ASN B 331 35.79 -32.78 7.33
C ASN B 331 35.78 -34.30 7.35
N ILE B 332 35.79 -34.91 6.16
CA ILE B 332 35.86 -36.37 6.03
C ILE B 332 34.69 -37.01 6.76
N THR B 333 33.60 -37.22 6.05
CA THR B 333 32.44 -37.89 6.63
C THR B 333 32.74 -39.38 6.83
N ASN B 334 31.76 -40.10 7.37
CA ASN B 334 31.93 -41.52 7.61
C ASN B 334 32.15 -42.26 6.30
N LEU B 335 33.10 -43.19 6.31
CA LEU B 335 33.45 -43.99 5.14
C LEU B 335 32.92 -45.40 5.32
N CYS B 336 32.23 -45.90 4.30
CA CYS B 336 31.67 -47.24 4.37
C CYS B 336 32.80 -48.28 4.36
N PRO B 337 32.56 -49.46 4.94
CA PRO B 337 33.60 -50.51 4.95
C PRO B 337 33.69 -51.24 3.61
N PHE B 338 34.20 -50.53 2.60
CA PHE B 338 34.31 -51.11 1.27
C PHE B 338 35.26 -52.31 1.27
N GLY B 339 36.36 -52.23 2.02
CA GLY B 339 37.29 -53.33 2.06
C GLY B 339 36.68 -54.60 2.61
N GLU B 340 35.88 -54.49 3.67
CA GLU B 340 35.29 -55.67 4.29
C GLU B 340 34.34 -56.38 3.34
N VAL B 341 33.66 -55.64 2.47
CA VAL B 341 32.66 -56.23 1.59
C VAL B 341 33.27 -56.71 0.28
N PHE B 342 34.03 -55.85 -0.39
CA PHE B 342 34.57 -56.19 -1.70
C PHE B 342 35.55 -57.35 -1.62
N ASN B 343 36.39 -57.38 -0.58
CA ASN B 343 37.42 -58.40 -0.43
C ASN B 343 36.92 -59.63 0.33
N ALA B 344 35.62 -59.89 0.32
CA ALA B 344 35.08 -61.05 1.02
C ALA B 344 35.74 -62.33 0.50
N THR B 345 36.13 -63.20 1.44
CA THR B 345 36.80 -64.43 1.07
C THR B 345 35.91 -65.32 0.21
N ARG B 346 34.64 -65.43 0.57
CA ARG B 346 33.68 -66.28 -0.14
C ARG B 346 32.64 -65.41 -0.82
N PHE B 347 32.25 -65.81 -2.04
CA PHE B 347 31.27 -65.09 -2.83
C PHE B 347 30.08 -65.99 -3.10
N ALA B 348 28.90 -65.40 -3.10
CA ALA B 348 27.68 -66.15 -3.33
C ALA B 348 27.56 -66.54 -4.80
N SER B 349 26.63 -67.47 -5.07
CA SER B 349 26.43 -67.94 -6.42
C SER B 349 25.82 -66.85 -7.30
N VAL B 350 25.91 -67.04 -8.61
CA VAL B 350 25.37 -66.05 -9.55
C VAL B 350 23.86 -65.92 -9.38
N TYR B 351 23.17 -67.05 -9.23
CA TYR B 351 21.73 -67.01 -9.00
C TYR B 351 21.37 -66.55 -7.60
N ALA B 352 22.34 -66.42 -6.71
CA ALA B 352 22.12 -66.00 -5.32
C ALA B 352 22.99 -64.80 -4.99
N TRP B 353 22.99 -63.81 -5.87
CA TRP B 353 23.78 -62.60 -5.67
C TRP B 353 23.57 -62.05 -4.28
N ASN B 354 24.67 -61.74 -3.60
CA ASN B 354 24.61 -61.30 -2.21
C ASN B 354 24.16 -59.85 -2.13
N ARG B 355 23.11 -59.61 -1.35
CA ARG B 355 22.53 -58.29 -1.19
C ARG B 355 22.88 -57.73 0.18
N LYS B 356 23.37 -56.49 0.20
CA LYS B 356 23.74 -55.81 1.43
C LYS B 356 23.20 -54.38 1.41
N ARG B 357 23.00 -53.81 2.60
CA ARG B 357 22.50 -52.46 2.74
C ARG B 357 23.61 -51.57 3.28
N ILE B 358 23.82 -50.43 2.63
CA ILE B 358 24.83 -49.45 3.02
C ILE B 358 24.13 -48.16 3.39
N SER B 359 24.46 -47.64 4.57
CA SER B 359 23.85 -46.41 5.07
C SER B 359 24.79 -45.80 6.09
N ASN B 360 24.44 -44.58 6.52
CA ASN B 360 25.22 -43.85 7.53
C ASN B 360 26.64 -43.57 7.03
N CYS B 361 26.80 -43.48 5.71
CA CYS B 361 28.11 -43.19 5.12
C CYS B 361 27.89 -42.79 3.67
N VAL B 362 28.92 -42.19 3.08
CA VAL B 362 28.88 -41.73 1.70
C VAL B 362 30.03 -42.40 0.93
N ALA B 363 29.73 -42.85 -0.27
CA ALA B 363 30.73 -43.52 -1.10
C ALA B 363 31.78 -42.52 -1.54
N ASP B 364 33.03 -42.77 -1.15
CA ASP B 364 34.16 -41.90 -1.50
C ASP B 364 34.69 -42.32 -2.86
N TYR B 365 33.97 -41.94 -3.92
CA TYR B 365 34.38 -42.25 -5.28
C TYR B 365 35.62 -41.51 -5.71
N SER B 366 36.04 -40.47 -4.97
CA SER B 366 37.21 -39.70 -5.37
C SER B 366 38.47 -40.56 -5.35
N VAL B 367 38.63 -41.40 -4.33
CA VAL B 367 39.84 -42.21 -4.22
C VAL B 367 39.95 -43.18 -5.39
N LEU B 368 38.82 -43.79 -5.77
CA LEU B 368 38.82 -44.74 -6.88
C LEU B 368 38.68 -44.05 -8.24
N TYR B 369 38.44 -42.74 -8.27
CA TYR B 369 38.29 -42.05 -9.54
C TYR B 369 39.62 -41.99 -10.29
N ASN B 370 40.65 -41.39 -9.70
CA ASN B 370 41.94 -41.30 -10.35
C ASN B 370 42.55 -42.68 -10.54
N SER B 371 42.44 -43.55 -9.53
CA SER B 371 43.03 -44.88 -9.61
C SER B 371 42.42 -45.68 -10.76
N ALA B 372 41.08 -45.65 -10.88
CA ALA B 372 40.38 -46.37 -11.93
C ALA B 372 40.79 -47.84 -11.95
N SER B 373 40.89 -48.44 -10.76
CA SER B 373 41.31 -49.83 -10.67
C SER B 373 40.32 -50.76 -11.38
N PHE B 374 39.03 -50.54 -11.15
CA PHE B 374 38.00 -51.36 -11.79
C PHE B 374 37.83 -50.97 -13.25
N SER B 375 37.52 -51.95 -14.08
CA SER B 375 37.48 -51.77 -15.52
C SER B 375 36.12 -51.31 -16.04
N THR B 376 35.10 -51.23 -15.19
CA THR B 376 33.77 -50.82 -15.64
C THR B 376 33.06 -50.09 -14.52
N PHE B 377 32.64 -48.85 -14.80
CA PHE B 377 31.91 -47.98 -13.87
C PHE B 377 30.60 -47.52 -14.50
N LYS B 378 29.84 -48.46 -15.05
CA LYS B 378 28.69 -48.11 -15.87
C LYS B 378 27.59 -47.50 -15.01
N CYS B 379 27.39 -46.20 -15.12
CA CYS B 379 26.33 -45.48 -14.41
C CYS B 379 25.26 -45.06 -15.41
N TYR B 380 24.00 -45.32 -15.07
CA TYR B 380 22.88 -45.06 -15.96
C TYR B 380 22.17 -43.78 -15.54
N GLY B 381 22.02 -42.85 -16.47
CA GLY B 381 21.34 -41.60 -16.19
C GLY B 381 22.08 -40.70 -15.23
N VAL B 382 23.36 -40.93 -14.99
CA VAL B 382 24.15 -40.12 -14.07
C VAL B 382 25.62 -40.38 -14.36
N SER B 383 26.47 -39.45 -13.97
CA SER B 383 27.91 -39.55 -14.17
C SER B 383 28.62 -39.34 -12.84
N PRO B 384 29.82 -39.91 -12.68
CA PRO B 384 30.54 -39.73 -11.41
C PRO B 384 30.80 -38.28 -11.06
N THR B 385 31.07 -37.43 -12.05
CA THR B 385 31.35 -36.03 -11.79
C THR B 385 30.08 -35.24 -11.45
N LYS B 386 28.94 -35.63 -12.01
CA LYS B 386 27.70 -34.89 -11.82
C LYS B 386 26.88 -35.38 -10.64
N LEU B 387 27.36 -36.36 -9.89
CA LEU B 387 26.62 -36.83 -8.71
C LEU B 387 26.59 -35.79 -7.60
N ASN B 388 27.39 -34.72 -7.69
CA ASN B 388 27.38 -33.71 -6.66
C ASN B 388 26.01 -33.05 -6.54
N ASP B 389 25.38 -32.75 -7.68
CA ASP B 389 24.05 -32.13 -7.66
C ASP B 389 22.97 -33.18 -7.48
N LEU B 390 23.09 -33.99 -6.43
CA LEU B 390 22.09 -35.02 -6.14
C LEU B 390 22.44 -35.68 -4.81
N CYS B 391 21.44 -36.11 -4.06
CA CYS B 391 21.63 -36.71 -2.75
C CYS B 391 20.83 -37.99 -2.64
N PHE B 392 21.41 -39.00 -1.99
CA PHE B 392 20.78 -40.30 -1.80
C PHE B 392 20.94 -40.73 -0.35
N THR B 393 19.94 -41.45 0.17
CA THR B 393 19.91 -41.80 1.58
C THR B 393 20.53 -43.15 1.89
N ASN B 394 20.26 -44.17 1.07
CA ASN B 394 20.76 -45.51 1.33
C ASN B 394 21.06 -46.21 0.01
N VAL B 395 21.87 -47.26 0.09
CA VAL B 395 22.32 -47.99 -1.09
C VAL B 395 22.07 -49.48 -0.86
N TYR B 396 21.67 -50.18 -1.92
CA TYR B 396 21.59 -51.63 -1.94
C TYR B 396 22.70 -52.13 -2.87
N ALA B 397 23.59 -52.95 -2.33
CA ALA B 397 24.73 -53.49 -3.07
C ALA B 397 24.46 -54.96 -3.35
N ASP B 398 24.34 -55.30 -4.64
CA ASP B 398 24.19 -56.68 -5.09
C ASP B 398 25.51 -57.11 -5.71
N SER B 399 26.24 -57.97 -5.01
CA SER B 399 27.54 -58.44 -5.45
C SER B 399 27.43 -59.85 -5.99
N PHE B 400 28.11 -60.11 -7.10
CA PHE B 400 28.07 -61.42 -7.75
C PHE B 400 29.20 -61.47 -8.77
N VAL B 401 29.26 -62.56 -9.54
CA VAL B 401 30.22 -62.71 -10.63
C VAL B 401 29.45 -63.15 -11.87
N ILE B 402 29.63 -62.42 -12.96
CA ILE B 402 28.88 -62.68 -14.19
C ILE B 402 29.81 -62.59 -15.40
N ARG B 403 29.24 -62.70 -16.60
CA ARG B 403 29.97 -62.51 -17.84
C ARG B 403 29.66 -61.13 -18.39
N GLY B 404 30.70 -60.37 -18.74
CA GLY B 404 30.51 -59.01 -19.20
C GLY B 404 29.67 -58.92 -20.46
N ASP B 405 29.81 -59.89 -21.37
CA ASP B 405 29.11 -59.83 -22.64
C ASP B 405 27.60 -59.73 -22.46
N GLU B 406 27.09 -60.20 -21.33
CA GLU B 406 25.65 -60.20 -21.08
C GLU B 406 25.14 -58.88 -20.51
N VAL B 407 26.02 -57.96 -20.12
CA VAL B 407 25.58 -56.75 -19.46
C VAL B 407 24.59 -55.98 -20.34
N ARG B 408 24.90 -55.86 -21.63
CA ARG B 408 23.99 -55.19 -22.55
C ARG B 408 22.69 -55.98 -22.70
N GLN B 409 22.79 -57.32 -22.71
CA GLN B 409 21.60 -58.15 -22.89
C GLN B 409 20.61 -57.95 -21.74
N ILE B 410 21.11 -57.86 -20.51
CA ILE B 410 20.25 -57.75 -19.33
C ILE B 410 19.98 -56.26 -19.15
N ALA B 411 18.96 -55.76 -19.84
CA ALA B 411 18.54 -54.38 -19.73
C ALA B 411 17.04 -54.31 -19.96
N PRO B 412 16.35 -53.35 -19.37
CA PRO B 412 14.91 -53.23 -19.59
C PRO B 412 14.58 -52.87 -21.03
N GLY B 413 13.45 -53.39 -21.50
CA GLY B 413 12.99 -53.11 -22.85
C GLY B 413 13.65 -53.92 -23.94
N GLN B 414 14.55 -54.83 -23.60
CA GLN B 414 15.23 -55.62 -24.61
C GLN B 414 14.23 -56.52 -25.34
N THR B 415 14.36 -56.57 -26.66
CA THR B 415 13.48 -57.40 -27.49
C THR B 415 14.21 -58.70 -27.78
N GLY B 416 13.83 -59.76 -27.08
CA GLY B 416 14.44 -61.06 -27.26
C GLY B 416 13.96 -62.08 -26.25
N LYS B 417 13.83 -63.34 -26.69
CA LYS B 417 13.37 -64.40 -25.78
C LYS B 417 14.42 -64.74 -24.75
N ILE B 418 15.71 -64.65 -25.11
CA ILE B 418 16.78 -65.03 -24.18
C ILE B 418 16.75 -64.14 -22.95
N ALA B 419 16.59 -62.84 -23.13
CA ALA B 419 16.59 -61.91 -22.02
C ALA B 419 15.38 -62.08 -21.10
N ASP B 420 14.35 -62.79 -21.54
CA ASP B 420 13.14 -62.97 -20.75
C ASP B 420 13.21 -64.15 -19.79
N TYR B 421 14.30 -64.92 -19.81
CA TYR B 421 14.46 -66.07 -18.92
C TYR B 421 15.73 -66.02 -18.10
N ASN B 422 16.56 -64.98 -18.22
CA ASN B 422 17.80 -64.86 -17.46
C ASN B 422 17.60 -63.99 -16.21
N TYR B 423 17.17 -62.75 -16.39
CA TYR B 423 16.94 -61.84 -15.28
C TYR B 423 16.14 -60.64 -15.78
N LYS B 424 15.38 -60.04 -14.88
CA LYS B 424 14.54 -58.89 -15.19
C LYS B 424 14.78 -57.81 -14.16
N LEU B 425 14.74 -56.55 -14.60
CA LEU B 425 14.92 -55.40 -13.74
C LEU B 425 13.84 -54.37 -14.03
N PRO B 426 13.50 -53.53 -13.04
CA PRO B 426 12.48 -52.50 -13.28
C PRO B 426 12.93 -51.48 -14.31
N ASP B 427 11.96 -50.92 -15.03
CA ASP B 427 12.28 -49.92 -16.05
C ASP B 427 12.95 -48.70 -15.43
N ASP B 428 12.44 -48.23 -14.29
CA ASP B 428 13.01 -47.08 -13.60
C ASP B 428 14.14 -47.57 -12.70
N PHE B 429 15.34 -47.64 -13.27
CA PHE B 429 16.52 -48.10 -12.56
C PHE B 429 17.55 -46.98 -12.51
N THR B 430 18.05 -46.71 -11.31
CA THR B 430 19.06 -45.67 -11.08
C THR B 430 20.26 -46.24 -10.34
N GLY B 431 20.72 -47.42 -10.76
CA GLY B 431 21.83 -48.10 -10.13
C GLY B 431 23.08 -48.04 -11.00
N CYS B 432 24.23 -48.05 -10.35
CA CYS B 432 25.52 -48.04 -11.02
C CYS B 432 26.17 -49.42 -10.88
N VAL B 433 26.64 -49.97 -12.00
CA VAL B 433 27.26 -51.28 -12.04
C VAL B 433 28.77 -51.10 -12.09
N ILE B 434 29.46 -51.58 -11.06
CA ILE B 434 30.91 -51.53 -10.98
C ILE B 434 31.41 -52.96 -11.19
N ALA B 435 32.11 -53.19 -12.29
CA ALA B 435 32.56 -54.52 -12.66
C ALA B 435 34.06 -54.50 -12.93
N TRP B 436 34.74 -55.55 -12.46
CA TRP B 436 36.18 -55.68 -12.65
C TRP B 436 36.54 -57.13 -12.89
N ASN B 437 37.52 -57.36 -13.77
CA ASN B 437 37.98 -58.72 -14.05
C ASN B 437 38.68 -59.30 -12.84
N SER B 438 38.46 -60.59 -12.59
CA SER B 438 39.07 -61.29 -11.47
C SER B 438 39.56 -62.67 -11.91
N ASN B 439 40.10 -62.74 -13.12
CA ASN B 439 40.62 -64.01 -13.62
C ASN B 439 41.81 -64.51 -12.81
N ASN B 440 42.52 -63.62 -12.14
CA ASN B 440 43.70 -64.03 -11.38
C ASN B 440 43.33 -65.00 -10.26
N LEU B 441 42.24 -64.72 -9.55
CA LEU B 441 41.83 -65.53 -8.41
C LEU B 441 40.66 -66.45 -8.72
N ASP B 442 39.73 -66.02 -9.58
CA ASP B 442 38.55 -66.81 -9.91
C ASP B 442 38.79 -67.80 -11.04
N SER B 443 39.99 -67.83 -11.62
CA SER B 443 40.32 -68.75 -12.70
C SER B 443 41.66 -69.40 -12.41
N LYS B 444 41.81 -70.64 -12.86
CA LYS B 444 43.03 -71.41 -12.65
C LYS B 444 43.08 -72.52 -13.69
N VAL B 445 44.03 -73.44 -13.52
CA VAL B 445 44.18 -74.54 -14.46
C VAL B 445 43.05 -75.55 -14.23
N GLY B 446 42.40 -75.96 -15.32
CA GLY B 446 41.32 -76.92 -15.27
C GLY B 446 39.93 -76.31 -15.25
N GLY B 447 39.82 -75.00 -15.03
CA GLY B 447 38.53 -74.35 -15.01
C GLY B 447 37.78 -74.56 -13.71
N ASN B 448 36.58 -74.01 -13.66
CA ASN B 448 35.72 -74.09 -12.48
C ASN B 448 34.31 -74.50 -12.92
N TYR B 449 33.70 -75.38 -12.14
CA TYR B 449 32.35 -75.87 -12.39
C TYR B 449 31.42 -75.53 -11.23
N ASN B 450 31.59 -74.33 -10.67
CA ASN B 450 30.80 -73.88 -9.54
C ASN B 450 29.59 -73.05 -9.94
N TYR B 451 29.33 -72.92 -11.24
CA TYR B 451 28.23 -72.11 -11.75
C TYR B 451 27.05 -73.00 -12.09
N LEU B 452 25.91 -72.75 -11.44
CA LEU B 452 24.68 -73.49 -11.70
C LEU B 452 23.59 -72.48 -12.04
N TYR B 453 22.86 -72.73 -13.13
CA TYR B 453 21.79 -71.85 -13.58
C TYR B 453 20.53 -72.67 -13.79
N ARG B 454 19.47 -71.98 -14.19
CA ARG B 454 18.16 -72.61 -14.43
C ARG B 454 17.73 -72.30 -15.86
N LEU B 455 17.28 -73.33 -16.57
CA LEU B 455 16.82 -73.21 -17.95
C LEU B 455 15.31 -73.06 -18.05
N PHE B 456 14.56 -73.91 -17.36
CA PHE B 456 13.11 -73.86 -17.35
C PHE B 456 12.62 -73.53 -15.95
N ARG B 457 11.72 -72.56 -15.85
CA ARG B 457 11.14 -72.14 -14.58
C ARG B 457 9.62 -72.21 -14.66
N LYS B 458 8.99 -72.24 -13.48
CA LYS B 458 7.54 -72.34 -13.44
C LYS B 458 6.88 -71.12 -14.11
N SER B 459 7.40 -69.94 -13.84
CA SER B 459 6.87 -68.70 -14.41
C SER B 459 7.89 -67.60 -14.17
N ASN B 460 7.51 -66.36 -14.47
CA ASN B 460 8.40 -65.23 -14.27
C ASN B 460 8.64 -65.01 -12.78
N LEU B 461 9.82 -64.46 -12.46
CA LEU B 461 10.20 -64.22 -11.07
C LEU B 461 9.49 -62.96 -10.57
N LYS B 462 8.60 -63.13 -9.61
CA LYS B 462 7.89 -61.99 -9.06
C LYS B 462 8.84 -61.14 -8.22
N PRO B 463 8.84 -59.82 -8.38
CA PRO B 463 9.78 -58.99 -7.60
C PRO B 463 9.53 -59.14 -6.10
N PHE B 464 10.61 -59.09 -5.32
CA PHE B 464 10.54 -59.19 -3.87
C PHE B 464 9.79 -60.45 -3.44
N GLU B 465 10.09 -61.55 -4.10
CA GLU B 465 9.48 -62.85 -3.81
C GLU B 465 10.58 -63.85 -3.48
N ARG B 466 10.39 -64.60 -2.39
CA ARG B 466 11.34 -65.61 -1.95
C ARG B 466 10.64 -66.96 -1.85
N ASP B 467 11.31 -68.00 -2.33
CA ASP B 467 10.79 -69.36 -2.30
C ASP B 467 11.90 -70.29 -1.79
N ILE B 468 11.75 -70.75 -0.55
CA ILE B 468 12.70 -71.66 0.08
C ILE B 468 11.95 -72.92 0.48
N SER B 469 12.44 -74.07 0.03
CA SER B 469 11.82 -75.35 0.34
C SER B 469 12.74 -76.47 -0.11
N THR B 470 12.80 -77.54 0.67
CA THR B 470 13.63 -78.69 0.35
C THR B 470 12.91 -79.71 -0.52
N GLU B 471 11.61 -79.53 -0.77
CA GLU B 471 10.87 -80.47 -1.61
C GLU B 471 11.37 -80.41 -3.04
N ILE B 472 11.40 -81.56 -3.69
CA ILE B 472 11.85 -81.67 -5.08
C ILE B 472 10.64 -81.61 -6.00
N TYR B 473 10.68 -80.69 -6.96
CA TYR B 473 9.57 -80.52 -7.89
C TYR B 473 9.71 -81.53 -9.03
N GLN B 474 8.67 -82.33 -9.23
CA GLN B 474 8.63 -83.34 -10.28
C GLN B 474 7.46 -83.03 -11.21
N ALA B 475 7.73 -83.05 -12.52
CA ALA B 475 6.68 -82.76 -13.50
C ALA B 475 5.56 -83.78 -13.39
N GLY B 476 4.32 -83.28 -13.36
CA GLY B 476 3.15 -84.13 -13.27
C GLY B 476 2.64 -84.68 -14.58
N SER B 477 3.27 -84.33 -15.70
CA SER B 477 2.82 -84.81 -16.99
C SER B 477 3.28 -86.25 -17.25
N THR B 478 4.58 -86.48 -17.25
CA THR B 478 5.15 -87.81 -17.47
C THR B 478 6.22 -88.08 -16.41
N PRO B 479 5.82 -88.18 -15.14
CA PRO B 479 6.79 -88.49 -14.09
C PRO B 479 7.36 -89.90 -14.24
N CYS B 480 8.62 -90.06 -13.85
CA CYS B 480 9.28 -91.36 -13.89
C CYS B 480 9.14 -92.10 -12.56
N ASN B 481 9.71 -91.53 -11.49
CA ASN B 481 9.61 -92.01 -10.13
C ASN B 481 10.48 -93.24 -9.87
N GLY B 482 11.14 -93.78 -10.89
CA GLY B 482 12.04 -94.91 -10.68
C GLY B 482 13.23 -94.94 -11.62
N VAL B 483 13.28 -94.00 -12.58
CA VAL B 483 14.35 -93.96 -13.57
C VAL B 483 14.51 -92.51 -14.01
N GLU B 484 15.68 -92.19 -14.56
CA GLU B 484 15.92 -90.86 -15.13
C GLU B 484 15.51 -90.86 -16.61
N GLY B 485 14.20 -90.83 -16.83
CA GLY B 485 13.63 -90.88 -18.16
C GLY B 485 13.22 -89.51 -18.67
N PHE B 486 12.26 -89.52 -19.59
CA PHE B 486 11.77 -88.27 -20.16
C PHE B 486 11.09 -87.42 -19.08
N ASN B 487 11.25 -86.11 -19.20
CA ASN B 487 10.69 -85.16 -18.23
C ASN B 487 11.20 -85.45 -16.82
N CYS B 488 12.44 -85.92 -16.70
CA CYS B 488 13.07 -86.22 -15.42
C CYS B 488 14.54 -85.80 -15.51
N TYR B 489 14.82 -84.57 -15.10
CA TYR B 489 16.17 -84.01 -15.18
C TYR B 489 16.41 -83.14 -13.95
N PHE B 490 17.69 -82.92 -13.66
CA PHE B 490 18.05 -82.10 -12.51
C PHE B 490 17.53 -80.69 -12.69
N PRO B 491 16.99 -80.06 -11.65
CA PRO B 491 16.49 -78.68 -11.80
C PRO B 491 17.54 -77.70 -12.28
N LEU B 492 18.79 -77.85 -11.86
CA LEU B 492 19.85 -76.92 -12.18
C LEU B 492 20.76 -77.50 -13.25
N GLN B 493 21.35 -76.62 -14.05
CA GLN B 493 22.28 -76.99 -15.11
C GLN B 493 23.62 -76.32 -14.87
N SER B 494 24.70 -77.09 -15.03
CA SER B 494 26.04 -76.58 -14.81
C SER B 494 26.51 -75.77 -16.01
N TYR B 495 27.21 -74.67 -15.72
CA TYR B 495 27.80 -73.81 -16.74
C TYR B 495 29.30 -73.71 -16.49
N GLY B 496 30.07 -73.82 -17.54
CA GLY B 496 31.53 -73.81 -17.43
C GLY B 496 32.17 -72.86 -18.41
N PHE B 497 33.24 -72.21 -17.96
CA PHE B 497 34.03 -71.30 -18.78
C PHE B 497 35.43 -71.88 -18.94
N GLN B 498 35.93 -71.89 -20.16
CA GLN B 498 37.21 -72.48 -20.49
C GLN B 498 38.25 -71.40 -20.82
N PRO B 499 39.54 -71.72 -20.72
CA PRO B 499 40.57 -70.71 -21.00
C PRO B 499 40.48 -70.14 -22.40
N THR B 500 40.00 -70.90 -23.37
CA THR B 500 39.91 -70.41 -24.74
C THR B 500 39.02 -69.18 -24.84
N ASN B 501 38.11 -68.98 -23.89
CA ASN B 501 37.26 -67.80 -23.91
C ASN B 501 38.10 -66.53 -23.80
N GLY B 502 37.67 -65.49 -24.49
CA GLY B 502 38.38 -64.24 -24.50
C GLY B 502 38.25 -63.49 -23.19
N VAL B 503 38.99 -62.38 -23.10
CA VAL B 503 38.99 -61.58 -21.88
C VAL B 503 37.58 -61.10 -21.55
N GLY B 504 36.85 -60.64 -22.57
CA GLY B 504 35.48 -60.21 -22.34
C GLY B 504 34.61 -61.32 -21.79
N TYR B 505 34.83 -62.55 -22.26
CA TYR B 505 34.06 -63.69 -21.81
C TYR B 505 34.52 -64.23 -20.46
N GLN B 506 35.68 -63.80 -19.97
CA GLN B 506 36.15 -64.24 -18.67
C GLN B 506 35.25 -63.67 -17.57
N PRO B 507 35.15 -64.36 -16.43
CA PRO B 507 34.24 -63.88 -15.38
C PRO B 507 34.67 -62.53 -14.83
N TYR B 508 33.67 -61.73 -14.46
CA TYR B 508 33.88 -60.40 -13.90
C TYR B 508 33.12 -60.30 -12.59
N ARG B 509 33.80 -59.84 -11.55
CA ARG B 509 33.13 -59.54 -10.29
C ARG B 509 32.39 -58.22 -10.44
N VAL B 510 31.09 -58.24 -10.21
CA VAL B 510 30.21 -57.11 -10.49
C VAL B 510 29.39 -56.80 -9.24
N VAL B 511 29.37 -55.53 -8.86
CA VAL B 511 28.55 -55.04 -7.76
C VAL B 511 27.64 -53.97 -8.32
N VAL B 512 26.33 -54.14 -8.15
CA VAL B 512 25.33 -53.18 -8.57
C VAL B 512 24.91 -52.40 -7.32
N LEU B 513 25.20 -51.11 -7.31
CA LEU B 513 24.83 -50.22 -6.22
C LEU B 513 23.63 -49.41 -6.66
N SER B 514 22.46 -49.70 -6.06
CA SER B 514 21.22 -49.00 -6.36
C SER B 514 20.91 -48.06 -5.21
N PHE B 515 20.85 -46.76 -5.50
CA PHE B 515 20.58 -45.75 -4.49
C PHE B 515 19.07 -45.54 -4.39
N GLU B 516 18.54 -45.62 -3.17
CA GLU B 516 17.10 -45.45 -2.97
C GLU B 516 16.78 -44.01 -2.60
N LEU B 517 15.61 -43.56 -3.05
CA LEU B 517 15.08 -42.24 -2.72
C LEU B 517 13.72 -42.42 -2.07
N LEU B 518 13.52 -41.76 -0.94
CA LEU B 518 12.30 -41.86 -0.16
C LEU B 518 11.66 -40.48 -0.02
N HIS B 519 10.40 -40.49 0.44
CA HIS B 519 9.69 -39.23 0.61
C HIS B 519 10.37 -38.34 1.65
N ALA B 520 11.10 -38.94 2.59
CA ALA B 520 11.80 -38.15 3.59
C ALA B 520 12.92 -37.34 2.93
N PRO B 521 13.26 -36.18 3.50
CA PRO B 521 14.32 -35.36 2.90
C PRO B 521 15.66 -36.11 2.92
N ALA B 522 16.47 -35.82 1.89
CA ALA B 522 17.78 -36.45 1.80
C ALA B 522 18.63 -36.10 3.00
N THR B 523 19.36 -37.09 3.51
CA THR B 523 20.22 -36.92 4.67
C THR B 523 21.68 -37.26 4.43
N VAL B 524 22.01 -38.00 3.37
CA VAL B 524 23.38 -38.36 3.04
C VAL B 524 23.69 -37.82 1.66
N CYS B 525 24.80 -37.09 1.55
CA CYS B 525 25.21 -36.49 0.29
C CYS B 525 26.71 -36.68 0.11
N GLY B 526 27.13 -36.71 -1.15
CA GLY B 526 28.53 -36.88 -1.48
C GLY B 526 29.36 -35.71 -1.00
N PRO B 527 30.63 -35.97 -0.66
CA PRO B 527 31.48 -34.88 -0.17
C PRO B 527 31.66 -33.80 -1.22
N LYS B 528 31.71 -32.56 -0.75
CA LYS B 528 31.87 -31.39 -1.60
C LYS B 528 33.14 -30.66 -1.22
N LYS B 529 33.89 -30.20 -2.23
CA LYS B 529 35.14 -29.50 -1.97
C LYS B 529 34.88 -28.27 -1.11
N SER B 530 35.69 -28.10 -0.08
CA SER B 530 35.60 -26.97 0.83
C SER B 530 36.79 -26.02 0.74
N THR B 531 36.52 -24.75 0.46
CA THR B 531 37.58 -23.77 0.35
C THR B 531 38.20 -23.50 1.72
N ASN B 532 39.44 -23.00 1.68
CA ASN B 532 40.15 -22.69 2.92
C ASN B 532 39.39 -21.64 3.72
N LEU B 533 39.79 -21.48 4.97
CA LEU B 533 39.14 -20.55 5.89
C LEU B 533 39.85 -19.20 5.83
N VAL B 534 39.07 -18.15 5.59
CA VAL B 534 39.59 -16.79 5.51
C VAL B 534 38.84 -15.93 6.52
N LYS B 535 39.53 -14.90 7.02
CA LYS B 535 38.99 -14.05 8.08
C LYS B 535 39.37 -12.60 7.81
N ASN B 536 38.64 -11.69 8.45
CA ASN B 536 38.92 -10.26 8.38
C ASN B 536 38.77 -9.71 6.96
N LYS B 537 37.80 -10.24 6.22
CA LYS B 537 37.52 -9.75 4.87
C LYS B 537 36.14 -10.22 4.45
N CYS B 538 35.45 -9.38 3.69
CA CYS B 538 34.11 -9.72 3.23
C CYS B 538 34.13 -10.99 2.39
N VAL B 539 33.21 -11.91 2.69
CA VAL B 539 33.11 -13.17 1.97
C VAL B 539 31.66 -13.66 2.03
N ASN B 540 31.27 -14.42 1.02
CA ASN B 540 29.96 -15.06 0.95
C ASN B 540 30.12 -16.47 1.52
N PHE B 541 29.74 -16.65 2.78
CA PHE B 541 29.98 -17.89 3.48
C PHE B 541 28.77 -18.82 3.41
N ASN B 542 29.03 -20.06 3.02
CA ASN B 542 28.02 -21.12 3.00
C ASN B 542 28.49 -22.21 3.97
N PHE B 543 27.89 -22.21 5.17
CA PHE B 543 28.23 -23.13 6.23
C PHE B 543 27.09 -24.13 6.40
N ASN B 544 27.30 -25.37 5.94
CA ASN B 544 26.32 -26.44 6.12
C ASN B 544 24.95 -26.03 5.56
N GLY B 545 24.95 -25.33 4.43
CA GLY B 545 23.72 -24.90 3.80
C GLY B 545 23.24 -23.53 4.22
N LEU B 546 23.77 -22.99 5.33
CA LEU B 546 23.41 -21.64 5.76
C LEU B 546 24.24 -20.65 4.95
N THR B 547 23.58 -19.84 4.14
CA THR B 547 24.23 -18.91 3.23
C THR B 547 24.10 -17.49 3.77
N GLY B 548 25.22 -16.76 3.81
CA GLY B 548 25.21 -15.38 4.24
C GLY B 548 26.40 -14.67 3.66
N THR B 549 26.47 -13.36 3.93
CA THR B 549 27.57 -12.53 3.46
C THR B 549 28.07 -11.69 4.63
N GLY B 550 29.38 -11.67 4.84
CA GLY B 550 29.95 -10.90 5.92
C GLY B 550 31.41 -11.24 6.12
N VAL B 551 31.96 -10.70 7.21
CA VAL B 551 33.36 -10.88 7.57
C VAL B 551 33.42 -11.85 8.74
N LEU B 552 34.20 -12.91 8.58
CA LEU B 552 34.37 -13.91 9.62
C LEU B 552 35.60 -13.57 10.46
N THR B 553 35.41 -13.54 11.79
CA THR B 553 36.46 -13.19 12.71
C THR B 553 36.44 -14.14 13.90
N GLU B 554 37.59 -14.29 14.54
CA GLU B 554 37.66 -15.12 15.74
C GLU B 554 36.75 -14.57 16.83
N SER B 555 36.07 -15.47 17.53
CA SER B 555 35.11 -15.10 18.55
C SER B 555 35.42 -15.82 19.85
N ASN B 556 35.20 -15.12 20.96
CA ASN B 556 35.36 -15.70 22.29
C ASN B 556 34.07 -16.28 22.84
N LYS B 557 32.99 -16.25 22.07
CA LYS B 557 31.73 -16.80 22.53
C LYS B 557 31.86 -18.29 22.81
N LYS B 558 31.18 -18.75 23.86
CA LYS B 558 31.21 -20.15 24.28
C LYS B 558 29.92 -20.82 23.84
N PHE B 559 30.00 -21.68 22.84
CA PHE B 559 28.85 -22.42 22.35
C PHE B 559 28.66 -23.69 23.19
N LEU B 560 27.71 -24.53 22.81
CA LEU B 560 27.48 -25.82 23.44
C LEU B 560 27.71 -26.92 22.42
N PRO B 561 28.00 -28.15 22.87
CA PRO B 561 28.33 -29.21 21.91
C PRO B 561 27.26 -29.45 20.86
N PHE B 562 25.98 -29.37 21.25
CA PHE B 562 24.91 -29.55 20.28
C PHE B 562 24.67 -28.29 19.45
N GLN B 563 24.91 -27.12 20.03
CA GLN B 563 24.71 -25.87 19.29
C GLN B 563 25.62 -25.71 18.07
N GLN B 564 25.04 -25.26 16.97
CA GLN B 564 25.77 -25.06 15.72
C GLN B 564 25.77 -23.61 15.28
N PHE B 565 24.60 -22.98 15.18
CA PHE B 565 24.47 -21.63 14.68
C PHE B 565 24.35 -20.64 15.84
N GLY B 566 24.25 -19.36 15.49
CA GLY B 566 24.06 -18.32 16.48
C GLY B 566 23.06 -17.29 15.98
N ARG B 567 22.51 -16.54 16.93
CA ARG B 567 21.51 -15.54 16.60
C ARG B 567 21.54 -14.43 17.64
N ASP B 568 20.80 -13.36 17.35
CA ASP B 568 20.79 -12.17 18.19
C ASP B 568 19.36 -11.80 18.58
N ILE B 569 19.18 -10.61 19.15
CA ILE B 569 17.84 -10.17 19.54
C ILE B 569 16.92 -10.11 18.33
N ALA B 570 17.45 -9.70 17.19
CA ALA B 570 16.68 -9.58 15.95
C ALA B 570 16.74 -10.83 15.09
N ASP B 571 16.90 -12.00 15.72
CA ASP B 571 16.92 -13.31 15.05
C ASP B 571 17.62 -13.25 13.70
N THR B 572 18.80 -12.62 13.70
CA THR B 572 19.69 -12.59 12.54
C THR B 572 20.97 -13.33 12.89
N THR B 573 21.54 -14.03 11.91
CA THR B 573 22.74 -14.82 12.14
C THR B 573 23.86 -13.93 12.66
N ASP B 574 24.52 -14.38 13.72
CA ASP B 574 25.62 -13.64 14.33
C ASP B 574 26.88 -14.46 14.56
N ALA B 575 26.77 -15.78 14.72
CA ALA B 575 27.94 -16.61 14.93
C ALA B 575 27.67 -17.99 14.32
N VAL B 576 28.75 -18.63 13.87
CA VAL B 576 28.66 -19.93 13.23
C VAL B 576 29.79 -20.81 13.75
N ARG B 577 29.47 -22.08 13.99
CA ARG B 577 30.45 -23.08 14.40
C ARG B 577 30.86 -23.88 13.17
N ASP B 578 32.09 -23.68 12.71
CA ASP B 578 32.56 -24.39 11.53
C ASP B 578 32.63 -25.91 11.70
N PRO B 579 31.99 -26.68 10.82
CA PRO B 579 32.05 -28.14 10.98
C PRO B 579 33.45 -28.72 10.85
N GLN B 580 34.31 -28.11 10.05
CA GLN B 580 35.64 -28.66 9.82
C GLN B 580 36.46 -28.69 11.11
N THR B 581 36.43 -27.59 11.87
CA THR B 581 37.19 -27.49 13.10
C THR B 581 36.33 -26.86 14.18
N LEU B 582 36.64 -27.19 15.43
CA LEU B 582 35.84 -26.74 16.58
C LEU B 582 36.16 -25.33 17.04
N GLU B 583 35.51 -24.35 16.42
CA GLU B 583 35.68 -22.95 16.77
C GLU B 583 34.46 -22.17 16.32
N ILE B 584 34.34 -20.95 16.84
CA ILE B 584 33.22 -20.05 16.53
C ILE B 584 33.67 -18.80 15.81
N LEU B 585 32.98 -18.47 14.70
CA LEU B 585 33.31 -17.32 13.87
C LEU B 585 32.12 -16.37 13.85
N ASP B 586 32.38 -15.09 14.10
CA ASP B 586 31.33 -14.08 14.10
C ASP B 586 31.03 -13.65 12.67
N ILE B 587 29.94 -12.88 12.52
CA ILE B 587 29.51 -12.36 11.24
C ILE B 587 29.15 -10.88 11.43
N THR B 588 29.58 -10.05 10.49
CA THR B 588 29.40 -8.61 10.57
C THR B 588 28.98 -8.06 9.21
N PRO B 589 28.19 -6.99 9.17
CA PRO B 589 27.93 -6.32 7.90
C PRO B 589 29.22 -5.85 7.26
N CYS B 590 29.28 -5.97 5.93
CA CYS B 590 30.56 -5.86 5.24
C CYS B 590 31.18 -4.48 5.40
N SER B 591 30.60 -3.47 4.74
CA SER B 591 31.13 -2.11 4.84
C SER B 591 30.05 -1.05 4.85
N PHE B 592 28.81 -1.41 4.50
CA PHE B 592 27.80 -0.45 4.07
C PHE B 592 27.81 0.84 4.88
N GLY B 593 27.81 1.97 4.18
CA GLY B 593 27.78 3.26 4.81
C GLY B 593 27.23 4.31 3.86
N GLY B 594 27.76 5.51 4.00
CA GLY B 594 27.37 6.62 3.13
C GLY B 594 28.54 7.53 2.87
N VAL B 595 28.44 8.27 1.77
CA VAL B 595 29.49 9.21 1.34
C VAL B 595 28.90 10.60 1.36
N SER B 596 29.57 11.51 2.05
CA SER B 596 29.17 12.91 2.14
C SER B 596 30.29 13.81 1.62
N VAL B 597 29.90 14.90 0.97
CA VAL B 597 30.84 15.85 0.40
C VAL B 597 30.78 17.13 1.22
N ILE B 598 31.91 17.53 1.78
CA ILE B 598 32.03 18.75 2.57
C ILE B 598 32.75 19.79 1.72
N THR B 599 32.11 20.94 1.51
CA THR B 599 32.72 21.96 0.67
C THR B 599 32.08 23.31 0.99
N PRO B 600 32.85 24.39 1.02
CA PRO B 600 32.24 25.72 1.18
C PRO B 600 31.49 26.13 -0.08
N GLY B 601 30.95 27.35 -0.09
CA GLY B 601 30.28 27.81 -1.29
C GLY B 601 31.21 27.77 -2.49
N THR B 602 30.64 27.42 -3.65
CA THR B 602 31.44 27.33 -4.86
C THR B 602 32.10 28.66 -5.21
N ASN B 603 31.55 29.78 -4.71
CA ASN B 603 32.18 31.07 -4.95
C ASN B 603 33.57 31.12 -4.31
N THR B 604 33.70 30.57 -3.11
CA THR B 604 34.98 30.64 -2.40
C THR B 604 36.04 29.79 -3.09
N SER B 605 35.80 28.48 -3.18
CA SER B 605 36.77 27.58 -3.78
C SER B 605 36.05 26.30 -4.21
N ASN B 606 36.70 25.56 -5.11
CA ASN B 606 36.19 24.29 -5.58
C ASN B 606 36.73 23.10 -4.79
N GLN B 607 37.60 23.33 -3.82
CA GLN B 607 38.14 22.25 -3.03
C GLN B 607 37.05 21.60 -2.19
N VAL B 608 37.08 20.26 -2.13
CA VAL B 608 36.08 19.49 -1.41
C VAL B 608 36.77 18.40 -0.61
N ALA B 609 36.03 17.85 0.35
CA ALA B 609 36.50 16.74 1.17
C ALA B 609 35.42 15.66 1.21
N VAL B 610 35.84 14.42 1.40
CA VAL B 610 34.94 13.27 1.41
C VAL B 610 34.86 12.71 2.82
N LEU B 611 33.68 12.24 3.19
CA LEU B 611 33.42 11.64 4.49
C LEU B 611 32.70 10.31 4.28
N TYR B 612 33.33 9.22 4.68
CA TYR B 612 32.73 7.89 4.62
C TYR B 612 32.24 7.53 6.01
N GLN B 613 30.96 7.18 6.12
CA GLN B 613 30.33 7.01 7.42
C GLN B 613 30.79 5.73 8.10
N ASP B 614 31.19 5.87 9.37
CA ASP B 614 31.47 4.75 10.27
C ASP B 614 32.20 3.61 9.56
N VAL B 615 33.36 3.94 9.01
CA VAL B 615 34.23 2.95 8.38
C VAL B 615 35.68 3.37 8.59
N ASN B 616 36.52 2.41 8.97
CA ASN B 616 37.95 2.68 9.09
C ASN B 616 38.53 3.01 7.73
N CYS B 617 39.52 3.91 7.73
CA CYS B 617 40.08 4.39 6.47
C CYS B 617 40.78 3.30 5.68
N THR B 618 41.10 2.17 6.31
CA THR B 618 41.77 1.09 5.59
C THR B 618 40.85 0.51 4.51
N GLU B 619 39.55 0.50 4.75
CA GLU B 619 38.58 -0.06 3.81
C GLU B 619 38.03 0.95 2.83
N VAL B 620 38.48 2.21 2.87
CA VAL B 620 37.99 3.24 1.96
C VAL B 620 38.39 2.90 0.54
N PRO B 621 39.68 2.79 0.21
CA PRO B 621 40.06 2.54 -1.19
C PRO B 621 39.49 1.25 -1.75
N VAL B 622 39.36 0.20 -0.95
CA VAL B 622 38.82 -1.07 -1.44
C VAL B 622 37.31 -1.03 -1.62
N ALA B 623 36.64 0.00 -1.11
CA ALA B 623 35.19 0.13 -1.24
C ALA B 623 34.87 0.57 -2.67
N ILE B 624 34.69 -0.45 -3.53
CA ILE B 624 34.39 -0.28 -4.96
C ILE B 624 34.95 0.99 -5.61
N HIS B 625 36.23 1.25 -5.38
CA HIS B 625 36.96 2.33 -6.03
C HIS B 625 38.05 1.74 -6.92
N ALA B 626 38.88 2.62 -7.48
CA ALA B 626 39.97 2.31 -8.40
C ALA B 626 39.45 2.02 -9.81
N ASP B 627 38.14 2.03 -10.03
CA ASP B 627 37.54 1.87 -11.35
C ASP B 627 36.87 3.16 -11.80
N GLN B 628 37.34 4.30 -11.31
CA GLN B 628 36.75 5.60 -11.58
C GLN B 628 37.86 6.59 -11.93
N LEU B 629 37.46 7.85 -12.13
CA LEU B 629 38.39 8.87 -12.61
C LEU B 629 39.61 8.96 -11.72
N THR B 630 40.78 8.64 -12.29
CA THR B 630 42.03 8.71 -11.53
C THR B 630 42.36 10.10 -11.04
N PRO B 631 42.34 11.15 -11.87
CA PRO B 631 42.86 12.44 -11.43
C PRO B 631 42.12 13.06 -10.26
N THR B 632 40.84 12.76 -10.09
CA THR B 632 40.02 13.44 -9.08
C THR B 632 39.55 12.49 -7.98
N TRP B 633 38.85 11.41 -8.32
CA TRP B 633 38.26 10.57 -7.28
C TRP B 633 39.33 9.82 -6.48
N ARG B 634 40.29 9.19 -7.17
CA ARG B 634 41.30 8.42 -6.46
C ARG B 634 42.20 9.29 -5.60
N VAL B 635 42.19 10.61 -5.81
CA VAL B 635 42.90 11.50 -4.89
C VAL B 635 42.24 11.46 -3.51
N TYR B 636 40.91 11.48 -3.48
CA TYR B 636 40.18 11.40 -2.22
C TYR B 636 40.02 9.97 -1.71
N SER B 637 40.30 8.97 -2.56
CA SER B 637 40.26 7.59 -2.09
C SER B 637 41.38 7.31 -1.10
N THR B 638 42.56 7.90 -1.33
CA THR B 638 43.69 7.72 -0.42
C THR B 638 44.63 8.91 -0.60
N GLY B 639 45.06 9.48 0.52
CA GLY B 639 45.94 10.64 0.47
C GLY B 639 46.66 10.82 1.78
N SER B 640 47.56 11.81 1.79
CA SER B 640 48.33 12.09 2.99
C SER B 640 47.43 12.55 4.14
N ASN B 641 46.46 13.41 3.85
CA ASN B 641 45.55 13.93 4.86
C ASN B 641 44.30 13.07 5.08
N VAL B 642 44.35 12.20 6.08
CA VAL B 642 43.25 11.31 6.42
C VAL B 642 43.03 11.38 7.93
N PHE B 643 41.76 11.47 8.33
CA PHE B 643 41.38 11.61 9.73
C PHE B 643 40.35 10.55 10.08
N GLN B 644 40.49 9.93 11.23
CA GLN B 644 39.56 8.91 11.72
C GLN B 644 38.72 9.53 12.84
N THR B 645 37.51 9.95 12.51
CA THR B 645 36.58 10.54 13.47
C THR B 645 35.53 9.51 13.86
N ARG B 646 34.85 9.77 14.98
CA ARG B 646 33.78 8.88 15.42
C ARG B 646 32.72 8.72 14.32
N ALA B 647 32.49 9.77 13.53
CA ALA B 647 31.55 9.65 12.43
C ALA B 647 32.04 8.66 11.38
N GLY B 648 33.33 8.67 11.08
CA GLY B 648 33.89 7.76 10.10
C GLY B 648 35.28 8.14 9.67
N CYS B 649 35.50 8.20 8.35
CA CYS B 649 36.80 8.56 7.78
C CYS B 649 36.65 9.82 6.94
N LEU B 650 37.50 10.81 7.19
CA LEU B 650 37.48 12.08 6.48
C LEU B 650 38.77 12.21 5.67
N ILE B 651 38.61 12.48 4.37
CA ILE B 651 39.74 12.64 3.46
C ILE B 651 39.65 14.03 2.84
N GLY B 652 40.78 14.73 2.81
CA GLY B 652 40.84 16.08 2.28
C GLY B 652 40.86 17.17 3.32
N ALA B 653 40.92 16.83 4.60
CA ALA B 653 40.96 17.80 5.68
C ALA B 653 42.11 17.47 6.62
N GLU B 654 42.66 18.50 7.25
CA GLU B 654 43.79 18.36 8.18
C GLU B 654 43.31 18.68 9.58
N HIS B 655 43.50 17.74 10.50
CA HIS B 655 43.13 17.96 11.88
C HIS B 655 44.09 18.96 12.52
N VAL B 656 43.52 19.91 13.28
CA VAL B 656 44.27 21.04 13.81
C VAL B 656 44.07 21.11 15.31
N ASN B 657 45.12 21.49 16.04
CA ASN B 657 45.02 21.65 17.49
C ASN B 657 43.95 22.67 17.85
N ASN B 658 43.97 23.82 17.17
CA ASN B 658 43.07 24.91 17.54
C ASN B 658 41.62 24.51 17.35
N SER B 659 40.76 25.05 18.22
CA SER B 659 39.32 24.81 18.19
C SER B 659 38.61 26.13 17.95
N TYR B 660 37.76 26.17 16.94
CA TYR B 660 36.99 27.34 16.56
C TYR B 660 35.50 27.00 16.57
N GLU B 661 34.68 28.01 16.30
CA GLU B 661 33.24 27.78 16.22
C GLU B 661 32.91 26.90 15.01
N CYS B 662 31.93 26.02 15.19
CA CYS B 662 31.56 25.09 14.13
C CYS B 662 31.11 25.85 12.89
N ASP B 663 31.63 25.45 11.74
CA ASP B 663 31.27 26.05 10.46
C ASP B 663 30.48 25.09 9.58
N ILE B 664 31.00 23.90 9.32
CA ILE B 664 30.30 22.86 8.59
C ILE B 664 30.18 21.66 9.54
N PRO B 665 28.97 21.27 9.94
CA PRO B 665 28.84 20.21 10.95
C PRO B 665 29.12 18.84 10.36
N ILE B 666 30.15 18.17 10.88
CA ILE B 666 30.46 16.79 10.53
C ILE B 666 29.86 15.82 11.52
N GLY B 667 30.05 16.06 12.82
CA GLY B 667 29.46 15.25 13.86
C GLY B 667 30.48 14.85 14.90
N ALA B 668 29.96 14.31 16.01
CA ALA B 668 30.77 13.88 17.14
C ALA B 668 31.64 15.01 17.66
N GLY B 669 31.14 16.24 17.62
CA GLY B 669 31.88 17.40 18.07
C GLY B 669 32.91 17.91 17.07
N ILE B 670 32.95 17.36 15.86
CA ILE B 670 33.94 17.73 14.85
C ILE B 670 33.23 18.47 13.74
N CYS B 671 33.80 19.60 13.32
CA CYS B 671 33.29 20.41 12.23
C CYS B 671 34.43 20.82 11.31
N ALA B 672 34.10 21.06 10.05
CA ALA B 672 35.07 21.44 9.03
C ALA B 672 34.86 22.89 8.62
N SER B 673 35.96 23.62 8.48
CA SER B 673 35.94 25.01 8.03
C SER B 673 37.02 25.21 6.98
N TYR B 674 36.72 26.08 6.02
CA TYR B 674 37.66 26.35 4.93
C TYR B 674 38.66 27.45 5.27
N GLN B 675 38.34 28.32 6.21
CA GLN B 675 39.24 29.42 6.55
C GLN B 675 40.57 28.88 7.07
N THR B 676 41.65 29.52 6.67
CA THR B 676 43.00 29.10 7.06
C THR B 676 43.23 27.63 6.75
N SER B 689 48.13 28.99 1.63
CA SER B 689 47.17 28.25 0.83
C SER B 689 46.04 27.71 1.70
N GLN B 690 44.94 28.45 1.74
CA GLN B 690 43.79 28.03 2.55
C GLN B 690 43.21 26.72 2.02
N SER B 691 42.73 25.89 2.93
CA SER B 691 42.16 24.60 2.58
C SER B 691 41.12 24.23 3.63
N ILE B 692 40.59 23.02 3.52
CA ILE B 692 39.57 22.53 4.46
C ILE B 692 40.28 21.91 5.65
N ILE B 693 39.86 22.31 6.85
CA ILE B 693 40.44 21.83 8.10
C ILE B 693 39.30 21.36 9.00
N ALA B 694 39.44 20.15 9.54
CA ALA B 694 38.50 19.60 10.50
C ALA B 694 39.03 19.78 11.91
N TYR B 695 38.15 20.15 12.83
CA TYR B 695 38.58 20.47 14.19
C TYR B 695 37.42 20.24 15.14
N THR B 696 37.76 20.05 16.41
CA THR B 696 36.75 19.96 17.46
C THR B 696 36.20 21.35 17.74
N MET B 697 34.88 21.48 17.66
CA MET B 697 34.25 22.79 17.81
C MET B 697 34.45 23.33 19.22
N SER B 698 34.58 24.64 19.32
CA SER B 698 34.69 25.34 20.60
C SER B 698 33.32 25.93 20.94
N LEU B 699 32.79 25.57 22.10
CA LEU B 699 31.47 26.04 22.53
C LEU B 699 31.56 27.42 23.15
N GLY B 700 32.07 28.39 22.39
CA GLY B 700 32.22 29.73 22.88
C GLY B 700 33.57 29.97 23.52
N ALA B 701 33.75 31.20 24.01
CA ALA B 701 34.99 31.63 24.64
C ALA B 701 34.84 31.52 26.16
N GLU B 702 35.83 30.89 26.80
CA GLU B 702 35.80 30.74 28.24
C GLU B 702 35.80 32.10 28.92
N ASN B 703 34.96 32.23 29.96
CA ASN B 703 34.83 33.47 30.71
C ASN B 703 34.90 33.16 32.20
N SER B 704 35.63 33.99 32.93
CA SER B 704 35.79 33.86 34.38
C SER B 704 35.25 35.12 35.03
N VAL B 705 33.99 35.06 35.49
CA VAL B 705 33.37 36.23 36.11
C VAL B 705 34.00 36.47 37.46
N ALA B 706 34.41 37.72 37.72
CA ALA B 706 35.03 38.09 38.99
C ALA B 706 33.96 38.18 40.06
N TYR B 707 33.65 37.04 40.66
CA TYR B 707 32.61 36.92 41.67
C TYR B 707 33.22 36.93 43.07
N SER B 708 32.59 37.68 43.96
CA SER B 708 32.96 37.69 45.36
C SER B 708 31.76 38.12 46.18
N ASN B 709 31.82 37.84 47.48
CA ASN B 709 30.66 38.05 48.35
C ASN B 709 30.25 39.52 48.45
N ASN B 710 31.12 40.45 48.09
CA ASN B 710 30.81 41.88 48.22
C ASN B 710 31.26 42.65 46.97
N SER B 711 30.97 42.09 45.80
CA SER B 711 31.29 42.75 44.53
C SER B 711 30.08 42.67 43.62
N ILE B 712 29.77 43.79 42.96
CA ILE B 712 28.66 43.87 42.03
C ILE B 712 29.10 44.65 40.80
N ALA B 713 28.34 44.49 39.72
CA ALA B 713 28.58 45.20 38.46
C ALA B 713 27.28 45.88 38.06
N ILE B 714 27.22 47.19 38.24
CA ILE B 714 26.05 48.00 37.90
C ILE B 714 26.33 48.67 36.56
N PRO B 715 25.56 48.38 35.51
CA PRO B 715 25.85 49.00 34.20
C PRO B 715 25.68 50.52 34.25
N THR B 716 26.50 51.20 33.45
CA THR B 716 26.48 52.66 33.36
C THR B 716 25.93 53.18 32.04
N ASN B 717 25.98 52.38 30.97
CA ASN B 717 25.44 52.80 29.68
C ASN B 717 24.70 51.62 29.07
N PHE B 718 23.76 51.94 28.18
CA PHE B 718 22.88 50.94 27.58
C PHE B 718 22.89 51.09 26.07
N THR B 719 22.22 50.15 25.40
CA THR B 719 22.06 50.19 23.96
C THR B 719 20.68 49.63 23.60
N ILE B 720 20.18 50.04 22.45
CA ILE B 720 18.91 49.57 21.91
C ILE B 720 19.21 48.73 20.67
N SER B 721 18.86 47.45 20.73
CA SER B 721 19.16 46.51 19.67
C SER B 721 17.86 46.05 19.00
N VAL B 722 17.85 46.06 17.67
CA VAL B 722 16.71 45.59 16.89
C VAL B 722 17.09 44.24 16.30
N THR B 723 16.36 43.20 16.70
CA THR B 723 16.64 41.83 16.28
C THR B 723 15.50 41.32 15.40
N THR B 724 15.87 40.58 14.35
CA THR B 724 14.90 40.04 13.41
C THR B 724 14.47 38.64 13.84
N GLU B 725 13.17 38.38 13.72
CA GLU B 725 12.62 37.05 13.98
C GLU B 725 11.66 36.69 12.86
N ILE B 726 12.02 35.67 12.08
CA ILE B 726 11.20 35.21 10.95
C ILE B 726 10.37 34.03 11.40
N LEU B 727 9.08 34.05 11.09
CA LEU B 727 8.19 32.97 11.48
C LEU B 727 7.22 32.64 10.34
N PRO B 728 7.28 31.44 9.77
CA PRO B 728 6.26 31.05 8.79
C PRO B 728 4.87 31.05 9.42
N VAL B 729 3.89 31.45 8.60
CA VAL B 729 2.49 31.50 9.02
C VAL B 729 1.64 30.52 8.22
N SER B 730 1.67 30.65 6.89
CA SER B 730 0.98 29.75 5.98
C SER B 730 2.02 29.01 5.14
N MET B 731 1.53 28.13 4.28
CA MET B 731 2.37 27.34 3.40
C MET B 731 1.86 27.46 1.97
N THR B 732 2.58 26.83 1.04
CA THR B 732 2.17 26.81 -0.36
C THR B 732 0.98 25.88 -0.53
N LYS B 733 -0.18 26.31 -0.07
CA LYS B 733 -1.37 25.46 -0.11
C LYS B 733 -1.76 25.16 -1.55
N THR B 734 -2.14 23.90 -1.78
CA THR B 734 -2.56 23.43 -3.09
C THR B 734 -3.65 22.39 -2.90
N SER B 735 -4.32 22.04 -4.01
CA SER B 735 -5.33 21.01 -4.01
C SER B 735 -5.09 20.09 -5.20
N VAL B 736 -5.41 18.81 -5.02
CA VAL B 736 -5.21 17.80 -6.06
C VAL B 736 -6.52 17.02 -6.21
N ASP B 737 -6.97 16.87 -7.44
CA ASP B 737 -8.18 16.10 -7.74
C ASP B 737 -7.77 14.64 -7.90
N CYS B 738 -8.13 13.83 -6.90
CA CYS B 738 -7.76 12.42 -6.93
C CYS B 738 -8.38 11.70 -8.12
N THR B 739 -9.52 12.18 -8.61
CA THR B 739 -10.19 11.49 -9.71
C THR B 739 -9.39 11.49 -11.01
N MET B 740 -8.77 12.62 -11.36
CA MET B 740 -8.04 12.71 -12.62
C MET B 740 -6.55 12.47 -12.49
N TYR B 741 -5.98 12.66 -11.30
CA TYR B 741 -4.56 12.40 -11.11
C TYR B 741 -4.23 10.94 -11.36
N ILE B 742 -5.06 10.04 -10.86
CA ILE B 742 -4.83 8.61 -11.05
C ILE B 742 -5.39 8.13 -12.39
N CYS B 743 -6.41 8.82 -12.92
CA CYS B 743 -7.07 8.40 -14.14
C CYS B 743 -7.31 9.64 -15.00
N GLY B 744 -6.42 9.87 -15.97
CA GLY B 744 -6.53 11.03 -16.82
C GLY B 744 -7.51 10.83 -17.96
N ASP B 745 -8.69 11.42 -17.83
CA ASP B 745 -9.76 11.35 -18.84
C ASP B 745 -9.88 9.93 -19.41
N SER B 746 -9.86 8.95 -18.52
CA SER B 746 -10.00 7.54 -18.88
C SER B 746 -11.21 6.97 -18.16
N THR B 747 -12.14 6.40 -18.93
CA THR B 747 -13.35 5.84 -18.33
C THR B 747 -13.05 4.51 -17.63
N GLU B 748 -12.26 3.66 -18.26
CA GLU B 748 -11.94 2.36 -17.66
C GLU B 748 -11.19 2.52 -16.34
N CYS B 749 -10.21 3.43 -16.32
CA CYS B 749 -9.45 3.66 -15.09
C CYS B 749 -10.36 4.20 -13.99
N SER B 750 -11.27 5.12 -14.32
CA SER B 750 -12.20 5.65 -13.33
C SER B 750 -13.11 4.54 -12.79
N ASN B 751 -13.61 3.68 -13.69
CA ASN B 751 -14.46 2.58 -13.25
C ASN B 751 -13.71 1.64 -12.32
N LEU B 752 -12.45 1.32 -12.66
CA LEU B 752 -11.64 0.48 -11.78
C LEU B 752 -11.35 1.14 -10.44
N LEU B 753 -11.09 2.44 -10.42
CA LEU B 753 -10.82 3.15 -9.18
C LEU B 753 -12.06 3.22 -8.30
N LEU B 754 -13.25 3.34 -8.91
CA LEU B 754 -14.47 3.41 -8.11
C LEU B 754 -14.62 2.22 -7.19
N GLN B 755 -14.10 1.05 -7.60
CA GLN B 755 -14.22 -0.14 -6.75
C GLN B 755 -13.38 -0.03 -5.49
N TYR B 756 -12.25 0.68 -5.55
CA TYR B 756 -11.34 0.73 -4.42
C TYR B 756 -11.99 1.34 -3.18
N GLY B 757 -12.99 2.21 -3.35
CA GLY B 757 -13.71 2.79 -2.24
C GLY B 757 -13.79 4.31 -2.35
N SER B 758 -13.73 4.98 -1.21
CA SER B 758 -13.86 6.42 -1.12
C SER B 758 -12.55 7.09 -0.73
N PHE B 759 -11.44 6.56 -1.23
CA PHE B 759 -10.14 7.15 -0.91
C PHE B 759 -10.02 8.58 -1.44
N CYS B 760 -10.50 8.81 -2.67
CA CYS B 760 -10.39 10.14 -3.26
C CYS B 760 -11.13 11.17 -2.43
N THR B 761 -12.32 10.83 -1.94
CA THR B 761 -13.07 11.77 -1.10
C THR B 761 -12.30 12.09 0.17
N GLN B 762 -11.69 11.07 0.80
CA GLN B 762 -10.92 11.32 2.02
C GLN B 762 -9.74 12.24 1.75
N LEU B 763 -9.02 11.99 0.65
CA LEU B 763 -7.87 12.84 0.32
C LEU B 763 -8.32 14.28 0.04
N ASN B 764 -9.41 14.45 -0.71
CA ASN B 764 -9.91 15.78 -1.00
C ASN B 764 -10.33 16.49 0.28
N ARG B 765 -11.00 15.77 1.18
CA ARG B 765 -11.40 16.36 2.45
C ARG B 765 -10.20 16.79 3.27
N ALA B 766 -9.15 15.95 3.29
CA ALA B 766 -7.95 16.30 4.03
C ALA B 766 -7.30 17.55 3.45
N LEU B 767 -7.21 17.63 2.12
CA LEU B 767 -6.60 18.80 1.50
C LEU B 767 -7.42 20.06 1.76
N THR B 768 -8.75 19.96 1.69
CA THR B 768 -9.61 21.11 1.98
C THR B 768 -9.45 21.54 3.43
N GLY B 769 -9.37 20.58 4.35
CA GLY B 769 -9.13 20.92 5.75
C GLY B 769 -7.80 21.61 5.94
N ILE B 770 -6.77 21.15 5.24
CA ILE B 770 -5.45 21.80 5.33
C ILE B 770 -5.55 23.24 4.84
N ALA B 771 -6.23 23.46 3.72
CA ALA B 771 -6.35 24.81 3.19
C ALA B 771 -7.11 25.71 4.16
N VAL B 772 -8.21 25.20 4.72
CA VAL B 772 -9.00 25.99 5.67
C VAL B 772 -8.16 26.30 6.92
N GLU B 773 -7.36 25.33 7.35
CA GLU B 773 -6.50 25.55 8.52
C GLU B 773 -5.46 26.63 8.23
N GLN B 774 -4.88 26.63 7.03
CA GLN B 774 -3.93 27.68 6.67
C GLN B 774 -4.62 29.04 6.64
N ASP B 775 -5.82 29.12 6.09
CA ASP B 775 -6.55 30.37 6.09
C ASP B 775 -6.82 30.85 7.52
N LYS B 776 -7.23 29.94 8.40
CA LYS B 776 -7.48 30.30 9.79
C LYS B 776 -6.20 30.76 10.47
N ASN B 777 -5.09 30.10 10.18
CA ASN B 777 -3.81 30.50 10.76
C ASN B 777 -3.45 31.92 10.35
N THR B 778 -3.58 32.22 9.06
CA THR B 778 -3.29 33.58 8.59
C THR B 778 -4.21 34.58 9.26
N GLN B 779 -5.51 34.28 9.33
CA GLN B 779 -6.46 35.20 9.94
C GLN B 779 -6.11 35.48 11.39
N GLU B 780 -5.88 34.42 12.17
CA GLU B 780 -5.59 34.61 13.59
C GLU B 780 -4.25 35.30 13.81
N VAL B 781 -3.28 35.06 12.93
CA VAL B 781 -1.99 35.72 13.08
C VAL B 781 -2.11 37.21 12.80
N PHE B 782 -2.82 37.57 11.73
CA PHE B 782 -2.88 38.96 11.30
C PHE B 782 -4.15 39.68 11.75
N ALA B 783 -5.31 39.04 11.62
CA ALA B 783 -6.56 39.68 11.98
C ALA B 783 -6.73 39.70 13.50
N GLN B 784 -5.98 40.55 14.18
CA GLN B 784 -6.04 40.66 15.63
C GLN B 784 -6.45 42.05 16.10
N VAL B 785 -6.70 43.00 15.20
CA VAL B 785 -7.07 44.36 15.55
C VAL B 785 -8.49 44.60 15.05
N LYS B 786 -9.36 45.07 15.95
CA LYS B 786 -10.76 45.30 15.59
C LYS B 786 -10.88 46.39 14.53
N GLN B 787 -10.14 47.48 14.69
CA GLN B 787 -10.21 48.63 13.80
C GLN B 787 -8.95 48.72 12.95
N ILE B 788 -8.89 49.77 12.13
CA ILE B 788 -7.75 50.02 11.24
C ILE B 788 -7.22 51.40 11.58
N TYR B 789 -6.16 51.45 12.39
CA TYR B 789 -5.55 52.71 12.76
C TYR B 789 -4.58 53.17 11.69
N LYS B 790 -4.37 54.49 11.62
CA LYS B 790 -3.43 55.07 10.68
C LYS B 790 -2.62 56.14 11.38
N THR B 791 -1.38 56.31 10.94
CA THR B 791 -0.49 57.29 11.54
C THR B 791 -0.95 58.71 11.20
N PRO B 792 -0.60 59.69 12.04
CA PRO B 792 -0.99 61.06 11.75
C PRO B 792 -0.29 61.59 10.51
N PRO B 793 -0.86 62.58 9.84
CA PRO B 793 -0.21 63.08 8.61
C PRO B 793 1.19 63.61 8.85
N ILE B 794 1.45 64.19 10.03
CA ILE B 794 2.76 64.73 10.36
C ILE B 794 3.41 63.79 11.37
N LYS B 795 4.65 63.39 11.09
CA LYS B 795 5.39 62.44 11.91
C LYS B 795 6.29 63.23 12.87
N ASP B 796 5.84 63.36 14.11
CA ASP B 796 6.60 64.04 15.17
C ASP B 796 6.60 63.10 16.38
N PHE B 797 7.56 62.19 16.43
CA PHE B 797 7.66 61.19 17.48
C PHE B 797 8.86 61.43 18.39
N GLY B 798 9.17 62.71 18.64
CA GLY B 798 10.28 63.03 19.51
C GLY B 798 11.62 62.53 19.01
N GLY B 799 11.87 62.66 17.71
CA GLY B 799 13.12 62.23 17.12
C GLY B 799 13.13 60.81 16.61
N PHE B 800 12.10 60.02 16.88
CA PHE B 800 12.03 58.66 16.37
C PHE B 800 11.72 58.67 14.88
N ASN B 801 12.13 57.60 14.20
CA ASN B 801 12.03 57.53 12.74
C ASN B 801 11.52 56.14 12.37
N PHE B 802 10.25 56.07 11.97
CA PHE B 802 9.61 54.82 11.58
C PHE B 802 9.38 54.73 10.07
N SER B 803 10.02 55.60 9.29
CA SER B 803 9.78 55.60 7.85
C SER B 803 10.17 54.26 7.21
N GLN B 804 11.14 53.55 7.81
CA GLN B 804 11.60 52.31 7.23
C GLN B 804 10.62 51.16 7.44
N ILE B 805 9.65 51.32 8.34
CA ILE B 805 8.69 50.25 8.64
C ILE B 805 7.29 50.67 8.23
N LEU B 806 7.01 51.97 8.28
CA LEU B 806 5.69 52.46 7.93
C LEU B 806 5.47 52.38 6.42
N PRO B 807 4.21 52.35 5.97
CA PRO B 807 3.94 52.32 4.53
C PRO B 807 4.40 53.60 3.86
N ASP B 808 4.35 53.58 2.52
CA ASP B 808 4.74 54.73 1.72
C ASP B 808 3.48 55.33 1.09
N PRO B 809 2.95 56.44 1.59
CA PRO B 809 1.75 57.02 0.98
C PRO B 809 1.96 57.48 -0.46
N SER B 810 3.20 57.72 -0.87
CA SER B 810 3.44 58.22 -2.22
C SER B 810 2.95 57.23 -3.27
N LYS B 811 3.23 55.95 -3.08
CA LYS B 811 2.78 54.95 -4.03
C LYS B 811 1.27 54.77 -3.92
N PRO B 812 0.60 54.42 -5.03
CA PRO B 812 -0.86 54.21 -4.96
C PRO B 812 -1.26 53.12 -3.98
N SER B 813 -0.44 52.08 -3.83
CA SER B 813 -0.72 50.98 -2.92
C SER B 813 0.08 51.18 -1.63
N LYS B 814 -0.59 51.05 -0.49
CA LYS B 814 0.05 51.24 0.80
C LYS B 814 0.91 50.02 1.15
N ARG B 815 2.18 50.05 0.74
CA ARG B 815 3.10 48.95 0.98
C ARG B 815 4.40 49.51 1.57
N SER B 816 4.91 48.86 2.61
CA SER B 816 6.10 49.35 3.29
C SER B 816 7.36 48.94 2.53
N PHE B 817 8.47 49.60 2.87
CA PHE B 817 9.72 49.37 2.18
C PHE B 817 10.28 47.98 2.48
N ILE B 818 10.32 47.60 3.76
CA ILE B 818 10.86 46.29 4.12
C ILE B 818 9.97 45.18 3.58
N GLU B 819 8.65 45.36 3.65
CA GLU B 819 7.74 44.37 3.11
C GLU B 819 7.94 44.21 1.60
N ASP B 820 8.11 45.33 0.89
CA ASP B 820 8.36 45.25 -0.55
C ASP B 820 9.67 44.55 -0.83
N LEU B 821 10.71 44.84 -0.05
CA LEU B 821 11.99 44.16 -0.24
C LEU B 821 11.86 42.66 -0.04
N LEU B 822 11.15 42.25 1.02
CA LEU B 822 10.95 40.83 1.27
C LEU B 822 10.16 40.18 0.14
N PHE B 823 9.12 40.86 -0.35
CA PHE B 823 8.33 40.30 -1.44
C PHE B 823 9.17 40.14 -2.70
N ASN B 824 10.00 41.14 -3.01
CA ASN B 824 10.82 41.06 -4.21
C ASN B 824 11.99 40.10 -4.07
N LYS B 825 12.39 39.77 -2.83
CA LYS B 825 13.52 38.87 -2.64
C LYS B 825 13.23 37.50 -3.23
N VAL B 826 12.03 36.97 -3.01
CA VAL B 826 11.69 35.64 -3.49
C VAL B 826 11.57 35.66 -5.01
N THR B 827 12.27 34.74 -5.68
CA THR B 827 12.24 34.66 -7.13
C THR B 827 12.53 36.01 -7.78
N LEU B 849 8.84 26.45 -8.76
CA LEU B 849 8.22 27.70 -9.20
C LEU B 849 6.70 27.54 -9.26
N ILE B 850 6.00 28.23 -8.35
CA ILE B 850 4.55 28.09 -8.27
C ILE B 850 3.81 28.64 -9.49
N CYS B 851 4.51 29.38 -10.36
CA CYS B 851 3.86 29.92 -11.54
C CYS B 851 3.38 28.79 -12.47
N ALA B 852 4.21 27.79 -12.71
CA ALA B 852 3.93 26.74 -13.68
C ALA B 852 3.48 25.47 -12.97
N GLN B 853 2.23 25.47 -12.49
CA GLN B 853 1.62 24.23 -12.00
C GLN B 853 0.14 24.24 -12.39
N LYS B 854 -0.15 23.72 -13.58
CA LYS B 854 -1.49 23.25 -13.91
C LYS B 854 -1.33 22.08 -14.88
N PHE B 855 -1.18 20.87 -14.35
CA PHE B 855 -0.80 19.73 -15.17
C PHE B 855 -1.79 18.58 -15.09
N ASN B 856 -2.06 18.10 -13.88
CA ASN B 856 -2.86 16.88 -13.67
C ASN B 856 -3.49 16.97 -12.28
N GLY B 857 -4.76 17.38 -12.23
CA GLY B 857 -5.48 17.47 -10.98
C GLY B 857 -5.02 18.59 -10.07
N LEU B 858 -3.86 19.19 -10.36
CA LEU B 858 -3.30 20.19 -9.47
C LEU B 858 -3.98 21.54 -9.67
N THR B 859 -4.17 22.25 -8.56
CA THR B 859 -4.67 23.62 -8.59
C THR B 859 -4.13 24.32 -7.35
N VAL B 860 -4.06 25.65 -7.42
CA VAL B 860 -3.59 26.45 -6.31
C VAL B 860 -4.66 27.47 -5.96
N LEU B 861 -5.50 27.13 -4.98
CA LEU B 861 -6.56 28.04 -4.57
C LEU B 861 -5.94 29.34 -4.05
N PRO B 862 -6.45 30.50 -4.46
CA PRO B 862 -5.83 31.75 -4.04
C PRO B 862 -6.00 31.99 -2.55
N PRO B 863 -5.06 32.66 -1.90
CA PRO B 863 -5.21 32.94 -0.47
C PRO B 863 -6.43 33.82 -0.20
N LEU B 864 -7.07 33.54 0.93
CA LEU B 864 -8.25 34.30 1.33
C LEU B 864 -7.94 35.78 1.52
N LEU B 865 -6.81 36.09 2.16
CA LEU B 865 -6.38 37.47 2.39
C LEU B 865 -5.24 37.78 1.42
N THR B 866 -5.46 38.77 0.56
CA THR B 866 -4.42 39.18 -0.37
C THR B 866 -3.30 39.91 0.36
N ASP B 867 -2.14 39.98 -0.28
CA ASP B 867 -1.00 40.65 0.33
C ASP B 867 -1.31 42.09 0.68
N GLU B 868 -2.17 42.74 -0.10
CA GLU B 868 -2.52 44.13 0.19
C GLU B 868 -3.22 44.24 1.54
N MET B 869 -4.17 43.34 1.82
CA MET B 869 -4.88 43.40 3.10
C MET B 869 -3.97 43.02 4.26
N ILE B 870 -3.05 42.08 4.06
CA ILE B 870 -2.09 41.75 5.11
C ILE B 870 -1.21 42.96 5.41
N ALA B 871 -0.76 43.65 4.36
CA ALA B 871 0.02 44.87 4.57
C ALA B 871 -0.79 45.93 5.29
N GLN B 872 -2.08 46.06 4.95
CA GLN B 872 -2.94 46.99 5.65
C GLN B 872 -3.08 46.64 7.13
N TYR B 873 -3.23 45.35 7.43
CA TYR B 873 -3.32 44.92 8.82
C TYR B 873 -2.04 45.25 9.58
N THR B 874 -0.89 44.97 8.97
CA THR B 874 0.38 45.29 9.61
C THR B 874 0.53 46.79 9.83
N SER B 875 0.11 47.59 8.84
CA SER B 875 0.18 49.04 9.00
C SER B 875 -0.73 49.52 10.13
N ALA B 876 -1.92 48.93 10.24
CA ALA B 876 -2.82 49.29 11.33
C ALA B 876 -2.21 48.93 12.68
N LEU B 877 -1.59 47.76 12.78
CA LEU B 877 -0.94 47.37 14.02
C LEU B 877 0.20 48.32 14.36
N LEU B 878 1.00 48.70 13.36
CA LEU B 878 2.09 49.65 13.58
C LEU B 878 1.56 50.98 14.07
N ALA B 879 0.50 51.49 13.43
CA ALA B 879 -0.05 52.78 13.83
C ALA B 879 -0.60 52.71 15.25
N GLY B 880 -1.31 51.63 15.58
CA GLY B 880 -1.82 51.48 16.94
C GLY B 880 -0.71 51.45 17.97
N THR B 881 0.34 50.67 17.69
CA THR B 881 1.46 50.59 18.63
C THR B 881 2.14 51.94 18.78
N ILE B 882 2.32 52.67 17.68
CA ILE B 882 3.04 53.94 17.74
C ILE B 882 2.23 55.00 18.48
N THR B 883 0.93 55.09 18.20
CA THR B 883 0.13 56.19 18.72
C THR B 883 -0.50 55.90 20.08
N SER B 884 -0.65 54.63 20.45
CA SER B 884 -1.35 54.29 21.69
C SER B 884 -0.51 53.37 22.57
N GLY B 885 0.22 52.45 21.95
CA GLY B 885 1.00 51.48 22.72
C GLY B 885 0.25 50.16 22.85
N TRP B 886 0.11 49.69 24.09
CA TRP B 886 -0.59 48.44 24.35
C TRP B 886 -2.08 48.64 24.64
N THR B 887 -2.54 49.88 24.78
CA THR B 887 -3.93 50.12 25.16
C THR B 887 -4.88 49.62 24.08
N PHE B 888 -4.55 49.86 22.80
CA PHE B 888 -5.45 49.45 21.73
C PHE B 888 -5.62 47.94 21.67
N GLY B 889 -4.65 47.17 22.16
CA GLY B 889 -4.77 45.72 22.17
C GLY B 889 -5.54 45.14 23.33
N ALA B 890 -5.96 45.97 24.28
CA ALA B 890 -6.70 45.53 25.46
C ALA B 890 -7.88 46.45 25.73
N GLY B 891 -8.59 46.84 24.69
CA GLY B 891 -9.75 47.70 24.85
C GLY B 891 -9.81 48.80 23.80
N ALA B 892 -10.00 50.03 24.24
CA ALA B 892 -10.10 51.18 23.36
C ALA B 892 -8.75 51.87 23.25
N ALA B 893 -8.33 52.16 22.01
CA ALA B 893 -7.05 52.81 21.80
C ALA B 893 -7.03 54.18 22.47
N LEU B 894 -5.92 54.47 23.16
CA LEU B 894 -5.73 55.72 23.87
C LEU B 894 -4.46 56.39 23.38
N GLN B 895 -4.58 57.63 22.94
CA GLN B 895 -3.42 58.36 22.43
C GLN B 895 -2.42 58.64 23.55
N ILE B 896 -1.15 58.71 23.17
CA ILE B 896 -0.07 59.00 24.12
C ILE B 896 1.19 59.33 23.33
N PRO B 897 1.97 60.33 23.75
CA PRO B 897 3.22 60.61 23.04
C PRO B 897 4.15 59.39 23.06
N PHE B 898 4.85 59.19 21.95
CA PHE B 898 5.72 58.02 21.84
C PHE B 898 6.85 58.08 22.87
N ALA B 899 7.31 59.28 23.20
CA ALA B 899 8.32 59.41 24.25
C ALA B 899 7.80 58.88 25.57
N MET B 900 6.55 59.22 25.93
CA MET B 900 5.97 58.70 27.15
C MET B 900 5.74 57.19 27.07
N GLN B 901 5.39 56.68 25.89
CA GLN B 901 5.24 55.24 25.74
C GLN B 901 6.56 54.52 25.99
N MET B 902 7.65 55.04 25.43
CA MET B 902 8.95 54.42 25.65
C MET B 902 9.40 54.57 27.10
N ALA B 903 9.04 55.68 27.75
CA ALA B 903 9.29 55.82 29.18
C ALA B 903 8.53 54.77 29.98
N TYR B 904 7.29 54.50 29.58
CA TYR B 904 6.52 53.43 30.22
C TYR B 904 7.20 52.08 30.03
N ARG B 905 7.71 51.83 28.82
CA ARG B 905 8.44 50.58 28.60
C ARG B 905 9.67 50.49 29.49
N PHE B 906 10.40 51.60 29.62
CA PHE B 906 11.58 51.62 30.48
C PHE B 906 11.20 51.32 31.92
N ASN B 907 10.10 51.90 32.40
CA ASN B 907 9.61 51.56 33.73
C ASN B 907 9.25 50.08 33.82
N GLY B 908 8.64 49.54 32.77
CA GLY B 908 8.25 48.14 32.78
C GLY B 908 9.44 47.21 32.88
N ILE B 909 10.57 47.58 32.27
CA ILE B 909 11.76 46.73 32.31
C ILE B 909 12.58 47.06 33.56
N GLY B 910 12.00 47.82 34.48
CA GLY B 910 12.64 48.12 35.74
C GLY B 910 13.60 49.29 35.72
N VAL B 911 13.67 50.04 34.62
CA VAL B 911 14.56 51.19 34.52
C VAL B 911 13.73 52.45 34.74
N THR B 912 14.23 53.34 35.61
CA THR B 912 13.52 54.58 35.90
C THR B 912 13.30 55.37 34.62
N GLN B 913 12.10 55.93 34.48
CA GLN B 913 11.74 56.64 33.25
C GLN B 913 12.63 57.86 33.03
N ASN B 914 13.06 58.52 34.11
CA ASN B 914 13.78 59.79 33.96
C ASN B 914 14.97 59.66 33.02
N VAL B 915 15.66 58.52 33.07
CA VAL B 915 16.86 58.35 32.25
C VAL B 915 16.53 58.58 30.78
N LEU B 916 15.39 58.07 30.32
CA LEU B 916 15.00 58.28 28.93
C LEU B 916 14.88 59.76 28.62
N TYR B 917 14.24 60.52 29.51
CA TYR B 917 14.13 61.96 29.30
C TYR B 917 15.50 62.63 29.38
N GLU B 918 16.45 62.01 30.07
CA GLU B 918 17.82 62.51 30.08
C GLU B 918 18.64 62.01 28.89
N ASN B 919 18.12 61.05 28.13
CA ASN B 919 18.82 60.50 26.98
C ASN B 919 17.86 60.27 25.82
N GLN B 920 16.83 61.11 25.69
CA GLN B 920 15.85 60.91 24.62
C GLN B 920 16.49 61.00 23.25
N LYS B 921 17.33 62.01 23.04
CA LYS B 921 17.99 62.16 21.75
C LYS B 921 18.91 60.98 21.46
N LEU B 922 19.68 60.55 22.47
CA LEU B 922 20.58 59.41 22.27
C LEU B 922 19.79 58.14 21.97
N ILE B 923 18.68 57.93 22.69
CA ILE B 923 17.87 56.73 22.46
C ILE B 923 17.28 56.75 21.06
N ALA B 924 16.77 57.90 20.63
CA ALA B 924 16.21 58.01 19.28
C ALA B 924 17.28 57.75 18.22
N ASN B 925 18.47 58.31 18.42
CA ASN B 925 19.55 58.08 17.46
C ASN B 925 19.93 56.61 17.42
N GLN B 926 20.01 55.95 18.58
CA GLN B 926 20.33 54.53 18.62
C GLN B 926 19.26 53.70 17.92
N PHE B 927 17.98 54.05 18.13
CA PHE B 927 16.91 53.31 17.46
C PHE B 927 16.99 53.48 15.96
N ASN B 928 17.23 54.71 15.48
CA ASN B 928 17.36 54.92 14.04
C ASN B 928 18.56 54.17 13.48
N SER B 929 19.68 54.17 14.20
CA SER B 929 20.86 53.45 13.74
C SER B 929 20.59 51.95 13.68
N ALA B 930 19.87 51.41 14.66
CA ALA B 930 19.53 49.99 14.64
C ALA B 930 18.61 49.66 13.47
N ILE B 931 17.64 50.54 13.19
CA ILE B 931 16.76 50.34 12.04
C ILE B 931 17.56 50.32 10.75
N GLY B 932 18.48 51.28 10.60
CA GLY B 932 19.32 51.29 9.42
C GLY B 932 20.19 50.04 9.31
N LYS B 933 20.73 49.58 10.45
CA LYS B 933 21.57 48.40 10.44
C LYS B 933 20.79 47.15 10.02
N ILE B 934 19.57 46.99 10.54
CA ILE B 934 18.77 45.84 10.15
C ILE B 934 18.39 45.93 8.67
N GLN B 935 18.06 47.12 8.19
CA GLN B 935 17.75 47.29 6.78
C GLN B 935 18.94 46.89 5.92
N ASP B 936 20.13 47.36 6.29
CA ASP B 936 21.33 47.04 5.51
C ASP B 936 21.63 45.54 5.56
N SER B 937 21.48 44.93 6.73
CA SER B 937 21.74 43.49 6.85
C SER B 937 20.77 42.69 5.99
N LEU B 938 19.50 43.06 5.99
CA LEU B 938 18.53 42.37 5.14
C LEU B 938 18.85 42.57 3.66
N SER B 939 19.23 43.79 3.28
CA SER B 939 19.53 44.06 1.88
C SER B 939 20.74 43.28 1.41
N SER B 940 21.80 43.24 2.22
CA SER B 940 23.06 42.62 1.82
C SER B 940 23.12 41.12 2.11
N THR B 941 22.16 40.58 2.85
CA THR B 941 22.14 39.17 3.20
C THR B 941 20.90 38.52 2.61
N ALA B 942 21.09 37.41 1.89
CA ALA B 942 20.00 36.68 1.26
C ALA B 942 19.53 35.48 2.06
N SER B 943 20.29 35.06 3.08
CA SER B 943 19.94 33.91 3.89
C SER B 943 19.15 34.28 5.14
N ALA B 944 18.81 35.56 5.33
CA ALA B 944 18.07 35.96 6.51
C ALA B 944 16.67 35.36 6.52
N LEU B 945 16.07 35.17 5.35
CA LEU B 945 14.72 34.64 5.21
C LEU B 945 14.72 33.15 4.89
N GLY B 946 15.67 32.40 5.47
CA GLY B 946 15.81 30.99 5.11
C GLY B 946 14.58 30.16 5.40
N LYS B 947 13.83 30.50 6.46
CA LYS B 947 12.70 29.68 6.86
C LYS B 947 11.63 29.62 5.77
N LEU B 948 11.19 30.78 5.30
CA LEU B 948 10.13 30.82 4.30
C LEU B 948 10.57 30.19 3.00
N GLN B 949 11.79 30.49 2.57
CA GLN B 949 12.31 29.90 1.34
C GLN B 949 12.40 28.38 1.45
N ASP B 950 12.84 27.89 2.60
CA ASP B 950 12.93 26.44 2.81
C ASP B 950 11.55 25.81 2.77
N VAL B 951 10.56 26.45 3.39
CA VAL B 951 9.20 25.90 3.37
C VAL B 951 8.68 25.84 1.94
N VAL B 952 8.86 26.92 1.19
CA VAL B 952 8.39 26.95 -0.20
C VAL B 952 9.10 25.90 -1.03
N ASN B 953 10.41 25.75 -0.84
CA ASN B 953 11.17 24.75 -1.57
C ASN B 953 10.70 23.35 -1.23
N GLN B 954 10.42 23.08 0.04
CA GLN B 954 9.93 21.77 0.43
C GLN B 954 8.59 21.47 -0.23
N ASN B 955 7.68 22.44 -0.22
CA ASN B 955 6.38 22.23 -0.84
C ASN B 955 6.53 21.99 -2.35
N ALA B 956 7.37 22.79 -3.01
CA ALA B 956 7.56 22.64 -4.45
C ALA B 956 8.19 21.28 -4.76
N GLN B 957 9.17 20.86 -3.96
CA GLN B 957 9.81 19.57 -4.20
C GLN B 957 8.82 18.43 -4.00
N ALA B 958 7.98 18.51 -2.97
CA ALA B 958 6.98 17.47 -2.77
C ALA B 958 6.01 17.41 -3.95
N LEU B 959 5.54 18.56 -4.42
CA LEU B 959 4.63 18.58 -5.56
C LEU B 959 5.31 18.02 -6.81
N ASN B 960 6.57 18.39 -7.04
CA ASN B 960 7.28 17.89 -8.21
C ASN B 960 7.49 16.38 -8.14
N THR B 961 7.80 15.86 -6.95
CA THR B 961 7.95 14.42 -6.79
C THR B 961 6.62 13.72 -7.05
N LEU B 962 5.53 14.28 -6.54
CA LEU B 962 4.22 13.69 -6.81
C LEU B 962 3.92 13.67 -8.30
N VAL B 963 4.23 14.76 -8.99
CA VAL B 963 3.99 14.82 -10.44
C VAL B 963 4.83 13.79 -11.16
N LYS B 964 6.12 13.69 -10.81
CA LYS B 964 7.02 12.77 -11.48
C LYS B 964 6.69 11.31 -11.20
N GLN B 965 6.05 11.03 -10.05
CA GLN B 965 5.68 9.65 -9.76
C GLN B 965 4.75 9.06 -10.80
N LEU B 966 4.04 9.90 -11.57
CA LEU B 966 3.16 9.39 -12.61
C LEU B 966 3.95 8.64 -13.69
N SER B 967 5.12 9.16 -14.07
CA SER B 967 5.91 8.53 -15.11
C SER B 967 6.36 7.13 -14.73
N SER B 968 6.46 6.83 -13.44
CA SER B 968 6.90 5.51 -13.01
C SER B 968 5.93 4.44 -13.52
N ASN B 969 6.49 3.33 -13.99
CA ASN B 969 5.68 2.24 -14.52
C ASN B 969 4.97 1.45 -13.43
N PHE B 970 5.55 1.39 -12.22
CA PHE B 970 4.99 0.61 -11.12
C PHE B 970 4.82 -0.85 -11.51
N GLY B 971 5.74 -1.38 -12.31
CA GLY B 971 5.68 -2.75 -12.77
C GLY B 971 4.85 -2.97 -14.01
N ALA B 972 4.18 -1.93 -14.53
CA ALA B 972 3.38 -2.06 -15.73
C ALA B 972 4.26 -1.92 -16.97
N ILE B 973 3.68 -2.25 -18.13
CA ILE B 973 4.42 -2.16 -19.38
C ILE B 973 4.78 -0.71 -19.68
N SER B 974 3.88 0.22 -19.36
CA SER B 974 4.10 1.64 -19.62
C SER B 974 3.35 2.45 -18.58
N SER B 975 3.49 3.77 -18.65
CA SER B 975 2.84 4.70 -17.74
C SER B 975 1.72 5.48 -18.43
N VAL B 976 1.27 5.02 -19.59
CA VAL B 976 0.21 5.69 -20.35
C VAL B 976 -1.01 4.78 -20.36
N LEU B 977 -2.14 5.29 -19.88
CA LEU B 977 -3.35 4.48 -19.80
C LEU B 977 -3.86 4.10 -21.18
N ASN B 978 -3.89 5.06 -22.11
CA ASN B 978 -4.43 4.79 -23.44
C ASN B 978 -3.60 3.74 -24.17
N ASP B 979 -2.27 3.83 -24.06
CA ASP B 979 -1.41 2.86 -24.72
C ASP B 979 -1.65 1.46 -24.17
N ILE B 980 -1.77 1.33 -22.85
CA ILE B 980 -2.03 0.02 -22.25
C ILE B 980 -3.38 -0.51 -22.72
N LEU B 981 -4.40 0.34 -22.72
CA LEU B 981 -5.73 -0.09 -23.16
C LEU B 981 -5.75 -0.53 -24.62
N SER B 982 -5.07 0.19 -25.51
CA SER B 982 -5.08 -0.16 -26.92
C SER B 982 -4.24 -1.39 -27.20
N ARG B 983 -3.07 -1.50 -26.58
CA ARG B 983 -2.16 -2.59 -26.90
C ARG B 983 -2.63 -3.92 -26.31
N LEU B 984 -3.13 -3.89 -25.08
CA LEU B 984 -3.48 -5.12 -24.37
C LEU B 984 -4.99 -5.35 -24.37
N ASP B 985 -5.36 -6.61 -24.20
CA ASP B 985 -6.76 -7.01 -24.15
C ASP B 985 -7.38 -6.60 -22.82
N PRO B 986 -8.72 -6.58 -22.74
CA PRO B 986 -9.39 -6.13 -21.53
C PRO B 986 -8.91 -6.88 -20.29
N PRO B 987 -8.74 -8.21 -20.35
CA PRO B 987 -8.30 -8.92 -19.13
C PRO B 987 -6.94 -8.46 -18.62
N GLU B 988 -5.91 -8.47 -19.47
CA GLU B 988 -4.60 -8.01 -19.03
C GLU B 988 -4.63 -6.53 -18.67
N ALA B 989 -5.39 -5.73 -19.41
CA ALA B 989 -5.50 -4.31 -19.10
C ALA B 989 -6.08 -4.10 -17.71
N GLU B 990 -7.03 -4.95 -17.29
CA GLU B 990 -7.58 -4.81 -15.95
C GLU B 990 -6.47 -4.84 -14.91
N VAL B 991 -5.62 -5.85 -14.96
CA VAL B 991 -4.55 -5.98 -13.96
C VAL B 991 -3.53 -4.86 -14.13
N GLN B 992 -3.23 -4.47 -15.37
CA GLN B 992 -2.22 -3.43 -15.58
C GLN B 992 -2.67 -2.10 -14.98
N ILE B 993 -3.87 -1.66 -15.33
CA ILE B 993 -4.38 -0.41 -14.76
C ILE B 993 -4.64 -0.55 -13.27
N ASP B 994 -4.95 -1.77 -12.78
CA ASP B 994 -5.08 -1.95 -11.34
C ASP B 994 -3.74 -1.69 -10.64
N ARG B 995 -2.65 -2.22 -11.20
CA ARG B 995 -1.33 -1.96 -10.63
C ARG B 995 -0.98 -0.48 -10.69
N LEU B 996 -1.27 0.16 -11.83
CA LEU B 996 -0.99 1.58 -11.95
C LEU B 996 -1.79 2.39 -10.92
N ILE B 997 -3.07 2.05 -10.75
CA ILE B 997 -3.90 2.75 -9.78
C ILE B 997 -3.37 2.54 -8.38
N THR B 998 -2.95 1.32 -8.05
CA THR B 998 -2.40 1.06 -6.72
C THR B 998 -1.16 1.90 -6.47
N GLY B 999 -0.25 1.94 -7.45
CA GLY B 999 0.97 2.73 -7.27
C GLY B 999 0.68 4.21 -7.12
N ARG B 1000 -0.17 4.74 -8.00
CA ARG B 1000 -0.49 6.17 -7.94
C ARG B 1000 -1.22 6.52 -6.65
N LEU B 1001 -2.12 5.65 -6.20
CA LEU B 1001 -2.82 5.90 -4.95
C LEU B 1001 -1.86 5.87 -3.76
N GLN B 1002 -0.91 4.94 -3.76
CA GLN B 1002 0.09 4.92 -2.69
C GLN B 1002 0.91 6.20 -2.69
N SER B 1003 1.34 6.65 -3.87
CA SER B 1003 2.09 7.90 -3.96
C SER B 1003 1.27 9.07 -3.45
N LEU B 1004 0.01 9.14 -3.85
CA LEU B 1004 -0.85 10.23 -3.43
C LEU B 1004 -1.08 10.21 -1.92
N GLN B 1005 -1.25 9.01 -1.35
CA GLN B 1005 -1.41 8.88 0.09
C GLN B 1005 -0.16 9.35 0.83
N THR B 1006 1.02 8.96 0.34
CA THR B 1006 2.26 9.43 0.95
C THR B 1006 2.37 10.95 0.87
N TYR B 1007 2.02 11.52 -0.28
CA TYR B 1007 2.06 12.98 -0.42
C TYR B 1007 1.10 13.65 0.55
N VAL B 1008 -0.10 13.09 0.70
CA VAL B 1008 -1.09 13.69 1.60
C VAL B 1008 -0.63 13.59 3.04
N THR B 1009 -0.02 12.47 3.42
CA THR B 1009 0.49 12.33 4.78
C THR B 1009 1.60 13.34 5.06
N GLN B 1010 2.52 13.50 4.10
CA GLN B 1010 3.58 14.49 4.26
C GLN B 1010 2.99 15.90 4.35
N GLN B 1011 1.99 16.19 3.53
CA GLN B 1011 1.34 17.50 3.57
C GLN B 1011 0.66 17.72 4.91
N LEU B 1012 0.03 16.69 5.46
CA LEU B 1012 -0.62 16.83 6.77
C LEU B 1012 0.40 17.10 7.86
N ILE B 1013 1.53 16.40 7.83
CA ILE B 1013 2.57 16.64 8.84
C ILE B 1013 3.11 18.06 8.71
N ARG B 1014 3.39 18.49 7.48
CA ARG B 1014 3.88 19.84 7.27
C ARG B 1014 2.85 20.88 7.68
N ALA B 1015 1.56 20.60 7.46
CA ALA B 1015 0.50 21.51 7.86
C ALA B 1015 0.42 21.61 9.38
N ALA B 1016 0.60 20.49 10.08
CA ALA B 1016 0.63 20.54 11.53
C ALA B 1016 1.81 21.38 12.03
N GLU B 1017 2.98 21.19 11.41
CA GLU B 1017 4.14 22.01 11.78
C GLU B 1017 3.88 23.48 11.52
N ILE B 1018 3.28 23.80 10.37
CA ILE B 1018 2.98 25.18 10.04
C ILE B 1018 1.94 25.75 10.99
N ARG B 1019 0.98 24.94 11.42
CA ARG B 1019 0.00 25.40 12.39
C ARG B 1019 0.67 25.72 13.73
N ALA B 1020 1.60 24.88 14.16
CA ALA B 1020 2.34 25.19 15.38
C ALA B 1020 3.13 26.49 15.23
N SER B 1021 3.79 26.67 14.09
CA SER B 1021 4.53 27.90 13.86
C SER B 1021 3.62 29.11 13.84
N ALA B 1022 2.44 28.98 13.23
CA ALA B 1022 1.49 30.09 13.16
C ALA B 1022 0.94 30.42 14.54
N ASN B 1023 0.69 29.40 15.37
CA ASN B 1023 0.26 29.66 16.74
C ASN B 1023 1.34 30.40 17.52
N LEU B 1024 2.60 29.98 17.35
CA LEU B 1024 3.69 30.70 18.00
C LEU B 1024 3.76 32.14 17.53
N ALA B 1025 3.61 32.37 16.23
CA ALA B 1025 3.65 33.73 15.69
C ALA B 1025 2.49 34.56 16.23
N ALA B 1026 1.30 33.97 16.32
CA ALA B 1026 0.15 34.69 16.86
C ALA B 1026 0.38 35.06 18.31
N THR B 1027 0.93 34.13 19.11
CA THR B 1027 1.24 34.46 20.49
C THR B 1027 2.27 35.57 20.58
N LYS B 1028 3.29 35.52 19.72
CA LYS B 1028 4.32 36.56 19.73
C LYS B 1028 3.73 37.91 19.37
N MET B 1029 2.84 37.96 18.38
CA MET B 1029 2.21 39.22 18.03
C MET B 1029 1.29 39.71 19.15
N SER B 1030 0.58 38.80 19.81
CA SER B 1030 -0.32 39.20 20.88
C SER B 1030 0.45 39.75 22.08
N GLU B 1031 1.61 39.18 22.39
CA GLU B 1031 2.36 39.57 23.58
C GLU B 1031 3.38 40.67 23.29
N CYS B 1032 4.33 40.40 22.40
CA CYS B 1032 5.41 41.35 22.15
C CYS B 1032 4.89 42.66 21.57
N VAL B 1033 3.98 42.58 20.60
CA VAL B 1033 3.53 43.78 19.90
C VAL B 1033 2.46 44.51 20.70
N LEU B 1034 1.37 43.83 21.01
CA LEU B 1034 0.26 44.46 21.71
C LEU B 1034 0.58 44.77 23.17
N GLY B 1035 1.71 44.30 23.68
CA GLY B 1035 2.08 44.58 25.06
C GLY B 1035 3.56 44.35 25.27
N GLN B 1036 3.98 44.48 26.52
CA GLN B 1036 5.36 44.25 26.93
C GLN B 1036 5.44 42.86 27.58
N SER B 1037 6.31 42.01 27.04
CA SER B 1037 6.45 40.64 27.51
C SER B 1037 7.60 40.54 28.50
N LYS B 1038 7.33 39.96 29.67
CA LYS B 1038 8.34 39.72 30.67
C LYS B 1038 9.11 38.42 30.44
N ARG B 1039 8.67 37.60 29.50
CA ARG B 1039 9.36 36.35 29.23
C ARG B 1039 10.76 36.64 28.67
N VAL B 1040 11.73 35.86 29.12
CA VAL B 1040 13.12 36.07 28.73
C VAL B 1040 13.38 35.37 27.40
N ASP B 1041 14.03 36.10 26.49
CA ASP B 1041 14.39 35.59 25.17
C ASP B 1041 13.18 35.21 24.34
N PHE B 1042 12.01 35.77 24.66
CA PHE B 1042 10.80 35.54 23.86
C PHE B 1042 10.71 36.58 22.74
N CYS B 1043 10.71 37.86 23.09
CA CYS B 1043 10.74 38.94 22.12
C CYS B 1043 12.17 39.41 21.89
N GLY B 1044 13.02 38.47 21.48
CA GLY B 1044 14.41 38.75 21.22
C GLY B 1044 15.25 38.74 22.49
N LYS B 1045 16.56 38.86 22.29
CA LYS B 1045 17.51 38.87 23.39
C LYS B 1045 17.58 40.26 24.00
N GLY B 1046 17.59 40.32 25.33
CA GLY B 1046 17.61 41.57 26.07
C GLY B 1046 16.24 41.89 26.64
N TYR B 1047 16.18 43.02 27.33
CA TYR B 1047 14.94 43.47 27.97
C TYR B 1047 14.03 44.04 26.89
N HIS B 1048 12.98 43.30 26.53
CA HIS B 1048 12.11 43.71 25.45
C HIS B 1048 11.41 45.02 25.78
N LEU B 1049 11.33 45.92 24.81
CA LEU B 1049 10.60 47.17 24.93
C LEU B 1049 9.36 47.23 24.06
N MET B 1050 9.46 46.78 22.80
CA MET B 1050 8.34 46.75 21.89
C MET B 1050 8.76 45.97 20.65
N SER B 1051 7.76 45.58 19.84
CA SER B 1051 8.00 44.83 18.63
C SER B 1051 7.18 45.42 17.51
N PHE B 1052 7.65 45.22 16.27
CA PHE B 1052 7.02 45.77 15.08
C PHE B 1052 6.81 44.64 14.08
N PRO B 1053 5.58 44.35 13.67
CA PRO B 1053 5.35 43.27 12.70
C PRO B 1053 5.42 43.74 11.26
N GLN B 1054 5.88 42.83 10.41
CA GLN B 1054 5.96 43.05 8.97
C GLN B 1054 5.55 41.77 8.26
N SER B 1055 4.93 41.94 7.09
CA SER B 1055 4.47 40.79 6.32
C SER B 1055 5.60 40.24 5.46
N ALA B 1056 5.40 39.03 4.97
CA ALA B 1056 6.30 38.40 4.01
C ALA B 1056 5.59 37.23 3.38
N PRO B 1057 6.01 36.78 2.20
CA PRO B 1057 5.31 35.69 1.54
C PRO B 1057 5.15 34.48 2.46
N HIS B 1058 3.91 34.20 2.86
CA HIS B 1058 3.59 33.09 3.75
C HIS B 1058 4.46 33.13 5.01
N GLY B 1059 4.57 34.32 5.61
CA GLY B 1059 5.35 34.45 6.82
C GLY B 1059 5.27 35.85 7.38
N VAL B 1060 5.79 36.00 8.61
CA VAL B 1060 5.82 37.27 9.32
C VAL B 1060 7.22 37.49 9.85
N VAL B 1061 7.55 38.78 10.04
CA VAL B 1061 8.84 39.19 10.56
C VAL B 1061 8.61 40.12 11.74
N PHE B 1062 9.31 39.88 12.84
CA PHE B 1062 9.21 40.72 14.03
C PHE B 1062 10.55 41.42 14.24
N LEU B 1063 10.49 42.75 14.40
CA LEU B 1063 11.67 43.56 14.71
C LEU B 1063 11.63 43.89 16.19
N HIS B 1064 12.14 42.96 16.99
CA HIS B 1064 12.10 43.11 18.44
C HIS B 1064 13.11 44.16 18.89
N VAL B 1065 12.65 45.16 19.62
CA VAL B 1065 13.51 46.18 20.19
C VAL B 1065 13.84 45.79 21.62
N THR B 1066 15.11 45.79 21.97
CA THR B 1066 15.55 45.31 23.28
C THR B 1066 16.57 46.27 23.87
N TYR B 1067 16.33 46.67 25.12
CA TYR B 1067 17.32 47.37 25.93
C TYR B 1067 18.35 46.38 26.41
N VAL B 1068 19.63 46.73 26.29
CA VAL B 1068 20.71 45.83 26.69
C VAL B 1068 21.79 46.65 27.40
N PRO B 1069 22.20 46.29 28.62
CA PRO B 1069 23.31 47.01 29.26
C PRO B 1069 24.58 46.87 28.44
N ALA B 1070 25.37 47.95 28.41
CA ALA B 1070 26.57 48.02 27.57
C ALA B 1070 27.84 48.10 28.40
N GLN B 1071 27.96 49.09 29.28
CA GLN B 1071 29.18 49.35 30.02
C GLN B 1071 28.97 49.01 31.49
N GLU B 1072 29.85 48.15 32.02
CA GLU B 1072 29.78 47.74 33.42
C GLU B 1072 30.86 48.46 34.23
N LYS B 1073 30.90 48.16 35.53
CA LYS B 1073 31.88 48.77 36.41
C LYS B 1073 31.88 48.05 37.75
N ASN B 1074 33.07 47.87 38.32
CA ASN B 1074 33.19 47.28 39.64
C ASN B 1074 32.48 48.16 40.67
N PHE B 1075 31.88 47.52 41.67
CA PHE B 1075 31.31 48.26 42.79
C PHE B 1075 31.29 47.35 44.02
N THR B 1076 31.43 47.98 45.18
CA THR B 1076 31.35 47.29 46.46
C THR B 1076 29.95 47.49 47.03
N THR B 1077 29.27 46.39 47.32
CA THR B 1077 27.87 46.42 47.76
C THR B 1077 27.73 45.65 49.07
N ALA B 1078 26.75 46.07 49.88
CA ALA B 1078 26.44 45.41 51.14
C ALA B 1078 24.95 45.11 51.19
N PRO B 1079 24.55 44.02 51.86
CA PRO B 1079 23.13 43.68 51.90
C PRO B 1079 22.27 44.74 52.57
N ALA B 1080 22.80 45.44 53.57
CA ALA B 1080 22.02 46.43 54.29
C ALA B 1080 23.00 47.39 54.97
N ILE B 1081 22.44 48.46 55.55
CA ILE B 1081 23.21 49.50 56.21
C ILE B 1081 22.66 49.71 57.61
N CYS B 1082 23.55 49.76 58.59
CA CYS B 1082 23.18 50.03 59.98
C CYS B 1082 23.53 51.47 60.32
N HIS B 1083 22.54 52.22 60.79
CA HIS B 1083 22.73 53.62 61.17
C HIS B 1083 22.61 53.87 62.66
N ASP B 1084 21.53 53.42 63.27
CA ASP B 1084 21.29 53.58 64.71
C ASP B 1084 20.81 52.28 65.33
N GLY B 1085 21.47 51.18 64.98
CA GLY B 1085 21.10 49.88 65.50
C GLY B 1085 19.97 49.20 64.76
N LYS B 1086 19.43 49.81 63.71
CA LYS B 1086 18.35 49.25 62.92
C LYS B 1086 18.84 49.04 61.50
N ALA B 1087 18.59 47.84 60.96
CA ALA B 1087 19.05 47.54 59.61
C ALA B 1087 18.30 48.37 58.58
N HIS B 1088 19.02 48.82 57.55
CA HIS B 1088 18.43 49.56 56.44
C HIS B 1088 18.51 48.81 55.12
N PHE B 1089 17.37 48.65 54.45
CA PHE B 1089 17.34 47.91 53.21
C PHE B 1089 16.79 48.78 52.08
N PRO B 1090 17.34 48.68 50.87
CA PRO B 1090 16.91 49.58 49.79
C PRO B 1090 15.47 49.30 49.39
N ARG B 1091 14.66 50.36 49.36
CA ARG B 1091 13.27 50.22 48.95
C ARG B 1091 13.17 49.71 47.52
N GLU B 1092 14.00 50.26 46.62
CA GLU B 1092 14.06 49.78 45.23
C GLU B 1092 15.43 50.17 44.70
N GLY B 1093 16.33 49.20 44.65
CA GLY B 1093 17.69 49.44 44.20
C GLY B 1093 18.66 48.56 44.95
N VAL B 1094 19.93 48.97 44.94
CA VAL B 1094 20.99 48.23 45.62
C VAL B 1094 22.04 49.22 46.09
N PHE B 1095 22.71 48.88 47.18
CA PHE B 1095 23.76 49.72 47.75
C PHE B 1095 25.06 49.46 47.02
N VAL B 1096 25.76 50.54 46.64
CA VAL B 1096 27.06 50.48 45.98
C VAL B 1096 27.98 51.49 46.65
N SER B 1097 29.28 51.36 46.36
CA SER B 1097 30.26 52.26 46.94
C SER B 1097 31.33 52.55 45.89
N ASN B 1098 31.65 53.83 45.72
CA ASN B 1098 32.72 54.26 44.82
C ASN B 1098 34.04 54.38 45.57
N GLY B 1099 34.39 53.34 46.31
CA GLY B 1099 35.62 53.33 47.10
C GLY B 1099 35.42 53.77 48.52
N THR B 1100 34.90 54.99 48.72
CA THR B 1100 34.73 55.57 50.05
C THR B 1100 33.27 55.76 50.43
N HIS B 1101 32.50 56.47 49.62
CA HIS B 1101 31.12 56.80 49.95
C HIS B 1101 30.17 55.69 49.52
N TRP B 1102 28.99 55.68 50.13
CA TRP B 1102 27.96 54.70 49.85
C TRP B 1102 26.75 55.39 49.24
N PHE B 1103 26.18 54.78 48.20
CA PHE B 1103 25.00 55.30 47.53
C PHE B 1103 24.04 54.15 47.24
N VAL B 1104 22.83 54.51 46.84
CA VAL B 1104 21.81 53.55 46.42
C VAL B 1104 21.50 53.82 44.96
N THR B 1105 21.58 52.77 44.13
CA THR B 1105 21.46 52.93 42.69
C THR B 1105 20.52 51.87 42.13
N GLN B 1106 19.98 52.17 40.95
CA GLN B 1106 19.10 51.22 40.27
C GLN B 1106 19.86 49.98 39.85
N ARG B 1107 19.14 48.86 39.79
CA ARG B 1107 19.77 47.59 39.42
C ARG B 1107 20.29 47.60 37.99
N ASN B 1108 19.53 48.18 37.05
CA ASN B 1108 19.87 48.12 35.64
C ASN B 1108 20.53 49.41 35.13
N PHE B 1109 20.84 50.34 36.01
CA PHE B 1109 21.47 51.59 35.60
C PHE B 1109 22.19 52.20 36.80
N TYR B 1110 23.31 52.87 36.54
CA TYR B 1110 24.10 53.50 37.60
C TYR B 1110 23.60 54.93 37.79
N GLU B 1111 22.74 55.12 38.78
CA GLU B 1111 22.22 56.43 39.16
C GLU B 1111 22.37 56.60 40.66
N PRO B 1112 23.59 56.80 41.15
CA PRO B 1112 23.80 56.86 42.61
C PRO B 1112 23.00 58.00 43.23
N GLN B 1113 22.46 57.73 44.42
CA GLN B 1113 21.66 58.69 45.16
C GLN B 1113 22.11 58.69 46.62
N ILE B 1114 22.03 59.85 47.26
CA ILE B 1114 22.37 59.94 48.67
C ILE B 1114 21.41 59.12 49.49
N ILE B 1115 21.95 58.37 50.45
CA ILE B 1115 21.12 57.50 51.28
C ILE B 1115 20.23 58.36 52.17
N THR B 1116 18.93 58.07 52.17
CA THR B 1116 17.97 58.81 52.96
C THR B 1116 16.83 57.89 53.37
N THR B 1117 16.07 58.33 54.37
CA THR B 1117 14.97 57.51 54.87
C THR B 1117 13.98 57.17 53.76
N ASP B 1118 13.82 58.06 52.78
CA ASP B 1118 12.93 57.75 51.66
C ASP B 1118 13.45 56.61 50.81
N ASN B 1119 14.76 56.61 50.54
CA ASN B 1119 15.34 55.60 49.65
C ASN B 1119 15.25 54.21 50.27
N THR B 1120 15.52 54.09 51.57
CA THR B 1120 15.63 52.80 52.24
C THR B 1120 14.61 52.72 53.36
N PHE B 1121 14.22 51.49 53.70
CA PHE B 1121 13.28 51.23 54.78
C PHE B 1121 13.99 50.48 55.91
N VAL B 1122 13.51 50.73 57.13
CA VAL B 1122 14.16 50.21 58.33
C VAL B 1122 13.59 48.84 58.66
N SER B 1123 14.37 48.05 59.40
CA SER B 1123 13.97 46.72 59.83
C SER B 1123 14.88 46.16 60.90
N GLY B 1124 14.28 45.54 61.92
CA GLY B 1124 15.00 44.83 62.96
C GLY B 1124 16.26 45.53 63.44
N ASN B 1125 17.33 44.77 63.62
CA ASN B 1125 18.62 45.31 64.02
C ASN B 1125 19.69 44.66 63.17
N CYS B 1126 20.83 45.34 63.06
CA CYS B 1126 21.92 44.89 62.19
C CYS B 1126 22.78 43.81 62.83
N ASP B 1127 22.52 43.45 64.09
CA ASP B 1127 23.29 42.40 64.74
C ASP B 1127 22.98 41.00 64.22
N VAL B 1128 21.93 40.85 63.41
CA VAL B 1128 21.53 39.55 62.89
C VAL B 1128 22.12 39.29 61.51
N VAL B 1129 22.15 40.30 60.66
CA VAL B 1129 22.65 40.13 59.29
C VAL B 1129 24.17 40.11 59.30
N ILE B 1130 24.73 39.35 58.36
CA ILE B 1130 26.17 39.26 58.17
C ILE B 1130 26.53 39.98 56.88
N GLY B 1131 27.53 40.85 56.96
CA GLY B 1131 27.93 41.69 55.84
C GLY B 1131 27.47 43.13 55.96
N ILE B 1132 26.57 43.44 56.89
CA ILE B 1132 26.14 44.81 57.10
C ILE B 1132 27.31 45.66 57.57
N VAL B 1133 27.38 46.89 57.08
CA VAL B 1133 28.46 47.81 57.39
C VAL B 1133 27.88 49.09 57.96
N ASN B 1134 28.45 49.55 59.07
CA ASN B 1134 27.98 50.79 59.70
C ASN B 1134 28.14 51.96 58.74
N ASN B 1135 27.15 52.83 58.71
CA ASN B 1135 27.18 54.01 57.84
C ASN B 1135 26.22 55.04 58.39
N THR B 1136 26.39 56.28 57.91
CA THR B 1136 25.56 57.40 58.32
C THR B 1136 24.50 57.69 57.26
N VAL B 1137 23.29 58.01 57.72
CA VAL B 1137 22.17 58.34 56.84
C VAL B 1137 21.73 59.76 57.18
N TYR B 1138 21.73 60.63 56.18
CA TYR B 1138 21.35 62.02 56.40
C TYR B 1138 19.85 62.13 56.63
N ASP B 1139 19.47 63.09 57.48
CA ASP B 1139 18.08 63.34 57.82
C ASP B 1139 17.71 64.76 57.42
N PRO B 1140 16.66 64.96 56.61
CA PRO B 1140 16.29 66.33 56.21
C PRO B 1140 15.80 67.19 57.37
N LEU B 1141 15.49 66.59 58.52
CA LEU B 1141 14.91 67.37 59.62
C LEU B 1141 15.82 68.49 60.13
N GLN B 1142 17.12 68.22 60.26
CA GLN B 1142 18.03 69.26 60.72
C GLN B 1142 18.08 70.45 59.76
N PRO B 1143 18.34 70.26 58.46
CA PRO B 1143 18.29 71.42 57.55
C PRO B 1143 16.92 72.07 57.49
N GLU B 1144 15.84 71.29 57.62
CA GLU B 1144 14.51 71.89 57.60
C GLU B 1144 14.30 72.81 58.79
N LEU B 1145 14.75 72.39 59.97
CA LEU B 1145 14.63 73.22 61.17
C LEU B 1145 15.67 74.32 61.24
N ASP B 1146 16.72 74.26 60.42
CA ASP B 1146 17.75 75.29 60.44
C ASP B 1146 17.16 76.66 60.10
N SER B 1147 16.29 76.71 59.09
CA SER B 1147 15.66 77.96 58.67
C SER B 1147 16.71 79.01 58.32
N PRO C 25 -54.09 20.47 -27.63
CA PRO C 25 -52.72 19.93 -27.74
C PRO C 25 -52.25 19.25 -26.45
N PRO C 26 -51.14 18.51 -26.53
CA PRO C 26 -50.61 17.83 -25.34
C PRO C 26 -49.89 18.81 -24.43
N ALA C 27 -50.49 19.11 -23.28
CA ALA C 27 -49.93 20.06 -22.35
C ALA C 27 -48.89 19.39 -21.47
N TYR C 28 -47.72 20.01 -21.36
CA TYR C 28 -46.64 19.52 -20.52
C TYR C 28 -46.67 20.29 -19.20
N THR C 29 -47.33 19.72 -18.20
CA THR C 29 -47.46 20.35 -16.90
C THR C 29 -46.28 19.96 -16.02
N ASN C 30 -46.24 20.53 -14.82
CA ASN C 30 -45.14 20.33 -13.88
C ASN C 30 -45.43 19.10 -13.02
N SER C 31 -44.52 18.13 -13.05
CA SER C 31 -44.70 16.91 -12.26
C SER C 31 -44.45 17.13 -10.78
N PHE C 32 -43.80 18.23 -10.40
CA PHE C 32 -43.51 18.55 -9.00
C PHE C 32 -42.61 17.44 -8.46
N THR C 33 -42.92 16.83 -7.32
CA THR C 33 -42.06 15.85 -6.68
C THR C 33 -42.77 14.50 -6.52
N ARG C 34 -43.46 14.07 -7.57
CA ARG C 34 -44.14 12.79 -7.57
C ARG C 34 -43.25 11.71 -8.20
N GLY C 35 -43.68 10.46 -8.06
CA GLY C 35 -42.96 9.34 -8.65
C GLY C 35 -41.81 8.83 -7.82
N VAL C 36 -41.87 8.95 -6.50
CA VAL C 36 -40.82 8.47 -5.60
C VAL C 36 -41.28 7.15 -5.00
N TYR C 37 -40.42 6.14 -5.08
CA TYR C 37 -40.74 4.79 -4.62
C TYR C 37 -39.56 4.24 -3.81
N TYR C 38 -39.87 3.27 -2.96
CA TYR C 38 -38.83 2.61 -2.17
C TYR C 38 -37.94 1.79 -3.10
N PRO C 39 -36.62 2.04 -3.15
CA PRO C 39 -35.78 1.25 -4.05
C PRO C 39 -35.79 -0.24 -3.74
N ASP C 40 -35.92 -0.61 -2.46
CA ASP C 40 -35.90 -2.02 -2.07
C ASP C 40 -36.78 -2.17 -0.83
N LYS C 41 -36.82 -3.39 -0.30
CA LYS C 41 -37.61 -3.70 0.88
C LYS C 41 -36.85 -3.50 2.18
N VAL C 42 -35.61 -3.00 2.12
CA VAL C 42 -34.85 -2.75 3.33
C VAL C 42 -35.56 -1.70 4.18
N PHE C 43 -35.41 -1.83 5.50
CA PHE C 43 -36.04 -0.92 6.46
C PHE C 43 -34.98 0.00 7.05
N ARG C 44 -35.29 1.30 7.08
CA ARG C 44 -34.40 2.29 7.66
C ARG C 44 -35.22 3.23 8.54
N SER C 45 -34.58 3.80 9.54
CA SER C 45 -35.25 4.64 10.53
C SER C 45 -34.45 5.92 10.74
N SER C 46 -35.08 7.06 10.46
CA SER C 46 -34.51 8.37 10.77
C SER C 46 -33.10 8.52 10.20
N VAL C 47 -32.92 8.08 8.96
CA VAL C 47 -31.64 8.21 8.27
C VAL C 47 -31.91 8.72 6.85
N LEU C 48 -30.91 9.39 6.30
CA LEU C 48 -30.95 9.87 4.92
C LEU C 48 -30.04 9.00 4.08
N HIS C 49 -30.61 8.36 3.06
CA HIS C 49 -29.91 7.39 2.24
C HIS C 49 -29.78 7.89 0.81
N SER C 50 -28.57 7.84 0.27
CA SER C 50 -28.32 8.22 -1.11
C SER C 50 -28.31 6.97 -1.97
N THR C 51 -29.20 6.91 -2.97
CA THR C 51 -29.36 5.73 -3.81
C THR C 51 -29.30 6.13 -5.28
N GLN C 52 -28.64 5.29 -6.07
CA GLN C 52 -28.53 5.48 -7.51
C GLN C 52 -29.43 4.47 -8.19
N ASP C 53 -30.57 4.94 -8.70
CA ASP C 53 -31.54 4.08 -9.36
C ASP C 53 -32.43 4.94 -10.23
N LEU C 54 -33.22 4.28 -11.08
CA LEU C 54 -34.15 5.00 -11.93
C LEU C 54 -35.18 5.74 -11.09
N PHE C 55 -35.41 7.01 -11.43
CA PHE C 55 -36.36 7.84 -10.71
C PHE C 55 -36.92 8.89 -11.65
N LEU C 56 -38.07 9.44 -11.28
CA LEU C 56 -38.66 10.53 -12.05
C LEU C 56 -38.00 11.85 -11.63
N PRO C 57 -37.33 12.56 -12.54
CA PRO C 57 -36.68 13.82 -12.14
C PRO C 57 -37.68 14.80 -11.56
N PHE C 58 -37.25 15.52 -10.53
CA PHE C 58 -38.12 16.49 -9.87
C PHE C 58 -38.45 17.63 -10.83
N PHE C 59 -39.69 18.10 -10.77
CA PHE C 59 -40.16 19.19 -11.61
C PHE C 59 -39.93 18.88 -13.08
N SER C 60 -40.22 17.64 -13.48
CA SER C 60 -40.07 17.21 -14.86
C SER C 60 -41.40 17.31 -15.59
N ASN C 61 -41.32 17.61 -16.88
CA ASN C 61 -42.53 17.71 -17.70
C ASN C 61 -43.36 16.43 -17.74
N VAL C 62 -44.68 16.58 -17.53
CA VAL C 62 -45.61 15.47 -17.51
C VAL C 62 -46.73 15.75 -18.50
N THR C 63 -47.04 14.79 -19.35
CA THR C 63 -48.03 14.98 -20.40
C THR C 63 -49.44 14.89 -19.82
N TRP C 64 -50.33 15.75 -20.32
CA TRP C 64 -51.74 15.71 -19.97
C TRP C 64 -52.54 15.29 -21.20
N PHE C 65 -53.36 14.26 -21.04
CA PHE C 65 -54.10 13.66 -22.14
C PHE C 65 -55.52 14.20 -22.20
N HIS C 66 -55.95 14.55 -23.40
CA HIS C 66 -57.30 15.05 -23.65
C HIS C 66 -58.14 14.13 -24.53
N ALA C 67 -59.46 14.31 -24.47
CA ALA C 67 -60.41 13.51 -25.24
C ALA C 67 -61.46 14.45 -25.84
N ILE C 68 -61.19 14.93 -27.05
CA ILE C 68 -62.12 15.79 -27.79
C ILE C 68 -62.21 15.26 -29.21
N HIS C 69 -63.44 15.13 -29.71
CA HIS C 69 -63.67 14.63 -31.06
C HIS C 69 -63.10 13.23 -31.22
N ASP C 80 -57.44 9.86 -27.50
CA ASP C 80 -57.09 8.64 -28.22
C ASP C 80 -56.39 7.65 -27.30
N ASN C 81 -55.85 6.58 -27.87
CA ASN C 81 -55.11 5.56 -27.14
C ASN C 81 -53.78 5.31 -27.86
N PRO C 82 -52.90 6.31 -27.87
CA PRO C 82 -51.63 6.16 -28.59
C PRO C 82 -50.69 5.19 -27.89
N VAL C 83 -49.80 4.61 -28.67
CA VAL C 83 -48.76 3.72 -28.15
C VAL C 83 -47.55 4.57 -27.80
N LEU C 84 -47.16 4.54 -26.53
CA LEU C 84 -46.04 5.34 -26.05
C LEU C 84 -44.82 4.47 -25.79
N PRO C 85 -43.61 4.95 -26.09
CA PRO C 85 -42.42 4.15 -25.80
C PRO C 85 -42.30 3.82 -24.32
N PHE C 86 -41.87 2.59 -24.03
CA PHE C 86 -41.70 2.18 -22.64
C PHE C 86 -40.43 2.71 -21.98
N ASN C 87 -39.36 2.91 -22.74
CA ASN C 87 -38.09 3.38 -22.17
C ASN C 87 -37.66 2.39 -21.09
N ASP C 88 -36.98 2.87 -20.05
CA ASP C 88 -36.57 1.99 -18.95
C ASP C 88 -37.71 1.80 -17.96
N GLY C 89 -38.31 2.89 -17.51
CA GLY C 89 -39.44 2.82 -16.61
C GLY C 89 -40.53 3.77 -17.05
N VAL C 90 -41.74 3.54 -16.54
CA VAL C 90 -42.91 4.32 -16.89
C VAL C 90 -43.65 4.71 -15.62
N TYR C 91 -44.05 5.98 -15.55
CA TYR C 91 -44.82 6.52 -14.45
C TYR C 91 -46.23 6.85 -14.95
N PHE C 92 -47.22 6.61 -14.11
CA PHE C 92 -48.62 6.77 -14.49
C PHE C 92 -49.38 7.43 -13.35
N ALA C 93 -50.36 8.27 -13.70
CA ALA C 93 -51.21 8.90 -12.72
C ALA C 93 -52.61 9.03 -13.29
N SER C 94 -53.61 8.88 -12.42
CA SER C 94 -55.00 8.94 -12.85
C SER C 94 -55.86 9.46 -11.71
N THR C 95 -56.70 10.46 -12.00
CA THR C 95 -57.66 10.99 -11.04
C THR C 95 -59.09 10.59 -11.36
N GLU C 96 -59.31 9.82 -12.42
CA GLU C 96 -60.65 9.41 -12.79
C GLU C 96 -61.22 8.42 -11.78
N LYS C 97 -62.54 8.50 -11.58
CA LYS C 97 -63.24 7.58 -10.69
C LYS C 97 -64.10 6.56 -11.44
N SER C 98 -64.33 6.74 -12.73
CA SER C 98 -65.15 5.83 -13.51
C SER C 98 -64.47 4.49 -13.76
N ASN C 99 -63.18 4.36 -13.46
CA ASN C 99 -62.44 3.12 -13.65
C ASN C 99 -62.30 2.76 -15.13
N ILE C 100 -62.41 3.74 -16.02
CA ILE C 100 -62.23 3.48 -17.45
C ILE C 100 -60.81 2.99 -17.72
N ILE C 101 -59.83 3.56 -17.02
CA ILE C 101 -58.44 3.11 -17.11
C ILE C 101 -58.29 1.92 -16.19
N ARG C 102 -58.12 0.72 -16.77
CA ARG C 102 -58.07 -0.52 -15.99
C ARG C 102 -56.76 -1.27 -16.16
N GLY C 103 -56.30 -1.50 -17.38
CA GLY C 103 -55.19 -2.39 -17.64
C GLY C 103 -54.16 -1.77 -18.58
N TRP C 104 -53.15 -2.60 -18.90
CA TRP C 104 -52.06 -2.20 -19.77
C TRP C 104 -51.61 -3.34 -20.67
N ILE C 105 -50.86 -3.00 -21.72
CA ILE C 105 -50.25 -3.98 -22.61
C ILE C 105 -48.79 -3.61 -22.78
N PHE C 106 -47.92 -4.61 -22.77
CA PHE C 106 -46.48 -4.39 -22.92
C PHE C 106 -45.92 -5.38 -23.94
N GLY C 107 -44.91 -4.94 -24.67
CA GLY C 107 -44.27 -5.80 -25.65
C GLY C 107 -43.30 -5.03 -26.50
N THR C 108 -42.57 -5.77 -27.32
CA THR C 108 -41.57 -5.21 -28.23
C THR C 108 -42.03 -5.18 -29.68
N THR C 109 -42.55 -6.30 -30.18
CA THR C 109 -43.01 -6.41 -31.56
C THR C 109 -44.53 -6.30 -31.68
N LEU C 110 -45.27 -6.91 -30.76
CA LEU C 110 -46.73 -6.89 -30.78
C LEU C 110 -47.30 -7.47 -32.08
N ASP C 111 -46.56 -8.34 -32.75
CA ASP C 111 -46.99 -8.96 -33.99
C ASP C 111 -47.68 -10.30 -33.78
N SER C 112 -47.87 -10.71 -32.52
CA SER C 112 -48.44 -11.99 -32.08
C SER C 112 -47.53 -13.22 -32.10
N LYS C 113 -46.28 -13.08 -32.56
CA LYS C 113 -45.35 -14.21 -32.52
C LYS C 113 -44.85 -14.47 -31.11
N THR C 114 -44.69 -13.41 -30.31
CA THR C 114 -44.20 -13.52 -28.95
C THR C 114 -45.30 -13.14 -27.97
N GLN C 115 -45.29 -13.77 -26.80
CA GLN C 115 -46.29 -13.51 -25.79
C GLN C 115 -46.26 -12.04 -25.38
N SER C 116 -47.44 -11.45 -25.24
CA SER C 116 -47.60 -10.04 -24.91
C SER C 116 -48.29 -9.92 -23.56
N LEU C 117 -47.71 -9.11 -22.66
CA LEU C 117 -48.30 -8.90 -21.35
C LEU C 117 -49.64 -8.21 -21.48
N LEU C 118 -50.64 -8.72 -20.76
CA LEU C 118 -51.99 -8.14 -20.76
C LEU C 118 -52.53 -8.16 -19.35
N ILE C 119 -53.11 -7.04 -18.92
CA ILE C 119 -53.68 -6.89 -17.59
C ILE C 119 -55.16 -6.53 -17.75
N VAL C 120 -56.03 -7.23 -17.03
CA VAL C 120 -57.47 -6.99 -17.07
C VAL C 120 -57.97 -6.84 -15.64
N ASN C 121 -58.85 -5.87 -15.42
CA ASN C 121 -59.47 -5.63 -14.11
C ASN C 121 -60.97 -5.83 -14.27
N ASN C 122 -61.44 -7.03 -13.95
CA ASN C 122 -62.85 -7.40 -14.10
C ASN C 122 -63.41 -7.81 -12.75
N ALA C 123 -64.51 -7.18 -12.36
CA ALA C 123 -65.21 -7.44 -11.09
C ALA C 123 -64.28 -7.65 -9.89
N THR C 124 -63.47 -6.62 -9.62
CA THR C 124 -62.55 -6.60 -8.48
C THR C 124 -61.51 -7.72 -8.55
N ASN C 125 -61.23 -8.22 -9.75
CA ASN C 125 -60.27 -9.29 -9.95
C ASN C 125 -59.26 -8.87 -11.02
N VAL C 126 -57.98 -9.05 -10.72
CA VAL C 126 -56.90 -8.72 -11.64
C VAL C 126 -56.46 -10.01 -12.33
N VAL C 127 -56.45 -10.01 -13.65
CA VAL C 127 -56.09 -11.17 -14.46
C VAL C 127 -54.92 -10.79 -15.34
N ILE C 128 -53.86 -11.60 -15.30
CA ILE C 128 -52.68 -11.42 -16.14
C ILE C 128 -52.71 -12.49 -17.21
N LYS C 129 -52.71 -12.06 -18.47
CA LYS C 129 -52.77 -12.97 -19.61
C LYS C 129 -51.58 -12.73 -20.53
N VAL C 130 -51.05 -13.81 -21.10
CA VAL C 130 -49.94 -13.73 -22.05
C VAL C 130 -50.34 -14.48 -23.30
N CYS C 131 -51.64 -14.64 -23.54
CA CYS C 131 -52.13 -15.37 -24.69
C CYS C 131 -51.91 -14.56 -25.97
N GLU C 132 -51.85 -15.29 -27.09
CA GLU C 132 -51.62 -14.70 -28.40
C GLU C 132 -52.96 -14.46 -29.09
N PHE C 133 -53.23 -13.21 -29.44
CA PHE C 133 -54.44 -12.87 -30.16
C PHE C 133 -54.21 -11.59 -30.94
N GLN C 134 -54.90 -11.48 -32.07
CA GLN C 134 -54.69 -10.37 -33.00
C GLN C 134 -55.23 -9.07 -32.43
N PHE C 135 -54.62 -7.96 -32.87
CA PHE C 135 -55.05 -6.62 -32.50
C PHE C 135 -55.74 -5.96 -33.69
N CYS C 136 -56.86 -5.30 -33.42
CA CYS C 136 -57.59 -4.62 -34.48
C CYS C 136 -56.81 -3.39 -34.95
N ASN C 137 -57.17 -2.92 -36.15
CA ASN C 137 -56.49 -1.75 -36.71
C ASN C 137 -56.71 -0.52 -35.85
N ASP C 138 -57.93 -0.33 -35.34
CA ASP C 138 -58.30 0.81 -34.50
C ASP C 138 -58.99 0.28 -33.25
N PRO C 139 -58.23 -0.30 -32.31
CA PRO C 139 -58.85 -0.83 -31.10
C PRO C 139 -59.57 0.27 -30.31
N PHE C 140 -60.70 -0.09 -29.72
CA PHE C 140 -61.48 0.85 -28.92
C PHE C 140 -62.28 0.07 -27.88
N LEU C 141 -62.68 0.79 -26.84
CA LEU C 141 -63.46 0.22 -25.75
C LEU C 141 -64.85 0.85 -25.75
N GLY C 142 -65.88 0.01 -25.80
CA GLY C 142 -67.25 0.48 -25.83
C GLY C 142 -67.80 0.71 -24.42
N VAL C 143 -68.60 1.75 -24.27
CA VAL C 143 -69.22 2.09 -22.99
C VAL C 143 -70.51 2.84 -23.27
N TYR C 144 -71.53 2.55 -22.47
CA TYR C 144 -72.83 3.20 -22.59
C TYR C 144 -73.32 3.60 -21.21
N TYR C 145 -74.17 4.63 -21.18
CA TYR C 145 -74.67 5.20 -19.94
C TYR C 145 -76.16 4.91 -19.79
N HIS C 146 -76.64 5.07 -18.55
CA HIS C 146 -78.05 4.88 -18.22
C HIS C 146 -78.49 3.45 -18.52
N LYS C 147 -77.81 2.50 -17.87
CA LYS C 147 -78.14 1.09 -18.03
C LYS C 147 -77.58 0.33 -16.84
N ASN C 148 -78.14 -0.86 -16.62
CA ASN C 148 -77.68 -1.76 -15.57
C ASN C 148 -76.63 -2.74 -16.06
N ASN C 149 -76.20 -2.63 -17.32
CA ASN C 149 -75.19 -3.51 -17.89
C ASN C 149 -73.98 -2.70 -18.33
N LYS C 150 -73.53 -1.79 -17.46
CA LYS C 150 -72.48 -0.83 -17.79
C LYS C 150 -71.34 -1.49 -18.57
N SER C 151 -70.93 -0.82 -19.64
CA SER C 151 -69.83 -1.26 -20.50
C SER C 151 -70.23 -2.42 -21.40
N TRP C 152 -71.41 -2.99 -21.18
CA TRP C 152 -71.95 -4.03 -22.06
C TRP C 152 -70.89 -5.09 -22.35
N MET C 153 -71.01 -5.79 -23.48
CA MET C 153 -69.99 -6.74 -23.94
C MET C 153 -69.77 -7.86 -22.93
N GLU C 154 -70.80 -8.19 -22.15
CA GLU C 154 -70.71 -9.27 -21.17
C GLU C 154 -71.06 -10.62 -21.74
N SER C 155 -71.61 -10.68 -22.96
CA SER C 155 -71.99 -11.95 -23.56
C SER C 155 -71.44 -12.08 -24.98
N GLU C 156 -71.21 -10.95 -25.65
CA GLU C 156 -70.76 -10.99 -27.04
C GLU C 156 -69.43 -11.71 -27.24
N PHE C 157 -68.44 -11.42 -26.38
CA PHE C 157 -67.12 -12.05 -26.46
C PHE C 157 -66.55 -11.91 -27.88
N ARG C 158 -66.70 -10.72 -28.45
CA ARG C 158 -66.22 -10.44 -29.81
C ARG C 158 -64.84 -9.78 -29.74
N VAL C 159 -63.86 -10.57 -29.30
CA VAL C 159 -62.47 -10.13 -29.19
C VAL C 159 -61.54 -11.05 -29.97
N TYR C 160 -61.61 -12.36 -29.69
CA TYR C 160 -60.76 -13.33 -30.36
C TYR C 160 -61.50 -14.65 -30.44
N SER C 161 -61.05 -15.50 -31.37
CA SER C 161 -61.66 -16.82 -31.56
C SER C 161 -60.95 -17.98 -30.87
N SER C 162 -59.67 -17.86 -30.59
CA SER C 162 -58.92 -18.93 -29.93
C SER C 162 -57.66 -18.44 -29.24
N ALA C 163 -57.13 -19.28 -28.35
CA ALA C 163 -55.92 -19.00 -27.61
C ALA C 163 -54.83 -19.99 -28.01
N ASN C 164 -53.59 -19.50 -28.04
CA ASN C 164 -52.45 -20.31 -28.47
C ASN C 164 -51.48 -20.59 -27.35
N ASN C 165 -50.97 -19.56 -26.67
CA ASN C 165 -49.95 -19.71 -25.62
C ASN C 165 -50.35 -18.88 -24.42
N CYS C 166 -51.15 -19.46 -23.52
CA CYS C 166 -51.49 -18.82 -22.25
C CYS C 166 -50.57 -19.37 -21.16
N THR C 167 -49.30 -19.00 -21.26
CA THR C 167 -48.24 -19.57 -20.44
C THR C 167 -48.02 -18.79 -19.14
N PHE C 168 -49.00 -18.01 -18.70
CA PHE C 168 -48.86 -17.28 -17.44
C PHE C 168 -50.25 -16.93 -16.93
N GLU C 169 -50.34 -16.72 -15.62
CA GLU C 169 -51.57 -16.34 -14.96
C GLU C 169 -51.26 -15.95 -13.53
N TYR C 170 -52.00 -14.96 -13.01
CA TYR C 170 -51.80 -14.49 -11.66
C TYR C 170 -52.95 -13.55 -11.30
N VAL C 171 -53.35 -13.60 -10.03
CA VAL C 171 -54.42 -12.75 -9.52
C VAL C 171 -53.99 -12.21 -8.16
N SER C 172 -54.24 -10.92 -7.94
CA SER C 172 -53.88 -10.28 -6.68
C SER C 172 -54.59 -10.94 -5.51
N PHE C 186 -63.29 11.97 -8.80
CA PHE C 186 -62.56 13.20 -8.55
C PHE C 186 -62.00 13.24 -7.13
N LYS C 187 -62.42 12.29 -6.30
CA LYS C 187 -61.99 12.24 -4.90
C LYS C 187 -60.77 11.38 -4.62
N ASN C 188 -60.19 10.73 -5.63
CA ASN C 188 -59.01 9.90 -5.44
C ASN C 188 -57.99 10.04 -6.56
N LEU C 189 -56.72 9.86 -6.22
CA LEU C 189 -55.63 9.90 -7.17
C LEU C 189 -54.80 8.64 -7.03
N ARG C 190 -54.56 7.96 -8.15
CA ARG C 190 -53.81 6.71 -8.19
C ARG C 190 -52.54 6.93 -8.99
N GLU C 191 -51.40 6.60 -8.38
CA GLU C 191 -50.10 6.70 -9.03
C GLU C 191 -49.48 5.31 -9.15
N PHE C 192 -48.80 5.07 -10.26
CA PHE C 192 -48.22 3.77 -10.55
C PHE C 192 -46.85 3.97 -11.19
N VAL C 193 -45.99 2.95 -11.01
CA VAL C 193 -44.66 2.95 -11.61
C VAL C 193 -44.34 1.52 -12.02
N PHE C 194 -44.02 1.32 -13.30
CA PHE C 194 -43.66 0.01 -13.82
C PHE C 194 -42.26 0.08 -14.42
N LYS C 195 -41.40 -0.85 -14.02
CA LYS C 195 -40.04 -0.88 -14.54
C LYS C 195 -39.58 -2.31 -14.75
N ASN C 196 -39.04 -2.61 -15.92
CA ASN C 196 -38.49 -3.92 -16.25
C ASN C 196 -36.97 -3.83 -16.13
N ILE C 197 -36.42 -4.39 -15.05
CA ILE C 197 -35.00 -4.35 -14.77
C ILE C 197 -34.52 -5.76 -14.46
N ASP C 198 -33.43 -6.17 -15.12
CA ASP C 198 -32.80 -7.46 -14.86
C ASP C 198 -33.79 -8.61 -15.00
N GLY C 199 -34.68 -8.51 -15.98
CA GLY C 199 -35.66 -9.54 -16.23
C GLY C 199 -36.80 -9.60 -15.24
N TYR C 200 -36.89 -8.63 -14.33
CA TYR C 200 -37.96 -8.56 -13.35
C TYR C 200 -38.81 -7.33 -13.62
N PHE C 201 -40.12 -7.53 -13.70
CA PHE C 201 -41.07 -6.44 -13.92
C PHE C 201 -41.63 -6.02 -12.56
N LYS C 202 -41.18 -4.87 -12.07
CA LYS C 202 -41.57 -4.36 -10.77
C LYS C 202 -42.67 -3.31 -10.94
N ILE C 203 -43.76 -3.49 -10.22
CA ILE C 203 -44.88 -2.57 -10.21
C ILE C 203 -45.05 -2.03 -8.80
N TYR C 204 -44.96 -0.72 -8.66
CA TYR C 204 -45.23 0.01 -7.43
C TYR C 204 -46.46 0.89 -7.65
N SER C 205 -47.19 1.18 -6.58
CA SER C 205 -48.38 2.00 -6.71
C SER C 205 -48.71 2.66 -5.37
N LYS C 206 -49.58 3.68 -5.46
CA LYS C 206 -50.04 4.41 -4.30
C LYS C 206 -51.40 5.02 -4.64
N HIS C 207 -52.24 5.16 -3.61
CA HIS C 207 -53.55 5.78 -3.75
C HIS C 207 -53.73 6.81 -2.65
N THR C 208 -54.23 7.99 -3.01
CA THR C 208 -54.42 9.06 -2.06
C THR C 208 -55.80 9.69 -2.24
N PRO C 209 -56.39 10.21 -1.16
CA PRO C 209 -57.66 10.93 -1.29
C PRO C 209 -57.47 12.42 -1.51
N ILE C 210 -58.08 12.96 -2.56
CA ILE C 210 -57.98 14.38 -2.89
C ILE C 210 -59.35 14.88 -3.32
N ASN C 211 -59.71 16.07 -2.85
CA ASN C 211 -60.96 16.74 -3.22
C ASN C 211 -60.59 18.04 -3.92
N LEU C 212 -60.27 17.95 -5.21
CA LEU C 212 -59.87 19.11 -5.99
C LEU C 212 -59.76 18.69 -7.45
N VAL C 213 -59.94 19.65 -8.35
CA VAL C 213 -59.84 19.41 -9.78
C VAL C 213 -58.91 20.39 -10.48
N ARG C 214 -58.58 21.52 -9.85
CA ARG C 214 -57.76 22.54 -10.51
C ARG C 214 -56.36 22.00 -10.80
N ASP C 215 -55.62 21.63 -9.75
CA ASP C 215 -54.24 21.20 -9.89
C ASP C 215 -53.95 20.13 -8.84
N LEU C 216 -52.85 19.41 -9.06
CA LEU C 216 -52.46 18.35 -8.14
C LEU C 216 -51.97 18.96 -6.83
N PRO C 217 -52.16 18.25 -5.70
CA PRO C 217 -51.62 18.76 -4.43
C PRO C 217 -50.11 18.87 -4.49
N GLN C 218 -49.59 19.89 -3.81
CA GLN C 218 -48.15 20.11 -3.73
C GLN C 218 -47.54 19.39 -2.53
N GLY C 219 -47.79 18.07 -2.46
CA GLY C 219 -47.31 17.26 -1.36
C GLY C 219 -46.40 16.14 -1.85
N PHE C 220 -45.98 15.30 -0.90
CA PHE C 220 -45.10 14.18 -1.16
C PHE C 220 -45.76 12.89 -0.69
N SER C 221 -45.56 11.82 -1.44
CA SER C 221 -46.14 10.52 -1.10
C SER C 221 -45.34 9.43 -1.80
N ALA C 222 -44.70 8.57 -1.01
CA ALA C 222 -43.94 7.47 -1.58
C ALA C 222 -44.87 6.42 -2.18
N LEU C 223 -44.31 5.60 -3.07
CA LEU C 223 -45.06 4.55 -3.75
C LEU C 223 -44.58 3.20 -3.23
N GLU C 224 -45.35 2.63 -2.30
CA GLU C 224 -45.00 1.32 -1.76
C GLU C 224 -45.12 0.25 -2.86
N PRO C 225 -44.20 -0.71 -2.90
CA PRO C 225 -44.25 -1.71 -3.97
C PRO C 225 -45.52 -2.56 -3.91
N LEU C 226 -46.01 -2.95 -5.09
CA LEU C 226 -47.07 -3.94 -5.18
C LEU C 226 -46.54 -5.33 -5.50
N VAL C 227 -45.81 -5.48 -6.60
CA VAL C 227 -45.40 -6.80 -7.07
C VAL C 227 -44.08 -6.71 -7.81
N ASP C 228 -43.37 -7.84 -7.89
CA ASP C 228 -42.14 -7.96 -8.67
C ASP C 228 -42.22 -9.29 -9.41
N LEU C 229 -42.79 -9.27 -10.61
CA LEU C 229 -42.99 -10.48 -11.37
C LEU C 229 -41.69 -10.91 -12.04
N PRO C 230 -41.25 -12.16 -11.85
CA PRO C 230 -40.04 -12.64 -12.56
C PRO C 230 -40.36 -13.13 -13.97
N ILE C 231 -40.88 -12.23 -14.80
CA ILE C 231 -41.29 -12.60 -16.14
C ILE C 231 -40.08 -12.79 -17.04
N GLY C 232 -39.21 -11.79 -17.13
CA GLY C 232 -38.03 -11.87 -17.96
C GLY C 232 -38.25 -11.59 -19.43
N ILE C 233 -39.47 -11.25 -19.83
CA ILE C 233 -39.77 -10.97 -21.23
C ILE C 233 -39.24 -9.59 -21.59
N ASN C 234 -38.54 -9.50 -22.73
CA ASN C 234 -38.02 -8.22 -23.19
C ASN C 234 -39.18 -7.29 -23.53
N ILE C 235 -39.10 -6.06 -23.02
CA ILE C 235 -40.14 -5.06 -23.22
C ILE C 235 -39.49 -3.76 -23.68
N THR C 236 -40.05 -3.16 -24.73
CA THR C 236 -39.59 -1.87 -25.22
C THR C 236 -40.71 -0.90 -25.54
N ARG C 237 -41.97 -1.32 -25.53
CA ARG C 237 -43.09 -0.45 -25.80
C ARG C 237 -44.30 -0.91 -25.01
N PHE C 238 -45.24 0.02 -24.80
CA PHE C 238 -46.44 -0.29 -24.04
C PHE C 238 -47.60 0.54 -24.55
N GLN C 239 -48.80 0.06 -24.26
CA GLN C 239 -50.04 0.69 -24.70
C GLN C 239 -51.06 0.61 -23.58
N THR C 240 -52.04 1.52 -23.62
CA THR C 240 -53.11 1.59 -22.65
C THR C 240 -54.44 1.67 -23.37
N LEU C 241 -55.47 1.10 -22.75
CA LEU C 241 -56.82 1.09 -23.28
C LEU C 241 -57.70 2.00 -22.44
N LEU C 242 -58.39 2.93 -23.09
CA LEU C 242 -59.24 3.90 -22.42
C LEU C 242 -60.59 3.95 -23.11
N ALA C 243 -61.63 4.26 -22.33
CA ALA C 243 -63.00 4.34 -22.84
C ALA C 243 -63.22 5.75 -23.36
N LEU C 244 -62.95 5.95 -24.65
CA LEU C 244 -63.13 7.25 -25.26
C LEU C 244 -64.61 7.62 -25.30
N HIS C 245 -64.90 8.89 -25.06
CA HIS C 245 -66.28 9.37 -25.05
C HIS C 245 -66.68 9.90 -26.42
N ALA C 263 -60.34 10.85 -19.84
CA ALA C 263 -58.94 10.86 -20.28
C ALA C 263 -57.87 11.64 -19.52
N ALA C 264 -58.13 11.89 -18.24
CA ALA C 264 -57.21 12.66 -17.40
C ALA C 264 -56.23 11.70 -16.72
N TYR C 265 -55.29 11.21 -17.52
CA TYR C 265 -54.22 10.36 -17.02
C TYR C 265 -52.88 10.86 -17.56
N TYR C 266 -51.85 10.70 -16.75
CA TYR C 266 -50.52 11.23 -17.04
C TYR C 266 -49.56 10.11 -17.37
N VAL C 267 -48.41 10.49 -17.93
CA VAL C 267 -47.36 9.56 -18.28
C VAL C 267 -46.01 10.23 -18.03
N GLY C 268 -45.03 9.43 -17.62
CA GLY C 268 -43.70 9.95 -17.35
C GLY C 268 -42.65 8.89 -17.57
N TYR C 269 -41.41 9.35 -17.74
CA TYR C 269 -40.27 8.48 -17.98
C TYR C 269 -39.22 8.71 -16.90
N LEU C 270 -38.54 7.63 -16.52
CA LEU C 270 -37.54 7.66 -15.47
C LEU C 270 -36.14 7.77 -16.05
N GLN C 271 -35.23 8.32 -15.26
CA GLN C 271 -33.84 8.47 -15.63
C GLN C 271 -32.95 7.96 -14.50
N PRO C 272 -31.71 7.54 -14.81
CA PRO C 272 -30.82 7.03 -13.75
C PRO C 272 -30.19 8.15 -12.93
N ARG C 273 -30.98 8.72 -12.03
CA ARG C 273 -30.56 9.82 -11.18
C ARG C 273 -30.18 9.31 -9.79
N THR C 274 -29.51 10.17 -9.04
CA THR C 274 -29.13 9.90 -7.66
C THR C 274 -30.09 10.65 -6.74
N PHE C 275 -30.73 9.93 -5.83
CA PHE C 275 -31.77 10.47 -4.98
C PHE C 275 -31.39 10.31 -3.51
N LEU C 276 -31.59 11.37 -2.74
CA LEU C 276 -31.41 11.34 -1.29
C LEU C 276 -32.80 11.22 -0.66
N LEU C 277 -33.06 10.06 -0.05
CA LEU C 277 -34.35 9.77 0.55
C LEU C 277 -34.27 9.89 2.07
N LYS C 278 -35.29 10.51 2.66
CA LYS C 278 -35.37 10.71 4.10
C LYS C 278 -36.37 9.73 4.68
N TYR C 279 -35.96 9.01 5.72
CA TYR C 279 -36.79 8.03 6.39
C TYR C 279 -37.25 8.57 7.74
N ASN C 280 -38.01 7.74 8.46
CA ASN C 280 -38.55 8.12 9.76
C ASN C 280 -38.61 6.88 10.64
N GLU C 281 -38.92 7.10 11.92
CA GLU C 281 -39.01 5.99 12.87
C GLU C 281 -39.99 4.94 12.38
N ASN C 282 -41.11 5.36 11.79
CA ASN C 282 -42.07 4.42 11.23
C ASN C 282 -41.54 3.70 10.00
N GLY C 283 -40.42 4.14 9.44
CA GLY C 283 -39.86 3.53 8.24
C GLY C 283 -40.40 4.08 6.93
N THR C 284 -41.27 5.07 6.98
CA THR C 284 -41.82 5.67 5.77
C THR C 284 -40.94 6.82 5.29
N ILE C 285 -41.18 7.23 4.05
CA ILE C 285 -40.44 8.33 3.43
C ILE C 285 -41.32 9.56 3.42
N THR C 286 -40.80 10.68 3.91
CA THR C 286 -41.53 11.93 3.96
C THR C 286 -41.08 12.92 2.89
N ASP C 287 -39.79 12.97 2.57
CA ASP C 287 -39.27 13.91 1.58
C ASP C 287 -38.10 13.25 0.85
N ALA C 288 -37.81 13.79 -0.33
CA ALA C 288 -36.71 13.30 -1.14
C ALA C 288 -36.07 14.48 -1.87
N VAL C 289 -34.81 14.31 -2.24
CA VAL C 289 -34.04 15.34 -2.93
C VAL C 289 -33.39 14.71 -4.16
N ASP C 290 -33.50 15.41 -5.29
CA ASP C 290 -32.86 14.99 -6.54
C ASP C 290 -31.57 15.79 -6.70
N CYS C 291 -30.44 15.09 -6.66
CA CYS C 291 -29.14 15.77 -6.65
C CYS C 291 -28.91 16.58 -7.92
N ALA C 292 -29.53 16.21 -9.04
CA ALA C 292 -29.33 16.89 -10.31
C ALA C 292 -30.35 18.00 -10.56
N LEU C 293 -31.26 18.26 -9.62
CA LEU C 293 -32.29 19.26 -9.85
C LEU C 293 -31.68 20.66 -9.93
N ASP C 294 -30.86 21.03 -8.97
CA ASP C 294 -30.31 22.38 -8.89
C ASP C 294 -29.06 22.34 -8.03
N PRO C 295 -28.24 23.40 -8.05
CA PRO C 295 -27.04 23.41 -7.21
C PRO C 295 -27.34 23.20 -5.74
N LEU C 296 -28.47 23.74 -5.26
CA LEU C 296 -28.84 23.55 -3.86
C LEU C 296 -29.06 22.07 -3.55
N SER C 297 -29.75 21.37 -4.44
CA SER C 297 -29.97 19.93 -4.24
C SER C 297 -28.66 19.16 -4.28
N GLU C 298 -27.75 19.55 -5.17
CA GLU C 298 -26.44 18.89 -5.22
C GLU C 298 -25.67 19.11 -3.92
N THR C 299 -25.73 20.33 -3.38
CA THR C 299 -25.08 20.61 -2.10
C THR C 299 -25.70 19.78 -0.99
N LYS C 300 -27.04 19.67 -0.99
CA LYS C 300 -27.71 18.86 0.03
C LYS C 300 -27.28 17.41 -0.06
N CYS C 301 -27.19 16.87 -1.28
CA CYS C 301 -26.74 15.50 -1.47
C CYS C 301 -25.30 15.32 -0.97
N THR C 302 -24.43 16.28 -1.30
CA THR C 302 -23.03 16.18 -0.87
C THR C 302 -22.92 16.20 0.64
N LEU C 303 -23.68 17.08 1.30
CA LEU C 303 -23.64 17.18 2.75
C LEU C 303 -24.54 16.15 3.44
N LYS C 304 -25.37 15.43 2.68
CA LYS C 304 -26.26 14.42 3.25
C LYS C 304 -27.14 15.03 4.35
N SER C 305 -27.63 16.24 4.11
CA SER C 305 -28.47 16.93 5.06
C SER C 305 -29.41 17.87 4.33
N PHE C 306 -30.66 17.91 4.78
CA PHE C 306 -31.65 18.79 4.16
C PHE C 306 -31.44 20.25 4.53
N THR C 307 -30.72 20.53 5.61
CA THR C 307 -30.41 21.89 6.03
C THR C 307 -28.95 22.19 5.68
N VAL C 308 -28.73 23.27 4.94
CA VAL C 308 -27.40 23.68 4.51
C VAL C 308 -26.94 24.83 5.41
N GLU C 309 -25.79 24.67 6.03
CA GLU C 309 -25.28 25.67 6.95
C GLU C 309 -24.51 26.76 6.19
N LYS C 310 -24.27 27.87 6.88
CA LYS C 310 -23.50 28.96 6.31
C LYS C 310 -22.13 28.48 5.87
N GLY C 311 -21.70 28.94 4.70
CA GLY C 311 -20.40 28.66 4.15
C GLY C 311 -20.47 28.33 2.67
N ILE C 312 -19.34 27.90 2.13
CA ILE C 312 -19.21 27.54 0.73
C ILE C 312 -18.76 26.09 0.66
N TYR C 313 -19.44 25.30 -0.17
CA TYR C 313 -19.18 23.87 -0.28
C TYR C 313 -18.81 23.52 -1.72
N GLN C 314 -17.80 22.67 -1.86
CA GLN C 314 -17.38 22.17 -3.16
C GLN C 314 -18.17 20.91 -3.49
N THR C 315 -18.82 20.90 -4.65
CA THR C 315 -19.71 19.82 -5.03
C THR C 315 -19.04 18.80 -5.95
N SER C 316 -18.52 19.25 -7.08
CA SER C 316 -17.93 18.34 -8.06
C SER C 316 -16.92 19.11 -8.91
N ASN C 317 -16.47 18.48 -9.99
CA ASN C 317 -15.53 19.08 -10.93
C ASN C 317 -16.14 19.09 -12.33
N PHE C 318 -15.40 19.67 -13.28
CA PHE C 318 -15.87 19.76 -14.65
C PHE C 318 -14.65 19.86 -15.57
N ARG C 319 -14.86 19.50 -16.83
CA ARG C 319 -13.79 19.54 -17.82
C ARG C 319 -14.41 19.68 -19.21
N VAL C 320 -13.57 20.07 -20.16
CA VAL C 320 -13.96 20.20 -21.56
C VAL C 320 -13.22 19.13 -22.36
N GLN C 321 -13.94 18.49 -23.28
CA GLN C 321 -13.37 17.42 -24.09
C GLN C 321 -13.36 17.81 -25.56
N PRO C 322 -12.44 17.25 -26.35
CA PRO C 322 -12.44 17.52 -27.79
C PRO C 322 -13.66 16.94 -28.47
N THR C 323 -14.03 17.53 -29.60
CA THR C 323 -15.22 17.09 -30.30
C THR C 323 -15.08 15.64 -30.72
N GLU C 324 -14.20 15.35 -31.68
CA GLU C 324 -13.77 13.97 -31.91
C GLU C 324 -12.26 13.83 -32.04
N SER C 325 -11.61 14.74 -32.76
CA SER C 325 -10.16 14.69 -32.98
C SER C 325 -9.55 15.75 -33.88
N ILE C 326 -8.22 15.86 -33.86
CA ILE C 326 -7.49 16.70 -34.82
C ILE C 326 -6.09 16.12 -34.99
N VAL C 327 -5.70 15.90 -36.24
CA VAL C 327 -4.38 15.36 -36.58
C VAL C 327 -3.69 16.18 -37.66
N ARG C 328 -2.40 16.47 -37.45
CA ARG C 328 -1.61 17.24 -38.39
C ARG C 328 -0.37 16.45 -38.78
N PHE C 329 -0.15 16.31 -40.09
CA PHE C 329 1.02 15.65 -40.64
C PHE C 329 1.69 16.43 -41.78
N PRO C 330 2.99 16.27 -41.95
CA PRO C 330 3.67 16.95 -43.06
C PRO C 330 3.10 16.54 -44.40
N ASN C 331 3.01 17.50 -45.32
CA ASN C 331 2.54 17.25 -46.67
C ASN C 331 3.74 17.24 -47.62
N ILE C 332 3.69 16.31 -48.59
CA ILE C 332 4.80 16.12 -49.52
C ILE C 332 6.01 15.64 -48.73
N THR C 333 6.33 14.35 -48.86
CA THR C 333 7.39 13.71 -48.10
C THR C 333 8.38 13.03 -49.04
N ASN C 334 8.78 13.73 -50.09
CA ASN C 334 9.69 13.18 -51.11
C ASN C 334 9.04 11.99 -51.82
N LEU C 335 7.98 12.31 -52.56
CA LEU C 335 7.22 11.30 -53.28
C LEU C 335 8.14 10.41 -54.10
N CYS C 336 7.86 9.11 -54.08
CA CYS C 336 8.70 8.15 -54.78
C CYS C 336 8.64 8.40 -56.29
N PRO C 337 9.73 8.10 -57.02
CA PRO C 337 9.76 8.32 -58.47
C PRO C 337 9.11 7.19 -59.27
N PHE C 338 7.90 6.81 -58.89
CA PHE C 338 7.19 5.76 -59.60
C PHE C 338 6.87 6.19 -61.04
N GLY C 339 6.49 7.45 -61.22
CA GLY C 339 6.19 7.94 -62.55
C GLY C 339 7.36 7.82 -63.50
N GLU C 340 8.57 8.12 -63.02
CA GLU C 340 9.75 8.00 -63.86
C GLU C 340 9.95 6.56 -64.34
N VAL C 341 9.77 5.59 -63.44
CA VAL C 341 9.88 4.19 -63.82
C VAL C 341 8.79 3.85 -64.84
N PHE C 342 7.56 4.29 -64.59
CA PHE C 342 6.47 4.01 -65.52
C PHE C 342 6.71 4.68 -66.87
N ASN C 343 7.20 5.92 -66.86
CA ASN C 343 7.46 6.66 -68.08
C ASN C 343 8.85 6.41 -68.64
N ALA C 344 9.48 5.28 -68.28
CA ALA C 344 10.80 4.97 -68.78
C ALA C 344 10.80 4.92 -70.31
N THR C 345 11.81 5.54 -70.91
CA THR C 345 11.90 5.58 -72.37
C THR C 345 12.03 4.17 -72.94
N ARG C 346 12.86 3.33 -72.32
CA ARG C 346 13.08 1.97 -72.78
C ARG C 346 12.81 1.00 -71.64
N PHE C 347 12.31 -0.18 -72.00
CA PHE C 347 12.01 -1.24 -71.05
C PHE C 347 13.00 -2.39 -71.23
N ALA C 348 13.48 -2.93 -70.12
CA ALA C 348 14.45 -4.02 -70.17
C ALA C 348 13.81 -5.27 -70.77
N SER C 349 14.68 -6.16 -71.27
CA SER C 349 14.22 -7.37 -71.90
C SER C 349 13.53 -8.29 -70.89
N VAL C 350 12.80 -9.28 -71.42
CA VAL C 350 12.08 -10.20 -70.55
C VAL C 350 13.05 -10.98 -69.68
N TYR C 351 14.15 -11.45 -70.27
CA TYR C 351 15.15 -12.18 -69.50
C TYR C 351 15.91 -11.29 -68.52
N ALA C 352 15.90 -9.98 -68.75
CA ALA C 352 16.63 -9.02 -67.93
C ALA C 352 15.66 -8.06 -67.25
N TRP C 353 14.56 -8.59 -66.72
CA TRP C 353 13.56 -7.78 -66.03
C TRP C 353 14.21 -6.75 -65.12
N ASN C 354 13.89 -5.48 -65.35
CA ASN C 354 14.58 -4.40 -64.65
C ASN C 354 14.19 -4.40 -63.18
N ARG C 355 15.19 -4.38 -62.31
CA ARG C 355 14.98 -4.39 -60.87
C ARG C 355 15.51 -3.10 -60.25
N LYS C 356 14.71 -2.48 -59.41
CA LYS C 356 15.07 -1.24 -58.74
C LYS C 356 14.71 -1.32 -57.27
N ARG C 357 15.43 -0.56 -56.44
CA ARG C 357 15.20 -0.50 -55.02
C ARG C 357 14.65 0.86 -54.65
N ILE C 358 13.55 0.87 -53.89
CA ILE C 358 12.86 2.09 -53.48
C ILE C 358 12.84 2.14 -51.96
N SER C 359 13.27 3.27 -51.41
CA SER C 359 13.31 3.46 -49.97
C SER C 359 13.39 4.96 -49.67
N ASN C 360 13.14 5.30 -48.41
CA ASN C 360 13.22 6.69 -47.95
C ASN C 360 12.30 7.60 -48.76
N CYS C 361 11.11 7.09 -49.08
CA CYS C 361 10.13 7.87 -49.82
C CYS C 361 8.74 7.38 -49.45
N VAL C 362 7.75 8.24 -49.72
CA VAL C 362 6.36 7.95 -49.40
C VAL C 362 5.66 7.47 -50.66
N ALA C 363 5.00 6.33 -50.56
CA ALA C 363 4.28 5.76 -51.69
C ALA C 363 2.90 6.40 -51.81
N ASP C 364 2.56 6.83 -53.02
CA ASP C 364 1.30 7.51 -53.30
C ASP C 364 0.34 6.52 -53.94
N TYR C 365 -0.77 6.24 -53.27
CA TYR C 365 -1.80 5.36 -53.80
C TYR C 365 -2.77 6.07 -54.73
N SER C 366 -2.78 7.41 -54.73
CA SER C 366 -3.71 8.13 -55.59
C SER C 366 -3.34 8.01 -57.06
N VAL C 367 -2.05 7.84 -57.36
CA VAL C 367 -1.62 7.74 -58.75
C VAL C 367 -2.21 6.48 -59.39
N LEU C 368 -2.32 5.41 -58.61
CA LEU C 368 -2.88 4.15 -59.11
C LEU C 368 -4.34 3.96 -58.76
N TYR C 369 -4.87 4.70 -57.77
CA TYR C 369 -6.24 4.51 -57.35
C TYR C 369 -7.22 5.26 -58.25
N ASN C 370 -7.11 6.60 -58.29
CA ASN C 370 -8.08 7.39 -59.03
C ASN C 370 -7.87 7.24 -60.54
N SER C 371 -6.63 7.31 -61.01
CA SER C 371 -6.37 7.24 -62.44
C SER C 371 -6.81 5.91 -63.02
N ALA C 372 -6.46 4.81 -62.35
CA ALA C 372 -6.81 3.47 -62.81
C ALA C 372 -6.31 3.24 -64.23
N SER C 373 -5.13 3.78 -64.53
CA SER C 373 -4.57 3.67 -65.88
C SER C 373 -4.07 2.27 -66.19
N PHE C 374 -3.89 1.43 -65.17
CA PHE C 374 -3.39 0.07 -65.35
C PHE C 374 -4.53 -0.92 -65.24
N SER C 375 -4.45 -2.00 -66.02
CA SER C 375 -5.57 -2.93 -66.14
C SER C 375 -5.88 -3.58 -64.79
N THR C 376 -4.87 -4.16 -64.14
CA THR C 376 -5.08 -4.91 -62.91
C THR C 376 -4.01 -4.54 -61.90
N PHE C 377 -4.40 -4.58 -60.62
CA PHE C 377 -3.54 -4.22 -59.49
C PHE C 377 -3.52 -5.35 -58.47
N LYS C 378 -3.24 -6.58 -58.93
CA LYS C 378 -3.38 -7.74 -58.09
C LYS C 378 -2.50 -7.63 -56.85
N CYS C 379 -3.10 -7.50 -55.68
CA CYS C 379 -2.38 -7.39 -54.42
C CYS C 379 -2.50 -8.69 -53.65
N TYR C 380 -1.36 -9.22 -53.21
CA TYR C 380 -1.29 -10.52 -52.55
C TYR C 380 -1.21 -10.32 -51.04
N GLY C 381 -2.31 -10.62 -50.35
CA GLY C 381 -2.32 -10.52 -48.90
C GLY C 381 -2.07 -9.13 -48.37
N VAL C 382 -2.56 -8.12 -49.07
CA VAL C 382 -2.40 -6.73 -48.64
C VAL C 382 -3.48 -5.87 -49.29
N SER C 383 -4.12 -5.01 -48.50
CA SER C 383 -5.16 -4.15 -49.03
C SER C 383 -4.55 -2.91 -49.68
N PRO C 384 -5.25 -2.29 -50.63
CA PRO C 384 -4.75 -1.03 -51.18
C PRO C 384 -4.56 0.05 -50.14
N THR C 385 -5.43 0.10 -49.13
CA THR C 385 -5.30 1.07 -48.04
C THR C 385 -4.38 0.59 -46.93
N LYS C 386 -3.93 -0.66 -46.98
CA LYS C 386 -3.04 -1.18 -45.94
C LYS C 386 -1.72 -0.41 -45.93
N LEU C 387 -1.19 -0.08 -47.11
CA LEU C 387 0.07 0.66 -47.17
C LEU C 387 -0.02 1.97 -46.40
N ASN C 388 -1.21 2.58 -46.34
CA ASN C 388 -1.37 3.80 -45.57
C ASN C 388 -1.19 3.55 -44.09
N ASP C 389 -1.73 2.44 -43.59
CA ASP C 389 -1.68 2.12 -42.16
C ASP C 389 -0.48 1.27 -41.78
N LEU C 390 0.34 0.86 -42.74
CA LEU C 390 1.51 0.03 -42.47
C LEU C 390 2.72 0.60 -43.19
N CYS C 391 3.89 0.42 -42.58
CA CYS C 391 5.15 0.94 -43.10
C CYS C 391 6.08 -0.21 -43.46
N PHE C 392 6.83 -0.03 -44.54
CA PHE C 392 7.78 -1.03 -45.02
C PHE C 392 9.14 -0.39 -45.23
N THR C 393 10.19 -1.12 -44.85
CA THR C 393 11.54 -0.55 -44.91
C THR C 393 12.01 -0.31 -46.34
N ASN C 394 11.74 -1.26 -47.23
CA ASN C 394 12.23 -1.14 -48.60
C ASN C 394 11.26 -1.85 -49.54
N VAL C 395 11.34 -1.49 -50.82
CA VAL C 395 10.50 -2.06 -51.86
C VAL C 395 11.38 -2.43 -53.06
N TYR C 396 11.10 -3.58 -53.65
CA TYR C 396 11.76 -4.03 -54.87
C TYR C 396 10.77 -3.92 -56.03
N ALA C 397 11.11 -3.11 -57.02
CA ALA C 397 10.26 -2.91 -58.19
C ALA C 397 10.87 -3.68 -59.36
N ASP C 398 10.14 -4.68 -59.84
CA ASP C 398 10.56 -5.51 -60.97
C ASP C 398 9.63 -5.21 -62.13
N SER C 399 10.14 -4.53 -63.15
CA SER C 399 9.37 -4.16 -64.34
C SER C 399 9.79 -5.04 -65.50
N PHE C 400 8.81 -5.57 -66.23
CA PHE C 400 9.07 -6.46 -67.35
C PHE C 400 7.80 -6.57 -68.19
N VAL C 401 7.83 -7.47 -69.16
CA VAL C 401 6.70 -7.72 -70.06
C VAL C 401 6.43 -9.21 -70.12
N ILE C 402 5.16 -9.59 -70.04
CA ILE C 402 4.75 -10.99 -70.05
C ILE C 402 3.57 -11.15 -70.99
N ARG C 403 3.02 -12.36 -71.02
CA ARG C 403 1.83 -12.68 -71.81
C ARG C 403 0.63 -12.82 -70.89
N GLY C 404 -0.51 -12.28 -71.34
CA GLY C 404 -1.71 -12.33 -70.51
C GLY C 404 -2.15 -13.76 -70.20
N ASP C 405 -2.10 -14.64 -71.20
CA ASP C 405 -2.56 -16.01 -71.00
C ASP C 405 -1.77 -16.72 -69.91
N GLU C 406 -0.56 -16.25 -69.58
CA GLU C 406 0.27 -16.87 -68.57
C GLU C 406 0.09 -16.26 -67.19
N VAL C 407 -0.83 -15.30 -67.03
CA VAL C 407 -1.00 -14.65 -65.73
C VAL C 407 -1.33 -15.68 -64.66
N ARG C 408 -2.24 -16.61 -64.96
CA ARG C 408 -2.59 -17.65 -63.99
C ARG C 408 -1.41 -18.58 -63.75
N GLN C 409 -0.55 -18.77 -64.74
CA GLN C 409 0.59 -19.68 -64.58
C GLN C 409 1.59 -19.18 -63.56
N ILE C 410 1.63 -17.87 -63.30
CA ILE C 410 2.57 -17.30 -62.34
C ILE C 410 1.86 -17.30 -60.99
N ALA C 411 1.96 -18.43 -60.29
CA ALA C 411 1.38 -18.58 -58.96
C ALA C 411 2.37 -19.30 -58.06
N PRO C 412 2.31 -19.07 -56.75
CA PRO C 412 3.25 -19.73 -55.82
C PRO C 412 2.74 -21.11 -55.43
N GLY C 413 3.57 -22.12 -55.66
CA GLY C 413 3.25 -23.47 -55.26
C GLY C 413 2.33 -24.22 -56.21
N GLN C 414 1.92 -23.61 -57.31
CA GLN C 414 1.04 -24.28 -58.25
C GLN C 414 1.74 -25.49 -58.87
N THR C 415 0.99 -26.56 -59.06
CA THR C 415 1.51 -27.80 -59.64
C THR C 415 1.05 -27.91 -61.09
N GLY C 416 2.00 -28.11 -61.99
CA GLY C 416 1.68 -28.24 -63.40
C GLY C 416 2.92 -28.57 -64.18
N LYS C 417 2.70 -28.86 -65.47
CA LYS C 417 3.80 -29.21 -66.37
C LYS C 417 4.59 -28.00 -66.84
N ILE C 418 4.08 -26.79 -66.65
CA ILE C 418 4.72 -25.58 -67.14
C ILE C 418 5.21 -24.71 -65.99
N ALA C 419 4.38 -24.51 -64.96
CA ALA C 419 4.74 -23.60 -63.88
C ALA C 419 5.91 -24.11 -63.05
N ASP C 420 6.19 -25.41 -63.06
CA ASP C 420 7.23 -26.00 -62.24
C ASP C 420 8.56 -26.13 -62.96
N TYR C 421 8.67 -25.62 -64.19
CA TYR C 421 9.91 -25.74 -64.96
C TYR C 421 10.32 -24.44 -65.63
N ASN C 422 9.62 -23.33 -65.39
CA ASN C 422 9.95 -22.05 -66.01
C ASN C 422 10.40 -21.00 -65.00
N TYR C 423 9.58 -20.75 -63.98
CA TYR C 423 9.91 -19.72 -62.99
C TYR C 423 9.25 -20.07 -61.67
N LYS C 424 9.77 -19.48 -60.60
CA LYS C 424 9.24 -19.71 -59.25
C LYS C 424 9.30 -18.41 -58.47
N LEU C 425 8.42 -18.29 -57.47
CA LEU C 425 8.35 -17.12 -56.62
C LEU C 425 8.41 -17.54 -55.16
N PRO C 426 8.89 -16.67 -54.28
CA PRO C 426 8.97 -17.04 -52.86
C PRO C 426 7.59 -17.27 -52.26
N ASP C 427 7.54 -18.21 -51.32
CA ASP C 427 6.26 -18.53 -50.68
C ASP C 427 5.71 -17.34 -49.91
N ASP C 428 6.58 -16.62 -49.19
CA ASP C 428 6.17 -15.46 -48.40
C ASP C 428 6.28 -14.22 -49.28
N PHE C 429 5.17 -13.88 -49.93
CA PHE C 429 5.08 -12.72 -50.81
C PHE C 429 4.11 -11.71 -50.21
N THR C 430 4.56 -10.46 -50.10
CA THR C 430 3.77 -9.37 -49.54
C THR C 430 3.84 -8.15 -50.45
N GLY C 431 3.64 -8.38 -51.75
CA GLY C 431 3.74 -7.32 -52.73
C GLY C 431 2.51 -7.28 -53.63
N CYS C 432 2.50 -6.29 -54.52
CA CYS C 432 1.42 -6.09 -55.47
C CYS C 432 1.97 -6.03 -56.88
N VAL C 433 1.28 -6.70 -57.80
CA VAL C 433 1.66 -6.77 -59.20
C VAL C 433 0.65 -5.97 -60.00
N ILE C 434 1.12 -4.91 -60.67
CA ILE C 434 0.29 -4.06 -61.50
C ILE C 434 0.60 -4.39 -62.96
N ALA C 435 -0.40 -4.87 -63.69
CA ALA C 435 -0.24 -5.30 -65.07
C ALA C 435 -1.21 -4.53 -65.96
N TRP C 436 -0.73 -4.13 -67.14
CA TRP C 436 -1.56 -3.41 -68.08
C TRP C 436 -1.12 -3.71 -69.50
N ASN C 437 -2.10 -3.79 -70.41
CA ASN C 437 -1.79 -4.01 -71.81
C ASN C 437 -1.13 -2.78 -72.42
N SER C 438 -0.26 -3.00 -73.38
CA SER C 438 0.47 -1.94 -74.06
C SER C 438 0.48 -2.16 -75.57
N ASN C 439 -0.66 -2.61 -76.11
CA ASN C 439 -0.75 -2.83 -77.55
C ASN C 439 -0.59 -1.52 -78.32
N ASN C 440 -1.16 -0.43 -77.79
CA ASN C 440 -1.11 0.84 -78.52
C ASN C 440 0.32 1.31 -78.71
N LEU C 441 1.17 1.14 -77.69
CA LEU C 441 2.54 1.66 -77.75
C LEU C 441 3.55 0.62 -78.24
N ASP C 442 3.48 -0.60 -77.71
CA ASP C 442 4.48 -1.62 -78.00
C ASP C 442 4.18 -2.40 -79.29
N SER C 443 3.04 -2.17 -79.93
CA SER C 443 2.69 -2.83 -81.18
C SER C 443 2.52 -1.79 -82.27
N LYS C 444 3.13 -2.05 -83.42
CA LYS C 444 3.06 -1.13 -84.56
C LYS C 444 3.09 -1.96 -85.84
N VAL C 445 3.22 -1.28 -86.97
CA VAL C 445 3.25 -1.95 -88.26
C VAL C 445 4.56 -2.71 -88.41
N GLY C 446 4.47 -3.96 -88.84
CA GLY C 446 5.63 -4.80 -89.05
C GLY C 446 5.94 -5.77 -87.93
N GLY C 447 5.40 -5.53 -86.74
CA GLY C 447 5.64 -6.42 -85.62
C GLY C 447 7.06 -6.32 -85.08
N ASN C 448 7.39 -7.28 -84.24
CA ASN C 448 8.72 -7.34 -83.63
C ASN C 448 9.10 -8.80 -83.43
N TYR C 449 10.28 -9.18 -83.94
CA TYR C 449 10.79 -10.54 -83.83
C TYR C 449 12.27 -10.52 -83.45
N ASN C 450 12.68 -9.55 -82.64
CA ASN C 450 14.07 -9.38 -82.26
C ASN C 450 14.36 -9.92 -80.87
N TYR C 451 13.44 -10.67 -80.27
CA TYR C 451 13.59 -11.19 -78.92
C TYR C 451 13.73 -12.70 -78.94
N LEU C 452 14.67 -13.20 -78.12
CA LEU C 452 14.89 -14.63 -77.96
C LEU C 452 14.66 -15.01 -76.50
N TYR C 453 13.94 -16.11 -76.30
CA TYR C 453 13.57 -16.57 -74.96
C TYR C 453 13.94 -18.04 -74.81
N ARG C 454 14.17 -18.44 -73.56
CA ARG C 454 14.51 -19.82 -73.23
C ARG C 454 13.26 -20.54 -72.75
N LEU C 455 12.87 -21.60 -73.46
CA LEU C 455 11.67 -22.34 -73.09
C LEU C 455 11.98 -23.39 -72.02
N PHE C 456 13.06 -24.15 -72.21
CA PHE C 456 13.46 -25.20 -71.28
C PHE C 456 14.72 -24.77 -70.55
N ARG C 457 14.70 -24.90 -69.22
CA ARG C 457 15.83 -24.55 -68.38
C ARG C 457 16.21 -25.75 -67.51
N LYS C 458 17.42 -25.70 -66.97
CA LYS C 458 17.90 -26.81 -66.15
C LYS C 458 17.02 -27.03 -64.94
N SER C 459 16.64 -25.95 -64.25
CA SER C 459 15.77 -26.02 -63.08
C SER C 459 15.43 -24.60 -62.67
N ASN C 460 14.60 -24.48 -61.63
CA ASN C 460 14.23 -23.17 -61.12
C ASN C 460 15.45 -22.48 -60.50
N LEU C 461 15.54 -21.18 -60.74
CA LEU C 461 16.67 -20.41 -60.22
C LEU C 461 16.71 -20.48 -58.69
N LYS C 462 17.89 -20.76 -58.15
CA LYS C 462 18.03 -20.82 -56.70
C LYS C 462 17.84 -19.43 -56.10
N PRO C 463 17.13 -19.32 -54.98
CA PRO C 463 16.91 -17.99 -54.37
C PRO C 463 18.23 -17.33 -54.01
N PHE C 464 18.29 -16.02 -54.23
CA PHE C 464 19.48 -15.22 -53.92
C PHE C 464 20.72 -15.82 -54.58
N GLU C 465 20.57 -16.27 -55.82
CA GLU C 465 21.66 -16.86 -56.59
C GLU C 465 21.69 -16.22 -57.97
N ARG C 466 22.88 -15.78 -58.39
CA ARG C 466 23.07 -15.16 -59.69
C ARG C 466 24.16 -15.90 -60.45
N ASP C 467 23.87 -16.25 -61.70
CA ASP C 467 24.83 -16.94 -62.56
C ASP C 467 24.82 -16.27 -63.92
N ILE C 468 25.98 -15.78 -64.36
CA ILE C 468 26.15 -15.12 -65.64
C ILE C 468 27.14 -15.92 -66.46
N SER C 469 26.71 -16.39 -67.64
CA SER C 469 27.57 -17.14 -68.53
C SER C 469 26.88 -17.26 -69.88
N THR C 470 27.66 -17.03 -70.95
CA THR C 470 27.15 -17.13 -72.32
C THR C 470 27.63 -18.40 -73.01
N GLU C 471 28.31 -19.30 -72.30
CA GLU C 471 28.81 -20.53 -72.91
C GLU C 471 27.65 -21.42 -73.30
N ILE C 472 27.76 -22.04 -74.47
CA ILE C 472 26.72 -22.94 -74.97
C ILE C 472 26.79 -24.25 -74.21
N TYR C 473 25.65 -24.70 -73.69
CA TYR C 473 25.58 -25.95 -72.94
C TYR C 473 25.47 -27.12 -73.92
N GLN C 474 26.50 -27.95 -73.96
CA GLN C 474 26.55 -29.12 -74.83
C GLN C 474 26.66 -30.37 -73.96
N ALA C 475 25.88 -31.39 -74.31
CA ALA C 475 25.91 -32.63 -73.55
C ALA C 475 27.29 -33.28 -73.65
N GLY C 476 27.91 -33.51 -72.49
CA GLY C 476 29.25 -34.10 -72.49
C GLY C 476 29.24 -35.54 -72.97
N SER C 477 28.21 -36.30 -72.63
CA SER C 477 28.17 -37.71 -73.00
C SER C 477 28.06 -37.88 -74.51
N THR C 478 27.10 -37.20 -75.13
CA THR C 478 26.84 -37.30 -76.57
C THR C 478 26.67 -35.91 -77.16
N PRO C 479 27.76 -35.14 -77.25
CA PRO C 479 27.67 -33.82 -77.88
C PRO C 479 27.48 -33.96 -79.39
N CYS C 480 26.45 -33.28 -79.92
CA CYS C 480 26.16 -33.33 -81.36
C CYS C 480 26.90 -32.22 -82.08
N ASN C 481 26.54 -30.96 -81.80
CA ASN C 481 27.18 -29.77 -82.32
C ASN C 481 26.90 -29.54 -83.80
N GLY C 482 26.15 -30.42 -84.46
CA GLY C 482 25.84 -30.24 -85.87
C GLY C 482 24.49 -30.77 -86.30
N VAL C 483 23.76 -31.39 -85.38
CA VAL C 483 22.45 -31.98 -85.67
C VAL C 483 21.62 -31.98 -84.39
N GLU C 484 20.31 -32.10 -84.55
CA GLU C 484 19.39 -32.15 -83.42
C GLU C 484 19.30 -33.58 -82.90
N GLY C 485 20.40 -34.04 -82.31
CA GLY C 485 20.49 -35.37 -81.76
C GLY C 485 19.96 -35.44 -80.33
N PHE C 486 20.18 -36.60 -79.72
CA PHE C 486 19.74 -36.81 -78.35
C PHE C 486 20.42 -35.82 -77.42
N ASN C 487 19.63 -35.19 -76.55
CA ASN C 487 20.13 -34.19 -75.61
C ASN C 487 20.88 -33.09 -76.34
N CYS C 488 20.36 -32.69 -77.51
CA CYS C 488 20.96 -31.64 -78.34
C CYS C 488 19.83 -30.76 -78.85
N TYR C 489 19.53 -29.69 -78.11
CA TYR C 489 18.48 -28.76 -78.48
C TYR C 489 18.98 -27.33 -78.28
N PHE C 490 18.39 -26.40 -79.02
CA PHE C 490 18.77 -24.99 -78.92
C PHE C 490 17.92 -24.32 -77.85
N PRO C 491 18.51 -23.86 -76.74
CA PRO C 491 17.70 -23.26 -75.68
C PRO C 491 16.90 -22.04 -76.13
N LEU C 492 17.43 -21.24 -77.05
CA LEU C 492 16.81 -19.98 -77.43
C LEU C 492 15.85 -20.18 -78.60
N GLN C 493 14.69 -19.54 -78.50
CA GLN C 493 13.70 -19.54 -79.57
C GLN C 493 13.14 -18.13 -79.73
N SER C 494 12.73 -17.82 -80.96
CA SER C 494 12.20 -16.50 -81.24
C SER C 494 10.89 -16.27 -80.49
N TYR C 495 10.66 -15.02 -80.08
CA TYR C 495 9.44 -14.64 -79.37
C TYR C 495 9.02 -13.27 -79.87
N GLY C 496 7.93 -13.23 -80.66
CA GLY C 496 7.47 -11.99 -81.23
C GLY C 496 5.96 -12.00 -81.41
N PHE C 497 5.43 -10.82 -81.70
CA PHE C 497 4.00 -10.63 -81.90
C PHE C 497 3.77 -9.78 -83.13
N GLN C 498 2.59 -9.91 -83.70
CA GLN C 498 2.20 -9.21 -84.92
C GLN C 498 0.85 -8.53 -84.69
N PRO C 499 0.53 -7.50 -85.49
CA PRO C 499 -0.77 -6.82 -85.30
C PRO C 499 -1.96 -7.76 -85.44
N THR C 500 -1.87 -8.79 -86.29
CA THR C 500 -2.98 -9.70 -86.47
C THR C 500 -3.34 -10.44 -85.18
N ASN C 501 -2.40 -10.56 -84.25
CA ASN C 501 -2.67 -11.24 -83.00
C ASN C 501 -3.76 -10.51 -82.22
N GLY C 502 -4.59 -11.28 -81.51
CA GLY C 502 -5.66 -10.68 -80.74
C GLY C 502 -5.15 -9.88 -79.56
N VAL C 503 -6.05 -9.03 -79.03
CA VAL C 503 -5.68 -8.18 -77.92
C VAL C 503 -5.28 -9.01 -76.70
N GLY C 504 -5.98 -10.13 -76.49
CA GLY C 504 -5.65 -10.98 -75.36
C GLY C 504 -4.23 -11.52 -75.43
N TYR C 505 -3.76 -11.81 -76.64
CA TYR C 505 -2.42 -12.34 -76.82
C TYR C 505 -1.35 -11.25 -76.85
N GLN C 506 -1.75 -9.97 -76.85
CA GLN C 506 -0.78 -8.90 -76.88
C GLN C 506 0.02 -8.85 -75.58
N PRO C 507 1.25 -8.35 -75.62
CA PRO C 507 2.07 -8.33 -74.41
C PRO C 507 1.49 -7.39 -73.36
N TYR C 508 1.75 -7.73 -72.10
CA TYR C 508 1.31 -6.94 -70.95
C TYR C 508 2.54 -6.48 -70.18
N ARG C 509 2.65 -5.17 -69.97
CA ARG C 509 3.70 -4.62 -69.13
C ARG C 509 3.30 -4.78 -67.66
N VAL C 510 4.19 -5.36 -66.88
CA VAL C 510 3.91 -5.74 -65.50
C VAL C 510 5.02 -5.20 -64.60
N VAL C 511 4.63 -4.50 -63.53
CA VAL C 511 5.55 -4.02 -62.51
C VAL C 511 5.12 -4.65 -61.19
N VAL C 512 6.04 -5.39 -60.55
CA VAL C 512 5.80 -6.04 -59.28
C VAL C 512 6.54 -5.23 -58.22
N LEU C 513 5.79 -4.63 -57.30
CA LEU C 513 6.35 -3.91 -56.16
C LEU C 513 6.23 -4.83 -54.95
N SER C 514 7.37 -5.35 -54.50
CA SER C 514 7.42 -6.29 -53.37
C SER C 514 7.99 -5.56 -52.16
N PHE C 515 7.17 -5.40 -51.13
CA PHE C 515 7.63 -4.79 -49.89
C PHE C 515 8.39 -5.82 -49.06
N GLU C 516 9.45 -5.37 -48.41
CA GLU C 516 10.21 -6.22 -47.51
C GLU C 516 10.09 -5.70 -46.08
N LEU C 517 9.97 -6.62 -45.13
CA LEU C 517 9.85 -6.30 -43.72
C LEU C 517 11.06 -6.86 -42.98
N LEU C 518 11.68 -6.01 -42.16
CA LEU C 518 12.86 -6.40 -41.41
C LEU C 518 12.76 -5.81 -40.01
N HIS C 519 13.58 -6.35 -39.10
CA HIS C 519 13.60 -5.83 -37.73
C HIS C 519 13.97 -4.36 -37.69
N ALA C 520 14.69 -3.88 -38.71
CA ALA C 520 15.04 -2.47 -38.78
C ALA C 520 13.78 -1.62 -38.97
N PRO C 521 13.79 -0.38 -38.49
CA PRO C 521 12.59 0.47 -38.63
C PRO C 521 12.25 0.70 -40.10
N ALA C 522 10.94 0.79 -40.37
CA ALA C 522 10.47 1.03 -41.72
C ALA C 522 10.78 2.46 -42.14
N THR C 523 10.76 2.67 -43.46
CA THR C 523 11.09 3.98 -44.03
C THR C 523 9.97 4.47 -44.94
N VAL C 524 9.29 3.56 -45.63
CA VAL C 524 8.22 3.89 -46.56
C VAL C 524 6.89 3.73 -45.84
N CYS C 525 6.09 4.79 -45.83
CA CYS C 525 4.79 4.80 -45.17
C CYS C 525 3.77 5.46 -46.09
N GLY C 526 2.51 5.44 -45.66
CA GLY C 526 1.44 6.07 -46.39
C GLY C 526 0.99 7.35 -45.73
N PRO C 527 0.74 8.38 -46.54
CA PRO C 527 0.33 9.68 -45.97
C PRO C 527 -1.01 9.58 -45.27
N LYS C 528 -1.17 10.37 -44.22
CA LYS C 528 -2.40 10.44 -43.44
C LYS C 528 -3.01 11.82 -43.58
N LYS C 529 -4.34 11.86 -43.72
CA LYS C 529 -5.03 13.13 -43.87
C LYS C 529 -4.77 14.02 -42.66
N SER C 530 -4.45 15.29 -42.92
CA SER C 530 -4.16 16.26 -41.88
C SER C 530 -5.36 17.19 -41.74
N THR C 531 -6.06 17.08 -40.61
CA THR C 531 -7.23 17.92 -40.37
C THR C 531 -6.81 19.39 -40.24
N ASN C 532 -7.70 20.28 -40.65
CA ASN C 532 -7.42 21.70 -40.56
C ASN C 532 -7.13 22.10 -39.11
N LEU C 533 -6.10 22.92 -38.94
CA LEU C 533 -5.68 23.31 -37.60
C LEU C 533 -6.70 24.18 -36.85
N VAL C 534 -6.75 23.99 -35.53
CA VAL C 534 -7.64 24.75 -34.66
C VAL C 534 -6.79 25.43 -33.59
N LYS C 535 -7.27 26.57 -33.12
CA LYS C 535 -6.55 27.37 -32.14
C LYS C 535 -7.52 27.93 -31.11
N ASN C 536 -6.99 28.18 -29.92
CA ASN C 536 -7.73 28.83 -28.83
C ASN C 536 -8.97 28.04 -28.41
N LYS C 537 -8.95 26.72 -28.59
CA LYS C 537 -10.05 25.87 -28.15
C LYS C 537 -9.51 24.49 -27.82
N CYS C 538 -10.22 23.79 -26.93
CA CYS C 538 -9.82 22.45 -26.54
C CYS C 538 -9.78 21.53 -27.75
N VAL C 539 -8.77 20.68 -27.81
CA VAL C 539 -8.60 19.76 -28.93
C VAL C 539 -7.58 18.70 -28.53
N ASN C 540 -7.78 17.49 -29.04
CA ASN C 540 -6.82 16.40 -28.90
C ASN C 540 -5.98 16.32 -30.17
N PHE C 541 -4.66 16.26 -30.00
CA PHE C 541 -3.72 16.34 -31.12
C PHE C 541 -2.80 15.13 -31.10
N ASN C 542 -2.39 14.73 -32.31
CA ASN C 542 -1.42 13.64 -32.52
C ASN C 542 -0.29 13.99 -33.47
N PHE C 543 0.80 14.51 -32.91
CA PHE C 543 1.94 14.98 -33.69
C PHE C 543 3.02 13.90 -33.71
N ASN C 544 3.20 13.27 -34.87
CA ASN C 544 4.28 12.29 -35.07
C ASN C 544 4.28 11.25 -33.96
N GLY C 545 3.11 10.70 -33.67
CA GLY C 545 2.93 9.70 -32.64
C GLY C 545 2.60 10.29 -31.29
N LEU C 546 3.23 11.40 -30.92
CA LEU C 546 2.92 12.09 -29.68
C LEU C 546 1.47 12.56 -29.52
N THR C 547 0.74 11.95 -28.58
CA THR C 547 -0.67 12.22 -28.38
C THR C 547 -0.85 13.10 -27.14
N GLY C 548 -1.62 14.17 -27.28
CA GLY C 548 -1.89 15.06 -26.17
C GLY C 548 -3.25 15.69 -26.32
N THR C 549 -3.65 16.45 -25.30
CA THR C 549 -4.93 17.14 -25.32
C THR C 549 -4.75 18.50 -24.66
N GLY C 550 -5.30 19.54 -25.26
CA GLY C 550 -5.17 20.87 -24.71
C GLY C 550 -5.58 21.92 -25.72
N VAL C 551 -5.18 23.15 -25.45
CA VAL C 551 -5.49 24.30 -26.29
C VAL C 551 -4.20 24.75 -26.98
N LEU C 552 -4.24 24.82 -28.31
CA LEU C 552 -3.08 25.23 -29.09
C LEU C 552 -3.17 26.73 -29.40
N THR C 553 -2.14 27.47 -29.02
CA THR C 553 -2.09 28.91 -29.22
C THR C 553 -0.72 29.31 -29.71
N GLU C 554 -0.66 30.43 -30.41
CA GLU C 554 0.61 30.96 -30.88
C GLU C 554 1.51 31.28 -29.70
N SER C 555 2.77 30.86 -29.78
CA SER C 555 3.74 31.05 -28.71
C SER C 555 4.97 31.75 -29.26
N ASN C 556 5.43 32.78 -28.55
CA ASN C 556 6.62 33.51 -28.96
C ASN C 556 7.90 32.74 -28.71
N LYS C 557 7.83 31.60 -28.02
CA LYS C 557 9.03 30.82 -27.74
C LYS C 557 9.71 30.41 -29.05
N LYS C 558 11.03 30.48 -29.06
CA LYS C 558 11.83 30.19 -30.24
C LYS C 558 12.46 28.81 -30.11
N PHE C 559 12.23 27.94 -31.09
CA PHE C 559 12.82 26.63 -31.14
C PHE C 559 14.11 26.67 -31.95
N LEU C 560 14.87 25.58 -31.90
CA LEU C 560 16.05 25.41 -32.73
C LEU C 560 15.67 24.70 -34.03
N PRO C 561 16.52 24.80 -35.06
CA PRO C 561 16.17 24.19 -36.35
C PRO C 561 15.88 22.70 -36.25
N PHE C 562 16.58 21.98 -35.37
CA PHE C 562 16.39 20.54 -35.25
C PHE C 562 15.34 20.18 -34.19
N GLN C 563 15.20 20.99 -33.14
CA GLN C 563 14.26 20.67 -32.08
C GLN C 563 12.84 20.60 -32.63
N GLN C 564 12.07 19.65 -32.14
CA GLN C 564 10.69 19.43 -32.58
C GLN C 564 9.68 19.53 -31.45
N PHE C 565 9.97 18.95 -30.29
CA PHE C 565 9.05 18.93 -29.16
C PHE C 565 9.53 19.91 -28.09
N GLY C 566 8.71 20.07 -27.05
CA GLY C 566 9.04 20.93 -25.94
C GLY C 566 8.68 20.27 -24.63
N ARG C 567 9.32 20.76 -23.56
CA ARG C 567 9.10 20.21 -22.24
C ARG C 567 9.41 21.28 -21.20
N ASP C 568 8.96 21.04 -19.98
CA ASP C 568 9.15 21.97 -18.88
C ASP C 568 9.79 21.26 -17.69
N ILE C 569 9.86 21.93 -16.53
CA ILE C 569 10.47 21.33 -15.36
C ILE C 569 9.73 20.05 -14.95
N ALA C 570 8.44 19.98 -15.26
CA ALA C 570 7.63 18.80 -14.92
C ALA C 570 7.65 17.75 -16.02
N ASP C 571 8.72 17.71 -16.82
CA ASP C 571 8.93 16.70 -17.87
C ASP C 571 7.62 16.29 -18.54
N THR C 572 6.84 17.29 -18.93
CA THR C 572 5.58 17.09 -19.63
C THR C 572 5.55 17.98 -20.87
N THR C 573 4.85 17.50 -21.90
CA THR C 573 4.77 18.24 -23.15
C THR C 573 4.21 19.64 -22.91
N ASP C 574 4.87 20.65 -23.49
CA ASP C 574 4.45 22.03 -23.34
C ASP C 574 4.40 22.81 -24.64
N ALA C 575 5.11 22.39 -25.68
CA ALA C 575 5.10 23.10 -26.95
C ALA C 575 5.35 22.11 -28.08
N VAL C 576 4.89 22.49 -29.28
CA VAL C 576 5.05 21.67 -30.47
C VAL C 576 5.40 22.58 -31.64
N ARG C 577 6.04 21.99 -32.65
CA ARG C 577 6.41 22.70 -33.88
C ARG C 577 5.50 22.24 -35.01
N ASP C 578 4.91 23.20 -35.71
CA ASP C 578 4.01 22.88 -36.81
C ASP C 578 4.81 22.46 -38.03
N PRO C 579 4.64 21.23 -38.54
CA PRO C 579 5.44 20.83 -39.72
C PRO C 579 5.18 21.70 -40.95
N GLN C 580 3.95 22.18 -41.14
CA GLN C 580 3.62 22.90 -42.37
C GLN C 580 4.26 24.29 -42.38
N THR C 581 3.89 25.14 -41.42
CA THR C 581 4.41 26.50 -41.33
C THR C 581 5.23 26.66 -40.06
N LEU C 582 6.05 27.70 -40.04
CA LEU C 582 7.05 27.90 -38.99
C LEU C 582 6.43 28.67 -37.83
N GLU C 583 6.07 27.96 -36.77
CA GLU C 583 5.64 28.59 -35.53
C GLU C 583 5.69 27.54 -34.42
N ILE C 584 5.67 28.02 -33.19
CA ILE C 584 5.67 27.17 -32.01
C ILE C 584 4.31 27.31 -31.32
N LEU C 585 3.61 26.20 -31.16
CA LEU C 585 2.27 26.19 -30.58
C LEU C 585 2.35 25.64 -29.16
N ASP C 586 1.85 26.42 -28.20
CA ASP C 586 1.86 26.00 -26.81
C ASP C 586 0.73 25.00 -26.54
N ILE C 587 0.82 24.34 -25.39
CA ILE C 587 -0.18 23.37 -24.97
C ILE C 587 -0.63 23.72 -23.55
N THR C 588 -1.94 23.75 -23.34
CA THR C 588 -2.54 24.12 -22.06
C THR C 588 -3.64 23.13 -21.74
N PRO C 589 -3.84 22.79 -20.46
CA PRO C 589 -4.96 21.92 -20.10
C PRO C 589 -6.29 22.52 -20.56
N CYS C 590 -7.33 21.67 -20.51
CA CYS C 590 -8.58 22.03 -21.17
C CYS C 590 -9.39 23.05 -20.36
N SER C 591 -9.89 22.65 -19.19
CA SER C 591 -10.62 23.58 -18.34
C SER C 591 -10.20 23.55 -16.89
N PHE C 592 -9.95 22.36 -16.32
CA PHE C 592 -9.64 22.23 -14.90
C PHE C 592 -10.71 22.91 -14.04
N GLY C 593 -10.43 23.06 -12.76
CA GLY C 593 -11.31 23.78 -11.86
C GLY C 593 -12.40 22.90 -11.28
N GLY C 594 -13.06 23.42 -10.23
CA GLY C 594 -14.15 22.74 -9.61
C GLY C 594 -15.34 23.67 -9.46
N VAL C 595 -16.44 23.11 -8.93
CA VAL C 595 -17.69 23.84 -8.75
C VAL C 595 -17.98 23.94 -7.26
N SER C 596 -18.21 25.15 -6.78
CA SER C 596 -18.55 25.41 -5.40
C SER C 596 -19.90 26.11 -5.33
N VAL C 597 -20.66 25.81 -4.27
CA VAL C 597 -22.00 26.36 -4.07
C VAL C 597 -21.95 27.29 -2.87
N ILE C 598 -22.45 28.51 -3.05
CA ILE C 598 -22.47 29.53 -2.01
C ILE C 598 -23.93 29.84 -1.69
N THR C 599 -24.28 29.81 -0.40
CA THR C 599 -25.66 30.07 -0.01
C THR C 599 -25.72 30.28 1.49
N PRO C 600 -26.56 31.20 1.98
CA PRO C 600 -26.78 31.28 3.43
C PRO C 600 -27.59 30.10 3.93
N GLY C 601 -27.94 30.10 5.22
CA GLY C 601 -28.75 29.01 5.75
C GLY C 601 -30.05 28.88 5.00
N THR C 602 -30.47 27.62 4.82
CA THR C 602 -31.71 27.36 4.09
C THR C 602 -32.89 28.11 4.71
N ASN C 603 -32.84 28.36 6.01
CA ASN C 603 -33.89 29.14 6.65
C ASN C 603 -33.94 30.56 6.09
N THR C 604 -32.76 31.17 5.90
CA THR C 604 -32.72 32.54 5.41
C THR C 604 -33.31 32.65 4.01
N SER C 605 -32.94 31.73 3.12
CA SER C 605 -33.43 31.76 1.74
C SER C 605 -32.88 30.53 1.02
N ASN C 606 -33.51 30.22 -0.11
CA ASN C 606 -33.09 29.11 -0.95
C ASN C 606 -32.24 29.53 -2.13
N GLN C 607 -31.99 30.83 -2.29
CA GLN C 607 -31.17 31.31 -3.40
C GLN C 607 -29.73 30.83 -3.24
N VAL C 608 -29.10 30.47 -4.36
CA VAL C 608 -27.76 29.91 -4.37
C VAL C 608 -26.94 30.60 -5.45
N ALA C 609 -25.62 30.49 -5.32
CA ALA C 609 -24.68 30.98 -6.31
C ALA C 609 -23.64 29.91 -6.60
N VAL C 610 -23.09 29.94 -7.81
CA VAL C 610 -22.11 28.96 -8.25
C VAL C 610 -20.77 29.66 -8.43
N LEU C 611 -19.70 28.90 -8.21
CA LEU C 611 -18.34 29.40 -8.40
C LEU C 611 -17.54 28.35 -9.13
N TYR C 612 -17.08 28.68 -10.34
CA TYR C 612 -16.23 27.80 -11.13
C TYR C 612 -14.79 28.25 -10.95
N GLN C 613 -13.94 27.35 -10.46
CA GLN C 613 -12.61 27.73 -10.01
C GLN C 613 -11.71 28.09 -11.18
N ASP C 614 -11.06 29.25 -11.08
CA ASP C 614 -10.00 29.69 -11.99
C ASP C 614 -10.28 29.29 -13.44
N VAL C 615 -11.44 29.74 -13.93
CA VAL C 615 -11.84 29.54 -15.32
C VAL C 615 -12.38 30.86 -15.85
N ASN C 616 -11.96 31.22 -17.07
CA ASN C 616 -12.50 32.40 -17.72
C ASN C 616 -14.00 32.22 -17.94
N CYS C 617 -14.75 33.32 -17.86
CA CYS C 617 -16.21 33.23 -17.91
C CYS C 617 -16.69 33.02 -19.35
N THR C 618 -16.20 31.97 -19.98
CA THR C 618 -16.69 31.48 -21.27
C THR C 618 -16.97 30.00 -21.24
N GLU C 619 -16.18 29.22 -20.50
CA GLU C 619 -16.45 27.80 -20.35
C GLU C 619 -17.58 27.52 -19.37
N VAL C 620 -18.02 28.53 -18.63
CA VAL C 620 -19.18 28.41 -17.75
C VAL C 620 -20.36 27.98 -18.61
N PRO C 621 -21.50 27.53 -18.03
CA PRO C 621 -22.41 26.62 -18.75
C PRO C 621 -22.18 26.46 -20.25
N VAL C 622 -20.97 26.03 -20.61
CA VAL C 622 -20.64 25.59 -21.96
C VAL C 622 -20.02 24.21 -21.85
N ALA C 623 -19.01 24.09 -20.98
CA ALA C 623 -18.38 22.80 -20.71
C ALA C 623 -19.39 21.82 -20.14
N ILE C 624 -19.68 20.76 -20.90
CA ILE C 624 -20.65 19.73 -20.52
C ILE C 624 -21.79 20.22 -19.63
N HIS C 625 -22.55 21.19 -20.12
CA HIS C 625 -23.64 21.79 -19.37
C HIS C 625 -24.84 21.93 -20.30
N ALA C 626 -25.90 22.56 -19.79
CA ALA C 626 -27.17 22.74 -20.50
C ALA C 626 -27.89 21.43 -20.73
N ASP C 627 -27.50 20.36 -20.02
CA ASP C 627 -28.15 19.06 -20.12
C ASP C 627 -29.02 18.77 -18.91
N GLN C 628 -29.34 19.78 -18.11
CA GLN C 628 -30.14 19.65 -16.90
C GLN C 628 -31.43 20.45 -17.07
N LEU C 629 -32.20 20.52 -15.99
CA LEU C 629 -33.46 21.26 -16.01
C LEU C 629 -33.19 22.72 -16.36
N THR C 630 -33.95 23.25 -17.32
CA THR C 630 -33.72 24.60 -17.80
C THR C 630 -33.87 25.66 -16.71
N PRO C 631 -34.92 25.65 -15.87
CA PRO C 631 -35.11 26.73 -14.92
C PRO C 631 -34.32 26.59 -13.62
N THR C 632 -33.38 25.65 -13.54
CA THR C 632 -32.61 25.42 -12.32
C THR C 632 -31.12 25.62 -12.53
N TRP C 633 -30.53 25.04 -13.58
CA TRP C 633 -29.10 25.12 -13.82
C TRP C 633 -28.75 26.18 -14.86
N ARG C 634 -29.42 26.15 -16.02
CA ARG C 634 -29.10 27.11 -17.07
C ARG C 634 -29.48 28.53 -16.69
N VAL C 635 -30.28 28.71 -15.63
CA VAL C 635 -30.57 30.06 -15.15
C VAL C 635 -29.29 30.75 -14.70
N TYR C 636 -28.37 30.01 -14.10
CA TYR C 636 -27.08 30.55 -13.66
C TYR C 636 -26.08 30.50 -14.81
N SER C 637 -26.41 31.18 -15.91
CA SER C 637 -25.59 31.13 -17.11
C SER C 637 -25.17 32.49 -17.63
N THR C 638 -26.06 33.48 -17.62
CA THR C 638 -25.79 34.77 -18.26
C THR C 638 -26.47 35.87 -17.45
N GLY C 639 -26.52 37.07 -18.03
CA GLY C 639 -27.10 38.22 -17.37
C GLY C 639 -26.10 38.95 -16.50
N SER C 640 -26.59 39.71 -15.52
CA SER C 640 -25.71 40.36 -14.55
C SER C 640 -25.07 39.35 -13.61
N ASN C 641 -25.50 38.10 -13.64
CA ASN C 641 -25.00 37.06 -12.74
C ASN C 641 -23.64 36.56 -13.21
N VAL C 642 -22.66 37.45 -13.34
CA VAL C 642 -21.32 37.08 -13.79
C VAL C 642 -20.32 37.99 -13.12
N PHE C 643 -19.23 37.40 -12.62
CA PHE C 643 -18.14 38.18 -12.02
C PHE C 643 -16.86 37.37 -12.15
N GLN C 644 -15.86 37.96 -12.81
CA GLN C 644 -14.58 37.28 -13.05
C GLN C 644 -13.61 37.67 -11.94
N THR C 645 -13.71 36.99 -10.81
CA THR C 645 -12.81 37.20 -9.69
C THR C 645 -11.54 36.37 -9.89
N ARG C 646 -10.48 36.76 -9.17
CA ARG C 646 -9.23 36.01 -9.25
C ARG C 646 -9.44 34.53 -8.95
N ALA C 647 -10.36 34.23 -8.04
CA ALA C 647 -10.65 32.83 -7.73
C ALA C 647 -11.23 32.12 -8.94
N GLY C 648 -12.12 32.77 -9.67
CA GLY C 648 -12.73 32.17 -10.84
C GLY C 648 -13.97 32.93 -11.27
N CYS C 649 -14.88 32.20 -11.91
CA CYS C 649 -16.11 32.80 -12.41
C CYS C 649 -17.22 32.57 -11.39
N LEU C 650 -17.76 33.66 -10.84
CA LEU C 650 -18.84 33.62 -9.88
C LEU C 650 -20.14 34.01 -10.56
N ILE C 651 -21.17 33.18 -10.40
CA ILE C 651 -22.47 33.38 -11.02
C ILE C 651 -23.52 33.38 -9.91
N GLY C 652 -24.42 34.36 -9.97
CA GLY C 652 -25.47 34.49 -8.97
C GLY C 652 -25.24 35.54 -7.92
N ALA C 653 -24.15 36.30 -8.01
CA ALA C 653 -23.84 37.35 -7.06
C ALA C 653 -23.70 38.67 -7.80
N GLU C 654 -24.32 39.72 -7.25
CA GLU C 654 -24.26 41.05 -7.84
C GLU C 654 -23.08 41.80 -7.23
N HIS C 655 -22.06 42.09 -8.04
CA HIS C 655 -20.90 42.81 -7.55
C HIS C 655 -21.31 44.19 -7.04
N VAL C 656 -20.83 44.55 -5.86
CA VAL C 656 -21.15 45.81 -5.21
C VAL C 656 -19.86 46.52 -4.86
N ASN C 657 -19.75 47.79 -5.23
CA ASN C 657 -18.55 48.57 -4.91
C ASN C 657 -18.39 48.74 -3.41
N ASN C 658 -19.50 48.90 -2.69
CA ASN C 658 -19.43 49.06 -1.24
C ASN C 658 -18.77 47.84 -0.61
N SER C 659 -17.94 48.09 0.40
CA SER C 659 -17.20 47.04 1.09
C SER C 659 -17.74 46.86 2.50
N TYR C 660 -18.02 45.62 2.87
CA TYR C 660 -18.50 45.27 4.20
C TYR C 660 -17.60 44.19 4.78
N GLU C 661 -17.86 43.84 6.04
CA GLU C 661 -17.13 42.76 6.68
C GLU C 661 -17.44 41.44 5.97
N CYS C 662 -16.40 40.63 5.78
CA CYS C 662 -16.56 39.37 5.07
C CYS C 662 -17.60 38.49 5.76
N ASP C 663 -18.51 37.93 4.97
CA ASP C 663 -19.57 37.07 5.47
C ASP C 663 -19.36 35.62 5.07
N ILE C 664 -19.22 35.35 3.78
CA ILE C 664 -18.92 34.02 3.25
C ILE C 664 -17.62 34.12 2.46
N PRO C 665 -16.55 33.43 2.87
CA PRO C 665 -15.26 33.62 2.19
C PRO C 665 -15.19 32.94 0.82
N ILE C 666 -15.17 33.74 -0.24
CA ILE C 666 -14.97 33.21 -1.59
C ILE C 666 -13.49 33.11 -1.92
N GLY C 667 -12.73 34.18 -1.67
CA GLY C 667 -11.30 34.17 -1.91
C GLY C 667 -10.81 35.42 -2.62
N ALA C 668 -9.49 35.62 -2.61
CA ALA C 668 -8.88 36.78 -3.24
C ALA C 668 -9.45 38.09 -2.70
N GLY C 669 -9.79 38.11 -1.40
CA GLY C 669 -10.36 39.28 -0.80
C GLY C 669 -11.81 39.53 -1.15
N ILE C 670 -12.49 38.55 -1.74
CA ILE C 670 -13.88 38.67 -2.15
C ILE C 670 -14.71 37.73 -1.28
N CYS C 671 -15.82 38.24 -0.76
CA CYS C 671 -16.74 37.46 0.06
C CYS C 671 -18.17 37.74 -0.38
N ALA C 672 -19.05 36.77 -0.18
CA ALA C 672 -20.45 36.88 -0.53
C ALA C 672 -21.31 36.99 0.72
N SER C 673 -22.34 37.83 0.65
CA SER C 673 -23.25 38.02 1.77
C SER C 673 -24.67 38.18 1.23
N TYR C 674 -25.65 37.88 2.07
CA TYR C 674 -27.06 38.00 1.72
C TYR C 674 -27.70 39.26 2.27
N GLN C 675 -27.31 39.70 3.46
CA GLN C 675 -27.88 40.90 4.06
C GLN C 675 -27.18 42.14 3.51
N THR C 676 -27.55 43.29 4.05
CA THR C 676 -26.96 44.56 3.64
C THR C 676 -26.46 45.35 4.85
N SER C 689 -34.23 45.48 -1.86
CA SER C 689 -34.46 44.32 -1.00
C SER C 689 -33.13 43.63 -0.69
N GLN C 690 -33.22 42.42 -0.13
CA GLN C 690 -32.04 41.65 0.26
C GLN C 690 -31.79 40.56 -0.77
N SER C 691 -30.54 40.42 -1.21
CA SER C 691 -30.16 39.42 -2.19
C SER C 691 -28.70 39.05 -1.94
N ILE C 692 -28.16 38.18 -2.79
CA ILE C 692 -26.79 37.72 -2.68
C ILE C 692 -25.88 38.68 -3.43
N ILE C 693 -24.87 39.22 -2.74
CA ILE C 693 -23.94 40.18 -3.31
C ILE C 693 -22.53 39.77 -2.95
N ALA C 694 -21.62 39.85 -3.93
CA ALA C 694 -20.20 39.60 -3.72
C ALA C 694 -19.46 40.92 -3.69
N TYR C 695 -18.57 41.08 -2.72
CA TYR C 695 -17.91 42.35 -2.48
C TYR C 695 -16.52 42.11 -1.91
N THR C 696 -15.66 43.12 -2.03
CA THR C 696 -14.33 43.06 -1.43
C THR C 696 -14.45 43.26 0.06
N MET C 697 -13.89 42.32 0.83
CA MET C 697 -14.01 42.37 2.27
C MET C 697 -13.32 43.62 2.82
N SER C 698 -13.93 44.20 3.86
CA SER C 698 -13.37 45.35 4.56
C SER C 698 -12.73 44.87 5.86
N LEU C 699 -11.45 45.17 6.03
CA LEU C 699 -10.71 44.70 7.20
C LEU C 699 -10.95 45.63 8.39
N GLY C 700 -12.22 45.83 8.75
CA GLY C 700 -12.57 46.68 9.87
C GLY C 700 -12.87 48.10 9.44
N ALA C 701 -13.22 48.91 10.43
CA ALA C 701 -13.56 50.31 10.21
C ALA C 701 -12.34 51.19 10.40
N GLU C 702 -12.07 52.05 9.42
CA GLU C 702 -10.91 52.93 9.49
C GLU C 702 -11.02 53.85 10.70
N ASN C 703 -9.92 53.99 11.43
CA ASN C 703 -9.83 54.86 12.59
C ASN C 703 -8.55 55.67 12.52
N SER C 704 -8.56 56.85 13.14
CA SER C 704 -7.40 57.74 13.16
C SER C 704 -7.28 58.31 14.58
N VAL C 705 -6.35 57.78 15.35
CA VAL C 705 -6.14 58.26 16.71
C VAL C 705 -5.56 59.67 16.66
N ALA C 706 -6.15 60.58 17.43
CA ALA C 706 -5.70 61.97 17.49
C ALA C 706 -4.42 62.03 18.31
N TYR C 707 -3.30 61.81 17.63
CA TYR C 707 -2.00 61.78 18.28
C TYR C 707 -1.31 63.13 18.17
N SER C 708 -0.68 63.54 19.27
CA SER C 708 0.13 64.75 19.29
C SER C 708 1.15 64.62 20.42
N ASN C 709 2.17 65.48 20.36
CA ASN C 709 3.27 65.37 21.31
C ASN C 709 2.83 65.60 22.75
N ASN C 710 1.70 66.27 22.96
CA ASN C 710 1.25 66.63 24.31
C ASN C 710 -0.24 66.38 24.48
N SER C 711 -0.72 65.23 24.00
CA SER C 711 -2.12 64.83 24.16
C SER C 711 -2.18 63.38 24.62
N ILE C 712 -3.02 63.11 25.62
CA ILE C 712 -3.20 61.77 26.16
C ILE C 712 -4.68 61.53 26.40
N ALA C 713 -5.05 60.26 26.47
CA ALA C 713 -6.41 59.83 26.77
C ALA C 713 -6.35 58.84 27.93
N ILE C 714 -6.89 59.23 29.08
CA ILE C 714 -6.90 58.40 30.28
C ILE C 714 -8.34 58.04 30.59
N PRO C 715 -8.68 56.76 30.70
CA PRO C 715 -10.08 56.39 30.97
C PRO C 715 -10.71 56.91 32.25
N THR C 716 -12.01 57.22 32.18
CA THR C 716 -12.78 57.66 33.32
C THR C 716 -13.74 56.61 33.85
N ASN C 717 -14.05 55.57 33.07
CA ASN C 717 -14.92 54.50 33.50
C ASN C 717 -14.45 53.20 32.86
N PHE C 718 -14.84 52.09 33.46
CA PHE C 718 -14.37 50.77 33.05
C PHE C 718 -15.56 49.82 32.93
N THR C 719 -15.27 48.60 32.47
CA THR C 719 -16.27 47.55 32.39
C THR C 719 -15.59 46.21 32.65
N ILE C 720 -16.39 45.25 33.10
CA ILE C 720 -15.94 43.89 33.35
C ILE C 720 -16.60 43.01 32.30
N SER C 721 -15.80 42.39 31.44
CA SER C 721 -16.29 41.58 30.34
C SER C 721 -15.94 40.12 30.59
N VAL C 722 -16.93 39.24 30.44
CA VAL C 722 -16.75 37.81 30.57
C VAL C 722 -16.76 37.21 29.17
N THR C 723 -15.64 36.61 28.77
CA THR C 723 -15.48 36.06 27.43
C THR C 723 -15.33 34.54 27.49
N THR C 724 -16.03 33.85 26.60
CA THR C 724 -15.97 32.40 26.53
C THR C 724 -14.80 31.95 25.66
N GLU C 725 -14.16 30.87 26.08
CA GLU C 725 -13.08 30.26 25.30
C GLU C 725 -13.23 28.74 25.40
N ILE C 726 -13.50 28.10 24.26
CA ILE C 726 -13.70 26.66 24.19
C ILE C 726 -12.39 26.00 23.78
N LEU C 727 -12.01 24.95 24.50
CA LEU C 727 -10.77 24.23 24.18
C LEU C 727 -11.01 22.72 24.24
N PRO C 728 -10.87 22.00 23.14
CA PRO C 728 -10.96 20.54 23.20
C PRO C 728 -9.89 19.96 24.10
N VAL C 729 -10.25 18.91 24.83
CA VAL C 729 -9.36 18.24 25.77
C VAL C 729 -8.92 16.88 25.27
N SER C 730 -9.87 16.03 24.87
CA SER C 730 -9.55 14.69 24.41
C SER C 730 -10.62 14.24 23.41
N MET C 731 -10.27 13.23 22.63
CA MET C 731 -11.20 12.64 21.68
C MET C 731 -11.82 11.38 22.28
N THR C 732 -12.72 10.75 21.52
CA THR C 732 -13.35 9.52 21.96
C THR C 732 -12.38 8.36 21.79
N LYS C 733 -12.01 7.73 22.90
CA LYS C 733 -11.08 6.60 22.84
C LYS C 733 -11.73 5.44 22.10
N THR C 734 -11.01 4.89 21.11
CA THR C 734 -11.50 3.78 20.31
C THR C 734 -10.42 2.73 20.15
N SER C 735 -10.85 1.47 20.09
CA SER C 735 -9.96 0.35 19.85
C SER C 735 -10.56 -0.51 18.75
N VAL C 736 -9.75 -0.84 17.74
CA VAL C 736 -10.18 -1.60 16.58
C VAL C 736 -9.38 -2.90 16.56
N ASP C 737 -10.09 -4.03 16.52
CA ASP C 737 -9.45 -5.34 16.41
C ASP C 737 -9.01 -5.53 14.98
N CYS C 738 -7.71 -5.46 14.73
CA CYS C 738 -7.19 -5.54 13.37
C CYS C 738 -7.55 -6.87 12.73
N THR C 739 -7.39 -7.97 13.47
CA THR C 739 -7.72 -9.28 12.91
C THR C 739 -9.19 -9.37 12.54
N MET C 740 -10.07 -8.86 13.41
CA MET C 740 -11.51 -8.95 13.13
C MET C 740 -11.90 -8.07 11.96
N TYR C 741 -11.42 -6.82 11.94
CA TYR C 741 -11.81 -5.90 10.88
C TYR C 741 -11.37 -6.42 9.52
N ILE C 742 -10.12 -6.89 9.44
CA ILE C 742 -9.63 -7.43 8.17
C ILE C 742 -10.30 -8.76 7.86
N CYS C 743 -10.44 -9.63 8.87
CA CYS C 743 -11.00 -10.96 8.70
C CYS C 743 -12.19 -11.13 9.63
N GLY C 744 -13.35 -11.42 9.05
CA GLY C 744 -14.54 -11.67 9.83
C GLY C 744 -14.74 -13.14 10.13
N ASP C 745 -14.32 -13.58 11.32
CA ASP C 745 -14.45 -14.97 11.75
C ASP C 745 -14.16 -15.94 10.61
N SER C 746 -13.04 -15.69 9.92
CA SER C 746 -12.61 -16.51 8.80
C SER C 746 -11.23 -17.07 9.11
N THR C 747 -11.11 -18.40 9.13
CA THR C 747 -9.82 -19.01 9.40
C THR C 747 -8.82 -18.75 8.28
N GLU C 748 -9.26 -18.87 7.03
CA GLU C 748 -8.35 -18.65 5.90
C GLU C 748 -7.79 -17.23 5.84
N CYS C 749 -8.65 -16.23 6.06
CA CYS C 749 -8.17 -14.85 6.04
C CYS C 749 -7.18 -14.59 7.17
N SER C 750 -7.45 -15.14 8.35
CA SER C 750 -6.50 -15.00 9.47
C SER C 750 -5.17 -15.67 9.14
N ASN C 751 -5.22 -16.86 8.56
CA ASN C 751 -3.99 -17.54 8.18
C ASN C 751 -3.20 -16.72 7.16
N LEU C 752 -3.89 -16.15 6.16
CA LEU C 752 -3.21 -15.30 5.20
C LEU C 752 -2.62 -14.03 5.82
N LEU C 753 -3.34 -13.41 6.76
CA LEU C 753 -2.83 -12.22 7.42
C LEU C 753 -1.62 -12.54 8.30
N LEU C 754 -1.60 -13.72 8.92
CA LEU C 754 -0.47 -14.08 9.77
C LEU C 754 0.85 -14.02 9.01
N GLN C 755 0.82 -14.24 7.70
CA GLN C 755 2.04 -14.20 6.91
C GLN C 755 2.52 -12.76 6.70
N TYR C 756 1.61 -11.79 6.74
CA TYR C 756 2.00 -10.41 6.46
C TYR C 756 3.00 -9.89 7.48
N GLY C 757 2.76 -10.18 8.76
CA GLY C 757 3.68 -9.76 9.80
C GLY C 757 2.99 -9.22 11.04
N SER C 758 3.56 -8.17 11.63
CA SER C 758 3.08 -7.61 12.89
C SER C 758 2.35 -6.27 12.68
N PHE C 759 1.70 -6.11 11.52
CA PHE C 759 0.95 -4.88 11.26
C PHE C 759 -0.16 -4.70 12.29
N CYS C 760 -0.91 -5.77 12.56
CA CYS C 760 -2.03 -5.67 13.48
C CYS C 760 -1.56 -5.29 14.89
N THR C 761 -0.46 -5.89 15.35
CA THR C 761 0.07 -5.55 16.66
C THR C 761 0.49 -4.10 16.72
N GLN C 762 1.13 -3.60 15.67
CA GLN C 762 1.54 -2.20 15.64
C GLN C 762 0.34 -1.27 15.69
N LEU C 763 -0.70 -1.58 14.92
CA LEU C 763 -1.90 -0.73 14.93
C LEU C 763 -2.57 -0.75 16.29
N ASN C 764 -2.67 -1.93 16.91
CA ASN C 764 -3.27 -2.01 18.24
C ASN C 764 -2.46 -1.22 19.26
N ARG C 765 -1.12 -1.32 19.19
CA ARG C 765 -0.28 -0.57 20.10
C ARG C 765 -0.45 0.93 19.89
N ALA C 766 -0.55 1.37 18.64
CA ALA C 766 -0.76 2.79 18.38
C ALA C 766 -2.09 3.27 18.94
N LEU C 767 -3.15 2.47 18.76
CA LEU C 767 -4.45 2.87 19.29
C LEU C 767 -4.44 2.92 20.82
N THR C 768 -3.79 1.93 21.45
CA THR C 768 -3.69 1.93 22.91
C THR C 768 -2.91 3.14 23.40
N GLY C 769 -1.82 3.48 22.70
CA GLY C 769 -1.06 4.67 23.06
C GLY C 769 -1.88 5.93 22.91
N ILE C 770 -2.70 6.00 21.86
CA ILE C 770 -3.57 7.17 21.68
C ILE C 770 -4.55 7.28 22.84
N ALA C 771 -5.16 6.15 23.24
CA ALA C 771 -6.11 6.17 24.34
C ALA C 771 -5.42 6.60 25.64
N VAL C 772 -4.23 6.07 25.89
CA VAL C 772 -3.50 6.45 27.10
C VAL C 772 -3.14 7.93 27.06
N GLU C 773 -2.80 8.44 25.89
CA GLU C 773 -2.48 9.87 25.76
C GLU C 773 -3.72 10.72 26.04
N GLN C 774 -4.88 10.29 25.56
CA GLN C 774 -6.11 11.02 25.87
C GLN C 774 -6.38 11.03 27.37
N ASP C 775 -6.23 9.88 28.02
CA ASP C 775 -6.43 9.82 29.46
C ASP C 775 -5.46 10.73 30.19
N LYS C 776 -4.19 10.72 29.78
CA LYS C 776 -3.19 11.59 30.42
C LYS C 776 -3.51 13.06 30.19
N ASN C 777 -3.97 13.41 28.99
CA ASN C 777 -4.35 14.79 28.71
C ASN C 777 -5.48 15.23 29.63
N THR C 778 -6.50 14.39 29.77
CA THR C 778 -7.61 14.74 30.68
C THR C 778 -7.11 14.89 32.10
N GLN C 779 -6.28 13.96 32.57
CA GLN C 779 -5.78 14.02 33.94
C GLN C 779 -4.98 15.29 34.17
N GLU C 780 -4.08 15.64 33.24
CA GLU C 780 -3.22 16.79 33.45
C GLU C 780 -4.00 18.09 33.36
N VAL C 781 -4.96 18.17 32.43
CA VAL C 781 -5.69 19.42 32.27
C VAL C 781 -6.63 19.64 33.47
N PHE C 782 -7.26 18.56 33.96
CA PHE C 782 -8.24 18.69 35.04
C PHE C 782 -7.65 18.43 36.42
N ALA C 783 -6.97 17.30 36.61
CA ALA C 783 -6.42 16.94 37.92
C ALA C 783 -5.17 17.76 38.19
N GLN C 784 -5.39 19.04 38.52
CA GLN C 784 -4.32 19.97 38.85
C GLN C 784 -4.35 20.44 40.30
N VAL C 785 -5.32 20.00 41.09
CA VAL C 785 -5.47 20.39 42.48
C VAL C 785 -5.38 19.14 43.35
N LYS C 786 -4.48 19.17 44.33
CA LYS C 786 -4.31 18.00 45.19
C LYS C 786 -5.52 17.68 46.05
N GLN C 787 -6.18 18.70 46.60
CA GLN C 787 -7.32 18.52 47.47
C GLN C 787 -8.61 18.91 46.76
N ILE C 788 -9.72 18.84 47.49
CA ILE C 788 -11.03 19.22 46.99
C ILE C 788 -11.58 20.31 47.92
N TYR C 789 -11.92 21.45 47.35
CA TYR C 789 -12.44 22.58 48.10
C TYR C 789 -13.93 22.78 47.79
N LYS C 790 -14.72 23.00 48.84
CA LYS C 790 -16.15 23.24 48.69
C LYS C 790 -16.50 24.56 49.36
N THR C 791 -17.33 25.35 48.67
CA THR C 791 -17.77 26.62 49.22
C THR C 791 -18.69 26.38 50.43
N PRO C 792 -18.75 27.32 51.36
CA PRO C 792 -19.61 27.14 52.53
C PRO C 792 -21.05 27.04 52.10
N PRO C 793 -21.87 26.29 52.86
CA PRO C 793 -23.28 26.12 52.46
C PRO C 793 -24.17 27.34 52.21
N ILE C 794 -23.66 28.53 52.55
CA ILE C 794 -24.37 29.79 52.33
C ILE C 794 -23.51 30.64 51.40
N LYS C 795 -24.11 31.12 50.31
CA LYS C 795 -23.39 31.91 49.32
C LYS C 795 -23.37 33.36 49.76
N ASP C 796 -22.19 33.85 50.16
CA ASP C 796 -22.03 35.24 50.58
C ASP C 796 -20.60 35.66 50.21
N PHE C 797 -20.49 36.30 49.04
CA PHE C 797 -19.20 36.69 48.48
C PHE C 797 -19.13 38.19 48.24
N GLY C 798 -19.61 38.97 49.20
CA GLY C 798 -19.51 40.42 49.09
C GLY C 798 -20.27 40.99 47.92
N GLY C 799 -21.49 40.50 47.66
CA GLY C 799 -22.33 41.00 46.61
C GLY C 799 -22.16 40.31 45.27
N PHE C 800 -21.16 39.45 45.13
CA PHE C 800 -20.96 38.71 43.89
C PHE C 800 -21.93 37.54 43.81
N ASN C 801 -22.12 37.04 42.59
CA ASN C 801 -23.12 36.01 42.31
C ASN C 801 -22.48 34.97 41.40
N PHE C 802 -22.11 33.83 41.97
CA PHE C 802 -21.52 32.72 41.23
C PHE C 802 -22.48 31.55 41.07
N SER C 803 -23.77 31.76 41.30
CA SER C 803 -24.73 30.66 41.19
C SER C 803 -24.71 30.05 39.79
N GLN C 804 -24.54 30.87 38.76
CA GLN C 804 -24.52 30.37 37.39
C GLN C 804 -23.35 29.44 37.07
N ILE C 805 -22.28 29.47 37.87
CA ILE C 805 -21.11 28.63 37.62
C ILE C 805 -20.93 27.55 38.67
N LEU C 806 -21.39 27.75 39.90
CA LEU C 806 -21.25 26.75 40.93
C LEU C 806 -22.24 25.61 40.71
N PRO C 807 -21.94 24.42 41.24
CA PRO C 807 -22.90 23.32 41.14
C PRO C 807 -24.12 23.57 42.01
N ASP C 808 -25.19 22.83 41.71
CA ASP C 808 -26.44 22.91 42.46
C ASP C 808 -26.54 21.73 43.40
N PRO C 809 -26.34 21.89 44.71
CA PRO C 809 -26.45 20.73 45.61
C PRO C 809 -27.83 20.11 45.63
N SER C 810 -28.87 20.87 45.30
CA SER C 810 -30.23 20.33 45.37
C SER C 810 -30.40 19.15 44.42
N LYS C 811 -29.91 19.29 43.19
CA LYS C 811 -30.03 18.20 42.24
C LYS C 811 -29.03 17.09 42.55
N PRO C 812 -29.36 15.84 42.24
CA PRO C 812 -28.42 14.75 42.52
C PRO C 812 -27.10 14.90 41.79
N SER C 813 -27.10 15.45 40.57
CA SER C 813 -25.89 15.64 39.79
C SER C 813 -25.29 17.00 40.10
N LYS C 814 -23.99 17.01 40.41
CA LYS C 814 -23.29 18.25 40.76
C LYS C 814 -22.81 18.95 39.49
N ARG C 815 -23.76 19.33 38.66
CA ARG C 815 -23.50 20.04 37.41
C ARG C 815 -24.01 21.47 37.55
N SER C 816 -23.16 22.43 37.18
CA SER C 816 -23.53 23.83 37.25
C SER C 816 -24.55 24.15 36.15
N PHE C 817 -25.13 25.35 36.25
CA PHE C 817 -26.14 25.75 35.28
C PHE C 817 -25.55 25.80 33.87
N ILE C 818 -24.36 26.38 33.73
CA ILE C 818 -23.71 26.41 32.43
C ILE C 818 -23.34 25.00 31.97
N GLU C 819 -22.85 24.17 32.89
CA GLU C 819 -22.55 22.79 32.55
C GLU C 819 -23.81 22.04 32.15
N ASP C 820 -24.92 22.28 32.85
CA ASP C 820 -26.19 21.66 32.49
C ASP C 820 -26.63 22.09 31.10
N LEU C 821 -26.48 23.38 30.78
CA LEU C 821 -26.82 23.86 29.45
C LEU C 821 -25.94 23.21 28.39
N LEU C 822 -24.64 23.09 28.66
CA LEU C 822 -23.75 22.43 27.71
C LEU C 822 -24.15 20.98 27.48
N PHE C 823 -24.48 20.27 28.56
CA PHE C 823 -24.95 18.89 28.42
C PHE C 823 -26.26 18.78 27.63
N ASN C 824 -27.21 19.68 27.90
CA ASN C 824 -28.47 19.66 27.17
C ASN C 824 -28.34 20.10 25.72
N LYS C 825 -27.25 20.81 25.39
CA LYS C 825 -27.04 21.26 24.02
C LYS C 825 -26.74 20.12 23.05
N VAL C 826 -26.48 18.92 23.55
CA VAL C 826 -26.20 17.76 22.71
C VAL C 826 -27.23 16.66 22.91
N THR C 827 -27.79 16.17 21.81
CA THR C 827 -28.79 15.11 21.86
C THR C 827 -28.21 13.79 21.37
N LEU C 849 -24.79 9.14 15.51
CA LEU C 849 -23.87 8.09 15.95
C LEU C 849 -23.26 8.09 17.35
N ILE C 850 -23.98 7.54 18.32
CA ILE C 850 -23.52 7.46 19.69
C ILE C 850 -23.57 6.00 20.15
N CYS C 851 -24.76 5.40 20.05
CA CYS C 851 -24.90 4.00 20.47
C CYS C 851 -24.31 3.03 19.45
N ALA C 852 -24.36 3.40 18.17
CA ALA C 852 -23.87 2.52 17.11
C ALA C 852 -22.36 2.44 16.86
N GLN C 853 -21.64 1.78 17.75
CA GLN C 853 -20.18 1.68 17.63
C GLN C 853 -19.73 0.25 17.91
N LYS C 854 -20.54 -0.73 17.51
CA LYS C 854 -20.17 -2.15 17.65
C LYS C 854 -20.62 -2.98 16.46
N PHE C 855 -19.76 -3.07 15.44
CA PHE C 855 -20.10 -3.85 14.26
C PHE C 855 -19.02 -4.84 13.85
N ASN C 856 -17.75 -4.42 13.89
CA ASN C 856 -16.67 -5.24 13.37
C ASN C 856 -15.37 -5.20 14.17
N GLY C 857 -15.45 -4.99 15.48
CA GLY C 857 -14.27 -4.90 16.30
C GLY C 857 -14.14 -3.54 16.98
N LEU C 858 -14.83 -2.55 16.43
CA LEU C 858 -14.80 -1.22 17.02
C LEU C 858 -15.35 -1.25 18.44
N THR C 859 -14.58 -0.70 19.38
CA THR C 859 -15.02 -0.62 20.76
C THR C 859 -14.65 0.75 21.29
N VAL C 860 -15.54 1.32 22.10
CA VAL C 860 -15.37 2.64 22.69
C VAL C 860 -14.98 2.42 24.15
N LEU C 861 -13.69 2.42 24.43
CA LEU C 861 -13.23 2.26 25.79
C LEU C 861 -13.72 3.44 26.64
N PRO C 862 -14.34 3.18 27.79
CA PRO C 862 -14.90 4.26 28.58
C PRO C 862 -13.81 5.12 29.18
N PRO C 863 -14.04 6.43 29.34
CA PRO C 863 -13.03 7.28 29.97
C PRO C 863 -12.68 6.98 31.43
N LEU C 864 -11.40 7.18 31.76
CA LEU C 864 -10.96 6.91 33.13
C LEU C 864 -11.66 7.83 34.12
N LEU C 865 -11.82 9.10 33.77
CA LEU C 865 -12.45 10.10 34.63
C LEU C 865 -13.86 10.33 34.09
N THR C 866 -14.87 9.84 34.82
CA THR C 866 -16.25 10.05 34.44
C THR C 866 -16.61 11.53 34.50
N ASP C 867 -17.70 11.92 33.84
CA ASP C 867 -18.09 13.32 33.84
C ASP C 867 -18.35 13.83 35.25
N GLU C 868 -18.81 12.96 36.15
CA GLU C 868 -19.07 13.39 37.53
C GLU C 868 -17.78 13.83 38.21
N MET C 869 -16.69 13.08 38.03
CA MET C 869 -15.44 13.45 38.67
C MET C 869 -14.84 14.70 38.03
N ILE C 870 -15.02 14.87 36.72
CA ILE C 870 -14.56 16.10 36.06
C ILE C 870 -15.32 17.30 36.62
N ALA C 871 -16.63 17.16 36.80
CA ALA C 871 -17.42 18.23 37.39
C ALA C 871 -16.97 18.50 38.83
N GLN C 872 -16.65 17.45 39.57
CA GLN C 872 -16.15 17.63 40.94
C GLN C 872 -14.83 18.39 40.95
N TYR C 873 -13.93 18.06 40.03
CA TYR C 873 -12.67 18.78 39.93
C TYR C 873 -12.90 20.24 39.59
N THR C 874 -13.81 20.50 38.64
CA THR C 874 -14.12 21.89 38.28
C THR C 874 -14.69 22.64 39.47
N SER C 875 -15.59 22.02 40.22
CA SER C 875 -16.17 22.66 41.39
C SER C 875 -15.10 22.95 42.44
N ALA C 876 -14.17 22.01 42.63
CA ALA C 876 -13.09 22.23 43.59
C ALA C 876 -12.22 23.40 43.15
N LEU C 877 -11.88 23.47 41.86
CA LEU C 877 -11.08 24.58 41.38
C LEU C 877 -11.81 25.90 41.57
N LEU C 878 -13.11 25.93 41.25
CA LEU C 878 -13.88 27.16 41.40
C LEU C 878 -13.94 27.59 42.87
N ALA C 879 -14.18 26.65 43.77
CA ALA C 879 -14.24 26.97 45.19
C ALA C 879 -12.89 27.49 45.69
N GLY C 880 -11.80 26.84 45.28
CA GLY C 880 -10.49 27.32 45.68
C GLY C 880 -10.21 28.73 45.18
N THR C 881 -10.54 28.99 43.91
CA THR C 881 -10.33 30.33 43.36
C THR C 881 -11.17 31.36 44.09
N ILE C 882 -12.42 31.02 44.42
CA ILE C 882 -13.32 31.98 45.05
C ILE C 882 -12.88 32.28 46.47
N THR C 883 -12.51 31.24 47.23
CA THR C 883 -12.26 31.40 48.66
C THR C 883 -10.82 31.77 48.99
N SER C 884 -9.86 31.49 48.10
CA SER C 884 -8.46 31.73 48.42
C SER C 884 -7.77 32.55 47.32
N GLY C 885 -8.21 32.38 46.08
CA GLY C 885 -7.59 33.08 44.97
C GLY C 885 -6.51 32.23 44.33
N TRP C 886 -5.32 32.82 44.17
CA TRP C 886 -4.20 32.11 43.56
C TRP C 886 -3.36 31.33 44.57
N THR C 887 -3.60 31.52 45.87
CA THR C 887 -2.76 30.89 46.87
C THR C 887 -2.88 29.37 46.82
N PHE C 888 -4.09 28.85 46.65
CA PHE C 888 -4.28 27.40 46.65
C PHE C 888 -3.53 26.72 45.52
N GLY C 889 -3.25 27.44 44.44
CA GLY C 889 -2.51 26.89 43.31
C GLY C 889 -1.00 26.92 43.47
N ALA C 890 -0.49 27.47 44.57
CA ALA C 890 0.94 27.56 44.79
C ALA C 890 1.31 27.19 46.22
N GLY C 891 0.54 26.30 46.84
CA GLY C 891 0.80 25.89 48.21
C GLY C 891 -0.47 25.70 49.01
N ALA C 892 -0.37 25.86 50.32
CA ALA C 892 -1.54 25.72 51.18
C ALA C 892 -2.55 26.81 50.86
N ALA C 893 -3.82 26.43 50.80
CA ALA C 893 -4.88 27.39 50.49
C ALA C 893 -5.05 28.36 51.65
N LEU C 894 -5.11 29.65 51.33
CA LEU C 894 -5.26 30.72 52.31
C LEU C 894 -6.57 31.43 52.06
N GLN C 895 -7.44 31.46 53.06
CA GLN C 895 -8.73 32.14 52.92
C GLN C 895 -8.55 33.64 52.81
N ILE C 896 -9.43 34.27 52.05
CA ILE C 896 -9.39 35.72 51.87
C ILE C 896 -10.75 36.18 51.33
N PRO C 897 -11.29 37.30 51.79
CA PRO C 897 -12.56 37.78 51.23
C PRO C 897 -12.44 38.04 49.73
N PHE C 898 -13.51 37.73 49.00
CA PHE C 898 -13.48 37.92 47.55
C PHE C 898 -13.29 39.38 47.17
N ALA C 899 -13.78 40.30 48.00
CA ALA C 899 -13.54 41.72 47.74
C ALA C 899 -12.04 42.02 47.76
N MET C 900 -11.34 41.48 48.76
CA MET C 900 -9.89 41.68 48.83
C MET C 900 -9.17 40.96 47.70
N GLN C 901 -9.67 39.80 47.28
CA GLN C 901 -9.08 39.12 46.13
C GLN C 901 -9.21 39.98 44.87
N MET C 902 -10.38 40.58 44.66
CA MET C 902 -10.56 41.44 43.50
C MET C 902 -9.71 42.70 43.62
N ALA C 903 -9.53 43.22 44.83
CA ALA C 903 -8.62 44.34 45.02
C ALA C 903 -7.19 43.96 44.64
N TYR C 904 -6.77 42.75 45.04
CA TYR C 904 -5.45 42.27 44.66
C TYR C 904 -5.32 42.16 43.14
N ARG C 905 -6.36 41.64 42.48
CA ARG C 905 -6.32 41.55 41.02
C ARG C 905 -6.22 42.94 40.39
N PHE C 906 -7.01 43.90 40.89
CA PHE C 906 -6.98 45.25 40.36
C PHE C 906 -5.59 45.86 40.53
N ASN C 907 -4.98 45.67 41.70
CA ASN C 907 -3.60 46.14 41.89
C ASN C 907 -2.65 45.44 40.94
N GLY C 908 -2.87 44.15 40.67
CA GLY C 908 -2.00 43.42 39.76
C GLY C 908 -2.08 43.95 38.35
N ILE C 909 -3.26 44.43 37.93
CA ILE C 909 -3.41 44.95 36.58
C ILE C 909 -3.08 46.44 36.54
N GLY C 910 -2.45 46.93 37.61
CA GLY C 910 -2.01 48.31 37.67
C GLY C 910 -3.06 49.31 38.11
N VAL C 911 -4.21 48.87 38.55
CA VAL C 911 -5.29 49.74 38.99
C VAL C 911 -5.33 49.74 40.51
N THR C 912 -5.38 50.93 41.11
CA THR C 912 -5.32 51.04 42.56
C THR C 912 -6.52 50.36 43.20
N GLN C 913 -6.32 49.90 44.44
CA GLN C 913 -7.37 49.19 45.16
C GLN C 913 -8.59 50.07 45.39
N ASN C 914 -8.37 51.35 45.68
CA ASN C 914 -9.44 52.22 46.14
C ASN C 914 -10.65 52.16 45.23
N VAL C 915 -10.43 52.15 43.91
CA VAL C 915 -11.55 52.20 42.98
C VAL C 915 -12.52 51.07 43.26
N LEU C 916 -12.00 49.86 43.48
CA LEU C 916 -12.88 48.72 43.75
C LEU C 916 -13.74 48.99 44.98
N TYR C 917 -13.13 49.52 46.05
CA TYR C 917 -13.90 49.86 47.23
C TYR C 917 -14.83 51.04 46.96
N GLU C 918 -14.44 51.93 46.04
CA GLU C 918 -15.33 53.00 45.63
C GLU C 918 -16.32 52.57 44.57
N ASN C 919 -16.17 51.36 44.01
CA ASN C 919 -17.08 50.83 43.00
C ASN C 919 -17.43 49.36 43.18
N GLN C 920 -17.42 48.88 44.43
CA GLN C 920 -17.66 47.47 44.68
C GLN C 920 -19.04 47.05 44.21
N LYS C 921 -20.06 47.83 44.55
CA LYS C 921 -21.42 47.48 44.14
C LYS C 921 -21.56 47.51 42.62
N LEU C 922 -21.02 48.55 41.98
CA LEU C 922 -21.11 48.64 40.52
C LEU C 922 -20.35 47.49 39.86
N ILE C 923 -19.17 47.15 40.39
CA ILE C 923 -18.39 46.07 39.81
C ILE C 923 -19.12 44.74 39.96
N ALA C 924 -19.71 44.50 41.13
CA ALA C 924 -20.47 43.25 41.33
C ALA C 924 -21.67 43.20 40.39
N ASN C 925 -22.38 44.31 40.23
CA ASN C 925 -23.51 44.34 39.31
C ASN C 925 -23.06 44.07 37.88
N GLN C 926 -21.94 44.66 37.47
CA GLN C 926 -21.43 44.43 36.13
C GLN C 926 -21.04 42.97 35.94
N PHE C 927 -20.41 42.36 36.95
CA PHE C 927 -20.03 40.96 36.85
C PHE C 927 -21.27 40.06 36.72
N ASN C 928 -22.29 40.33 37.52
CA ASN C 928 -23.53 39.55 37.43
C ASN C 928 -24.19 39.73 36.07
N SER C 929 -24.20 40.96 35.55
CA SER C 929 -24.78 41.21 34.24
C SER C 929 -24.00 40.48 33.15
N ALA C 930 -22.68 40.47 33.25
CA ALA C 930 -21.88 39.74 32.27
C ALA C 930 -22.15 38.24 32.34
N ILE C 931 -22.30 37.71 33.55
CA ILE C 931 -22.61 36.29 33.69
C ILE C 931 -23.96 35.97 33.05
N GLY C 932 -24.95 36.81 33.31
CA GLY C 932 -26.25 36.61 32.69
C GLY C 932 -26.17 36.71 31.18
N LYS C 933 -25.38 37.66 30.67
CA LYS C 933 -25.26 37.83 29.23
C LYS C 933 -24.61 36.62 28.58
N ILE C 934 -23.55 36.08 29.19
CA ILE C 934 -22.91 34.89 28.63
C ILE C 934 -23.86 33.71 28.68
N GLN C 935 -24.62 33.56 29.77
CA GLN C 935 -25.59 32.48 29.85
C GLN C 935 -26.63 32.60 28.74
N ASP C 936 -27.15 33.80 28.53
CA ASP C 936 -28.16 34.01 27.48
C ASP C 936 -27.58 33.75 26.10
N SER C 937 -26.34 34.20 25.86
CA SER C 937 -25.71 33.97 24.56
C SER C 937 -25.52 32.48 24.30
N LEU C 938 -25.07 31.74 25.31
CA LEU C 938 -24.92 30.30 25.13
C LEU C 938 -26.27 29.64 24.89
N SER C 939 -27.31 30.08 25.61
CA SER C 939 -28.63 29.48 25.43
C SER C 939 -29.18 29.73 24.03
N SER C 940 -29.01 30.96 23.53
CA SER C 940 -29.62 31.37 22.27
C SER C 940 -28.70 31.17 21.07
N THR C 941 -27.48 30.69 21.26
CA THR C 941 -26.53 30.48 20.18
C THR C 941 -26.25 28.99 20.04
N ALA C 942 -26.26 28.50 18.80
CA ALA C 942 -26.05 27.08 18.51
C ALA C 942 -24.68 26.78 17.95
N SER C 943 -23.98 27.78 17.40
CA SER C 943 -22.67 27.58 16.78
C SER C 943 -21.53 27.95 17.72
N ALA C 944 -21.81 28.23 18.99
CA ALA C 944 -20.76 28.64 19.92
C ALA C 944 -19.78 27.49 20.18
N LEU C 945 -20.27 26.26 20.22
CA LEU C 945 -19.46 25.09 20.57
C LEU C 945 -18.99 24.33 19.34
N GLY C 946 -18.66 25.06 18.27
CA GLY C 946 -18.27 24.41 17.02
C GLY C 946 -17.06 23.50 17.15
N LYS C 947 -16.18 23.75 18.12
CA LYS C 947 -14.94 22.99 18.21
C LYS C 947 -15.22 21.53 18.58
N LEU C 948 -15.90 21.31 19.71
CA LEU C 948 -16.16 19.95 20.15
C LEU C 948 -17.05 19.20 19.16
N GLN C 949 -18.08 19.88 18.64
CA GLN C 949 -18.95 19.25 17.67
C GLN C 949 -18.19 18.88 16.41
N ASP C 950 -17.29 19.75 15.96
CA ASP C 950 -16.47 19.43 14.78
C ASP C 950 -15.58 18.24 15.04
N VAL C 951 -14.98 18.17 16.24
CA VAL C 951 -14.11 17.03 16.55
C VAL C 951 -14.91 15.73 16.55
N VAL C 952 -16.09 15.76 17.17
CA VAL C 952 -16.94 14.57 17.22
C VAL C 952 -17.36 14.16 15.81
N ASN C 953 -17.72 15.15 14.99
CA ASN C 953 -18.12 14.84 13.61
C ASN C 953 -16.97 14.25 12.82
N GLN C 954 -15.76 14.77 13.01
CA GLN C 954 -14.59 14.22 12.33
C GLN C 954 -14.35 12.77 12.73
N ASN C 955 -14.44 12.49 14.04
CA ASN C 955 -14.25 11.12 14.49
C ASN C 955 -15.32 10.20 13.91
N ALA C 956 -16.58 10.65 13.93
CA ALA C 956 -17.66 9.84 13.40
C ALA C 956 -17.48 9.59 11.91
N GLN C 957 -17.06 10.62 11.16
CA GLN C 957 -16.84 10.44 9.73
C GLN C 957 -15.70 9.46 9.46
N ALA C 958 -14.62 9.55 10.24
CA ALA C 958 -13.53 8.61 10.07
C ALA C 958 -13.99 7.18 10.34
N LEU C 959 -14.75 6.99 11.41
CA LEU C 959 -15.26 5.64 11.72
C LEU C 959 -16.19 5.14 10.62
N ASN C 960 -17.07 6.01 10.12
CA ASN C 960 -17.99 5.61 9.06
C ASN C 960 -17.24 5.23 7.79
N THR C 961 -16.23 6.01 7.42
CA THR C 961 -15.44 5.68 6.24
C THR C 961 -14.71 4.36 6.42
N LEU C 962 -14.13 4.14 7.60
CA LEU C 962 -13.45 2.87 7.86
C LEU C 962 -14.41 1.70 7.74
N VAL C 963 -15.61 1.85 8.30
CA VAL C 963 -16.60 0.76 8.24
C VAL C 963 -17.02 0.52 6.79
N LYS C 964 -17.29 1.59 6.05
CA LYS C 964 -17.76 1.46 4.67
C LYS C 964 -16.69 0.90 3.75
N GLN C 965 -15.41 1.09 4.08
CA GLN C 965 -14.35 0.54 3.24
C GLN C 965 -14.44 -0.97 3.11
N LEU C 966 -15.08 -1.64 4.08
CA LEU C 966 -15.24 -3.08 3.98
C LEU C 966 -16.08 -3.47 2.77
N SER C 967 -17.14 -2.71 2.49
CA SER C 967 -18.01 -3.01 1.36
C SER C 967 -17.28 -2.91 0.03
N SER C 968 -16.20 -2.13 -0.04
CA SER C 968 -15.46 -1.98 -1.28
C SER C 968 -14.91 -3.33 -1.74
N ASN C 969 -15.05 -3.60 -3.04
CA ASN C 969 -14.62 -4.88 -3.59
C ASN C 969 -13.11 -5.00 -3.69
N PHE C 970 -12.41 -3.89 -3.91
CA PHE C 970 -10.96 -3.90 -4.09
C PHE C 970 -10.56 -4.80 -5.25
N GLY C 971 -11.37 -4.85 -6.30
CA GLY C 971 -11.09 -5.66 -7.47
C GLY C 971 -11.64 -7.06 -7.42
N ALA C 972 -12.17 -7.50 -6.29
CA ALA C 972 -12.75 -8.83 -6.18
C ALA C 972 -14.17 -8.84 -6.74
N ILE C 973 -14.62 -10.03 -7.13
CA ILE C 973 -15.98 -10.17 -7.65
C ILE C 973 -17.01 -9.82 -6.57
N SER C 974 -16.73 -10.21 -5.33
CA SER C 974 -17.62 -9.92 -4.21
C SER C 974 -16.80 -9.58 -2.98
N SER C 975 -17.38 -8.79 -2.09
CA SER C 975 -16.74 -8.39 -0.85
C SER C 975 -17.07 -9.31 0.32
N VAL C 976 -17.87 -10.35 0.10
CA VAL C 976 -18.25 -11.28 1.15
C VAL C 976 -17.25 -12.43 1.15
N LEU C 977 -16.65 -12.69 2.32
CA LEU C 977 -15.67 -13.77 2.42
C LEU C 977 -16.30 -15.12 2.10
N ASN C 978 -17.49 -15.38 2.64
CA ASN C 978 -18.15 -16.66 2.38
C ASN C 978 -18.45 -16.83 0.90
N ASP C 979 -18.96 -15.79 0.26
CA ASP C 979 -19.33 -15.90 -1.16
C ASP C 979 -18.10 -16.14 -2.03
N ILE C 980 -17.03 -15.38 -1.79
CA ILE C 980 -15.81 -15.54 -2.59
C ILE C 980 -15.20 -16.92 -2.34
N LEU C 981 -15.23 -17.39 -1.09
CA LEU C 981 -14.72 -18.73 -0.80
C LEU C 981 -15.53 -19.84 -1.47
N SER C 982 -16.85 -19.70 -1.49
CA SER C 982 -17.68 -20.75 -2.07
C SER C 982 -17.62 -20.75 -3.59
N ARG C 983 -17.63 -19.56 -4.21
CA ARG C 983 -17.71 -19.46 -5.65
C ARG C 983 -16.39 -19.73 -6.35
N LEU C 984 -15.27 -19.74 -5.63
CA LEU C 984 -13.96 -19.94 -6.24
C LEU C 984 -13.18 -21.01 -5.50
N ASP C 985 -12.35 -21.73 -6.24
CA ASP C 985 -11.51 -22.76 -5.66
C ASP C 985 -10.38 -22.12 -4.85
N PRO C 986 -9.75 -22.87 -3.96
CA PRO C 986 -8.74 -22.29 -3.06
C PRO C 986 -7.64 -21.58 -3.81
N PRO C 987 -7.17 -22.12 -4.95
CA PRO C 987 -6.07 -21.43 -5.66
C PRO C 987 -6.39 -19.99 -6.03
N GLU C 988 -7.63 -19.70 -6.44
CA GLU C 988 -8.02 -18.34 -6.77
C GLU C 988 -8.59 -17.58 -5.57
N ALA C 989 -9.30 -18.28 -4.69
CA ALA C 989 -9.79 -17.64 -3.47
C ALA C 989 -8.64 -17.09 -2.65
N GLU C 990 -7.47 -17.74 -2.71
CA GLU C 990 -6.32 -17.24 -1.96
C GLU C 990 -5.91 -15.86 -2.44
N VAL C 991 -5.78 -15.67 -3.76
CA VAL C 991 -5.37 -14.38 -4.29
C VAL C 991 -6.48 -13.35 -4.07
N GLN C 992 -7.75 -13.76 -4.19
CA GLN C 992 -8.84 -12.82 -3.95
C GLN C 992 -8.82 -12.33 -2.51
N ILE C 993 -8.65 -13.24 -1.55
CA ILE C 993 -8.59 -12.86 -0.15
C ILE C 993 -7.35 -12.03 0.13
N ASP C 994 -6.24 -12.33 -0.55
CA ASP C 994 -5.03 -11.51 -0.38
C ASP C 994 -5.28 -10.08 -0.84
N ARG C 995 -5.95 -9.91 -1.98
CA ARG C 995 -6.27 -8.57 -2.46
C ARG C 995 -7.19 -7.84 -1.49
N LEU C 996 -8.22 -8.54 -1.00
CA LEU C 996 -9.13 -7.92 -0.04
C LEU C 996 -8.39 -7.52 1.23
N ILE C 997 -7.52 -8.39 1.72
CA ILE C 997 -6.74 -8.10 2.93
C ILE C 997 -5.84 -6.89 2.69
N THR C 998 -5.18 -6.83 1.54
CA THR C 998 -4.32 -5.69 1.24
C THR C 998 -5.11 -4.39 1.25
N GLY C 999 -6.26 -4.38 0.58
CA GLY C 999 -7.07 -3.17 0.55
C GLY C 999 -7.54 -2.76 1.93
N ARG C 1000 -8.07 -3.71 2.70
CA ARG C 1000 -8.56 -3.38 4.03
C ARG C 1000 -7.43 -2.92 4.95
N LEU C 1001 -6.26 -3.56 4.85
CA LEU C 1001 -5.13 -3.16 5.66
C LEU C 1001 -4.65 -1.76 5.31
N GLN C 1002 -4.63 -1.44 4.01
CA GLN C 1002 -4.25 -0.08 3.61
C GLN C 1002 -5.24 0.94 4.14
N SER C 1003 -6.53 0.64 4.05
CA SER C 1003 -7.54 1.55 4.60
C SER C 1003 -7.36 1.72 6.11
N LEU C 1004 -7.10 0.62 6.81
CA LEU C 1004 -6.92 0.69 8.26
C LEU C 1004 -5.68 1.50 8.61
N GLN C 1005 -4.60 1.33 7.84
CA GLN C 1005 -3.39 2.11 8.07
C GLN C 1005 -3.64 3.59 7.85
N THR C 1006 -4.38 3.94 6.80
CA THR C 1006 -4.72 5.35 6.57
C THR C 1006 -5.55 5.90 7.73
N TYR C 1007 -6.51 5.11 8.20
CA TYR C 1007 -7.33 5.55 9.33
C TYR C 1007 -6.47 5.77 10.57
N VAL C 1008 -5.53 4.86 10.83
CA VAL C 1008 -4.69 4.99 12.01
C VAL C 1008 -3.76 6.20 11.89
N THR C 1009 -3.25 6.46 10.69
CA THR C 1009 -2.41 7.65 10.50
C THR C 1009 -3.22 8.92 10.75
N GLN C 1010 -4.44 8.99 10.21
CA GLN C 1010 -5.29 10.14 10.47
C GLN C 1010 -5.60 10.28 11.95
N GLN C 1011 -5.86 9.16 12.62
CA GLN C 1011 -6.13 9.20 14.06
C GLN C 1011 -4.92 9.70 14.83
N LEU C 1012 -3.71 9.27 14.42
CA LEU C 1012 -2.50 9.72 15.09
C LEU C 1012 -2.31 11.22 14.91
N ILE C 1013 -2.54 11.73 13.69
CA ILE C 1013 -2.40 13.17 13.47
C ILE C 1013 -3.41 13.94 14.31
N ARG C 1014 -4.67 13.47 14.32
CA ARG C 1014 -5.69 14.13 15.12
C ARG C 1014 -5.36 14.05 16.61
N ALA C 1015 -4.78 12.94 17.06
CA ALA C 1015 -4.39 12.81 18.46
C ALA C 1015 -3.26 13.76 18.81
N ALA C 1016 -2.32 13.97 17.89
CA ALA C 1016 -1.27 14.96 18.13
C ALA C 1016 -1.87 16.36 18.24
N GLU C 1017 -2.81 16.68 17.35
CA GLU C 1017 -3.46 17.99 17.43
C GLU C 1017 -4.21 18.15 18.75
N ILE C 1018 -4.92 17.10 19.17
CA ILE C 1018 -5.67 17.16 20.42
C ILE C 1018 -4.72 17.25 21.61
N ARG C 1019 -3.56 16.60 21.54
CA ARG C 1019 -2.58 16.73 22.61
C ARG C 1019 -2.05 18.15 22.70
N ALA C 1020 -1.78 18.78 21.56
CA ALA C 1020 -1.37 20.18 21.58
C ALA C 1020 -2.46 21.06 22.19
N SER C 1021 -3.72 20.83 21.80
CA SER C 1021 -4.82 21.61 22.36
C SER C 1021 -4.94 21.38 23.87
N ALA C 1022 -4.77 20.14 24.31
CA ALA C 1022 -4.86 19.83 25.73
C ALA C 1022 -3.73 20.47 26.51
N ASN C 1023 -2.52 20.49 25.96
CA ASN C 1023 -1.42 21.17 26.61
C ASN C 1023 -1.69 22.67 26.72
N LEU C 1024 -2.23 23.27 25.66
CA LEU C 1024 -2.58 24.68 25.72
C LEU C 1024 -3.64 24.93 26.79
N ALA C 1025 -4.65 24.06 26.86
CA ALA C 1025 -5.70 24.21 27.87
C ALA C 1025 -5.14 24.07 29.28
N ALA C 1026 -4.23 23.11 29.47
CA ALA C 1026 -3.63 22.92 30.79
C ALA C 1026 -2.81 24.14 31.20
N THR C 1027 -2.03 24.70 30.27
CA THR C 1027 -1.28 25.91 30.58
C THR C 1027 -2.21 27.06 30.89
N LYS C 1028 -3.29 27.19 30.13
CA LYS C 1028 -4.25 28.26 30.36
C LYS C 1028 -4.93 28.13 31.72
N MET C 1029 -5.28 26.91 32.12
CA MET C 1029 -5.85 26.71 33.45
C MET C 1029 -4.82 27.01 34.53
N SER C 1030 -3.57 26.61 34.32
CA SER C 1030 -2.54 26.84 35.32
C SER C 1030 -2.32 28.34 35.51
N GLU C 1031 -2.34 29.11 34.44
CA GLU C 1031 -2.02 30.54 34.53
C GLU C 1031 -3.25 31.38 34.88
N CYS C 1032 -4.29 31.34 34.03
CA CYS C 1032 -5.45 32.21 34.23
C CYS C 1032 -6.21 31.86 35.50
N VAL C 1033 -6.41 30.58 35.78
CA VAL C 1033 -7.25 30.18 36.90
C VAL C 1033 -6.47 30.24 38.21
N LEU C 1034 -5.37 29.48 38.30
CA LEU C 1034 -4.60 29.41 39.52
C LEU C 1034 -3.84 30.69 39.81
N GLY C 1035 -3.79 31.63 38.87
CA GLY C 1035 -3.09 32.89 39.08
C GLY C 1035 -3.61 33.94 38.14
N GLN C 1036 -2.98 35.11 38.21
CA GLN C 1036 -3.30 36.23 37.32
C GLN C 1036 -2.25 36.31 36.23
N SER C 1037 -2.67 36.09 34.99
CA SER C 1037 -1.74 36.07 33.87
C SER C 1037 -1.49 37.48 33.37
N LYS C 1038 -0.21 37.84 33.25
CA LYS C 1038 0.19 39.13 32.71
C LYS C 1038 0.27 39.15 31.19
N ARG C 1039 0.14 37.99 30.54
CA ARG C 1039 0.21 37.95 29.09
C ARG C 1039 -1.00 38.65 28.47
N VAL C 1040 -0.79 39.18 27.27
CA VAL C 1040 -1.80 39.96 26.57
C VAL C 1040 -2.58 39.04 25.63
N ASP C 1041 -3.90 39.10 25.70
CA ASP C 1041 -4.79 38.32 24.85
C ASP C 1041 -4.62 36.82 25.03
N PHE C 1042 -4.08 36.41 26.19
CA PHE C 1042 -3.97 34.99 26.50
C PHE C 1042 -5.22 34.49 27.23
N CYS C 1043 -5.54 35.11 28.36
CA CYS C 1043 -6.77 34.81 29.10
C CYS C 1043 -7.87 35.80 28.72
N GLY C 1044 -8.17 35.85 27.43
CA GLY C 1044 -9.18 36.75 26.92
C GLY C 1044 -8.66 38.15 26.67
N LYS C 1045 -9.33 38.90 25.79
CA LYS C 1045 -8.91 40.26 25.50
C LYS C 1045 -9.23 41.18 26.67
N GLY C 1046 -8.34 42.13 26.93
CA GLY C 1046 -8.47 43.02 28.06
C GLY C 1046 -7.58 42.61 29.22
N TYR C 1047 -7.55 43.47 30.23
CA TYR C 1047 -6.71 43.23 31.41
C TYR C 1047 -7.31 42.07 32.20
N HIS C 1048 -6.70 40.90 32.09
CA HIS C 1048 -7.26 39.71 32.73
C HIS C 1048 -7.28 39.88 34.25
N LEU C 1049 -8.35 39.38 34.88
CA LEU C 1049 -8.49 39.39 36.33
C LEU C 1049 -8.55 37.99 36.93
N MET C 1050 -9.36 37.11 36.34
CA MET C 1050 -9.50 35.74 36.85
C MET C 1050 -10.35 34.97 35.85
N SER C 1051 -10.34 33.65 35.97
CA SER C 1051 -11.07 32.76 35.07
C SER C 1051 -11.80 31.70 35.87
N PHE C 1052 -12.87 31.18 35.28
CA PHE C 1052 -13.71 30.17 35.90
C PHE C 1052 -13.85 28.95 35.00
N PRO C 1053 -13.10 27.88 35.25
CA PRO C 1053 -13.17 26.70 34.35
C PRO C 1053 -14.53 26.01 34.45
N GLN C 1054 -14.92 25.40 33.34
CA GLN C 1054 -16.16 24.63 33.27
C GLN C 1054 -15.93 23.42 32.39
N SER C 1055 -16.51 22.29 32.77
CA SER C 1055 -16.39 21.08 31.96
C SER C 1055 -17.36 21.12 30.79
N ALA C 1056 -17.08 20.31 29.78
CA ALA C 1056 -17.97 20.13 28.65
C ALA C 1056 -17.63 18.81 28.00
N PRO C 1057 -18.56 18.20 27.26
CA PRO C 1057 -18.25 16.90 26.64
C PRO C 1057 -16.95 16.96 25.84
N HIS C 1058 -15.94 16.25 26.34
CA HIS C 1058 -14.64 16.19 25.68
C HIS C 1058 -14.07 17.58 25.43
N GLY C 1059 -14.15 18.44 26.44
CA GLY C 1059 -13.60 19.78 26.30
C GLY C 1059 -13.77 20.58 27.57
N VAL C 1060 -13.14 21.76 27.55
CA VAL C 1060 -13.18 22.70 28.67
C VAL C 1060 -13.62 24.07 28.15
N VAL C 1061 -14.21 24.85 29.05
CA VAL C 1061 -14.67 26.19 28.73
C VAL C 1061 -14.11 27.14 29.77
N PHE C 1062 -13.50 28.24 29.32
CA PHE C 1062 -12.93 29.23 30.21
C PHE C 1062 -13.75 30.52 30.09
N LEU C 1063 -14.20 31.01 31.24
CA LEU C 1063 -14.95 32.28 31.31
C LEU C 1063 -13.98 33.34 31.82
N HIS C 1064 -13.21 33.91 30.89
CA HIS C 1064 -12.18 34.88 31.25
C HIS C 1064 -12.84 36.21 31.62
N VAL C 1065 -12.52 36.71 32.81
CA VAL C 1065 -12.99 38.01 33.27
C VAL C 1065 -11.90 39.03 32.97
N THR C 1066 -12.28 40.13 32.32
CA THR C 1066 -11.31 41.12 31.89
C THR C 1066 -11.82 42.53 32.19
N TYR C 1067 -10.97 43.31 32.85
CA TYR C 1067 -11.17 44.74 32.98
C TYR C 1067 -10.86 45.41 31.64
N VAL C 1068 -11.77 46.27 31.18
CA VAL C 1068 -11.64 46.95 29.90
C VAL C 1068 -11.99 48.42 30.09
N PRO C 1069 -11.13 49.36 29.72
CA PRO C 1069 -11.51 50.77 29.78
C PRO C 1069 -12.71 51.05 28.89
N ALA C 1070 -13.56 51.97 29.36
CA ALA C 1070 -14.82 52.29 28.68
C ALA C 1070 -14.84 53.70 28.12
N GLN C 1071 -14.60 54.71 28.94
CA GLN C 1071 -14.73 56.10 28.54
C GLN C 1071 -13.35 56.76 28.51
N GLU C 1072 -13.08 57.50 27.43
CA GLU C 1072 -11.80 58.18 27.26
C GLU C 1072 -11.98 59.68 27.46
N LYS C 1073 -10.86 60.40 27.48
CA LYS C 1073 -10.89 61.85 27.66
C LYS C 1073 -9.63 62.64 27.28
N ASN C 1074 -9.79 63.72 26.54
CA ASN C 1074 -8.65 64.55 26.18
C ASN C 1074 -7.93 65.04 27.43
N PHE C 1075 -6.60 65.01 27.40
CA PHE C 1075 -5.82 65.60 28.47
C PHE C 1075 -4.48 66.07 27.93
N THR C 1076 -3.95 67.14 28.53
CA THR C 1076 -2.64 67.66 28.18
C THR C 1076 -1.63 67.11 29.18
N THR C 1077 -0.62 66.42 28.67
CA THR C 1077 0.36 65.72 29.50
C THR C 1077 1.75 66.31 29.27
N ALA C 1078 2.56 66.27 30.32
CA ALA C 1078 3.94 66.72 30.25
C ALA C 1078 4.86 65.66 30.83
N PRO C 1079 6.03 65.45 30.23
CA PRO C 1079 6.94 64.41 30.76
C PRO C 1079 7.38 64.66 32.19
N ALA C 1080 7.53 65.93 32.58
CA ALA C 1080 8.00 66.27 33.92
C ALA C 1080 7.54 67.69 34.22
N ILE C 1081 7.91 68.17 35.41
CA ILE C 1081 7.48 69.47 35.90
C ILE C 1081 8.67 70.20 36.52
N CYS C 1082 8.75 71.50 36.28
CA CYS C 1082 9.76 72.35 36.89
C CYS C 1082 9.17 73.05 38.11
N HIS C 1083 9.84 72.90 39.26
CA HIS C 1083 9.45 73.60 40.48
C HIS C 1083 10.51 74.55 40.97
N ASP C 1084 11.75 74.08 41.14
CA ASP C 1084 12.86 74.92 41.56
C ASP C 1084 14.11 74.58 40.77
N GLY C 1085 13.94 74.38 39.45
CA GLY C 1085 15.05 74.03 38.59
C GLY C 1085 15.41 72.56 38.57
N LYS C 1086 14.68 71.71 39.28
CA LYS C 1086 14.93 70.28 39.33
C LYS C 1086 13.76 69.56 38.68
N ALA C 1087 14.07 68.58 37.83
CA ALA C 1087 13.01 67.84 37.14
C ALA C 1087 12.22 67.00 38.14
N HIS C 1088 10.92 66.88 37.89
CA HIS C 1088 10.04 66.07 38.72
C HIS C 1088 9.33 65.04 37.86
N PHE C 1089 9.35 63.78 38.29
CA PHE C 1089 8.71 62.71 37.54
C PHE C 1089 7.79 61.92 38.45
N PRO C 1090 6.62 61.50 37.97
CA PRO C 1090 5.69 60.79 38.85
C PRO C 1090 6.24 59.44 39.28
N ARG C 1091 6.08 59.11 40.56
CA ARG C 1091 6.52 57.82 41.05
C ARG C 1091 5.73 56.69 40.38
N GLU C 1092 4.42 56.86 40.27
CA GLU C 1092 3.57 55.89 39.57
C GLU C 1092 2.34 56.65 39.08
N GLY C 1093 2.34 56.99 37.81
CA GLY C 1093 1.25 57.75 37.23
C GLY C 1093 1.74 58.57 36.05
N VAL C 1094 0.97 59.59 35.72
CA VAL C 1094 1.28 60.48 34.59
C VAL C 1094 0.64 61.83 34.85
N PHE C 1095 1.27 62.88 34.33
CA PHE C 1095 0.73 64.22 34.44
C PHE C 1095 -0.37 64.55 33.45
N VAL C 1096 -1.44 65.18 33.95
CA VAL C 1096 -2.57 65.61 33.14
C VAL C 1096 -2.94 67.03 33.52
N SER C 1097 -3.67 67.69 32.63
CA SER C 1097 -4.13 69.06 32.85
C SER C 1097 -5.51 69.23 32.26
N ASN C 1098 -6.45 69.71 33.08
CA ASN C 1098 -7.79 70.02 32.62
C ASN C 1098 -7.90 71.47 32.16
N GLY C 1099 -7.02 71.86 31.25
CA GLY C 1099 -7.00 73.21 30.74
C GLY C 1099 -6.06 74.12 31.51
N THR C 1100 -6.29 74.28 32.81
CA THR C 1100 -5.52 75.20 33.64
C THR C 1100 -4.69 74.47 34.70
N HIS C 1101 -5.33 73.65 35.52
CA HIS C 1101 -4.62 73.01 36.63
C HIS C 1101 -3.86 71.78 36.14
N TRP C 1102 -2.92 71.32 36.98
CA TRP C 1102 -2.11 70.15 36.70
C TRP C 1102 -2.26 69.15 37.82
N PHE C 1103 -2.38 67.87 37.46
CA PHE C 1103 -2.53 66.79 38.42
C PHE C 1103 -1.74 65.58 37.96
N VAL C 1104 -1.57 64.63 38.86
CA VAL C 1104 -0.94 63.34 38.57
C VAL C 1104 -1.99 62.25 38.78
N THR C 1105 -2.17 61.39 37.78
CA THR C 1105 -3.24 60.41 37.79
C THR C 1105 -2.71 59.05 37.36
N GLN C 1106 -3.50 58.02 37.66
CA GLN C 1106 -3.11 56.65 37.32
C GLN C 1106 -3.16 56.44 35.81
N ARG C 1107 -2.50 55.37 35.37
CA ARG C 1107 -2.43 55.07 33.94
C ARG C 1107 -3.73 54.52 33.33
N ASN C 1108 -4.55 53.85 34.14
CA ASN C 1108 -5.76 53.19 33.64
C ASN C 1108 -7.02 53.71 34.29
N PHE C 1109 -6.96 54.84 35.02
CA PHE C 1109 -8.14 55.41 35.65
C PHE C 1109 -7.86 56.87 35.95
N TYR C 1110 -8.84 57.72 35.70
CA TYR C 1110 -8.68 59.17 35.90
C TYR C 1110 -9.06 59.50 37.35
N GLU C 1111 -8.04 59.59 38.21
CA GLU C 1111 -8.21 59.98 39.61
C GLU C 1111 -7.21 61.09 39.89
N PRO C 1112 -7.48 62.31 39.42
CA PRO C 1112 -6.49 63.39 39.59
C PRO C 1112 -6.20 63.66 41.05
N GLN C 1113 -4.94 63.98 41.33
CA GLN C 1113 -4.50 64.30 42.69
C GLN C 1113 -3.54 65.48 42.63
N ILE C 1114 -3.51 66.25 43.72
CA ILE C 1114 -2.64 67.41 43.78
C ILE C 1114 -1.19 66.95 43.70
N ILE C 1115 -0.36 67.76 43.04
CA ILE C 1115 1.06 67.43 42.87
C ILE C 1115 1.78 67.73 44.18
N THR C 1116 2.44 66.72 44.73
CA THR C 1116 3.17 66.85 45.98
C THR C 1116 4.46 66.05 45.89
N THR C 1117 5.38 66.33 46.81
CA THR C 1117 6.65 65.61 46.83
C THR C 1117 6.44 64.12 46.98
N ASP C 1118 5.35 63.70 47.64
CA ASP C 1118 5.08 62.27 47.79
C ASP C 1118 4.75 61.64 46.44
N ASN C 1119 4.00 62.35 45.59
CA ASN C 1119 3.56 61.76 44.33
C ASN C 1119 4.69 61.67 43.30
N THR C 1120 5.66 62.59 43.37
CA THR C 1120 6.70 62.68 42.37
C THR C 1120 8.07 62.67 43.04
N PHE C 1121 9.07 62.22 42.28
CA PHE C 1121 10.46 62.21 42.73
C PHE C 1121 11.29 63.16 41.88
N VAL C 1122 12.31 63.74 42.50
CA VAL C 1122 13.12 64.77 41.88
C VAL C 1122 14.30 64.14 41.17
N SER C 1123 14.86 64.88 40.21
CA SER C 1123 16.00 64.42 39.43
C SER C 1123 16.70 65.63 38.83
N GLY C 1124 18.00 65.75 39.11
CA GLY C 1124 18.87 66.73 38.48
C GLY C 1124 18.25 68.09 38.27
N ASN C 1125 18.55 68.68 37.11
CA ASN C 1125 17.99 69.96 36.71
C ASN C 1125 17.05 69.86 35.50
N CYS C 1126 15.99 70.67 35.51
CA CYS C 1126 14.93 70.56 34.50
C CYS C 1126 15.13 71.52 33.34
N ASP C 1127 16.37 71.90 33.03
CA ASP C 1127 16.68 72.72 31.88
C ASP C 1127 17.20 71.91 30.70
N VAL C 1128 17.11 70.58 30.79
CA VAL C 1128 17.58 69.71 29.71
C VAL C 1128 16.50 68.79 29.17
N VAL C 1129 15.43 68.53 29.91
CA VAL C 1129 14.35 67.65 29.43
C VAL C 1129 13.53 68.39 28.39
N ILE C 1130 13.06 67.66 27.39
CA ILE C 1130 12.27 68.22 26.30
C ILE C 1130 10.80 68.03 26.63
N GLY C 1131 10.03 69.12 26.56
CA GLY C 1131 8.60 69.07 26.81
C GLY C 1131 8.17 69.43 28.21
N ILE C 1132 9.11 69.68 29.12
CA ILE C 1132 8.74 70.03 30.48
C ILE C 1132 8.00 71.36 30.50
N VAL C 1133 7.14 71.53 31.51
CA VAL C 1133 6.30 72.71 31.65
C VAL C 1133 6.55 73.33 33.01
N ASN C 1134 6.75 74.65 33.04
CA ASN C 1134 6.94 75.36 34.29
C ASN C 1134 5.64 75.41 35.09
N ASN C 1135 5.66 74.87 36.30
CA ASN C 1135 4.48 74.82 37.15
C ASN C 1135 4.86 75.16 38.58
N THR C 1136 3.88 75.65 39.34
CA THR C 1136 4.06 76.00 40.74
C THR C 1136 3.39 74.95 41.62
N VAL C 1137 4.12 74.47 42.61
CA VAL C 1137 3.62 73.46 43.54
C VAL C 1137 3.36 74.14 44.87
N TYR C 1138 2.11 74.06 45.34
CA TYR C 1138 1.75 74.68 46.60
C TYR C 1138 2.41 73.95 47.77
N ASP C 1139 2.48 74.64 48.91
CA ASP C 1139 3.12 74.08 50.10
C ASP C 1139 2.04 73.67 51.10
N PRO C 1140 1.78 72.37 51.29
CA PRO C 1140 0.79 71.96 52.29
C PRO C 1140 1.19 72.28 53.71
N LEU C 1141 2.47 72.59 53.97
CA LEU C 1141 2.93 72.82 55.33
C LEU C 1141 2.52 74.19 55.85
N GLN C 1142 2.31 75.17 54.97
CA GLN C 1142 2.01 76.52 55.44
C GLN C 1142 0.76 76.66 56.30
N PRO C 1143 -0.40 76.05 56.00
CA PRO C 1143 -1.54 76.22 56.92
C PRO C 1143 -1.25 75.75 58.33
N GLU C 1144 -0.49 74.66 58.49
CA GLU C 1144 -0.12 74.20 59.81
C GLU C 1144 0.96 75.07 60.43
N LEU C 1145 1.82 75.67 59.60
CA LEU C 1145 2.89 76.52 60.13
C LEU C 1145 2.44 77.81 60.80
N ASP C 1146 1.18 78.20 60.64
CA ASP C 1146 0.70 79.42 61.27
C ASP C 1146 0.75 79.41 62.79
N SER C 1147 0.73 78.23 63.40
CA SER C 1147 0.78 78.13 64.86
C SER C 1147 2.04 77.66 65.59
N GLN D 1 -27.34 -42.90 -31.13
CA GLN D 1 -25.87 -42.98 -31.39
C GLN D 1 -25.13 -41.94 -30.56
N VAL D 2 -24.56 -42.37 -29.45
CA VAL D 2 -23.80 -41.51 -28.54
C VAL D 2 -22.39 -42.07 -28.43
N GLN D 3 -21.39 -41.21 -28.61
CA GLN D 3 -20.00 -41.62 -28.59
C GLN D 3 -19.44 -41.47 -27.18
N LEU D 4 -18.88 -42.56 -26.66
CA LEU D 4 -18.24 -42.56 -25.35
C LEU D 4 -16.83 -43.12 -25.48
N VAL D 5 -15.95 -42.70 -24.56
CA VAL D 5 -14.56 -43.08 -24.57
C VAL D 5 -14.33 -44.11 -23.48
N GLU D 6 -13.86 -45.30 -23.87
CA GLU D 6 -13.58 -46.39 -22.94
C GLU D 6 -12.12 -46.80 -23.11
N SER D 7 -11.41 -46.90 -22.00
CA SER D 7 -9.99 -47.28 -22.00
C SER D 7 -9.74 -48.32 -20.92
N GLY D 8 -8.75 -49.17 -21.18
CA GLY D 8 -8.38 -50.22 -20.25
C GLY D 8 -8.66 -51.61 -20.79
N GLY D 9 -8.90 -52.56 -19.89
CA GLY D 9 -9.21 -53.92 -20.33
C GLY D 9 -8.06 -54.52 -21.11
N GLY D 10 -8.40 -55.15 -22.23
CA GLY D 10 -7.41 -55.81 -23.05
C GLY D 10 -7.13 -57.23 -22.58
N LEU D 11 -5.98 -57.74 -23.01
CA LEU D 11 -5.53 -59.08 -22.65
C LEU D 11 -4.51 -58.96 -21.53
N VAL D 12 -4.75 -59.69 -20.43
CA VAL D 12 -3.90 -59.62 -19.25
C VAL D 12 -3.62 -61.02 -18.75
N GLN D 13 -2.53 -61.16 -18.01
CA GLN D 13 -2.16 -62.43 -17.40
C GLN D 13 -2.93 -62.63 -16.09
N ALA D 14 -2.95 -63.88 -15.64
CA ALA D 14 -3.65 -64.20 -14.39
C ALA D 14 -2.94 -63.57 -13.21
N GLY D 15 -3.73 -63.11 -12.24
CA GLY D 15 -3.20 -62.52 -11.03
C GLY D 15 -2.82 -61.06 -11.14
N GLY D 16 -3.05 -60.43 -12.29
CA GLY D 16 -2.69 -59.03 -12.47
C GLY D 16 -3.78 -58.10 -11.98
N SER D 17 -3.55 -56.80 -12.24
CA SER D 17 -4.48 -55.74 -11.88
C SER D 17 -4.95 -55.03 -13.13
N LEU D 18 -6.21 -54.59 -13.12
CA LEU D 18 -6.83 -53.95 -14.27
C LEU D 18 -7.50 -52.66 -13.86
N ARG D 19 -7.56 -51.72 -14.80
CA ARG D 19 -8.22 -50.44 -14.61
C ARG D 19 -9.05 -50.15 -15.85
N LEU D 20 -10.32 -49.80 -15.66
CA LEU D 20 -11.25 -49.49 -16.75
C LEU D 20 -11.80 -48.10 -16.52
N SER D 21 -11.60 -47.22 -17.50
CA SER D 21 -12.07 -45.83 -17.43
C SER D 21 -13.10 -45.59 -18.52
N CYS D 22 -14.21 -44.97 -18.14
CA CYS D 22 -15.30 -44.66 -19.07
C CYS D 22 -15.69 -43.20 -18.92
N ALA D 23 -15.80 -42.51 -20.05
CA ALA D 23 -16.21 -41.11 -20.08
C ALA D 23 -17.25 -40.90 -21.17
N ALA D 24 -18.17 -39.98 -20.91
CA ALA D 24 -19.25 -39.68 -21.84
C ALA D 24 -19.41 -38.17 -21.97
N ALA D 25 -19.98 -37.75 -23.11
CA ALA D 25 -20.19 -36.33 -23.34
C ALA D 25 -21.11 -35.72 -22.28
N ALA D 26 -22.02 -36.51 -21.74
CA ALA D 26 -22.93 -36.04 -20.70
C ALA D 26 -22.26 -36.15 -19.34
N ARG D 27 -22.25 -35.05 -18.59
CA ARG D 27 -21.60 -35.04 -17.29
C ARG D 27 -22.31 -35.99 -16.33
N PHE D 28 -21.54 -36.59 -15.44
CA PHE D 28 -22.06 -37.53 -14.46
C PHE D 28 -22.43 -36.86 -13.14
N SER D 29 -22.31 -35.54 -13.05
CA SER D 29 -22.65 -34.84 -11.81
C SER D 29 -24.11 -35.03 -11.45
N THR D 30 -24.97 -35.25 -12.44
CA THR D 30 -26.40 -35.45 -12.22
C THR D 30 -26.87 -36.87 -12.50
N SER D 31 -26.05 -37.70 -13.13
CA SER D 31 -26.43 -39.04 -13.52
C SER D 31 -25.52 -40.06 -12.83
N ALA D 32 -26.13 -41.07 -12.22
CA ALA D 32 -25.36 -42.17 -11.64
C ALA D 32 -24.76 -43.04 -12.74
N MET D 33 -23.70 -43.76 -12.38
CA MET D 33 -22.99 -44.62 -13.31
C MET D 33 -23.07 -46.07 -12.84
N GLY D 34 -22.96 -46.99 -13.79
CA GLY D 34 -22.97 -48.40 -13.47
C GLY D 34 -22.08 -49.17 -14.42
N TRP D 35 -21.55 -50.28 -13.92
CA TRP D 35 -20.70 -51.17 -14.71
C TRP D 35 -21.34 -52.54 -14.74
N PHE D 36 -21.50 -53.09 -15.95
CA PHE D 36 -22.06 -54.42 -16.16
C PHE D 36 -21.08 -55.24 -16.97
N ARG D 37 -21.18 -56.56 -16.83
CA ARG D 37 -20.32 -57.49 -17.55
C ARG D 37 -21.17 -58.48 -18.32
N GLN D 38 -20.82 -58.69 -19.59
CA GLN D 38 -21.48 -59.67 -20.45
C GLN D 38 -20.46 -60.75 -20.81
N ALA D 39 -20.80 -61.99 -20.52
CA ALA D 39 -19.92 -63.13 -20.78
C ALA D 39 -20.75 -64.25 -21.39
N PRO D 40 -20.11 -65.17 -22.11
CA PRO D 40 -20.87 -66.29 -22.69
C PRO D 40 -21.57 -67.10 -21.61
N GLY D 41 -22.79 -67.54 -21.92
CA GLY D 41 -23.57 -68.33 -21.01
C GLY D 41 -24.32 -67.54 -19.96
N LYS D 42 -24.19 -66.21 -19.94
CA LYS D 42 -24.89 -65.36 -18.99
C LYS D 42 -25.44 -64.14 -19.71
N GLU D 43 -26.57 -63.65 -19.20
CA GLU D 43 -27.21 -62.47 -19.77
C GLU D 43 -26.71 -61.23 -19.03
N ARG D 44 -27.36 -60.08 -19.28
CA ARG D 44 -26.99 -58.84 -18.62
C ARG D 44 -27.09 -59.02 -17.11
N GLU D 45 -25.95 -58.89 -16.43
CA GLU D 45 -25.87 -59.08 -14.98
C GLU D 45 -25.23 -57.87 -14.33
N PHE D 46 -25.80 -57.44 -13.21
CA PHE D 46 -25.27 -56.29 -12.48
C PHE D 46 -23.90 -56.61 -11.89
N VAL D 47 -23.00 -55.63 -11.95
CA VAL D 47 -21.66 -55.80 -11.39
C VAL D 47 -21.39 -54.70 -10.36
N ALA D 48 -21.47 -53.45 -10.78
CA ALA D 48 -21.16 -52.34 -9.87
C ALA D 48 -22.04 -51.13 -10.19
N ALA D 49 -22.24 -50.30 -9.18
CA ALA D 49 -23.03 -49.08 -9.34
C ALA D 49 -22.50 -48.00 -8.39
N ILE D 50 -22.40 -46.78 -8.92
CA ILE D 50 -21.94 -45.62 -8.15
C ILE D 50 -22.92 -44.48 -8.40
N SER D 51 -23.23 -43.74 -7.34
CA SER D 51 -24.13 -42.61 -7.44
C SER D 51 -23.41 -41.39 -8.02
N TRP D 52 -24.18 -40.33 -8.26
CA TRP D 52 -23.59 -39.11 -8.80
C TRP D 52 -22.57 -38.50 -7.84
N SER D 53 -22.88 -38.50 -6.55
CA SER D 53 -21.99 -37.94 -5.54
C SER D 53 -21.06 -38.97 -4.91
N ASN D 54 -21.10 -40.21 -5.39
CA ASN D 54 -20.28 -41.32 -4.88
C ASN D 54 -20.67 -41.72 -3.46
N THR D 55 -21.76 -41.17 -2.92
CA THR D 55 -22.18 -41.53 -1.57
C THR D 55 -22.67 -42.97 -1.47
N ASN D 56 -23.24 -43.51 -2.54
CA ASN D 56 -23.77 -44.86 -2.56
C ASN D 56 -22.92 -45.73 -3.48
N THR D 57 -22.41 -46.84 -2.96
CA THR D 57 -21.60 -47.78 -3.72
C THR D 57 -22.23 -49.16 -3.60
N HIS D 58 -22.42 -49.83 -4.74
CA HIS D 58 -22.98 -51.17 -4.78
C HIS D 58 -22.07 -52.06 -5.60
N TYR D 59 -21.73 -53.23 -5.06
CA TYR D 59 -20.89 -54.20 -5.76
C TYR D 59 -21.49 -55.59 -5.59
N ALA D 60 -21.26 -56.43 -6.59
CA ALA D 60 -21.74 -57.81 -6.52
C ALA D 60 -20.99 -58.57 -5.44
N ASP D 61 -21.69 -59.52 -4.82
CA ASP D 61 -21.09 -60.30 -3.73
C ASP D 61 -19.90 -61.11 -4.19
N THR D 62 -19.80 -61.42 -5.48
CA THR D 62 -18.71 -62.23 -6.02
C THR D 62 -17.47 -61.40 -6.35
N VAL D 63 -17.55 -60.08 -6.27
CA VAL D 63 -16.43 -59.20 -6.58
C VAL D 63 -16.10 -58.25 -5.44
N LYS D 64 -16.82 -58.33 -4.32
CA LYS D 64 -16.55 -57.43 -3.20
C LYS D 64 -15.17 -57.69 -2.62
N GLY D 65 -14.54 -56.61 -2.14
CA GLY D 65 -13.23 -56.69 -1.52
C GLY D 65 -12.07 -56.58 -2.47
N ARG D 66 -12.32 -56.50 -3.79
CA ARG D 66 -11.25 -56.39 -4.77
C ARG D 66 -11.51 -55.32 -5.83
N PHE D 67 -12.73 -54.79 -5.95
CA PHE D 67 -13.08 -53.78 -6.93
C PHE D 67 -13.33 -52.47 -6.21
N THR D 68 -12.75 -51.38 -6.72
CA THR D 68 -12.99 -50.05 -6.20
C THR D 68 -13.27 -49.09 -7.35
N ILE D 69 -14.33 -48.30 -7.21
CA ILE D 69 -14.81 -47.41 -8.27
C ILE D 69 -14.74 -45.98 -7.76
N SER D 70 -14.26 -45.08 -8.61
CA SER D 70 -14.18 -43.66 -8.29
C SER D 70 -14.68 -42.85 -9.49
N ALA D 71 -15.12 -41.63 -9.22
CA ALA D 71 -15.63 -40.72 -10.23
C ALA D 71 -14.78 -39.45 -10.21
N ASP D 72 -14.03 -39.22 -11.28
CA ASP D 72 -13.18 -38.04 -11.41
C ASP D 72 -13.98 -36.95 -12.10
N THR D 73 -14.35 -35.91 -11.35
CA THR D 73 -15.10 -34.80 -11.93
C THR D 73 -14.21 -33.96 -12.83
N ALA D 74 -12.94 -33.78 -12.47
CA ALA D 74 -12.04 -33.01 -13.31
C ALA D 74 -11.87 -33.66 -14.68
N LYS D 75 -11.72 -34.99 -14.71
CA LYS D 75 -11.68 -35.72 -15.96
C LYS D 75 -13.07 -36.10 -16.46
N GLU D 76 -14.11 -35.88 -15.67
CA GLU D 76 -15.48 -36.20 -16.05
C GLU D 76 -15.60 -37.66 -16.49
N THR D 77 -14.97 -38.54 -15.72
CA THR D 77 -14.92 -39.96 -16.07
C THR D 77 -15.16 -40.79 -14.82
N VAL D 78 -15.33 -42.09 -15.02
CA VAL D 78 -15.48 -43.06 -13.94
C VAL D 78 -14.44 -44.16 -14.15
N ASP D 79 -13.67 -44.45 -13.10
CA ASP D 79 -12.59 -45.41 -13.16
C ASP D 79 -12.83 -46.53 -12.14
N LEU D 80 -12.83 -47.77 -12.62
CA LEU D 80 -12.98 -48.96 -11.78
C LEU D 80 -11.68 -49.75 -11.84
N GLN D 81 -11.08 -49.99 -10.68
CA GLN D 81 -9.81 -50.70 -10.60
C GLN D 81 -9.98 -51.95 -9.75
N MET D 82 -9.36 -53.04 -10.20
CA MET D 82 -9.42 -54.31 -9.50
C MET D 82 -8.05 -54.98 -9.51
N ASN D 83 -7.80 -55.81 -8.50
CA ASN D 83 -6.57 -56.57 -8.39
C ASN D 83 -6.93 -58.04 -8.14
N SER D 84 -5.91 -58.89 -8.20
CA SER D 84 -6.09 -60.33 -8.04
C SER D 84 -7.10 -60.85 -9.07
N LEU D 85 -6.79 -60.61 -10.33
CA LEU D 85 -7.70 -60.95 -11.41
C LEU D 85 -7.87 -62.46 -11.51
N LYS D 86 -9.03 -62.87 -11.99
CA LYS D 86 -9.41 -64.27 -12.14
C LYS D 86 -9.92 -64.51 -13.56
N PRO D 87 -9.88 -65.76 -14.03
CA PRO D 87 -10.35 -66.02 -15.39
C PRO D 87 -11.79 -65.63 -15.62
N GLU D 88 -12.64 -65.66 -14.59
CA GLU D 88 -14.04 -65.31 -14.74
C GLU D 88 -14.23 -63.87 -15.19
N ASP D 89 -13.23 -63.01 -14.98
CA ASP D 89 -13.34 -61.61 -15.37
C ASP D 89 -13.31 -61.43 -16.88
N THR D 90 -12.97 -62.46 -17.64
CA THR D 90 -12.96 -62.36 -19.10
C THR D 90 -14.38 -62.12 -19.60
N ALA D 91 -14.65 -60.91 -20.08
CA ALA D 91 -16.00 -60.53 -20.49
C ALA D 91 -15.93 -59.14 -21.12
N VAL D 92 -17.08 -58.66 -21.59
CA VAL D 92 -17.21 -57.32 -22.14
C VAL D 92 -17.84 -56.45 -21.06
N TYR D 93 -17.13 -55.39 -20.66
CA TYR D 93 -17.58 -54.48 -19.62
C TYR D 93 -18.23 -53.27 -20.27
N TYR D 94 -19.46 -52.97 -19.86
CA TYR D 94 -20.23 -51.84 -20.36
C TYR D 94 -20.47 -50.85 -19.23
N CYS D 95 -20.25 -49.56 -19.53
CA CYS D 95 -20.55 -48.48 -18.60
C CYS D 95 -21.84 -47.81 -19.01
N VAL D 96 -22.78 -47.72 -18.07
CA VAL D 96 -24.13 -47.23 -18.32
C VAL D 96 -24.37 -46.00 -17.46
N GLN D 97 -25.06 -45.02 -18.04
CA GLN D 97 -25.39 -43.76 -17.38
C GLN D 97 -26.89 -43.68 -17.15
N GLY D 98 -27.28 -43.21 -15.96
CA GLY D 98 -28.69 -43.10 -15.65
C GLY D 98 -28.96 -42.36 -14.36
N GLY D 99 -29.91 -42.88 -13.57
CA GLY D 99 -30.27 -42.25 -12.31
C GLY D 99 -30.54 -43.29 -11.25
N TRP D 100 -30.53 -42.82 -10.00
CA TRP D 100 -30.76 -43.72 -8.87
C TRP D 100 -32.17 -44.30 -8.94
N GLY D 101 -32.29 -45.59 -8.59
CA GLY D 101 -33.55 -46.28 -8.61
C GLY D 101 -33.90 -46.89 -7.28
N ILE D 102 -35.10 -46.58 -6.77
CA ILE D 102 -35.53 -47.15 -5.50
C ILE D 102 -35.74 -48.65 -5.62
N ARG D 103 -36.32 -49.09 -6.73
CA ARG D 103 -36.59 -50.52 -6.92
C ARG D 103 -35.33 -51.28 -7.31
N GLN D 104 -34.74 -50.93 -8.44
CA GLN D 104 -33.53 -51.60 -8.92
C GLN D 104 -32.30 -50.88 -8.41
N PRO D 105 -31.15 -51.57 -8.36
CA PRO D 105 -29.92 -50.89 -7.91
C PRO D 105 -29.58 -49.66 -8.72
N ILE D 106 -29.83 -49.70 -10.03
CA ILE D 106 -29.56 -48.56 -10.91
C ILE D 106 -30.34 -48.76 -12.20
N ILE D 107 -30.83 -47.67 -12.76
CA ILE D 107 -31.62 -47.69 -13.99
C ILE D 107 -30.68 -47.38 -15.15
N VAL D 108 -30.68 -48.25 -16.16
CA VAL D 108 -29.84 -48.07 -17.34
C VAL D 108 -30.60 -47.23 -18.35
N ASP D 109 -30.04 -46.06 -18.68
CA ASP D 109 -30.62 -45.15 -19.66
C ASP D 109 -29.76 -45.00 -20.90
N TYR D 110 -28.50 -44.64 -20.74
CA TYR D 110 -27.56 -44.49 -21.85
C TYR D 110 -26.53 -45.61 -21.77
N TRP D 111 -26.42 -46.40 -22.83
CA TRP D 111 -25.47 -47.51 -22.86
C TRP D 111 -24.10 -47.01 -23.30
N GLY D 112 -23.12 -47.91 -23.30
CA GLY D 112 -21.77 -47.57 -23.69
C GLY D 112 -21.24 -48.54 -24.73
N LYS D 113 -20.16 -48.11 -25.39
CA LYS D 113 -19.54 -48.95 -26.42
C LYS D 113 -19.05 -50.27 -25.84
N GLY D 114 -18.42 -50.22 -24.67
CA GLY D 114 -17.93 -51.41 -24.01
C GLY D 114 -16.47 -51.71 -24.34
N THR D 115 -15.83 -52.42 -23.42
CA THR D 115 -14.43 -52.80 -23.56
C THR D 115 -14.26 -54.28 -23.24
N GLN D 116 -13.49 -54.98 -24.08
CA GLN D 116 -13.26 -56.40 -23.89
C GLN D 116 -12.11 -56.63 -22.91
N VAL D 117 -12.27 -57.65 -22.06
CA VAL D 117 -11.24 -58.05 -21.10
C VAL D 117 -11.05 -59.55 -21.24
N THR D 118 -9.79 -59.97 -21.35
CA THR D 118 -9.45 -61.38 -21.50
C THR D 118 -8.29 -61.72 -20.57
N VAL D 119 -8.32 -62.95 -20.05
CA VAL D 119 -7.32 -63.45 -19.12
C VAL D 119 -6.63 -64.64 -19.77
N SER D 120 -5.31 -64.60 -19.80
CA SER D 120 -4.50 -65.66 -20.40
C SER D 120 -3.79 -66.43 -19.29
N SER D 121 -3.89 -67.76 -19.35
CA SER D 121 -3.26 -68.62 -18.36
C SER D 121 -1.74 -68.59 -18.50
N GLN E 1 8.82 -49.46 -21.96
CA GLN E 1 8.33 -48.52 -23.00
C GLN E 1 8.43 -47.07 -22.53
N VAL E 2 9.23 -46.28 -23.23
CA VAL E 2 9.43 -44.87 -22.92
C VAL E 2 9.01 -44.06 -24.14
N GLN E 3 8.14 -43.09 -23.93
CA GLN E 3 7.61 -42.26 -25.01
C GLN E 3 8.63 -41.16 -25.32
N LEU E 4 9.28 -41.28 -26.49
CA LEU E 4 10.25 -40.28 -26.95
C LEU E 4 9.75 -39.69 -28.27
N VAL E 5 9.91 -38.38 -28.42
CA VAL E 5 9.44 -37.65 -29.59
C VAL E 5 10.62 -37.39 -30.51
N GLU E 6 10.47 -37.70 -31.79
CA GLU E 6 11.48 -37.48 -32.80
C GLU E 6 10.95 -36.51 -33.85
N SER E 7 11.75 -35.49 -34.17
CA SER E 7 11.37 -34.48 -35.14
C SER E 7 12.49 -34.30 -36.16
N GLY E 8 12.11 -34.05 -37.40
CA GLY E 8 13.08 -33.90 -38.48
C GLY E 8 13.10 -35.08 -39.42
N GLY E 9 14.30 -35.51 -39.80
CA GLY E 9 14.40 -36.65 -40.69
C GLY E 9 13.71 -36.38 -42.01
N GLY E 10 12.87 -37.32 -42.43
CA GLY E 10 12.17 -37.16 -43.70
C GLY E 10 13.13 -37.25 -44.87
N LEU E 11 12.69 -36.65 -45.99
CA LEU E 11 13.47 -36.63 -47.21
C LEU E 11 14.13 -35.27 -47.37
N VAL E 12 15.44 -35.28 -47.65
CA VAL E 12 16.22 -34.07 -47.77
C VAL E 12 17.07 -34.14 -49.03
N GLN E 13 17.35 -32.98 -49.62
CA GLN E 13 18.19 -32.92 -50.80
C GLN E 13 19.65 -33.18 -50.43
N ALA E 14 20.36 -33.88 -51.31
CA ALA E 14 21.76 -34.19 -51.08
C ALA E 14 22.61 -32.92 -51.15
N GLY E 15 23.65 -32.89 -50.32
CA GLY E 15 24.58 -31.77 -50.29
C GLY E 15 24.15 -30.60 -49.44
N GLY E 16 22.99 -30.66 -48.81
CA GLY E 16 22.49 -29.59 -47.97
C GLY E 16 22.79 -29.82 -46.51
N SER E 17 21.88 -29.36 -45.65
CA SER E 17 21.99 -29.52 -44.21
C SER E 17 20.71 -30.13 -43.68
N LEU E 18 20.85 -30.88 -42.57
CA LEU E 18 19.73 -31.59 -41.98
C LEU E 18 19.68 -31.31 -40.48
N ARG E 19 18.45 -31.29 -39.95
CA ARG E 19 18.21 -31.03 -38.53
C ARG E 19 17.40 -32.18 -37.95
N LEU E 20 17.86 -32.70 -36.82
CA LEU E 20 17.16 -33.75 -36.09
C LEU E 20 16.98 -33.32 -34.64
N SER E 21 15.89 -33.75 -34.02
CA SER E 21 15.62 -33.41 -32.64
C SER E 21 14.99 -34.61 -31.93
N CYS E 22 15.46 -34.90 -30.73
CA CYS E 22 14.91 -35.97 -29.91
C CYS E 22 14.59 -35.43 -28.52
N ALA E 23 13.36 -35.67 -28.07
CA ALA E 23 12.87 -35.16 -26.80
C ALA E 23 12.36 -36.31 -25.94
N ALA E 24 12.68 -36.25 -24.64
CA ALA E 24 12.25 -37.26 -23.68
C ALA E 24 11.75 -36.56 -22.43
N ALA E 25 10.85 -37.24 -21.71
CA ALA E 25 10.33 -36.69 -20.46
C ALA E 25 11.39 -36.60 -19.38
N ALA E 26 12.48 -37.37 -19.49
CA ALA E 26 13.54 -37.37 -18.50
C ALA E 26 14.55 -36.26 -18.81
N ARG E 27 15.28 -35.86 -17.78
CA ARG E 27 16.28 -34.81 -17.93
C ARG E 27 17.40 -35.26 -18.86
N PHE E 28 17.89 -34.33 -19.67
CA PHE E 28 19.00 -34.59 -20.57
C PHE E 28 20.35 -34.12 -20.03
N SER E 29 20.35 -33.14 -19.13
CA SER E 29 21.61 -32.67 -18.56
C SER E 29 22.29 -33.77 -17.75
N THR E 30 21.51 -34.54 -16.98
CA THR E 30 22.06 -35.57 -16.13
C THR E 30 22.33 -36.89 -16.86
N SER E 31 21.84 -37.04 -18.09
CA SER E 31 21.99 -38.28 -18.83
C SER E 31 22.63 -37.99 -20.18
N ALA E 32 23.66 -38.76 -20.52
CA ALA E 32 24.31 -38.63 -21.81
C ALA E 32 23.37 -39.05 -22.93
N MET E 33 23.57 -38.46 -24.11
CA MET E 33 22.73 -38.74 -25.27
C MET E 33 23.58 -39.32 -26.39
N GLY E 34 22.93 -40.04 -27.29
CA GLY E 34 23.63 -40.62 -28.43
C GLY E 34 22.70 -40.76 -29.61
N TRP E 35 23.27 -40.69 -30.80
CA TRP E 35 22.57 -40.89 -32.05
C TRP E 35 23.20 -42.05 -32.79
N PHE E 36 22.39 -43.03 -33.18
CA PHE E 36 22.85 -44.20 -33.91
C PHE E 36 22.05 -44.32 -35.20
N ARG E 37 22.66 -44.91 -36.23
CA ARG E 37 22.01 -45.09 -37.51
C ARG E 37 22.15 -46.54 -37.96
N GLN E 38 21.07 -47.08 -38.52
CA GLN E 38 21.08 -48.41 -39.10
C GLN E 38 20.51 -48.34 -40.52
N ALA E 39 21.18 -49.01 -41.45
CA ALA E 39 20.80 -49.05 -42.85
C ALA E 39 20.90 -50.48 -43.36
N PRO E 40 20.22 -50.81 -44.46
CA PRO E 40 20.31 -52.16 -44.99
C PRO E 40 21.73 -52.54 -45.32
N GLY E 41 22.09 -53.79 -45.04
CA GLY E 41 23.42 -54.29 -45.28
C GLY E 41 24.43 -53.96 -44.21
N LYS E 42 24.03 -53.25 -43.15
CA LYS E 42 24.93 -52.89 -42.06
C LYS E 42 24.21 -53.08 -40.74
N GLU E 43 24.99 -53.39 -39.70
CA GLU E 43 24.45 -53.55 -38.36
C GLU E 43 24.52 -52.21 -37.63
N ARG E 44 24.24 -52.23 -36.32
CA ARG E 44 24.31 -51.02 -35.52
C ARG E 44 25.72 -50.45 -35.56
N GLU E 45 25.83 -49.15 -35.83
CA GLU E 45 27.12 -48.48 -35.93
C GLU E 45 27.08 -47.17 -35.17
N PHE E 46 28.20 -46.82 -34.56
CA PHE E 46 28.29 -45.55 -33.83
C PHE E 46 28.23 -44.38 -34.80
N VAL E 47 27.46 -43.35 -34.42
CA VAL E 47 27.33 -42.16 -35.23
C VAL E 47 27.73 -40.93 -34.42
N ALA E 48 27.04 -40.69 -33.30
CA ALA E 48 27.36 -39.52 -32.48
C ALA E 48 27.04 -39.81 -31.02
N ALA E 49 27.77 -39.15 -30.13
CA ALA E 49 27.53 -39.28 -28.70
C ALA E 49 27.97 -38.01 -27.99
N ILE E 50 27.17 -37.57 -27.02
CA ILE E 50 27.45 -36.39 -26.21
C ILE E 50 27.24 -36.75 -24.75
N SER E 51 28.14 -36.28 -23.90
CA SER E 51 28.12 -36.61 -22.48
C SER E 51 27.16 -35.68 -21.73
N TRP E 52 27.18 -35.77 -20.40
CA TRP E 52 26.25 -34.97 -19.59
C TRP E 52 26.54 -33.49 -19.72
N SER E 53 27.82 -33.10 -19.73
CA SER E 53 28.22 -31.71 -19.72
C SER E 53 28.24 -31.08 -21.11
N ASN E 54 27.92 -31.83 -22.16
CA ASN E 54 27.94 -31.34 -23.53
C ASN E 54 29.33 -30.94 -23.99
N THR E 55 30.36 -31.42 -23.30
CA THR E 55 31.74 -31.12 -23.66
C THR E 55 32.45 -32.27 -24.36
N ASN E 56 32.08 -33.51 -24.06
CA ASN E 56 32.69 -34.68 -24.68
C ASN E 56 31.86 -35.08 -25.89
N THR E 57 32.39 -34.82 -27.08
CA THR E 57 31.73 -35.16 -28.34
C THR E 57 32.48 -36.30 -29.00
N HIS E 58 31.76 -37.36 -29.35
CA HIS E 58 32.34 -38.54 -29.98
C HIS E 58 31.62 -38.82 -31.29
N TYR E 59 32.39 -39.02 -32.36
CA TYR E 59 31.85 -39.37 -33.66
C TYR E 59 32.80 -40.34 -34.36
N ALA E 60 32.26 -41.06 -35.35
CA ALA E 60 33.10 -41.94 -36.14
C ALA E 60 34.13 -41.13 -36.91
N ASP E 61 35.36 -41.65 -36.97
CA ASP E 61 36.43 -40.91 -37.62
C ASP E 61 36.13 -40.64 -39.09
N THR E 62 35.35 -41.52 -39.73
CA THR E 62 35.05 -41.36 -41.15
C THR E 62 34.04 -40.24 -41.42
N VAL E 63 33.30 -39.80 -40.40
CA VAL E 63 32.28 -38.77 -40.59
C VAL E 63 32.46 -37.66 -39.55
N LYS E 64 33.52 -37.74 -38.76
CA LYS E 64 33.76 -36.73 -37.74
C LYS E 64 34.07 -35.38 -38.38
N GLY E 65 33.65 -34.31 -37.70
CA GLY E 65 33.90 -32.97 -38.16
C GLY E 65 32.79 -32.34 -38.96
N ARG E 66 31.61 -32.98 -39.04
CA ARG E 66 30.49 -32.43 -39.78
C ARG E 66 29.18 -32.41 -39.00
N PHE E 67 29.06 -33.17 -37.91
CA PHE E 67 27.84 -33.23 -37.12
C PHE E 67 28.03 -32.44 -35.83
N THR E 68 27.10 -31.55 -35.53
CA THR E 68 27.13 -30.75 -34.30
C THR E 68 25.93 -31.12 -33.45
N ILE E 69 26.18 -31.50 -32.20
CA ILE E 69 25.14 -31.96 -31.29
C ILE E 69 25.06 -30.99 -30.11
N SER E 70 23.86 -30.54 -29.80
CA SER E 70 23.61 -29.65 -28.68
C SER E 70 22.48 -30.21 -27.82
N ALA E 71 22.49 -29.83 -26.55
CA ALA E 71 21.47 -30.28 -25.60
C ALA E 71 20.85 -29.05 -24.95
N ASP E 72 19.52 -28.94 -25.04
CA ASP E 72 18.78 -27.85 -24.45
C ASP E 72 18.08 -28.38 -23.19
N THR E 73 18.55 -27.93 -22.03
CA THR E 73 17.94 -28.37 -20.77
C THR E 73 16.59 -27.71 -20.53
N ALA E 74 16.44 -26.44 -20.95
CA ALA E 74 15.15 -25.78 -20.79
C ALA E 74 14.06 -26.51 -21.56
N LYS E 75 14.35 -26.90 -22.80
CA LYS E 75 13.43 -27.71 -23.59
C LYS E 75 13.59 -29.20 -23.33
N GLU E 76 14.65 -29.62 -22.64
CA GLU E 76 14.90 -31.03 -22.36
C GLU E 76 14.94 -31.85 -23.65
N THR E 77 15.72 -31.36 -24.62
CA THR E 77 15.81 -32.01 -25.92
C THR E 77 17.27 -32.04 -26.35
N VAL E 78 17.54 -32.87 -27.37
CA VAL E 78 18.86 -32.94 -27.99
C VAL E 78 18.68 -32.69 -29.49
N ASP E 79 19.45 -31.75 -30.02
CA ASP E 79 19.39 -31.36 -31.42
C ASP E 79 20.70 -31.74 -32.11
N LEU E 80 20.58 -32.18 -33.36
CA LEU E 80 21.72 -32.58 -34.16
C LEU E 80 21.64 -31.90 -35.52
N GLN E 81 22.72 -31.23 -35.91
CA GLN E 81 22.81 -30.54 -37.19
C GLN E 81 23.87 -31.22 -38.04
N MET E 82 23.50 -31.56 -39.27
CA MET E 82 24.38 -32.25 -40.20
C MET E 82 24.63 -31.35 -41.41
N ASN E 83 25.90 -31.27 -41.82
CA ASN E 83 26.30 -30.47 -42.96
C ASN E 83 26.99 -31.36 -43.98
N SER E 84 26.92 -30.97 -45.26
CA SER E 84 27.48 -31.74 -46.36
C SER E 84 26.88 -33.14 -46.40
N LEU E 85 25.56 -33.17 -46.58
CA LEU E 85 24.83 -34.44 -46.58
C LEU E 85 25.31 -35.33 -47.72
N LYS E 86 25.31 -36.62 -47.47
CA LYS E 86 25.76 -37.63 -48.42
C LYS E 86 24.74 -38.76 -48.47
N PRO E 87 24.76 -39.56 -49.54
CA PRO E 87 23.76 -40.64 -49.64
C PRO E 87 23.82 -41.63 -48.50
N GLU E 88 24.97 -41.79 -47.85
CA GLU E 88 25.09 -42.73 -46.75
C GLU E 88 24.16 -42.38 -45.60
N ASP E 89 23.69 -41.13 -45.51
CA ASP E 89 22.80 -40.73 -44.43
C ASP E 89 21.43 -41.37 -44.53
N THR E 90 21.08 -41.96 -45.67
CA THR E 90 19.78 -42.60 -45.83
C THR E 90 19.74 -43.84 -44.94
N ALA E 91 19.00 -43.77 -43.84
CA ALA E 91 18.99 -44.83 -42.83
C ALA E 91 17.84 -44.58 -41.87
N VAL E 92 17.83 -45.31 -40.77
CA VAL E 92 16.92 -45.06 -39.65
C VAL E 92 17.77 -44.68 -38.45
N TYR E 93 17.43 -43.55 -37.83
CA TYR E 93 18.22 -42.98 -36.74
C TYR E 93 17.47 -43.13 -35.43
N TYR E 94 18.17 -43.64 -34.42
CA TYR E 94 17.65 -43.79 -33.06
C TYR E 94 18.41 -42.87 -32.12
N CYS E 95 17.67 -42.21 -31.23
CA CYS E 95 18.25 -41.41 -30.16
C CYS E 95 18.17 -42.20 -28.86
N VAL E 96 19.33 -42.35 -28.20
CA VAL E 96 19.45 -43.19 -27.02
C VAL E 96 19.90 -42.33 -25.84
N GLN E 97 19.31 -42.60 -24.68
CA GLN E 97 19.62 -41.90 -23.45
C GLN E 97 20.29 -42.86 -22.47
N GLY E 98 21.29 -42.36 -21.74
CA GLY E 98 22.00 -43.20 -20.79
C GLY E 98 23.06 -42.45 -20.01
N GLY E 99 24.24 -43.06 -19.89
CA GLY E 99 25.34 -42.43 -19.18
C GLY E 99 26.66 -42.65 -19.90
N TRP E 100 27.69 -41.99 -19.39
CA TRP E 100 29.02 -42.08 -19.96
C TRP E 100 29.76 -43.28 -19.39
N GLY E 101 30.51 -43.97 -20.25
CA GLY E 101 31.30 -45.10 -19.83
C GLY E 101 32.69 -45.10 -20.44
N ILE E 102 33.71 -45.33 -19.62
CA ILE E 102 35.08 -45.35 -20.12
C ILE E 102 35.31 -46.56 -21.02
N ARG E 103 34.71 -47.70 -20.67
CA ARG E 103 34.92 -48.91 -21.45
C ARG E 103 34.32 -48.79 -22.84
N GLN E 104 32.99 -48.60 -22.91
CA GLN E 104 32.31 -48.47 -24.19
C GLN E 104 32.17 -47.01 -24.59
N PRO E 105 32.08 -46.71 -25.89
CA PRO E 105 31.94 -45.30 -26.30
C PRO E 105 30.72 -44.63 -25.71
N ILE E 106 29.62 -45.36 -25.53
CA ILE E 106 28.41 -44.80 -24.93
C ILE E 106 27.62 -45.95 -24.31
N ILE E 107 26.97 -45.65 -23.20
CA ILE E 107 26.13 -46.62 -22.49
C ILE E 107 24.67 -46.32 -22.84
N VAL E 108 23.97 -47.33 -23.34
CA VAL E 108 22.58 -47.19 -23.77
C VAL E 108 21.68 -47.76 -22.68
N ASP E 109 20.70 -46.96 -22.24
CA ASP E 109 19.74 -47.38 -21.24
C ASP E 109 18.30 -47.24 -21.72
N TYR E 110 17.98 -46.21 -22.49
CA TYR E 110 16.65 -46.01 -23.04
C TYR E 110 16.76 -45.74 -24.53
N TRP E 111 16.02 -46.50 -25.33
CA TRP E 111 16.03 -46.38 -26.78
C TRP E 111 14.93 -45.43 -27.25
N GLY E 112 14.99 -45.09 -28.54
CA GLY E 112 14.02 -44.19 -29.13
C GLY E 112 13.17 -44.85 -30.20
N LYS E 113 12.05 -44.22 -30.55
CA LYS E 113 11.16 -44.78 -31.57
C LYS E 113 11.87 -44.88 -32.91
N GLY E 114 12.61 -43.85 -33.29
CA GLY E 114 13.36 -43.86 -34.53
C GLY E 114 12.75 -42.92 -35.56
N THR E 115 13.61 -42.41 -36.45
CA THR E 115 13.20 -41.52 -37.52
C THR E 115 13.86 -41.95 -38.81
N GLN E 116 13.09 -42.00 -39.90
CA GLN E 116 13.62 -42.37 -41.19
C GLN E 116 14.20 -41.14 -41.88
N VAL E 117 15.45 -41.26 -42.35
CA VAL E 117 16.13 -40.19 -43.07
C VAL E 117 16.47 -40.70 -44.47
N THR E 118 16.14 -39.90 -45.48
CA THR E 118 16.41 -40.24 -46.87
C THR E 118 17.04 -39.03 -47.55
N VAL E 119 17.99 -39.30 -48.45
CA VAL E 119 18.73 -38.27 -49.16
C VAL E 119 18.49 -38.45 -50.65
N SER E 120 18.08 -37.38 -51.32
CA SER E 120 17.83 -37.38 -52.76
C SER E 120 18.76 -36.39 -53.42
N SER E 121 19.41 -36.82 -54.50
CA SER E 121 20.33 -35.96 -55.25
C SER E 121 19.68 -35.45 -56.53
N GLN F 1 3.38 -21.32 -47.35
CA GLN F 1 2.40 -22.44 -47.20
C GLN F 1 1.65 -22.32 -45.87
N VAL F 2 0.59 -21.53 -45.86
CA VAL F 2 -0.22 -21.34 -44.66
C VAL F 2 -1.22 -22.49 -44.57
N GLN F 3 -1.25 -23.16 -43.41
CA GLN F 3 -2.14 -24.30 -43.20
C GLN F 3 -3.53 -23.78 -42.84
N LEU F 4 -4.52 -24.16 -43.64
CA LEU F 4 -5.91 -23.81 -43.39
C LEU F 4 -6.69 -25.09 -43.07
N VAL F 5 -7.37 -25.09 -41.93
CA VAL F 5 -8.13 -26.25 -41.47
C VAL F 5 -9.62 -25.98 -41.69
N GLU F 6 -10.29 -26.91 -42.37
CA GLU F 6 -11.71 -26.80 -42.67
C GLU F 6 -12.49 -27.77 -41.80
N SER F 7 -13.57 -27.28 -41.20
CA SER F 7 -14.42 -28.07 -40.33
C SER F 7 -15.88 -27.90 -40.73
N GLY F 8 -16.68 -28.92 -40.45
CA GLY F 8 -18.08 -28.93 -40.81
C GLY F 8 -18.38 -29.90 -41.94
N GLY F 9 -19.37 -29.57 -42.77
CA GLY F 9 -19.71 -30.41 -43.89
C GLY F 9 -20.22 -31.78 -43.49
N GLY F 10 -19.57 -32.83 -44.00
CA GLY F 10 -20.01 -34.18 -43.72
C GLY F 10 -21.21 -34.57 -44.58
N LEU F 11 -21.90 -35.61 -44.12
CA LEU F 11 -23.09 -36.12 -44.80
C LEU F 11 -24.33 -35.53 -44.12
N VAL F 12 -25.17 -34.85 -44.90
CA VAL F 12 -26.35 -34.17 -44.38
C VAL F 12 -27.53 -34.48 -45.29
N GLN F 13 -28.72 -34.35 -44.72
CA GLN F 13 -29.95 -34.54 -45.48
C GLN F 13 -30.29 -33.28 -46.26
N ALA F 14 -30.89 -33.48 -47.44
CA ALA F 14 -31.24 -32.36 -48.30
C ALA F 14 -32.31 -31.49 -47.65
N GLY F 15 -32.24 -30.19 -47.95
CA GLY F 15 -33.20 -29.23 -47.44
C GLY F 15 -32.91 -28.70 -46.05
N GLY F 16 -31.81 -29.11 -45.43
CA GLY F 16 -31.44 -28.65 -44.11
C GLY F 16 -30.53 -27.44 -44.14
N SER F 17 -29.90 -27.19 -42.99
CA SER F 17 -28.96 -26.09 -42.84
C SER F 17 -27.72 -26.59 -42.14
N LEU F 18 -26.57 -26.00 -42.48
CA LEU F 18 -25.30 -26.38 -41.88
C LEU F 18 -24.33 -25.22 -41.96
N ARG F 19 -23.13 -25.43 -41.42
CA ARG F 19 -22.08 -24.42 -41.39
C ARG F 19 -20.76 -25.06 -41.83
N LEU F 20 -19.92 -24.24 -42.46
CA LEU F 20 -18.56 -24.62 -42.81
C LEU F 20 -17.61 -23.55 -42.28
N SER F 21 -16.57 -23.97 -41.57
CA SER F 21 -15.63 -23.06 -40.94
C SER F 21 -14.23 -23.31 -41.45
N CYS F 22 -13.47 -22.23 -41.63
CA CYS F 22 -12.07 -22.31 -42.03
C CYS F 22 -11.24 -21.52 -41.02
N ALA F 23 -10.17 -22.13 -40.53
CA ALA F 23 -9.37 -21.55 -39.46
C ALA F 23 -7.89 -21.68 -39.80
N ALA F 24 -7.09 -20.81 -39.18
CA ALA F 24 -5.64 -20.82 -39.32
C ALA F 24 -5.07 -19.73 -38.42
N ALA F 25 -3.75 -19.71 -38.29
CA ALA F 25 -3.07 -18.72 -37.48
C ALA F 25 -2.89 -17.39 -38.20
N ALA F 26 -3.20 -17.32 -39.48
CA ALA F 26 -3.07 -16.09 -40.25
C ALA F 26 -4.30 -15.21 -40.07
N ARG F 27 -4.08 -13.90 -40.13
CA ARG F 27 -5.17 -12.95 -39.98
C ARG F 27 -6.18 -13.12 -41.11
N PHE F 28 -7.47 -13.01 -40.76
CA PHE F 28 -8.55 -13.09 -41.74
C PHE F 28 -9.30 -11.78 -41.93
N SER F 29 -9.36 -10.94 -40.90
CA SER F 29 -10.04 -9.65 -41.03
C SER F 29 -9.34 -8.77 -42.05
N THR F 30 -8.01 -8.75 -42.04
CA THR F 30 -7.22 -7.90 -42.92
C THR F 30 -6.90 -8.56 -44.25
N SER F 31 -7.32 -9.81 -44.45
CA SER F 31 -7.05 -10.53 -45.69
C SER F 31 -8.36 -11.06 -46.27
N ALA F 32 -8.50 -10.94 -47.58
CA ALA F 32 -9.69 -11.43 -48.26
C ALA F 32 -9.76 -12.95 -48.19
N MET F 33 -10.96 -13.47 -48.07
CA MET F 33 -11.20 -14.91 -47.97
C MET F 33 -12.08 -15.36 -49.14
N GLY F 34 -11.92 -16.62 -49.53
CA GLY F 34 -12.71 -17.18 -50.60
C GLY F 34 -12.99 -18.64 -50.36
N TRP F 35 -14.13 -19.10 -50.88
CA TRP F 35 -14.54 -20.49 -50.78
C TRP F 35 -14.85 -21.00 -52.18
N PHE F 36 -14.19 -22.10 -52.57
CA PHE F 36 -14.38 -22.73 -53.86
C PHE F 36 -14.85 -24.16 -53.65
N ARG F 37 -15.54 -24.70 -54.65
CA ARG F 37 -16.08 -26.05 -54.60
C ARG F 37 -15.59 -26.86 -55.79
N GLN F 38 -15.20 -28.10 -55.53
CA GLN F 38 -14.77 -29.03 -56.57
C GLN F 38 -15.71 -30.23 -56.54
N ALA F 39 -16.29 -30.55 -57.69
CA ALA F 39 -17.22 -31.65 -57.83
C ALA F 39 -16.95 -32.35 -59.16
N PRO F 40 -17.37 -33.61 -59.30
CA PRO F 40 -17.18 -34.31 -60.57
C PRO F 40 -17.82 -33.54 -61.72
N GLY F 41 -17.10 -33.46 -62.83
CA GLY F 41 -17.55 -32.72 -63.98
C GLY F 41 -17.32 -31.22 -63.91
N LYS F 42 -16.75 -30.74 -62.81
CA LYS F 42 -16.48 -29.31 -62.64
C LYS F 42 -15.09 -29.14 -62.03
N GLU F 43 -14.48 -27.99 -62.32
CA GLU F 43 -13.17 -27.65 -61.80
C GLU F 43 -13.32 -26.68 -60.62
N ARG F 44 -12.19 -26.20 -60.10
CA ARG F 44 -12.21 -25.23 -59.01
C ARG F 44 -12.67 -23.90 -59.55
N GLU F 45 -13.94 -23.57 -59.30
CA GLU F 45 -14.55 -22.35 -59.81
C GLU F 45 -15.09 -21.51 -58.66
N PHE F 46 -15.31 -20.23 -58.95
CA PHE F 46 -15.75 -19.29 -57.92
C PHE F 46 -17.07 -19.75 -57.30
N VAL F 47 -17.14 -19.71 -55.98
CA VAL F 47 -18.37 -20.02 -55.26
C VAL F 47 -18.73 -18.86 -54.34
N ALA F 48 -17.79 -18.46 -53.48
CA ALA F 48 -18.03 -17.35 -52.57
C ALA F 48 -16.73 -16.60 -52.32
N ALA F 49 -16.84 -15.32 -52.01
CA ALA F 49 -15.68 -14.51 -51.68
C ALA F 49 -16.10 -13.33 -50.83
N ILE F 50 -15.26 -12.98 -49.86
CA ILE F 50 -15.48 -11.84 -48.98
C ILE F 50 -14.19 -11.04 -48.92
N SER F 51 -14.31 -9.72 -49.03
CA SER F 51 -13.16 -8.83 -48.99
C SER F 51 -12.68 -8.65 -47.54
N TRP F 52 -11.49 -8.08 -47.41
CA TRP F 52 -10.93 -7.86 -46.07
C TRP F 52 -11.81 -6.92 -45.26
N SER F 53 -12.32 -5.86 -45.89
CA SER F 53 -13.18 -4.90 -45.19
C SER F 53 -14.54 -5.49 -44.82
N ASN F 54 -14.89 -6.66 -45.36
CA ASN F 54 -16.16 -7.33 -45.11
C ASN F 54 -17.35 -6.57 -45.66
N THR F 55 -17.11 -5.54 -46.49
CA THR F 55 -18.18 -4.78 -47.10
C THR F 55 -18.56 -5.30 -48.48
N ASN F 56 -17.65 -5.98 -49.16
CA ASN F 56 -17.90 -6.52 -50.50
C ASN F 56 -17.98 -8.03 -50.39
N THR F 57 -19.12 -8.59 -50.81
CA THR F 57 -19.35 -10.03 -50.82
C THR F 57 -19.79 -10.45 -52.21
N HIS F 58 -19.14 -11.47 -52.75
CA HIS F 58 -19.45 -11.97 -54.09
C HIS F 58 -19.83 -13.44 -54.00
N TYR F 59 -20.88 -13.81 -54.74
CA TYR F 59 -21.37 -15.17 -54.76
C TYR F 59 -21.84 -15.52 -56.17
N ALA F 60 -21.82 -16.82 -56.47
CA ALA F 60 -22.34 -17.28 -57.76
C ALA F 60 -23.85 -17.10 -57.81
N ASP F 61 -24.35 -16.78 -59.00
CA ASP F 61 -25.78 -16.55 -59.15
C ASP F 61 -26.60 -17.81 -58.85
N THR F 62 -26.00 -18.98 -59.05
CA THR F 62 -26.71 -20.23 -58.81
C THR F 62 -26.86 -20.55 -57.33
N VAL F 63 -26.04 -19.96 -56.47
CA VAL F 63 -26.09 -20.23 -55.03
C VAL F 63 -26.31 -18.99 -54.20
N LYS F 64 -26.27 -17.79 -54.79
CA LYS F 64 -26.45 -16.57 -54.03
C LYS F 64 -27.87 -16.47 -53.49
N GLY F 65 -28.00 -15.83 -52.33
CA GLY F 65 -29.29 -15.64 -51.69
C GLY F 65 -29.60 -16.59 -50.55
N ARG F 66 -28.70 -17.52 -50.24
CA ARG F 66 -28.92 -18.46 -49.15
C ARG F 66 -27.71 -18.64 -48.24
N PHE F 67 -26.54 -18.16 -48.63
CA PHE F 67 -25.32 -18.34 -47.84
C PHE F 67 -25.00 -17.04 -47.11
N THR F 68 -24.71 -17.15 -45.81
CA THR F 68 -24.33 -16.00 -45.00
C THR F 68 -22.94 -16.25 -44.39
N ILE F 69 -22.06 -15.27 -44.53
CA ILE F 69 -20.67 -15.40 -44.10
C ILE F 69 -20.41 -14.48 -42.92
N SER F 70 -19.50 -14.90 -42.05
CA SER F 70 -19.13 -14.11 -40.89
C SER F 70 -17.68 -14.43 -40.52
N ALA F 71 -17.06 -13.51 -39.78
CA ALA F 71 -15.68 -13.65 -39.34
C ALA F 71 -15.64 -13.54 -37.82
N ASP F 72 -15.24 -14.63 -37.16
CA ASP F 72 -15.13 -14.66 -35.71
C ASP F 72 -13.71 -14.25 -35.33
N THR F 73 -13.58 -13.04 -34.79
CA THR F 73 -12.26 -12.55 -34.39
C THR F 73 -11.79 -13.24 -33.11
N ALA F 74 -12.72 -13.53 -32.19
CA ALA F 74 -12.34 -14.19 -30.95
C ALA F 74 -11.72 -15.57 -31.24
N LYS F 75 -12.34 -16.34 -32.13
CA LYS F 75 -11.80 -17.61 -32.56
C LYS F 75 -10.85 -17.48 -33.75
N GLU F 76 -10.79 -16.32 -34.40
CA GLU F 76 -9.94 -16.10 -35.56
C GLU F 76 -10.24 -17.12 -36.66
N THR F 77 -11.52 -17.19 -37.03
CA THR F 77 -11.98 -18.12 -38.05
C THR F 77 -12.98 -17.43 -38.96
N VAL F 78 -13.30 -18.08 -40.07
CA VAL F 78 -14.30 -17.58 -41.01
C VAL F 78 -15.36 -18.66 -41.17
N ASP F 79 -16.61 -18.32 -40.89
CA ASP F 79 -17.72 -19.26 -40.94
C ASP F 79 -18.69 -18.88 -42.05
N LEU F 80 -19.33 -19.89 -42.62
CA LEU F 80 -20.31 -19.71 -43.68
C LEU F 80 -21.46 -20.66 -43.45
N GLN F 81 -22.65 -20.13 -43.20
CA GLN F 81 -23.84 -20.92 -42.95
C GLN F 81 -24.73 -20.92 -44.19
N MET F 82 -25.31 -22.09 -44.47
CA MET F 82 -26.23 -22.26 -45.59
C MET F 82 -27.48 -22.98 -45.13
N ASN F 83 -28.61 -22.61 -45.74
CA ASN F 83 -29.90 -23.20 -45.44
C ASN F 83 -30.55 -23.66 -46.75
N SER F 84 -31.50 -24.58 -46.62
CA SER F 84 -32.17 -25.17 -47.78
C SER F 84 -31.15 -25.84 -48.70
N LEU F 85 -30.50 -26.86 -48.17
CA LEU F 85 -29.41 -27.52 -48.88
C LEU F 85 -29.92 -28.11 -50.19
N LYS F 86 -29.06 -28.05 -51.21
CA LYS F 86 -29.35 -28.51 -52.55
C LYS F 86 -28.24 -29.44 -53.01
N PRO F 87 -28.51 -30.29 -54.01
CA PRO F 87 -27.47 -31.23 -54.47
C PRO F 87 -26.20 -30.54 -54.96
N GLU F 88 -26.30 -29.30 -55.42
CA GLU F 88 -25.11 -28.60 -55.89
C GLU F 88 -24.07 -28.41 -54.79
N ASP F 89 -24.48 -28.46 -53.52
CA ASP F 89 -23.56 -28.30 -52.42
C ASP F 89 -22.71 -29.54 -52.16
N THR F 90 -23.03 -30.66 -52.78
CA THR F 90 -22.26 -31.90 -52.62
C THR F 90 -20.94 -31.75 -53.38
N ALA F 91 -19.87 -31.48 -52.66
CA ALA F 91 -18.57 -31.22 -53.28
C ALA F 91 -17.53 -31.09 -52.19
N VAL F 92 -16.27 -30.89 -52.61
CA VAL F 92 -15.17 -30.64 -51.69
C VAL F 92 -14.93 -29.13 -51.68
N TYR F 93 -15.03 -28.53 -50.50
CA TYR F 93 -14.91 -27.08 -50.34
C TYR F 93 -13.52 -26.73 -49.84
N TYR F 94 -12.87 -25.82 -50.55
CA TYR F 94 -11.56 -25.29 -50.20
C TYR F 94 -11.69 -23.83 -49.80
N CYS F 95 -11.03 -23.45 -48.69
CA CYS F 95 -10.97 -22.07 -48.26
C CYS F 95 -9.59 -21.51 -48.58
N VAL F 96 -9.56 -20.39 -49.30
CA VAL F 96 -8.33 -19.76 -49.75
C VAL F 96 -8.26 -18.36 -49.17
N GLN F 97 -7.03 -17.89 -48.95
CA GLN F 97 -6.78 -16.59 -48.35
C GLN F 97 -5.89 -15.76 -49.27
N GLY F 98 -6.11 -14.44 -49.25
CA GLY F 98 -5.32 -13.55 -50.06
C GLY F 98 -5.65 -12.09 -49.85
N GLY F 99 -5.58 -11.29 -50.92
CA GLY F 99 -5.86 -9.87 -50.83
C GLY F 99 -7.06 -9.45 -51.67
N TRP F 100 -7.28 -8.15 -51.80
CA TRP F 100 -8.39 -7.61 -52.56
C TRP F 100 -7.88 -7.07 -53.90
N GLY F 101 -8.50 -7.53 -54.98
CA GLY F 101 -8.14 -7.10 -56.31
C GLY F 101 -9.12 -6.05 -56.85
N ILE F 102 -8.63 -5.23 -57.78
CA ILE F 102 -9.47 -4.20 -58.37
C ILE F 102 -10.64 -4.81 -59.11
N ARG F 103 -10.39 -5.88 -59.87
CA ARG F 103 -11.41 -6.55 -60.66
C ARG F 103 -11.70 -7.97 -60.15
N GLN F 104 -10.67 -8.75 -59.88
CA GLN F 104 -10.88 -10.11 -59.40
C GLN F 104 -11.54 -10.07 -58.02
N PRO F 105 -12.50 -10.95 -57.75
CA PRO F 105 -13.10 -10.98 -56.40
C PRO F 105 -12.09 -11.22 -55.30
N ILE F 106 -11.06 -12.04 -55.56
CA ILE F 106 -10.03 -12.32 -54.57
C ILE F 106 -8.86 -12.95 -55.31
N ILE F 107 -7.65 -12.71 -54.79
CA ILE F 107 -6.43 -13.29 -55.33
C ILE F 107 -6.09 -14.53 -54.50
N VAL F 108 -5.94 -15.67 -55.15
CA VAL F 108 -5.67 -16.92 -54.46
C VAL F 108 -4.17 -16.95 -54.13
N ASP F 109 -3.86 -16.79 -52.85
CA ASP F 109 -2.48 -16.78 -52.37
C ASP F 109 -2.15 -17.98 -51.50
N TYR F 110 -2.94 -18.22 -50.45
CA TYR F 110 -2.74 -19.34 -49.54
C TYR F 110 -3.88 -20.32 -49.71
N TRP F 111 -3.55 -21.58 -49.99
CA TRP F 111 -4.53 -22.62 -50.19
C TRP F 111 -4.85 -23.31 -48.86
N GLY F 112 -5.75 -24.29 -48.91
CA GLY F 112 -6.13 -25.04 -47.73
C GLY F 112 -6.20 -26.53 -47.97
N LYS F 113 -6.77 -27.27 -47.02
CA LYS F 113 -6.86 -28.73 -47.12
C LYS F 113 -8.15 -29.14 -47.84
N GLY F 114 -9.30 -28.74 -47.30
CA GLY F 114 -10.58 -29.04 -47.91
C GLY F 114 -11.49 -29.86 -47.02
N THR F 115 -12.80 -29.69 -47.20
CA THR F 115 -13.79 -30.44 -46.42
C THR F 115 -14.85 -31.00 -47.37
N GLN F 116 -15.20 -32.26 -47.19
CA GLN F 116 -16.18 -32.91 -48.05
C GLN F 116 -17.59 -32.64 -47.53
N VAL F 117 -18.52 -32.38 -48.46
CA VAL F 117 -19.93 -32.17 -48.15
C VAL F 117 -20.74 -33.06 -49.07
N THR F 118 -21.66 -33.83 -48.49
CA THR F 118 -22.54 -34.72 -49.24
C THR F 118 -23.98 -34.49 -48.81
N VAL F 119 -24.88 -34.50 -49.78
CA VAL F 119 -26.31 -34.28 -49.55
C VAL F 119 -27.05 -35.53 -49.95
N SER F 120 -27.90 -36.03 -49.05
CA SER F 120 -28.67 -37.24 -49.27
C SER F 120 -30.17 -36.91 -49.20
N SER F 121 -30.93 -37.49 -50.12
CA SER F 121 -32.36 -37.27 -50.16
C SER F 121 -33.06 -37.90 -48.96
C1 NAG G . -14.76 56.60 64.47
C2 NAG G . -16.23 56.18 64.47
C3 NAG G . -17.09 57.28 63.86
C4 NAG G . -16.85 58.60 64.56
C5 NAG G . -15.36 58.93 64.54
C6 NAG G . -15.02 60.18 65.32
C7 NAG G . -17.53 54.19 63.84
C8 NAG G . -17.54 52.93 63.02
N2 NAG G . -16.41 54.93 63.75
O3 NAG G . -18.47 56.91 63.97
O4 NAG G . -17.57 59.65 63.92
O5 NAG G . -14.62 57.86 65.15
O6 NAG G . -15.35 60.04 66.70
O7 NAG G . -18.48 54.53 64.53
H2 NAG G . -16.51 56.05 65.40
H3 NAG G . -16.87 57.37 62.91
H4 NAG G . -17.15 58.54 65.49
H5 NAG G . -15.07 59.04 63.62
H61 NAG G . -15.52 60.93 64.95
H62 NAG G . -14.07 60.36 65.24
H81 NAG G . -18.40 52.48 63.15
H82 NAG G . -16.82 52.35 63.32
H83 NAG G . -17.43 53.14 62.08
HO6 NAG G . -14.82 60.56 67.19
C1 NAG G . -18.75 59.93 64.69
C2 NAG G . -19.21 61.36 64.38
C3 NAG G . -20.49 61.67 65.14
C4 NAG G . -21.56 60.62 64.86
C5 NAG G . -21.00 59.22 65.16
C6 NAG G . -21.96 58.12 64.79
C7 NAG G . -18.14 63.55 64.20
C8 NAG G . -16.99 64.42 64.64
N2 NAG G . -18.17 62.32 64.70
O3 NAG G . -20.97 62.96 64.75
O4 NAG G . -22.70 60.85 65.68
O5 NAG G . -19.80 59.01 64.39
O6 NAG G . -23.11 58.13 65.62
O7 NAG G . -18.99 63.96 63.41
H2 NAG G . -19.40 61.41 63.42
H3 NAG G . -20.30 61.69 66.10
H4 NAG G . -21.82 60.66 63.92
H5 NAG G . -20.78 59.16 66.11
H61 NAG G . -21.51 57.25 64.88
H62 NAG G . -22.24 58.23 63.86
H81 NAG G . -17.06 65.30 64.20
H82 NAG G . -16.16 64.00 64.40
H83 NAG G . -17.04 64.54 65.61
HN2 NAG G . -17.51 62.07 65.29
HO3 NAG G . -21.85 63.00 64.91
HO4 NAG G . -23.33 61.25 65.20
HO6 NAG G . -23.49 58.93 65.58
C1 NAG H . 10.98 -56.75 4.62
C2 NAG H . 9.49 -56.45 4.72
C3 NAG H . 8.99 -55.84 3.41
C4 NAG H . 9.83 -54.63 3.03
C5 NAG H . 11.31 -55.01 3.01
C6 NAG H . 12.21 -53.82 2.74
C7 NAG H . 8.08 -57.81 6.20
C8 NAG H . 7.36 -59.12 6.37
N2 NAG H . 8.73 -57.66 5.05
O3 NAG H . 7.62 -55.47 3.56
O4 NAG H . 9.43 -54.14 1.76
O5 NAG H . 11.69 -55.56 4.27
O6 NAG H . 12.88 -53.42 3.94
O7 NAG H . 8.07 -56.95 7.07
C1 NAG H . 9.36 -52.71 1.81
C2 NAG H . 7.94 -52.28 1.46
C3 NAG H . 7.80 -50.76 1.57
C4 NAG H . 8.27 -50.28 2.94
C5 NAG H . 9.68 -50.79 3.22
C6 NAG H . 10.16 -50.45 4.61
C7 NAG H . 6.49 -53.50 -0.10
C8 NAG H . 6.25 -53.88 -1.53
N2 NAG H . 7.57 -52.74 0.13
O3 NAG H . 6.45 -50.39 1.36
O4 NAG H . 8.28 -48.85 2.97
O5 NAG H . 9.71 -52.22 3.12
O6 NAG H . 11.03 -49.34 4.60
O7 NAG H . 5.74 -53.86 0.81
C1 NAG I . 29.53 -18.32 31.02
C2 NAG I . 30.64 -19.24 31.57
C3 NAG I . 31.71 -18.42 32.31
C4 NAG I . 32.23 -17.30 31.42
C5 NAG I . 31.06 -16.44 30.94
C6 NAG I . 31.48 -15.35 29.99
C7 NAG I . 29.48 -20.04 33.60
C8 NAG I . 29.32 -18.60 34.01
N2 NAG I . 30.10 -20.28 32.44
O3 NAG I . 32.78 -19.28 32.69
O4 NAG I . 33.15 -16.50 32.14
O5 NAG I . 30.13 -17.27 30.24
O6 NAG I . 30.95 -15.55 28.69
O7 NAG I . 29.03 -20.96 34.29
C1 NAG I . 34.47 -16.70 31.57
C2 NAG I . 35.18 -15.35 31.49
C3 NAG I . 36.59 -15.54 30.94
C4 NAG I . 37.34 -16.58 31.75
C5 NAG I . 36.54 -17.88 31.83
C6 NAG I . 37.17 -18.92 32.72
C7 NAG I . 34.59 -13.09 30.75
C8 NAG I . 33.74 -12.26 29.82
N2 NAG I . 34.44 -14.41 30.66
O3 NAG I . 37.28 -14.30 30.98
O4 NAG I . 38.60 -16.86 31.16
O5 NAG I . 35.23 -17.60 32.37
O6 NAG I . 36.98 -20.23 32.22
O7 NAG I . 35.39 -12.57 31.52
C1 NAG J . -1.37 40.66 69.95
C2 NAG J . -0.10 41.41 69.61
C3 NAG J . 0.45 42.11 70.86
C4 NAG J . -0.63 42.96 71.52
C5 NAG J . -1.91 42.15 71.73
C6 NAG J . -3.07 42.98 72.23
C7 NAG J . 1.95 40.98 68.33
C8 NAG J . 2.88 39.92 67.82
N2 NAG J . 0.91 40.54 69.03
O3 NAG J . 1.56 42.92 70.50
O4 NAG J . -0.18 43.41 72.78
O5 NAG J . -2.34 41.56 70.49
O6 NAG J . -4.19 42.18 72.54
O7 NAG J . 2.14 42.17 68.13
C1 NAG J . 0.55 44.65 72.63
C2 NAG J . 1.82 44.55 73.48
C3 NAG J . 2.65 45.83 73.32
C4 NAG J . 2.92 46.11 71.85
C5 NAG J . 1.61 46.14 71.06
C6 NAG J . 1.81 46.29 69.58
C7 NAG J . 2.30 43.63 75.70
C8 NAG J . 1.81 43.49 77.11
N2 NAG J . 1.50 44.32 74.87
O3 NAG J . 3.88 45.67 74.02
O4 NAG J . 3.58 47.36 71.72
O5 NAG J . 0.90 44.90 71.26
O6 NAG J . 3.19 46.32 69.25
O7 NAG J . 3.37 43.15 75.32
C1 NAG K . 14.09 58.81 8.65
C2 NAG K . 13.99 60.31 8.39
C3 NAG K . 13.73 60.57 6.90
C4 NAG K . 14.79 59.88 6.06
C5 NAG K . 14.85 58.40 6.40
C6 NAG K . 15.95 57.66 5.68
C7 NAG K . 12.87 62.23 9.45
C8 NAG K . 11.71 62.66 10.30
N2 NAG K . 12.94 60.91 9.20
O3 NAG K . 13.75 61.97 6.66
O4 NAG K . 14.49 60.04 4.67
O5 NAG K . 15.10 58.24 7.81
O6 NAG K . 15.95 57.96 4.29
O7 NAG K . 13.69 63.02 9.01
H2 NAG K . 14.83 60.72 8.62
H3 NAG K . 12.85 60.22 6.67
H4 NAG K . 15.66 60.29 6.25
H5 NAG K . 13.99 57.99 6.19
H61 NAG K . 15.83 56.70 5.80
H62 NAG K . 16.81 57.93 6.06
H81 NAG K . 11.77 62.23 11.18
H82 NAG K . 10.88 62.42 9.88
H83 NAG K . 11.76 63.64 10.42
HN2 NAG K . 12.30 60.36 9.55
HO6 NAG K . 15.20 57.64 3.92
C1 NAG K . 15.37 61.05 4.14
C2 NAG K . 15.47 60.87 2.63
C3 NAG K . 16.34 61.96 2.03
C4 NAG K . 15.82 63.34 2.43
C5 NAG K . 15.70 63.42 3.95
C6 NAG K . 15.08 64.72 4.43
C7 NAG K . 15.40 58.71 1.46
C8 NAG K . 16.09 57.40 1.24
N2 NAG K . 16.00 59.55 2.31
O3 NAG K . 16.33 61.85 0.60
O4 NAG K . 16.72 64.35 1.98
O5 NAG K . 14.87 62.37 4.43
O6 NAG K . 16.02 65.79 4.38
O7 NAG K . 14.36 59.00 0.88
H2 NAG K . 14.58 60.95 2.25
H3 NAG K . 17.25 61.86 2.35
H4 NAG K . 14.95 63.49 2.04
H5 NAG K . 16.59 63.33 4.35
H61 NAG K . 14.77 64.61 5.34
H62 NAG K . 14.32 64.94 3.86
H81 NAG K . 16.13 56.90 2.08
H82 NAG K . 17.00 57.56 0.91
H83 NAG K . 15.60 56.89 0.57
HN2 NAG K . 16.78 59.29 2.70
HO3 NAG K . 15.68 62.34 0.27
HO4 NAG K . 17.10 64.74 2.68
HO6 NAG K . 16.03 66.21 5.17
C1 NAG L . 31.30 58.33 23.10
C2 NAG L . 29.91 58.47 22.50
C3 NAG L . 29.99 58.46 20.97
C4 NAG L . 30.99 59.49 20.47
C5 NAG L . 32.33 59.31 21.17
C6 NAG L . 33.33 60.38 20.83
C7 NAG L . 27.96 57.66 23.76
C8 NAG L . 27.17 56.44 24.16
N2 NAG L . 29.02 57.42 22.98
O3 NAG L . 28.70 58.72 20.43
O4 NAG L . 31.16 59.35 19.08
O5 NAG L . 32.16 59.36 22.60
O6 NAG L . 34.35 60.49 21.82
O7 NAG L . 27.66 58.78 24.14
H2 NAG L . 29.55 59.34 22.77
H3 NAG L . 30.28 57.56 20.69
H4 NAG L . 30.65 60.39 20.67
H5 NAG L . 32.70 58.44 20.92
H61 NAG L . 32.87 61.24 20.75
H62 NAG L . 33.75 60.18 19.97
H81 NAG L . 26.90 55.95 23.35
H82 NAG L . 26.37 56.72 24.65
H83 NAG L . 27.72 55.87 24.72
C1 NAG L . 31.36 60.63 18.45
C2 NAG L . 31.60 60.41 16.95
C3 NAG L . 31.79 61.75 16.24
C4 NAG L . 30.61 62.67 16.54
C5 NAG L . 30.42 62.80 18.05
C6 NAG L . 29.20 63.63 18.41
C7 NAG L . 33.99 59.87 17.09
C8 NAG L . 35.05 58.85 16.78
N2 NAG L . 32.75 59.53 16.73
O3 NAG L . 31.89 61.52 14.84
O4 NAG L . 30.88 63.96 15.98
O5 NAG L . 30.24 61.50 18.63
O6 NAG L . 29.56 64.94 18.80
O7 NAG L . 34.24 60.93 17.63
C1 NAG M . 31.09 45.87 70.66
C2 NAG M . 32.15 46.98 70.65
C3 NAG M . 33.54 46.36 70.50
C4 NAG M . 33.78 45.30 71.56
C5 NAG M . 32.65 44.27 71.54
C6 NAG M . 32.75 43.26 72.67
C7 NAG M . 30.91 48.83 69.63
C8 NAG M . 30.79 49.74 68.45
N2 NAG M . 31.89 47.93 69.59
O3 NAG M . 34.53 47.38 70.61
O4 NAG M . 35.01 44.64 71.32
O5 NAG M . 31.38 44.94 71.70
O6 NAG M . 31.49 43.06 73.30
O7 NAG M . 30.15 48.91 70.59
H2 NAG M . 32.13 47.44 71.50
H3 NAG M . 33.61 45.95 69.62
H4 NAG M . 33.81 45.73 72.44
H5 NAG M . 32.66 43.80 70.69
H61 NAG M . 33.38 43.58 73.32
H62 NAG M . 33.06 42.41 72.29
H81 NAG M . 30.62 49.22 67.65
H82 NAG M . 31.62 50.25 68.34
H83 NAG M . 30.06 50.36 68.59
HO6 NAG M . 31.04 42.43 72.86
C1 NAG M . 35.92 44.95 72.39
C2 NAG M . 37.04 43.90 72.42
C3 NAG M . 38.05 44.23 73.50
C4 NAG M . 38.56 45.65 73.34
C5 NAG M . 37.39 46.63 73.27
C6 NAG M . 37.82 48.05 72.99
C7 NAG M . 37.13 41.45 72.25
C8 NAG M . 36.41 40.17 72.52
N2 NAG M . 36.49 42.56 72.61
O3 NAG M . 39.14 43.31 73.44
O4 NAG M . 39.40 46.00 74.44
O5 NAG M . 36.50 46.25 72.22
O6 NAG M . 37.93 48.81 74.19
O7 NAG M . 38.23 41.48 71.71
C1 NAG N . 32.60 59.09 45.48
C2 NAG N . 33.91 59.87 45.42
C3 NAG N . 33.85 61.05 46.38
C4 NAG N . 32.62 61.91 46.12
C5 NAG N . 31.36 61.04 46.09
C6 NAG N . 30.13 61.81 45.67
C7 NAG N . 35.72 58.33 44.79
C8 NAG N . 36.86 57.49 45.30
N2 NAG N . 35.04 59.01 45.73
O3 NAG N . 35.03 61.83 46.24
O4 NAG N . 32.49 62.89 47.14
O5 NAG N . 31.51 59.96 45.16
O6 NAG N . 30.31 62.43 44.41
O7 NAG N . 35.42 58.39 43.61
C1 NAG N . 32.64 64.21 46.57
C2 NAG N . 33.68 64.95 47.40
C3 NAG N . 33.91 66.35 46.83
C4 NAG N . 34.26 66.25 45.35
C5 NAG N . 33.20 65.45 44.59
C6 NAG N . 33.55 65.21 43.15
C7 NAG N . 33.93 64.43 49.78
C8 NAG N . 33.37 64.62 51.16
N2 NAG N . 33.28 65.04 48.80
O3 NAG N . 34.97 66.99 47.53
O4 NAG N . 34.34 67.56 44.78
O5 NAG N . 33.06 64.15 45.20
O6 NAG N . 33.48 66.41 42.39
O7 NAG N . 34.93 63.74 49.58
C1 NAG O . -32.30 55.54 32.51
C2 NAG O . -31.59 54.94 33.72
C3 NAG O . -30.10 54.74 33.41
C4 NAG O . -29.93 53.94 32.12
C5 NAG O . -30.72 54.58 30.99
C6 NAG O . -30.70 53.76 29.73
C7 NAG O . -31.63 55.31 36.15
C8 NAG O . -31.84 56.31 37.24
N2 NAG O . -31.76 55.77 34.89
O3 NAG O . -29.48 54.07 34.50
O4 NAG O . -28.55 53.88 31.77
O5 NAG O . -32.10 54.72 31.36
O6 NAG O . -31.27 52.47 29.92
O7 NAG O . -31.36 54.14 36.38
H2 NAG O . -31.97 54.07 33.90
H3 NAG O . -29.68 55.62 33.29
H5 NAG O . -30.35 55.47 30.81
H61 NAG O . -29.77 53.66 29.42
H62 NAG O . -31.20 54.24 29.03
H81 NAG O . -31.72 55.87 38.11
H82 NAG O . -32.74 56.67 37.18
H83 NAG O . -31.19 57.03 37.15
HO6 NAG O . -31.06 51.96 29.23
C1 NAG O . -28.08 52.54 31.96
C2 NAG O . -26.97 52.56 33.01
C3 NAG O . -26.48 51.14 33.29
C4 NAG O . -27.64 50.23 33.65
C5 NAG O . -28.73 50.30 32.59
C6 NAG O . -29.97 49.52 32.95
C7 NAG O . -25.22 53.24 31.44
C8 NAG O . -24.11 54.21 31.16
N2 NAG O . -25.88 53.41 32.59
O3 NAG O . -25.53 51.16 34.35
O4 NAG O . -27.20 48.88 33.77
O5 NAG O . -29.14 51.67 32.40
O6 NAG O . -30.81 49.33 31.81
O7 NAG O . -25.50 52.34 30.64
H2 NAG O . -27.34 52.92 33.84
H3 NAG O . -26.05 50.79 32.49
H4 NAG O . -28.02 50.52 34.51
H5 NAG O . -28.37 49.97 31.74
H61 NAG O . -30.47 50.01 33.63
H62 NAG O . -29.70 48.65 33.30
H81 NAG O . -24.47 55.12 31.15
H82 NAG O . -23.70 54.01 30.30
H83 NAG O . -23.43 54.14 31.86
HN2 NAG O . -25.61 54.09 33.14
HO3 NAG O . -24.89 50.57 34.18
HO6 NAG O . -30.41 48.76 31.25
C1 NAG P . -27.70 35.13 41.38
C2 NAG P . -28.71 35.43 42.49
C3 NAG P . -29.81 34.38 42.52
C4 NAG P . -30.45 34.26 41.14
C5 NAG P . -29.38 33.96 40.10
C6 NAG P . -29.92 33.90 38.70
C7 NAG P . -28.59 36.12 44.84
C8 NAG P . -27.77 36.11 46.10
N2 NAG P . -28.05 35.51 43.78
O3 NAG P . -30.80 34.75 43.48
O4 NAG P . -31.43 33.22 41.14
O5 NAG P . -28.39 34.99 40.12
O6 NAG P . -29.14 34.68 37.81
O7 NAG P . -29.69 36.66 44.80
H2 NAG P . -29.12 36.30 42.30
H3 NAG P . -29.43 33.52 42.77
H4 NAG P . -30.88 35.10 40.92
H5 NAG P . -28.96 33.11 40.32
H61 NAG P . -30.83 34.23 38.69
H62 NAG P . -29.91 32.97 38.39
H81 NAG P . -27.61 35.18 46.38
H82 NAG P . -28.25 36.59 46.80
H83 NAG P . -26.91 36.54 45.93
HN2 NAG P . -27.23 35.12 43.88
HO6 NAG P . -28.55 35.16 38.27
C1 NAG P . -32.70 33.83 40.82
C2 NAG P . -33.73 32.72 40.60
C3 NAG P . -35.10 33.33 40.31
C4 NAG P . -35.49 34.32 41.41
C5 NAG P . -34.38 35.36 41.60
C6 NAG P . -34.65 36.29 42.75
C7 NAG P . -33.07 32.27 38.28
C8 NAG P . -32.67 31.21 37.29
N2 NAG P . -33.33 31.84 39.52
O3 NAG P . -36.08 32.30 40.23
O4 NAG P . -36.70 34.98 41.06
O5 NAG P . -33.14 34.69 41.87
O6 NAG P . -34.85 35.58 43.97
O7 NAG P . -33.15 33.45 37.97
H2 NAG P . -33.81 32.20 41.42
H3 NAG P . -35.07 33.80 39.46
H4 NAG P . -35.62 33.83 42.25
H5 NAG P . -34.29 35.88 40.78
H61 NAG P . -35.43 36.83 42.55
H62 NAG P . -33.87 36.88 42.86
H81 NAG P . -32.49 31.63 36.43
H82 NAG P . -33.38 30.56 37.20
H83 NAG P . -31.86 30.77 37.60
HN2 NAG P . -33.25 30.95 39.70
HO3 NAG P . -36.86 32.60 40.51
HO4 NAG P . -36.59 35.41 40.29
HO6 NAG P . -34.22 34.97 44.06
C1 NAG Q . 3.80 9.50 -68.51
C2 NAG Q . 2.76 8.41 -68.79
C3 NAG Q . 1.54 9.03 -69.46
C4 NAG Q . 1.00 10.18 -68.63
C5 NAG Q . 2.11 11.19 -68.34
C6 NAG Q . 1.68 12.31 -67.42
C7 NAG Q . 3.78 7.56 -70.86
C8 NAG Q . 4.32 6.35 -71.57
N2 NAG Q . 3.33 7.36 -69.62
O3 NAG Q . 0.53 8.03 -69.61
O4 NAG Q . -0.05 10.84 -69.34
O5 NAG Q . 3.22 10.54 -67.71
O6 NAG Q . 0.62 11.89 -66.56
O7 NAG Q . 3.75 8.67 -71.39
C1 NAG Q . -1.31 10.35 -68.85
C2 NAG Q . -2.43 10.94 -69.71
C3 NAG Q . -3.78 10.39 -69.26
C4 NAG Q . -3.77 8.87 -69.25
C5 NAG Q . -2.59 8.35 -68.42
C6 NAG Q . -2.45 6.85 -68.47
C7 NAG Q . -2.59 13.08 -68.50
C8 NAG Q . -2.55 14.57 -68.62
N2 NAG Q . -2.42 12.38 -69.64
O3 NAG Q . -4.80 10.86 -70.14
O4 NAG Q . -4.99 8.37 -68.71
O5 NAG Q . -1.36 8.91 -68.92
O6 NAG Q . -3.64 6.23 -68.91
O7 NAG Q . -2.77 12.51 -67.43
C1 NAG R . -9.78 71.88 36.65
C2 NAG R . -10.87 72.94 36.55
C3 NAG R . -10.80 73.87 37.75
C4 NAG R . -10.84 73.07 39.05
C5 NAG R . -9.77 71.99 39.04
C6 NAG R . -9.84 71.08 40.24
C7 NAG R . -11.34 73.32 34.16
C8 NAG R . -11.11 74.22 32.99
N2 NAG R . -10.75 73.70 35.31
O3 NAG R . -11.90 74.78 37.71
O4 NAG R . -10.62 73.94 40.16
O5 NAG R . -9.91 71.16 37.88
O6 NAG R . -10.06 71.81 41.43
O7 NAG R . -12.01 72.30 34.09
C1 NAG R . -11.87 74.12 40.87
C2 NAG R . -12.08 75.61 41.11
C3 NAG R . -13.41 75.87 41.80
C4 NAG R . -14.54 75.22 41.02
C5 NAG R . -14.24 73.73 40.78
C6 NAG R . -15.27 73.05 39.90
C7 NAG R . -10.64 75.80 43.12
C8 NAG R . -11.47 74.71 43.74
N2 NAG R . -10.98 76.18 41.88
O3 NAG R . -13.64 77.26 41.91
O4 NAG R . -15.77 75.32 41.74
O5 NAG R . -12.98 73.60 40.11
O6 NAG R . -14.76 72.80 38.60
O7 NAG R . -9.70 76.32 43.72
C1 NAG S . -4.15 -34.44 38.00
C2 NAG S . -5.07 -33.25 37.72
C3 NAG S . -5.53 -32.62 39.03
C4 NAG S . -6.16 -33.66 39.93
C5 NAG S . -5.19 -34.84 40.11
C6 NAG S . -5.80 -35.98 40.90
C7 NAG S . -5.04 -31.52 35.97
C8 NAG S . -4.20 -30.54 35.20
N2 NAG S . -4.41 -32.25 36.89
O3 NAG S . -6.48 -31.58 38.75
O4 NAG S . -6.45 -33.11 41.20
O5 NAG S . -4.82 -35.37 38.83
O6 NAG S . -6.14 -35.59 42.22
O7 NAG S . -6.25 -31.63 35.78
H2 NAG S . -5.86 -33.57 37.25
H3 NAG S . -4.76 -32.23 39.48
H4 NAG S . -6.98 -33.99 39.52
H5 NAG S . -4.40 -34.53 40.58
H61 NAG S . -5.16 -36.72 40.95
H62 NAG S . -6.61 -36.29 40.45
H81 NAG S . -3.79 -29.91 35.82
H82 NAG S . -4.75 -30.07 34.56
H83 NAG S . -3.50 -31.03 34.73
HN2 NAG S . -3.51 -32.12 36.99
HO3 NAG S . -7.28 -31.84 39.04
HO4 NAG S . -7.30 -32.83 41.21
HO6 NAG S . -6.98 -35.81 42.39
C1 NAG T . 33.29 -56.99 17.92
C2 NAG T . 31.93 -57.01 17.22
C3 NAG T . 31.58 -55.61 16.72
C4 NAG T . 31.67 -54.60 17.86
C5 NAG T . 33.04 -54.70 18.54
C6 NAG T . 33.15 -53.82 19.77
C7 NAG T . 30.98 -58.90 15.97
C8 NAG T . 31.11 -59.79 14.78
N2 NAG T . 31.91 -57.95 16.12
O3 NAG T . 30.26 -55.61 16.19
O4 NAG T . 31.48 -53.28 17.37
O5 NAG T . 33.27 -56.04 18.98
O6 NAG T . 32.41 -54.34 20.85
O7 NAG T . 30.05 -59.03 16.77
H2 NAG T . 31.25 -57.27 17.87
H3 NAG T . 32.21 -55.35 16.02
H4 NAG T . 30.98 -54.80 18.52
H5 NAG T . 33.72 -54.44 17.90
H61 NAG T . 32.82 -52.93 19.55
H62 NAG T . 34.10 -53.76 20.02
H81 NAG T . 30.40 -60.45 14.78
H82 NAG T . 31.98 -60.25 14.81
H83 NAG T . 31.07 -59.26 13.96
HN2 NAG T . 32.58 -57.90 15.49
HO3 NAG T . 29.85 -54.84 16.39
HO4 NAG T . 31.23 -52.76 18.03
HO6 NAG T . 31.57 -54.48 20.61
C1 NAG U . -43.90 -24.79 10.23
C2 NAG U . -45.13 -24.82 11.13
C3 NAG U . -44.94 -23.89 12.33
C4 NAG U . -43.64 -24.22 13.05
C5 NAG U . -42.47 -24.21 12.08
C6 NAG U . -41.16 -24.65 12.71
C7 NAG U . -47.56 -24.79 10.81
C8 NAG U . -48.68 -24.34 9.92
N2 NAG U . -46.33 -24.47 10.40
O3 NAG U . -46.04 -24.03 13.22
O4 NAG U . -43.40 -23.27 14.08
O5 NAG U . -42.73 -25.12 11.00
O6 NAG U . -40.06 -23.91 12.19
O7 NAG U . -47.76 -25.41 11.85
H2 NAG U . -45.23 -25.74 11.47
H3 NAG U . -44.89 -22.97 12.01
H4 NAG U . -43.72 -25.11 13.45
H5 NAG U . -42.36 -23.31 11.72
H61 NAG U . -41.03 -25.59 12.53
H62 NAG U . -41.21 -24.51 13.67
H81 NAG U . -48.65 -23.37 9.82
H82 NAG U . -49.53 -24.61 10.32
H83 NAG U . -48.59 -24.76 9.04
HN2 NAG U . -46.24 -24.00 9.62
HO3 NAG U . -46.02 -24.83 13.59
HO4 NAG U . -43.36 -23.69 14.87
HO6 NAG U . -39.34 -24.08 12.68
C1 NAG V . 11.00 -5.28 43.78
C2 NAG V . 10.06 -4.31 44.52
C3 NAG V . 10.78 -3.68 45.70
C4 NAG V . 11.37 -4.75 46.60
C5 NAG V . 12.24 -5.71 45.79
C6 NAG V . 12.76 -6.87 46.61
C7 NAG V . 8.33 -2.76 43.72
C8 NAG V . 7.98 -1.72 42.71
N2 NAG V . 9.56 -3.29 43.62
O3 NAG V . 9.86 -2.87 46.43
O4 NAG V . 12.15 -4.16 47.62
O5 NAG V . 11.48 -6.27 44.71
O6 NAG V . 11.74 -7.44 47.42
O7 NAG V . 7.54 -3.11 44.59
H2 NAG V . 9.31 -4.82 44.87
H3 NAG V . 11.50 -3.11 45.37
H4 NAG V . 10.63 -5.26 47.01
H5 NAG V . 13.00 -5.21 45.43
H61 NAG V . 13.49 -6.57 47.18
H62 NAG V . 13.11 -7.56 46.00
H81 NAG V . 8.05 -2.10 41.80
H82 NAG V . 8.59 -0.96 42.79
H83 NAG V . 7.07 -1.41 42.86
HN2 NAG V . 10.11 -2.99 42.95
HO3 NAG V . 9.57 -3.33 47.14
HO4 NAG V . 12.61 -3.48 47.29
HO6 NAG V . 11.79 -8.32 47.38
C1 NAG W . -32.24 -5.40 30.87
C2 NAG W . -32.13 -6.68 30.05
C3 NAG W . -33.38 -7.54 30.24
C4 NAG W . -33.63 -7.78 31.73
C5 NAG W . -33.67 -6.44 32.48
C6 NAG W . -33.80 -6.62 33.97
C7 NAG W . -30.72 -6.23 28.10
C8 NAG W . -30.69 -5.93 26.63
N2 NAG W . -31.92 -6.38 28.64
O3 NAG W . -33.20 -8.78 29.57
O4 NAG W . -34.87 -8.46 31.90
O5 NAG W . -32.46 -5.73 32.24
O6 NAG W . -32.82 -7.51 34.48
O7 NAG W . -29.69 -6.34 28.76
H2 NAG W . -31.37 -7.18 30.38
H3 NAG W . -34.14 -7.07 29.87
H4 NAG W . -32.92 -8.33 32.09
H5 NAG W . -34.43 -5.93 32.15
H61 NAG W . -34.69 -6.97 34.18
H62 NAG W . -33.70 -5.75 34.40
H81 NAG W . -29.76 -5.86 26.33
H82 NAG W . -31.15 -5.09 26.47
H83 NAG W . -31.13 -6.65 26.14
HN2 NAG W . -32.65 -6.29 28.11
HO3 NAG W . -33.54 -9.43 30.07
HO4 NAG W . -35.30 -8.49 31.12
HO6 NAG W . -32.04 -7.38 34.05
C1 NAG X . -21.53 -1.09 50.19
C2 NAG X . -22.92 -0.47 50.13
C3 NAG X . -23.98 -1.56 50.00
C4 NAG X . -23.66 -2.48 48.82
C5 NAG X . -22.23 -3.01 48.94
C6 NAG X . -21.81 -3.83 47.74
C7 NAG X . -24.10 1.32 51.31
C8 NAG X . -24.23 2.08 52.60
N2 NAG X . -23.18 0.35 51.29
O3 NAG X . -25.27 -0.98 49.82
O4 NAG X . -24.57 -3.57 48.80
O5 NAG X . -21.31 -1.92 49.04
O6 NAG X . -20.90 -4.86 48.10
O7 NAG X . -24.79 1.58 50.34
H2 NAG X . -22.97 0.09 49.33
H3 NAG X . -23.98 -2.10 50.82
H4 NAG X . -23.75 -1.97 47.99
H5 NAG X . -22.17 -3.57 49.74
H61 NAG X . -21.39 -3.25 47.08
H62 NAG X . -22.60 -4.24 47.34
H81 NAG X . -24.91 2.76 52.51
H82 NAG X . -23.38 2.50 52.82
H83 NAG X . -24.48 1.46 53.32
HN2 NAG X . -22.69 0.20 52.05
HO3 NAG X . -25.64 -1.30 49.09
HO4 NAG X . -25.34 -3.33 49.18
HO6 NAG X . -21.16 -5.63 47.76
C1 NAG Y . -19.59 40.02 57.10
C2 NAG Y . -20.10 41.42 57.43
C3 NAG Y . -20.66 41.47 58.85
C4 NAG Y . -21.71 40.39 59.04
C5 NAG Y . -21.14 39.03 58.65
C6 NAG Y . -22.16 37.92 58.71
C7 NAG Y . -18.76 42.98 56.09
C8 NAG Y . -17.64 43.98 56.10
N2 NAG Y . -19.05 42.42 57.27
O3 NAG Y . -21.23 42.74 59.09
O4 NAG Y . -22.13 40.34 60.40
O5 NAG Y . -20.65 39.07 57.30
O6 NAG Y . -23.25 38.17 57.82
O7 NAG Y . -19.35 42.69 55.06
H2 NAG Y . -20.83 41.64 56.82
H3 NAG Y . -19.93 41.32 59.49
H4 NAG Y . -22.48 40.58 58.48
H5 NAG Y . -20.40 38.80 59.25
H61 NAG Y . -22.50 37.84 59.61
H62 NAG Y . -21.73 37.07 58.45
H81 NAG Y . -16.83 43.56 56.45
H82 NAG Y . -17.88 44.73 56.67
H83 NAG Y . -17.47 44.29 55.19
HN2 NAG Y . -18.56 42.66 58.00
HO3 NAG Y . -22.01 42.65 59.51
HO4 NAG Y . -22.93 39.96 60.45
HO6 NAG Y . -24.01 38.15 58.27
C1 NAG Z . -9.19 29.93 60.80
C2 NAG Z . -8.22 28.74 60.86
C3 NAG Z . -8.98 27.44 60.56
C4 NAG Z . -10.18 27.30 61.49
C5 NAG Z . -11.07 28.55 61.40
C6 NAG Z . -12.21 28.53 62.37
C7 NAG Z . -6.02 28.15 59.97
C8 NAG Z . -4.98 28.47 58.94
N2 NAG Z . -7.13 28.91 59.94
O3 NAG Z . -8.10 26.34 60.75
O4 NAG Z . -10.95 26.16 61.12
O5 NAG Z . -10.28 29.72 61.69
O6 NAG Z . -11.96 29.38 63.49
O7 NAG Z . -5.88 27.25 60.79
H2 NAG Z . -7.86 28.68 61.77
H3 NAG Z . -9.28 27.46 59.64
H4 NAG Z . -9.87 27.19 62.41
H5 NAG Z . -11.41 28.63 60.49
H61 NAG Z . -12.34 27.61 62.70
H62 NAG Z . -13.02 28.83 61.92
H81 NAG Z . -4.25 27.82 59.01
H82 NAG Z . -5.37 28.41 58.05
H83 NAG Z . -4.64 29.37 59.09
HN2 NAG Z . -7.17 29.57 59.30
HO3 NAG Z . -7.79 26.07 59.96
HO4 NAG Z . -10.46 25.63 60.60
HO6 NAG Z . -11.39 30.01 63.25
C1 NAG AA . 9.68 27.54 60.11
C2 NAG AA . 10.13 28.02 61.48
C3 NAG AA . 11.63 27.81 61.65
C4 NAG AA . 11.99 26.36 61.37
C5 NAG AA . 11.47 25.94 60.00
C6 NAG AA . 11.69 24.49 59.69
C7 NAG AA . 9.34 29.94 62.83
C8 NAG AA . 9.19 28.99 63.98
N2 NAG AA . 9.79 29.42 61.69
O3 NAG AA . 12.02 28.16 62.97
O4 NAG AA . 13.42 26.20 61.39
O5 NAG AA . 10.05 26.17 59.93
O6 NAG AA . 10.88 24.04 58.62
O7 NAG AA . 9.06 31.14 62.94
H2 NAG AA . 9.67 27.46 62.14
H3 NAG AA . 12.11 28.38 61.02
H4 NAG AA . 11.60 25.79 62.05
H5 NAG AA . 11.91 26.48 59.31
H61 NAG AA . 11.49 23.96 60.49
H62 NAG AA . 12.63 24.35 59.46
H81 NAG AA . 8.50 28.33 63.77
H82 NAG AA . 8.92 29.49 64.78
H83 NAG AA . 10.03 28.53 64.15
C1 NAG BA . 13.02 20.71 71.70
C2 NAG BA . 12.56 21.07 73.11
C3 NAG BA . 11.95 19.85 73.80
C4 NAG BA . 10.84 19.25 72.93
C5 NAG BA . 11.37 18.97 71.53
C6 NAG BA . 10.29 18.50 70.58
C7 NAG BA . 13.63 22.78 74.51
C8 NAG BA . 14.86 23.16 75.28
N2 NAG BA . 13.67 21.59 73.90
O3 NAG BA . 11.42 20.23 75.06
O4 NAG BA . 10.38 18.03 73.51
O5 NAG BA . 11.92 20.17 70.97
O6 NAG BA . 10.65 17.28 69.95
O7 NAG BA . 12.65 23.51 74.45
H2 NAG BA . 11.87 21.75 73.04
H3 NAG BA . 12.64 19.18 73.93
H4 NAG BA . 10.10 19.88 72.88
H5 NAG BA . 12.07 18.29 71.57
H61 NAG BA . 10.14 19.18 69.90
H62 NAG BA . 9.46 18.36 71.08
H81 NAG BA . 14.74 24.05 75.68
H82 NAG BA . 15.63 23.18 74.68
H83 NAG BA . 15.02 22.50 75.98
HN2 NAG BA . 14.42 21.09 73.98
HO3 NAG BA . 10.60 19.89 75.16
HO6 NAG BA . 9.92 16.83 69.73
C1 NAG CA . 28.25 20.62 50.31
C2 NAG CA . 29.36 21.17 51.22
C3 NAG CA . 30.65 20.38 51.02
C4 NAG CA . 30.39 18.89 51.21
C5 NAG CA . 29.24 18.44 50.31
C6 NAG CA . 28.85 16.99 50.54
C7 NAG CA . 30.26 23.38 51.80
C8 NAG CA . 30.40 24.81 51.39
N2 NAG CA . 29.58 22.58 50.96
O3 NAG CA . 31.62 20.82 51.96
O4 NAG CA . 31.56 18.15 50.90
O5 NAG CA . 28.07 19.22 50.56
O6 NAG CA . 27.57 16.71 49.97
O7 NAG CA . 30.74 22.96 52.85
H3 NAG CA . 30.97 20.53 50.12
H61 NAG CA . 28.82 16.81 51.49
H62 NAG CA . 29.52 16.42 50.12
H81 NAG CA . 29.52 25.21 51.30
H82 NAG CA . 30.86 24.86 50.52
H83 NAG CA . 30.91 25.30 52.05
C1 NAG DA . 31.41 7.85 52.45
C2 NAG DA . 32.70 8.08 53.24
C3 NAG DA . 32.45 8.95 54.46
C4 NAG DA . 31.74 10.24 54.05
C5 NAG DA . 30.49 9.91 53.25
C6 NAG DA . 29.79 11.14 52.72
C7 NAG DA . 32.79 5.76 54.19
C8 NAG DA . 31.32 5.85 54.48
N2 NAG DA . 33.36 6.83 53.61
O3 NAG DA . 33.69 9.27 55.07
O4 NAG DA . 31.37 10.97 55.22
O5 NAG DA . 30.82 9.12 52.11
O6 NAG DA . 30.14 11.40 51.37
O7 NAG DA . 33.44 4.76 54.46
H2 NAG DA . 33.32 8.57 52.65
H3 NAG DA . 31.90 8.49 55.11
H4 NAG DA . 32.34 10.78 53.50
H5 NAG DA . 29.87 9.41 53.81
H61 NAG DA . 30.03 11.92 53.27
H62 NAG DA . 28.82 11.01 52.77
H81 NAG DA . 31.09 5.15 55.13
H82 NAG DA . 30.81 5.68 53.66
H83 NAG DA . 31.07 6.71 54.87
HO4 NAG DA . 31.80 10.65 55.92
HO6 NAG DA . 29.46 11.80 50.96
C1 NAG EA . 28.91 -71.78 34.09
C2 NAG EA . 28.74 -72.98 35.02
C3 NAG EA . 29.83 -74.00 34.78
C4 NAG EA . 29.89 -74.38 33.30
C5 NAG EA . 30.02 -73.12 32.44
C6 NAG EA . 29.97 -73.41 30.96
C7 NAG EA . 27.70 -72.78 37.24
C8 NAG EA . 26.52 -73.52 36.64
N2 NAG EA . 28.72 -72.56 36.42
O3 NAG EA . 29.58 -75.16 35.56
O4 NAG EA . 31.01 -75.23 33.06
O5 NAG EA . 28.93 -72.22 32.74
O6 NAG EA . 29.80 -74.80 30.71
O7 NAG EA . 27.71 -72.42 38.41
C1 NAG FA . 1.96 -43.93 8.65
C2 NAG FA . 0.50 -43.67 8.30
C3 NAG FA . 0.05 -44.60 7.18
C4 NAG FA . 0.98 -44.49 5.99
C5 NAG FA . 2.43 -44.72 6.42
C6 NAG FA . 3.42 -44.50 5.30
C7 NAG FA . -1.53 -43.23 9.61
C8 NAG FA . -2.27 -43.50 10.88
N2 NAG FA . -0.34 -43.82 9.48
O3 NAG FA . -1.28 -44.27 6.80
O4 NAG FA . 0.63 -45.46 5.00
O5 NAG FA . 2.77 -43.80 7.47
O6 NAG FA . 2.87 -43.70 4.27
O7 NAG FA . -1.99 -42.50 8.73
C1 NAG GA . -52.94 -18.45 15.24
C2 NAG GA . -52.63 -19.49 16.31
C3 NAG GA . -53.15 -19.03 17.67
C4 NAG GA . -52.62 -17.63 18.00
C5 NAG GA . -52.92 -16.68 16.85
C6 NAG GA . -52.31 -15.31 17.04
C7 NAG GA . -52.82 -21.48 14.89
C8 NAG GA . -53.50 -22.80 14.69
N2 NAG GA . -53.20 -20.79 15.97
O3 NAG GA . -52.74 -19.94 18.68
O4 NAG GA . -53.22 -17.14 19.19
O5 NAG GA . -52.39 -17.19 15.62
O6 NAG GA . -53.31 -14.32 17.28
O7 NAG GA . -51.96 -21.07 14.12
C1 NAG HA . -58.18 -35.81 -3.99
C2 NAG HA . -57.00 -36.74 -3.70
C3 NAG HA . -56.09 -36.13 -2.64
C4 NAG HA . -55.69 -34.71 -3.02
C5 NAG HA . -56.93 -33.87 -3.33
C6 NAG HA . -56.60 -32.49 -3.83
C7 NAG HA . -56.96 -39.18 -3.83
C8 NAG HA . -57.54 -40.46 -3.30
N2 NAG HA . -57.44 -38.06 -3.30
O3 NAG HA . -54.93 -36.94 -2.48
O4 NAG HA . -54.97 -34.10 -1.96
O5 NAG HA . -57.71 -34.52 -4.36
O6 NAG HA . -57.63 -31.56 -3.52
O7 NAG HA . -56.10 -39.18 -4.70
C1 NAG IA . 48.03 36.86 58.08
C2 NAG IA . 47.53 35.43 58.26
C3 NAG IA . 47.99 34.88 59.61
C4 NAG IA . 49.50 35.00 59.73
C5 NAG IA . 49.93 36.45 59.48
C6 NAG IA . 51.43 36.62 59.47
C7 NAG IA . 45.43 34.69 57.22
C8 NAG IA . 43.92 34.74 57.27
N2 NAG IA . 46.07 35.38 58.16
O3 NAG IA . 47.61 33.51 59.71
O4 NAG IA . 49.91 34.61 61.04
O5 NAG IA . 49.45 36.88 58.19
O6 NAG IA . 52.10 35.37 59.49
O7 NAG IA . 46.03 34.03 56.37
C1 NAG JA . 45.68 9.33 -20.17
C2 NAG JA . 45.51 8.82 -18.74
C3 NAG JA . 46.58 9.43 -17.84
C4 NAG JA . 47.97 9.20 -18.41
C5 NAG JA . 48.03 9.69 -19.86
C6 NAG JA . 49.34 9.38 -20.53
C7 NAG JA . 43.16 8.26 -18.36
C8 NAG JA . 41.85 8.71 -17.77
N2 NAG JA . 44.18 9.11 -18.23
O3 NAG JA . 46.49 8.85 -16.54
O4 NAG JA . 48.94 9.89 -17.64
O5 NAG JA . 47.00 9.06 -20.64
O6 NAG JA . 50.41 10.15 -20.00
O7 NAG JA . 43.27 7.17 -18.91
H2 NAG JA . 45.64 7.85 -18.75
H3 NAG JA . 46.42 10.39 -17.77
H4 NAG JA . 48.16 8.24 -18.40
H5 NAG JA . 47.88 10.65 -19.87
H61 NAG JA . 49.27 9.57 -21.48
H62 NAG JA . 49.54 8.43 -20.41
H81 NAG JA . 41.18 8.03 -17.91
H82 NAG JA . 41.58 9.55 -18.20
H83 NAG JA . 41.97 8.87 -16.80
HN2 NAG JA . 44.04 9.90 -17.81
HO3 NAG JA . 46.67 7.99 -16.59
HO4 NAG JA . 48.54 10.52 -17.16
HO6 NAG JA . 50.57 10.84 -20.53
C1 NAG KA . 31.00 14.52 -64.87
C2 NAG KA . 31.93 15.55 -64.23
C3 NAG KA . 32.22 15.16 -62.78
C4 NAG KA . 30.92 14.95 -62.01
C5 NAG KA . 30.03 13.95 -62.75
C6 NAG KA . 28.67 13.78 -62.12
C7 NAG KA . 33.24 16.33 -66.15
C8 NAG KA . 34.60 16.36 -66.78
N2 NAG KA . 33.16 15.69 -64.97
O3 NAG KA . 32.98 16.19 -62.16
O4 NAG KA . 31.19 14.45 -60.71
O5 NAG KA . 29.81 14.40 -64.10
O6 NAG KA . 28.05 15.03 -61.86
O7 NAG KA . 32.26 16.83 -66.68
H2 NAG KA . 31.46 16.41 -64.22
H3 NAG KA . 32.73 14.34 -62.77
H4 NAG KA . 30.44 15.80 -61.94
H5 NAG KA . 30.48 13.08 -62.78
H61 NAG KA . 28.77 13.29 -61.28
H62 NAG KA . 28.10 13.26 -62.72
H81 NAG KA . 35.22 16.82 -66.19
H82 NAG KA . 34.55 16.85 -67.63
H83 NAG KA . 34.91 15.46 -66.94
HN2 NAG KA . 33.92 15.32 -64.63
HO3 NAG KA . 33.78 16.24 -62.53
HO4 NAG KA . 31.60 13.66 -60.78
HO6 NAG KA . 28.25 15.60 -62.52
C1 NAG LA . 40.25 -33.45 13.76
C2 NAG LA . 39.69 -32.67 12.58
C3 NAG LA . 40.18 -33.28 11.27
C4 NAG LA . 41.70 -33.39 11.27
C5 NAG LA . 42.18 -34.13 12.51
C6 NAG LA . 43.68 -34.16 12.64
C7 NAG LA . 37.55 -32.07 13.61
C8 NAG LA . 36.05 -32.13 13.49
N2 NAG LA . 38.23 -32.64 12.62
O3 NAG LA . 39.74 -32.48 10.18
O4 NAG LA . 42.13 -34.09 10.10
O5 NAG LA . 41.68 -33.48 13.69
O6 NAG LA . 44.19 -35.47 12.43
O7 NAG LA . 38.10 -31.52 14.56
H2 NAG LA . 40.02 -31.75 12.63
H3 NAG LA . 39.79 -34.17 11.17
H4 NAG LA . 42.07 -32.49 11.26
H5 NAG LA . 41.84 -35.04 12.49
H61 NAG LA . 43.93 -33.85 13.52
H62 NAG LA . 44.07 -33.57 11.97
H81 NAG LA . 35.76 -33.06 13.47
H82 NAG LA . 35.77 -31.68 12.67
H83 NAG LA . 35.64 -31.68 14.26
HN2 NAG LA . 37.78 -33.03 11.94
HO3 NAG LA . 40.18 -32.71 9.44
HO4 NAG LA . 42.41 -34.90 10.33
HO6 NAG LA . 43.74 -35.87 11.78
C1 NAG MA . 29.32 34.26 -3.98
C2 NAG MA . 29.93 34.49 -2.60
C3 NAG MA . 30.13 35.98 -2.36
C4 NAG MA . 30.94 36.60 -3.50
C5 NAG MA . 30.29 36.27 -4.85
C6 NAG MA . 31.11 36.75 -6.02
C7 NAG MA . 29.60 33.48 -0.38
C8 NAG MA . 28.61 32.91 0.57
N2 NAG MA . 29.10 33.92 -1.56
O3 NAG MA . 30.82 36.18 -1.12
O4 NAG MA . 31.00 38.01 -3.35
O5 NAG MA . 30.14 34.85 -4.99
O6 NAG MA . 30.31 36.82 -7.20
O7 NAG MA . 30.80 33.54 -0.12
H2 NAG MA . 30.81 34.07 -2.57
H3 NAG MA . 29.26 36.43 -2.32
H4 NAG MA . 31.84 36.23 -3.48
H5 NAG MA . 29.41 36.68 -4.88
H61 NAG MA . 31.85 36.13 -6.17
H62 NAG MA . 31.47 37.63 -5.83
H81 NAG MA . 28.16 32.14 0.18
H82 NAG MA . 29.07 32.63 1.39
H83 NAG MA . 27.95 33.59 0.80
HN2 NAG MA . 28.21 33.85 -1.70
HO3 NAG MA . 30.35 36.75 -0.62
HO4 NAG MA . 30.46 38.26 -2.69
HO6 NAG MA . 30.39 36.07 -7.65
C1 NAG NA . 42.02 -2.76 23.00
C2 NAG NA . 42.45 -4.16 23.46
C3 NAG NA . 43.74 -4.06 24.27
C4 NAG NA . 44.81 -3.32 23.49
C5 NAG NA . 44.28 -1.96 23.02
C6 NAG NA . 45.25 -1.22 22.13
C7 NAG NA . 40.30 -5.31 23.68
C8 NAG NA . 39.32 -5.94 24.62
N2 NAG NA . 41.40 -4.80 24.23
O3 NAG NA . 44.19 -5.38 24.59
O4 NAG NA . 45.96 -3.12 24.31
O5 NAG NA . 43.08 -2.15 22.27
O6 NAG NA . 44.94 0.16 22.06
O7 NAG NA . 40.09 -5.26 22.47
H2 NAG NA . 42.63 -4.69 22.67
H3 NAG NA . 43.55 -3.58 25.11
H4 NAG NA . 45.07 -3.84 22.71
H5 NAG NA . 44.08 -1.42 23.80
H61 NAG NA . 45.22 -1.61 21.24
H62 NAG NA . 46.15 -1.33 22.49
H81 NAG NA . 39.02 -5.27 25.27
H82 NAG NA . 39.75 -6.67 25.11
H83 NAG NA . 38.56 -6.28 24.13
HN2 NAG NA . 41.50 -4.86 25.14
HO3 NAG NA . 45.07 -5.42 24.50
HO4 NAG NA . 46.67 -3.50 23.93
HO6 NAG NA . 44.47 0.32 21.33
C1 NAG OA . 48.30 18.94 18.49
C2 NAG OA . 48.50 18.38 17.09
C3 NAG OA . 49.68 17.40 17.07
C4 NAG OA . 50.92 18.07 17.64
C5 NAG OA . 50.63 18.64 19.02
C6 NAG OA . 51.79 19.41 19.61
C7 NAG OA . 47.15 17.30 15.34
C8 NAG OA . 45.83 16.66 15.02
N2 NAG OA . 47.30 17.73 16.60
O3 NAG OA . 49.93 16.98 15.74
O4 NAG OA . 51.98 17.11 17.75
O5 NAG OA . 49.53 19.55 18.95
O6 NAG OA . 52.28 20.38 18.68
O7 NAG OA . 48.02 17.45 14.49
H2 NAG OA . 48.72 19.10 16.47
H3 NAG OA . 49.45 16.63 17.60
H4 NAG OA . 51.21 18.79 17.05
H5 NAG OA . 50.40 17.91 19.63
H61 NAG OA . 52.51 18.79 19.84
H62 NAG OA . 51.50 19.87 20.42
H81 NAG OA . 45.12 17.32 15.08
H82 NAG OA . 45.67 15.93 15.65
H83 NAG OA . 45.87 16.29 14.12
HN2 NAG OA . 46.61 17.59 17.19
HO3 NAG OA . 50.48 16.29 15.74
HO4 NAG OA . 52.67 17.39 17.27
HO6 NAG OA . 51.63 20.91 18.44
C1 NAG PA . 39.09 37.54 57.71
C2 NAG PA . 39.58 36.65 58.85
C3 NAG PA . 39.46 35.17 58.44
C4 NAG PA . 38.05 34.86 57.98
C5 NAG PA . 37.62 35.83 56.89
C6 NAG PA . 36.18 35.66 56.47
C7 NAG PA . 41.26 37.87 60.15
C8 NAG PA . 42.73 38.07 60.41
N2 NAG PA . 40.95 36.96 59.22
O3 NAG PA . 39.81 34.36 59.55
O4 NAG PA . 37.99 33.54 57.47
O5 NAG PA . 37.76 37.19 57.37
O6 NAG PA . 35.97 36.09 55.13
O7 NAG PA . 40.40 38.49 60.77
H2 NAG PA . 39.01 36.78 59.62
H3 NAG PA . 40.08 35.00 57.71
H4 NAG PA . 37.44 34.94 58.74
H5 NAG PA . 38.20 35.72 56.10
H61 NAG PA . 35.93 34.72 56.55
H62 NAG PA . 35.61 36.19 57.06
H81 NAG PA . 43.13 37.23 60.69
H82 NAG PA . 42.85 38.74 61.10
H83 NAG PA . 43.16 38.38 59.58
HN2 NAG PA . 41.63 36.53 58.79
HO3 NAG PA . 39.95 33.52 59.26
HO4 NAG PA . 38.60 33.42 56.84
HO6 NAG PA . 36.65 36.60 54.87
C1 NAG QA . 35.48 43.77 38.52
C2 NAG QA . 35.34 43.93 37.00
C3 NAG QA . 36.09 42.81 36.28
C4 NAG QA . 37.52 42.72 36.77
C5 NAG QA . 37.56 42.60 38.28
C6 NAG QA . 38.97 42.63 38.84
C7 NAG QA . 33.54 44.17 35.35
C8 NAG QA . 32.05 44.15 35.13
N2 NAG QA . 33.95 43.95 36.61
O3 NAG QA . 36.06 43.04 34.87
O4 NAG QA . 38.17 41.58 36.19
O5 NAG QA . 36.87 43.71 38.87
O6 NAG QA . 39.15 43.71 39.74
O7 NAG QA . 34.33 44.35 34.44
H2 NAG QA . 35.76 44.78 36.74
H3 NAG QA . 35.64 41.96 36.47
H4 NAG QA . 38.00 43.53 36.49
H5 NAG QA . 37.13 41.77 38.55
H61 NAG QA . 39.61 42.72 38.10
H62 NAG QA . 39.14 41.79 39.31
H81 NAG QA . 31.67 44.97 35.51
H82 NAG QA . 31.67 43.38 35.57
H83 NAG QA . 31.87 44.11 34.17
HN2 NAG QA . 33.31 43.81 37.25
HO3 NAG QA . 36.60 43.72 34.68
HO4 NAG QA . 38.03 40.88 36.71
HO6 NAG QA . 38.42 44.22 39.74
C1 NAG RA . 47.06 35.11 31.87
C2 NAG RA . 45.77 35.13 32.69
C3 NAG RA . 46.09 35.13 34.18
C4 NAG RA . 47.00 33.97 34.52
C5 NAG RA . 48.24 33.99 33.63
C6 NAG RA . 49.15 32.79 33.83
C7 NAG RA . 44.36 36.42 31.15
C8 NAG RA . 43.54 37.67 30.95
N2 NAG RA . 44.94 36.27 32.34
O3 NAG RA . 44.87 35.02 34.91
O4 NAG RA . 47.41 34.06 35.89
O5 NAG RA . 47.85 33.98 32.25
O6 NAG RA . 50.19 32.77 32.87
O7 NAG RA . 44.46 35.57 30.25
C1 NAG SA . 41.40 -55.56 -1.02
C2 NAG SA . 42.45 -56.49 -1.61
C3 NAG SA . 43.43 -55.70 -2.48
C4 NAG SA . 42.67 -54.89 -3.52
C5 NAG SA . 41.60 -54.02 -2.85
C6 NAG SA . 40.74 -53.28 -3.84
C7 NAG SA . 43.88 -56.60 0.38
C8 NAG SA . 44.55 -57.50 1.38
N2 NAG SA . 43.16 -57.21 -0.58
O3 NAG SA . 44.32 -56.60 -3.13
O4 NAG SA . 43.57 -54.05 -4.24
O5 NAG SA . 40.74 -54.85 -2.07
O6 NAG SA . 39.37 -53.66 -3.71
O7 NAG SA . 43.99 -55.38 0.42
C1 NAG TA . 41.75 -25.13 24.51
C2 NAG TA . 42.35 -23.93 23.80
C3 NAG TA . 42.98 -24.35 22.47
C4 NAG TA . 43.98 -25.48 22.70
C5 NAG TA . 43.32 -26.63 23.47
C6 NAG TA . 44.28 -27.72 23.84
C7 NAG TA . 41.09 -21.92 24.45
C8 NAG TA . 40.01 -20.94 24.06
N2 NAG TA . 41.34 -22.89 23.57
O3 NAG TA . 43.63 -23.23 21.88
O4 NAG TA . 44.46 -25.97 21.45
O5 NAG TA . 42.76 -26.13 24.69
O6 NAG TA . 45.46 -27.66 23.05
O7 NAG TA . 41.71 -21.81 25.50
C1 NAG UA . 18.95 33.13 -26.89
C2 NAG UA . 20.03 34.18 -26.57
C3 NAG UA . 19.38 35.53 -26.25
C4 NAG UA . 18.44 35.94 -27.36
C5 NAG UA . 17.43 34.82 -27.65
C6 NAG UA . 16.53 35.12 -28.83
C7 NAG UA . 20.44 33.59 -24.22
C8 NAG UA . 21.45 33.13 -23.22
N2 NAG UA . 20.88 33.74 -25.48
O3 NAG UA . 20.39 36.50 -26.08
O4 NAG UA . 17.73 37.12 -26.99
O5 NAG UA . 18.13 33.60 -27.96
O6 NAG UA . 15.43 34.24 -28.88
O7 NAG UA . 19.27 33.81 -23.91
C1 NAG VA . 24.77 -7.25 -33.55
C2 NAG VA . 23.36 -6.73 -33.30
C3 NAG VA . 22.84 -7.22 -31.96
C4 NAG VA . 22.96 -8.73 -31.86
C5 NAG VA . 24.38 -9.18 -32.17
C6 NAG VA . 24.54 -10.68 -32.22
C7 NAG VA . 22.21 -4.59 -33.65
C8 NAG VA . 22.35 -3.10 -33.68
N2 NAG VA . 23.32 -5.27 -33.37
O3 NAG VA . 21.48 -6.82 -31.80
O4 NAG VA . 22.60 -9.17 -30.55
O5 NAG VA . 24.78 -8.68 -33.46
O6 NAG VA . 23.79 -11.31 -31.19
O7 NAG VA . 21.14 -5.14 -33.90
C1 NAG WA . 23.74 -9.12 -52.28
C2 NAG WA . 22.91 -9.47 -51.05
C3 NAG WA . 22.08 -10.72 -51.29
C4 NAG WA . 21.25 -10.56 -52.57
C5 NAG WA . 22.14 -10.17 -53.73
C6 NAG WA . 21.36 -9.87 -54.99
C7 NAG WA . 24.11 -8.64 -49.06
C8 NAG WA . 24.98 -9.01 -47.90
N2 NAG WA . 23.75 -9.65 -49.88
O3 NAG WA . 21.23 -10.96 -50.18
O4 NAG WA . 20.58 -11.78 -52.87
O5 NAG WA . 22.87 -8.97 -53.42
O6 NAG WA . 20.99 -8.50 -55.07
O7 NAG WA . 23.71 -7.49 -49.25
C1 NAG XA . 9.08 71.77 14.55
C2 NAG XA . 8.86 72.98 15.46
C3 NAG XA . 9.85 74.08 15.11
C4 NAG XA . 11.28 73.55 15.14
C5 NAG XA . 11.40 72.32 14.24
C6 NAG XA . 12.75 71.66 14.33
C7 NAG XA . 6.59 73.32 16.33
C8 NAG XA . 5.23 73.89 16.06
N2 NAG XA . 7.50 73.46 15.36
O3 NAG XA . 9.71 75.15 16.04
O4 NAG XA . 12.18 74.55 14.68
O5 NAG XA . 10.43 71.32 14.65
O6 NAG XA . 13.77 72.50 13.79
O7 NAG XA . 6.86 72.77 17.40
H2 NAG XA . 9.03 72.70 16.38
H3 NAG XA . 9.65 74.43 14.21
H4 NAG XA . 11.50 73.31 16.06
H5 NAG XA . 11.22 72.58 13.32
H61 NAG XA . 12.73 70.83 13.82
H62 NAG XA . 12.95 71.46 15.26
H81 NAG XA . 4.85 73.44 15.28
H82 NAG XA . 5.30 74.84 15.87
H83 NAG XA . 4.66 73.75 16.83
HN2 NAG XA . 7.24 73.88 14.59
HO3 NAG XA . 9.11 74.92 16.66
HO4 NAG XA . 12.10 75.27 15.18
HO6 NAG XA . 14.56 72.11 13.90
C1 NAG YA . 21.03 11.59 -72.03
C2 NAG YA . 20.47 12.96 -72.37
C3 NAG YA . 19.44 13.39 -71.34
C4 NAG YA . 18.37 12.32 -71.17
C5 NAG YA . 19.01 10.97 -70.88
C6 NAG YA . 18.01 9.84 -70.84
C7 NAG YA . 21.46 15.03 -73.25
C8 NAG YA . 22.64 15.93 -73.23
N2 NAG YA . 21.53 13.94 -72.48
O3 NAG YA . 18.85 14.62 -71.74
O4 NAG YA . 17.50 12.66 -70.10
O5 NAG YA . 19.96 10.65 -71.92
O6 NAG YA . 17.00 10.00 -71.82
O7 NAG YA . 20.45 15.27 -73.93
C1 NAG ZA . -41.84 21.81 -19.98
C2 NAG ZA . -40.92 22.55 -20.94
C3 NAG ZA . -40.92 24.04 -20.63
C4 NAG ZA . -42.35 24.58 -20.61
C5 NAG ZA . -43.21 23.75 -19.66
C6 NAG ZA . -44.67 24.14 -19.69
C7 NAG ZA . -38.68 22.18 -21.87
C8 NAG ZA . -37.33 21.57 -21.63
N2 NAG ZA . -39.57 22.02 -20.88
O3 NAG ZA . -40.16 24.74 -21.60
O4 NAG ZA . -42.35 25.93 -20.17
O5 NAG ZA . -43.16 22.36 -20.04
O6 NAG ZA . -45.34 23.76 -18.50
O7 NAG ZA . -38.95 22.80 -22.89
H2 NAG ZA . -41.26 22.43 -21.85
H3 NAG ZA . -40.52 24.18 -19.75
H4 NAG ZA . -42.72 24.53 -21.51
H5 NAG ZA . -42.88 23.84 -18.75
H61 NAG ZA . -45.10 23.72 -20.45
H62 NAG ZA . -44.73 25.11 -19.79
H81 NAG ZA . -37.42 20.61 -21.53
H82 NAG ZA . -36.75 21.75 -22.41
H83 NAG ZA . -36.93 21.96 -20.84
HN2 NAG ZA . -39.31 21.55 -20.14
HO3 NAG ZA . -40.42 24.49 -22.41
HO4 NAG ZA . -41.54 26.28 -20.27
HO6 NAG ZA . -45.10 24.31 -17.84
C1 NAG AB . -66.44 -19.21 -14.03
C2 NAG AB . -65.75 -19.15 -15.38
C3 NAG AB . -64.53 -18.25 -15.30
C4 NAG AB . -64.89 -16.89 -14.74
C5 NAG AB . -65.62 -17.05 -13.41
C6 NAG AB . -66.14 -15.74 -12.85
C7 NAG AB . -66.29 -21.42 -16.13
C8 NAG AB . -65.73 -22.73 -16.60
N2 NAG AB . -65.39 -20.47 -15.85
O3 NAG AB . -63.96 -18.10 -16.61
O4 NAG AB . -63.72 -16.12 -14.53
O5 NAG AB . -66.77 -17.90 -13.59
O6 NAG AB . -66.34 -15.82 -11.45
O7 NAG AB . -67.49 -21.23 -16.02
H2 NAG AB . -66.37 -18.75 -16.02
H3 NAG AB . -63.86 -18.68 -14.72
H4 NAG AB . -65.47 -16.43 -15.37
H5 NAG AB . -65.02 -17.45 -12.76
H61 NAG AB . -66.98 -15.52 -13.28
H62 NAG AB . -65.49 -15.04 -13.04
H81 NAG AB . -65.16 -23.11 -15.92
H82 NAG AB . -65.22 -22.59 -17.43
H83 NAG AB . -66.48 -23.35 -16.78
HN2 NAG AB . -64.50 -20.67 -15.96
HO3 NAG AB . -63.11 -17.86 -16.53
HO4 NAG AB . -63.90 -15.25 -14.68
HO6 NAG AB . -65.62 -16.18 -11.06
C1 NAG BB . -43.61 6.55 13.32
C2 NAG BB . -44.30 7.89 13.58
C3 NAG BB . -44.48 8.12 15.08
C4 NAG BB . -44.73 6.80 15.78
C5 NAG BB . -43.47 5.94 15.68
C6 NAG BB . -43.75 4.46 15.73
C7 NAG BB . -44.01 10.25 12.98
C8 NAG BB . -43.11 11.26 12.31
N2 NAG BB . -43.57 8.99 12.98
O3 NAG BB . -45.57 9.00 15.31
O4 NAG BB . -45.04 7.01 17.15
O5 NAG BB . -42.77 6.18 14.45
O6 NAG BB . -43.81 3.97 17.07
O7 NAG BB . -45.07 10.57 13.50
H2 NAG BB . -45.20 7.86 13.18
H3 NAG BB . -43.66 8.52 15.43
H4 NAG BB . -45.47 6.33 15.35
H5 NAG BB . -42.87 6.16 16.43
H61 NAG BB . -43.05 3.98 15.25
H62 NAG BB . -44.61 4.28 15.30
H81 NAG BB . -43.52 12.15 12.38
H82 NAG BB . -43.00 11.02 11.37
H83 NAG BB . -42.24 11.26 12.75
HN2 NAG BB . -42.77 8.80 12.58
HO3 NAG BB . -45.32 9.64 15.88
HO4 NAG BB . -44.52 7.66 17.47
HO6 NAG BB . -44.19 4.59 17.59
C1 NAG CB . 0.11 20.36 -48.44
C2 NAG CB . 0.16 21.53 -49.43
C3 NAG CB . -0.16 22.84 -48.70
C4 NAG CB . -1.47 22.73 -47.95
C5 NAG CB . -1.45 21.51 -47.02
C6 NAG CB . -2.77 21.27 -46.33
C7 NAG CB . 1.58 21.84 -51.40
C8 NAG CB . 2.99 21.89 -51.91
N2 NAG CB . 1.45 21.61 -50.09
O3 NAG CB . -0.23 23.89 -49.65
O4 NAG CB . -1.69 23.91 -47.17
O5 NAG CB . -1.15 20.33 -47.79
O6 NAG CB . -3.86 21.40 -47.23
O7 NAG CB . 0.62 22.01 -52.13
H2 NAG CB . -0.53 21.38 -50.09
H3 NAG CB . 0.57 23.03 -48.06
H4 NAG CB . -2.19 22.62 -48.59
H5 NAG CB . -0.75 21.64 -46.35
H61 NAG CB . -2.88 21.93 -45.61
H62 NAG CB . -2.78 20.38 -45.95
H81 NAG CB . 3.48 22.59 -51.46
H82 NAG CB . 2.98 22.06 -52.88
H83 NAG CB . 3.42 21.04 -51.75
HN2 NAG CB . 2.21 21.49 -49.59
HO3 NAG CB . -0.90 23.75 -50.20
HO4 NAG CB . -2.51 24.21 -47.32
HO6 NAG CB . -4.62 21.38 -46.78
C1 NAG DB . -33.65 28.61 11.01
C2 NAG DB . -32.83 29.89 11.21
C3 NAG DB . -33.42 30.71 12.35
C4 NAG DB . -34.90 30.97 12.11
C5 NAG DB . -35.63 29.65 11.87
C6 NAG DB . -37.08 29.83 11.51
C7 NAG DB . -30.44 30.42 11.13
C8 NAG DB . -29.06 29.95 11.47
N2 NAG DB . -31.43 29.59 11.46
O3 NAG DB . -32.72 31.95 12.44
O4 NAG DB . -35.47 31.61 13.25
O5 NAG DB . -35.02 28.94 10.78
O6 NAG DB . -37.23 30.60 10.33
O7 NAG DB . -30.64 31.50 10.60
H2 NAG DB . -32.90 30.43 10.40
H3 NAG DB . -33.31 30.22 13.18
H4 NAG DB . -35.01 31.53 11.33
H5 NAG DB . -35.57 29.10 12.68
H61 NAG DB . -37.55 30.28 12.25
H62 NAG DB . -37.49 28.96 11.38
H81 NAG DB . -28.40 30.63 11.20
H82 NAG DB . -28.99 29.80 12.42
H83 NAG DB . -28.87 29.12 10.99
HN2 NAG DB . -31.23 28.80 11.86
HO3 NAG DB . -32.80 32.39 11.67
HO4 NAG DB . -35.81 31.00 13.80
HO6 NAG DB . -37.37 31.46 10.55
C1 NAG EB . -11.07 35.77 -21.08
C2 NAG EB . -12.12 36.04 -22.15
C3 NAG EB . -11.97 37.46 -22.68
C4 NAG EB . -11.97 38.47 -21.54
C5 NAG EB . -10.93 38.08 -20.50
C6 NAG EB . -10.96 38.97 -19.28
C7 NAG EB . -12.91 35.02 -24.24
C8 NAG EB . -12.65 33.96 -25.28
N2 NAG EB . -12.03 35.08 -23.24
O3 NAG EB . -13.03 37.76 -23.58
O4 NAG EB . -11.68 39.77 -22.03
O5 NAG EB . -11.16 36.74 -20.05
O6 NAG EB . -10.23 38.39 -18.19
O7 NAG EB . -13.86 35.78 -24.32
H2 NAG EB . -13.00 35.96 -21.74
H3 NAG EB . -11.12 37.54 -23.16
H4 NAG EB . -12.85 38.47 -21.12
H5 NAG EB . -10.04 38.13 -20.90
H61 NAG EB . -11.88 39.11 -19.00
H62 NAG EB . -10.56 39.84 -19.50
H81 NAG EB . -12.67 33.08 -24.85
H82 NAG EB . -11.77 34.11 -25.68
H83 NAG EB . -13.34 34.00 -25.96
HN2 NAG EB . -11.33 34.48 -23.24
HO3 NAG EB . -13.81 37.63 -23.17
HO4 NAG EB . -12.30 40.00 -22.63
HO6 NAG EB . -10.59 38.66 -17.43
C1 NAG FB . -17.41 50.69 -9.12
C2 NAG FB . -18.10 51.58 -10.15
C3 NAG FB . -17.25 51.66 -11.42
C4 NAG FB . -15.83 52.10 -11.08
C5 NAG FB . -15.24 51.19 -10.01
C6 NAG FB . -13.88 51.65 -9.54
C7 NAG FB . -19.67 49.85 -10.90
C8 NAG FB . -21.11 49.52 -11.17
N2 NAG FB . -19.43 51.09 -10.45
O3 NAG FB . -17.85 52.58 -12.32
O4 NAG FB . -15.02 52.05 -12.24
O5 NAG FB . -16.10 51.18 -8.85
O6 NAG FB . -13.68 51.35 -8.16
O7 NAG FB . -18.78 49.03 -11.07
H2 NAG FB . -18.17 52.48 -9.78
H3 NAG FB . -17.22 50.78 -11.84
H4 NAG FB . -15.86 53.02 -10.75
H5 NAG FB . -15.17 50.29 -10.35
H61 NAG FB . -13.81 52.62 -9.66
H62 NAG FB . -13.20 51.20 -10.07
H81 NAG FB . -21.63 49.62 -10.34
H82 NAG FB . -21.18 48.59 -11.48
H83 NAG FB . -21.46 50.11 -11.85
HN2 NAG FB . -20.15 51.65 -10.34
HO3 NAG FB . -17.90 53.38 -11.93
HO4 NAG FB . -14.42 51.39 -12.16
HO6 NAG FB . -14.46 51.31 -7.74
C1 NAG GB . -9.21 64.13 21.93
C2 NAG GB . -10.57 63.44 21.88
C3 NAG GB . -10.91 63.05 20.44
C4 NAG GB . -10.80 64.27 19.53
C5 NAG GB . -9.44 64.93 19.68
C6 NAG GB . -9.31 66.21 18.89
C7 NAG GB . -9.77 61.22 22.59
C8 NAG GB . -9.94 60.10 23.56
N2 NAG GB . -10.59 62.26 22.74
O3 NAG GB . -12.23 62.52 20.39
O4 NAG GB . -10.98 63.89 18.17
O5 NAG GB . -9.21 65.26 21.05
O6 NAG GB . -9.83 67.32 19.61
O7 NAG GB . -8.92 61.19 21.69
H2 NAG GB . -11.26 64.06 22.18
H3 NAG GB . -10.27 62.37 20.13
H4 NAG GB . -11.50 64.91 19.77
H5 NAG GB . -8.74 64.30 19.38
H61 NAG GB . -9.79 66.12 18.05
H62 NAG GB . -8.36 66.38 18.70
H81 NAG GB . -10.84 59.74 23.49
H82 NAG GB . -9.79 60.44 24.47
H83 NAG GB . -9.29 59.39 23.36
HN2 NAG GB . -11.21 62.24 23.42
HO3 NAG GB . -12.79 63.16 20.15
HO4 NAG GB . -11.28 64.58 17.70
HO6 NAG GB . -9.76 67.17 20.48
C1 NAG HB . 21.31 79.69 32.04
C2 NAG HB . 22.45 80.58 31.55
C3 NAG HB . 23.68 79.75 31.27
C4 NAG HB . 24.05 78.90 32.49
C5 NAG HB . 22.84 78.09 32.93
C6 NAG HB . 23.09 77.31 34.21
C7 NAG HB . 21.61 80.77 29.25
C8 NAG HB . 21.25 81.69 28.12
N2 NAG HB . 22.06 81.34 30.37
O3 NAG HB . 24.78 80.60 30.93
O4 NAG HB . 25.12 78.01 32.16
O5 NAG HB . 21.73 78.96 33.18
O6 NAG HB . 24.08 76.33 34.04
O7 NAG HB . 21.50 79.54 29.14
H2 NAG HB . 22.67 81.21 32.25
H3 NAG HB . 23.51 79.15 30.51
H4 NAG HB . 24.32 79.49 33.21
H5 NAG HB . 22.59 77.46 32.22
H61 NAG HB . 22.26 76.88 34.48
H62 NAG HB . 23.37 77.94 34.91
H81 NAG HB . 20.55 82.30 28.42
H82 NAG HB . 20.94 81.18 27.35
H83 NAG HB . 22.04 82.21 27.87
HN2 NAG HB . 22.12 82.25 30.40
HO4 NAG HB . 24.83 77.42 31.56
HO6 NAG HB . 23.77 75.53 34.29
C1 NAG IB . -57.74 -20.81 -16.11
C2 NAG IB . -58.80 -21.33 -15.12
C3 NAG IB . -60.00 -21.88 -15.88
C4 NAG IB . -60.53 -20.85 -16.86
C5 NAG IB . -59.41 -20.34 -17.77
C6 NAG IB . -59.84 -19.22 -18.68
C7 NAG IB . -58.02 -22.13 -12.95
C8 NAG IB . -57.43 -23.29 -12.19
N2 NAG IB . -58.23 -22.34 -14.24
O3 NAG IB . -61.01 -22.25 -14.96
O4 NAG IB . -61.56 -21.42 -17.66
O5 NAG IB . -58.34 -19.83 -16.97
O6 NAG IB . -60.95 -18.50 -18.13
O7 NAG IB . -58.29 -21.06 -12.41
C1 NAG JB . -78.93 -6.30 -18.54
C2 NAG JB . -79.47 -7.05 -19.77
C3 NAG JB . -80.91 -7.48 -19.53
C4 NAG JB . -81.03 -8.26 -18.24
C5 NAG JB . -80.43 -7.46 -17.08
C6 NAG JB . -80.42 -8.23 -15.78
C7 NAG JB . -79.94 -5.07 -21.18
C8 NAG JB . -80.79 -4.56 -20.06
N2 NAG JB . -79.34 -6.26 -20.98
O3 NAG JB . -81.34 -8.28 -20.63
O4 NAG JB . -82.40 -8.54 -17.96
O5 NAG JB . -79.08 -7.12 -17.38
O6 NAG JB . -79.56 -7.63 -14.83
O7 NAG JB . -79.80 -4.45 -22.23
C1 NAG KB . -46.40 -21.41 -28.42
C2 NAG KB . -45.56 -20.89 -29.59
C3 NAG KB . -44.72 -22.02 -30.19
C4 NAG KB . -43.91 -22.70 -29.10
C5 NAG KB . -44.81 -23.14 -27.95
C6 NAG KB . -44.05 -23.72 -26.79
C7 NAG KB . -47.34 -20.95 -31.28
C8 NAG KB . -48.11 -20.16 -32.29
N2 NAG KB . -46.40 -20.28 -30.61
O3 NAG KB . -43.87 -21.50 -31.19
O4 NAG KB . -43.25 -23.85 -29.64
O5 NAG KB . -45.54 -22.02 -27.46
O6 NAG KB . -43.94 -22.79 -25.72
O7 NAG KB . -47.56 -22.13 -31.07
C1 NAG LB . -35.00 -6.10 -26.47
C2 NAG LB . -33.51 -6.40 -26.61
C3 NAG LB . -32.76 -5.19 -27.16
C4 NAG LB . -33.41 -4.71 -28.45
C5 NAG LB . -34.90 -4.47 -28.23
C6 NAG LB . -35.63 -4.10 -29.51
C7 NAG LB . -32.67 -8.10 -25.05
C8 NAG LB . -32.99 -9.11 -26.13
N2 NAG LB . -32.94 -6.83 -25.34
O3 NAG LB . -31.40 -5.54 -27.39
O4 NAG LB . -32.79 -3.49 -28.87
O5 NAG LB . -35.53 -5.66 -27.73
O6 NAG LB . -34.84 -4.38 -30.66
O7 NAG LB . -32.19 -8.44 -23.98
C1 NAG MB . 6.19 35.14 -44.92
C2 NAG MB . 7.49 35.97 -44.95
C3 NAG MB . 7.54 36.84 -46.22
C4 NAG MB . 7.32 35.97 -47.45
C5 NAG MB . 6.05 35.15 -47.31
C6 NAG MB . 5.83 34.19 -48.46
C7 NAG MB . 6.78 37.75 -43.39
C8 NAG MB . 5.60 37.98 -44.28
N2 NAG MB . 7.64 36.79 -43.75
O3 NAG MB . 8.80 37.48 -46.28
O4 NAG MB . 7.23 36.79 -48.61
O5 NAG MB . 6.09 34.37 -46.11
O6 NAG MB . 5.11 33.04 -48.03
O7 NAG MB . 6.96 38.40 -42.36
C1 NAG NB . -6.22 42.69 -26.99
C2 NAG NB . -5.20 42.08 -26.04
C3 NAG NB . -4.36 43.18 -25.40
C4 NAG NB . -3.75 44.08 -26.48
C5 NAG NB . -4.83 44.58 -27.42
C6 NAG NB . -4.28 45.37 -28.58
C7 NAG NB . -6.19 40.00 -25.20
C8 NAG NB . -5.87 39.42 -26.54
N2 NAG NB . -5.84 41.28 -25.01
O3 NAG NB . -3.33 42.61 -24.61
O4 NAG NB . -3.09 45.18 -25.87
O5 NAG NB . -5.56 43.48 -27.98
O6 NAG NB . -3.85 46.66 -28.17
O7 NAG NB . -6.73 39.34 -24.32
C1 NAG OB . 7.98 82.75 24.92
C2 NAG OB . 8.03 84.27 24.91
C3 NAG OB . 9.48 84.75 24.96
C4 NAG OB . 10.20 84.12 26.15
C5 NAG OB . 10.05 82.60 26.11
C6 NAG OB . 10.64 81.92 27.32
C7 NAG OB . 7.74 84.54 22.49
C8 NAG OB . 6.93 85.18 21.40
N2 NAG OB . 7.36 84.81 23.74
O3 NAG OB . 9.51 86.17 25.07
O4 NAG OB . 11.58 84.45 26.10
O5 NAG OB . 8.66 82.25 26.07
O6 NAG OB . 11.47 82.80 28.07
O7 NAG OB . 8.69 83.80 22.24
C1 NAG PB . 15.03 89.03 23.15
C2 NAG PB . 14.43 89.19 24.54
C3 NAG PB . 15.17 90.28 25.32
C4 NAG PB . 16.67 90.00 25.32
C5 NAG PB . 17.18 89.80 23.89
C6 NAG PB . 18.62 89.39 23.83
C7 NAG PB . 12.13 89.09 25.39
C8 NAG PB . 10.70 89.49 25.16
N2 NAG PB . 13.00 89.50 24.47
O3 NAG PB . 14.68 90.34 26.65
O4 NAG PB . 17.37 91.09 25.91
O5 NAG PB . 16.42 88.76 23.25
O6 NAG PB . 19.48 90.48 24.16
O7 NAG PB . 12.46 88.42 26.36
#